data_1UZH
#
_entry.id   1UZH
#
_cell.length_a   220.820
_cell.length_b   223.969
_cell.length_c   111.752
_cell.angle_alpha   90.00
_cell.angle_beta   90.00
_cell.angle_gamma   90.00
#
_symmetry.space_group_name_H-M   'P 21 21 2'
#
loop_
_entity.id
_entity.type
_entity.pdbx_description
1 polymer 'RIBULOSE BISPHOSPHATE CARBOXYLASE LARGE CHAIN'
2 polymer 'RIBULOSE BISPHOSPHATE CARBOXYLASE SMALL CHAIN 2, RIBULOSE BISPHOSPHATE CARBOXYLASE SMALL CHAIN'
3 non-polymer 'MAGNESIUM ION'
4 non-polymer 2-CARBOXYARABINITOL-1,5-DIPHOSPHATE
5 non-polymer 1,2-ETHANEDIOL
6 water water
#
loop_
_entity_poly.entity_id
_entity_poly.type
_entity_poly.pdbx_seq_one_letter_code
_entity_poly.pdbx_strand_id
1 'polypeptide(L)'
;MVPQTETKAGAGFKAGVKDYRLTYYTPDYVVRDTDILAAFRMTPQPGVPPEECGAAVAAESSTGTWTTVWTDGLTSLDRY
KGRCYDIEPVPGEDNQYIAYVAY(HYP)IDLFEEGSVTNMFTSIVGNVFGFKALRALRLEDLRIPPAYVKTFVG(HYP)P
HGIQVERDKLNKYGRGLLGCTIKPKLGLSAKNYGRAVYECLRGGLDFT(KCX)DDENVNSQPFMRWRDRFLFVAEAIYKA
QAETGEVKGHYLNATAGTCEEMMKRAV(SMC)AKELGVPIIMHDYLTGGFTANTSLAIYCRDNGLLLHIHRAMHAVIDRQ
RNHGIHFRVLAKALRMSGGDHLHSGTVVGKLEGEREVTLGFVDLMRDDYVEKDRSRGIYFTQDW(SMC)SMPGVMPVASG
GIHVWHMPALVEIFGDDACLQFGGGTLGHPWGNAPGAAANRVALEACTQARNEGRDLAREGGDVIRSACKWSPELAAACE
VWKEIKFEFDTIDKL
;
A,B,E,H,K,O,R,V
2 'polypeptide(L)'
;MMVWTPVNNKMFETFSYLPPLTDEQIAAQVDYIVANGWIPCLEFAEHSNPEEFYWTMWKLPMFGCRDPMQVLREIVACTK
AFPDAYVRLVAFDNQKQVQIMGFLVQRPKTARDFQPANKRSV
;
C,F,I,J,M,P,T,W
#
# COMPACT_ATOMS: atom_id res chain seq x y z
N ALA A 11 -41.55 -40.72 -6.94
CA ALA A 11 -41.43 -39.68 -5.87
C ALA A 11 -41.08 -38.34 -6.50
N GLY A 12 -42.12 -37.58 -6.82
CA GLY A 12 -41.98 -36.42 -7.69
C GLY A 12 -42.28 -35.08 -7.04
N PHE A 13 -42.29 -34.02 -7.85
CA PHE A 13 -42.65 -32.69 -7.38
C PHE A 13 -44.16 -32.55 -7.32
N LYS A 14 -44.69 -32.26 -6.13
CA LYS A 14 -46.11 -31.95 -5.98
C LYS A 14 -46.29 -30.57 -5.37
N ALA A 15 -46.81 -29.64 -6.16
CA ALA A 15 -46.99 -28.27 -5.71
C ALA A 15 -48.04 -28.19 -4.63
N GLY A 16 -47.83 -27.29 -3.68
CA GLY A 16 -48.84 -27.02 -2.66
C GLY A 16 -48.32 -27.09 -1.26
N VAL A 17 -49.16 -26.69 -0.31
CA VAL A 17 -48.79 -26.69 1.10
C VAL A 17 -49.07 -28.06 1.73
N LYS A 18 -48.11 -28.52 2.55
CA LYS A 18 -48.32 -29.70 3.38
C LYS A 18 -47.72 -29.37 4.73
N ASP A 19 -47.98 -30.21 5.73
CA ASP A 19 -47.47 -30.01 7.09
C ASP A 19 -45.95 -30.12 7.12
N TYR A 20 -45.30 -29.25 7.91
CA TYR A 20 -43.87 -29.32 8.13
C TYR A 20 -43.47 -30.67 8.74
N ARG A 21 -44.33 -31.20 9.61
CA ARG A 21 -44.00 -32.42 10.34
C ARG A 21 -43.74 -33.64 9.45
N LEU A 22 -44.27 -33.60 8.22
CA LEU A 22 -44.09 -34.69 7.26
C LEU A 22 -42.66 -34.86 6.81
N THR A 23 -41.85 -33.80 6.92
CA THR A 23 -40.46 -33.84 6.48
C THR A 23 -39.52 -33.57 7.66
N TYR A 24 -39.96 -32.75 8.61
CA TYR A 24 -39.06 -32.16 9.61
C TYR A 24 -39.21 -32.65 11.06
N TYR A 25 -40.22 -33.46 11.33
CA TYR A 25 -40.33 -34.12 12.62
C TYR A 25 -39.86 -35.57 12.44
N THR A 26 -38.68 -35.87 13.01
CA THR A 26 -38.08 -37.21 12.89
C THR A 26 -37.69 -37.74 14.28
N PRO A 27 -38.66 -38.20 15.07
CA PRO A 27 -38.42 -38.63 16.46
C PRO A 27 -37.53 -39.86 16.60
N ASP A 28 -37.22 -40.55 15.51
CA ASP A 28 -36.35 -41.71 15.54
C ASP A 28 -34.91 -41.40 15.07
N TYR A 29 -34.66 -40.15 14.71
CA TYR A 29 -33.34 -39.72 14.28
C TYR A 29 -32.28 -39.92 15.38
N VAL A 30 -31.17 -40.54 15.01
CA VAL A 30 -30.02 -40.70 15.91
C VAL A 30 -29.05 -39.56 15.61
N VAL A 31 -28.81 -38.69 16.58
CA VAL A 31 -28.02 -37.49 16.29
C VAL A 31 -26.57 -37.89 15.99
N ARG A 32 -25.95 -37.14 15.09
CA ARG A 32 -24.55 -37.35 14.77
C ARG A 32 -23.66 -36.51 15.68
N ASP A 33 -22.44 -36.97 15.91
CA ASP A 33 -21.49 -36.26 16.75
C ASP A 33 -21.01 -34.93 16.15
N THR A 34 -21.27 -34.71 14.86
CA THR A 34 -20.96 -33.41 14.23
C THR A 34 -22.18 -32.46 14.09
N ASP A 35 -23.35 -32.90 14.55
CA ASP A 35 -24.56 -32.08 14.45
C ASP A 35 -24.51 -30.94 15.44
N ILE A 36 -25.04 -29.78 15.04
CA ILE A 36 -25.28 -28.70 15.99
C ILE A 36 -26.66 -28.99 16.54
N LEU A 37 -26.79 -29.01 17.87
CA LEU A 37 -28.09 -29.27 18.50
C LEU A 37 -28.62 -28.02 19.15
N ALA A 38 -29.93 -27.77 19.02
CA ALA A 38 -30.60 -26.64 19.68
C ALA A 38 -31.73 -27.14 20.59
N ALA A 39 -31.89 -26.51 21.75
CA ALA A 39 -33.02 -26.78 22.64
C ALA A 39 -33.84 -25.51 22.70
N PHE A 40 -35.03 -25.56 22.10
CA PHE A 40 -35.95 -24.43 22.04
C PHE A 40 -37.09 -24.63 23.03
N ARG A 41 -37.29 -23.67 23.92
CA ARG A 41 -38.51 -23.59 24.70
C ARG A 41 -39.62 -22.94 23.87
N MET A 42 -40.59 -23.75 23.47
CA MET A 42 -41.53 -23.36 22.43
C MET A 42 -42.97 -23.31 22.98
N THR A 43 -43.68 -22.23 22.69
CA THR A 43 -45.09 -22.03 23.10
C THR A 43 -45.98 -21.90 21.85
N PRO A 44 -46.63 -23.00 21.45
CA PRO A 44 -47.45 -23.00 20.23
C PRO A 44 -48.75 -22.19 20.39
N GLN A 45 -49.25 -21.67 19.29
CA GLN A 45 -50.59 -21.09 19.27
C GLN A 45 -51.62 -22.23 19.49
N PRO A 46 -52.80 -21.91 20.01
CA PRO A 46 -53.89 -22.90 20.15
C PRO A 46 -54.17 -23.60 18.82
N GLY A 47 -54.28 -24.92 18.84
CA GLY A 47 -54.59 -25.65 17.62
C GLY A 47 -53.38 -26.05 16.79
N VAL A 48 -52.20 -25.58 17.16
CA VAL A 48 -50.98 -26.01 16.47
C VAL A 48 -50.35 -27.14 17.29
N PRO A 49 -50.32 -28.36 16.74
CA PRO A 49 -49.71 -29.48 17.46
C PRO A 49 -48.22 -29.18 17.72
N PRO A 50 -47.72 -29.54 18.91
CA PRO A 50 -46.31 -29.32 19.25
C PRO A 50 -45.36 -29.92 18.22
N GLU A 51 -45.75 -31.04 17.59
CA GLU A 51 -44.91 -31.69 16.59
C GLU A 51 -44.80 -30.83 15.36
N GLU A 52 -45.90 -30.21 14.97
CA GLU A 52 -45.95 -29.33 13.79
C GLU A 52 -45.17 -28.06 14.09
N CYS A 53 -45.27 -27.58 15.33
CA CYS A 53 -44.57 -26.37 15.76
C CYS A 53 -43.05 -26.58 15.79
N GLY A 54 -42.60 -27.72 16.34
CA GLY A 54 -41.20 -28.07 16.39
C GLY A 54 -40.67 -28.27 14.98
N ALA A 55 -41.47 -28.91 14.13
CA ALA A 55 -41.11 -29.15 12.74
C ALA A 55 -40.97 -27.83 11.97
N ALA A 56 -41.87 -26.88 12.24
CA ALA A 56 -41.84 -25.57 11.59
C ALA A 56 -40.56 -24.84 11.94
N VAL A 57 -40.18 -24.92 13.21
CA VAL A 57 -38.95 -24.31 13.70
C VAL A 57 -37.75 -24.94 13.00
N ALA A 58 -37.67 -26.27 13.02
CA ALA A 58 -36.59 -26.99 12.35
C ALA A 58 -36.50 -26.64 10.87
N ALA A 59 -37.67 -26.63 10.20
CA ALA A 59 -37.73 -26.37 8.76
C ALA A 59 -37.22 -24.97 8.40
N GLU A 60 -37.75 -23.96 9.09
CA GLU A 60 -37.54 -22.57 8.65
C GLU A 60 -36.23 -21.98 9.22
N SER A 61 -35.50 -22.78 9.99
CA SER A 61 -34.16 -22.47 10.40
C SER A 61 -33.13 -23.36 9.68
N SER A 62 -33.56 -24.04 8.62
CA SER A 62 -32.65 -24.91 7.88
C SER A 62 -32.82 -24.92 6.37
N THR A 63 -33.81 -25.65 5.86
CA THR A 63 -33.99 -25.80 4.42
C THR A 63 -35.39 -25.48 3.86
N GLY A 64 -36.37 -25.30 4.73
CA GLY A 64 -37.74 -25.32 4.27
C GLY A 64 -38.45 -23.98 4.26
N THR A 65 -39.47 -23.92 3.42
CA THR A 65 -40.35 -22.78 3.44
C THR A 65 -41.82 -23.24 3.48
N TRP A 66 -42.75 -22.31 3.28
CA TRP A 66 -44.17 -22.51 3.64
C TRP A 66 -44.95 -23.41 2.67
N THR A 67 -44.38 -23.69 1.49
CA THR A 67 -45.03 -24.50 0.47
C THR A 67 -43.94 -25.32 -0.17
N THR A 68 -44.31 -26.40 -0.86
CA THR A 68 -43.33 -27.33 -1.43
C THR A 68 -42.65 -26.73 -2.65
N VAL A 69 -41.32 -26.79 -2.70
CA VAL A 69 -40.58 -26.27 -3.84
C VAL A 69 -39.94 -27.42 -4.64
N TRP A 70 -39.89 -27.28 -5.95
CA TRP A 70 -39.41 -28.33 -6.84
C TRP A 70 -37.90 -28.55 -6.78
N THR A 71 -37.19 -27.49 -6.40
CA THR A 71 -35.72 -27.50 -6.30
C THR A 71 -35.17 -28.46 -5.27
N ASP A 72 -35.96 -28.86 -4.27
CA ASP A 72 -35.52 -29.89 -3.32
C ASP A 72 -34.95 -31.10 -4.07
N GLY A 73 -35.59 -31.44 -5.18
CA GLY A 73 -35.22 -32.63 -5.93
C GLY A 73 -33.83 -32.61 -6.53
N LEU A 74 -33.30 -31.41 -6.77
CA LEU A 74 -31.94 -31.28 -7.30
C LEU A 74 -30.85 -31.60 -6.26
N THR A 75 -31.23 -31.56 -4.98
CA THR A 75 -30.28 -31.85 -3.93
C THR A 75 -30.83 -33.00 -3.09
N SER A 76 -30.29 -33.22 -1.90
CA SER A 76 -30.77 -34.26 -1.00
C SER A 76 -31.22 -33.63 0.32
N LEU A 77 -32.52 -33.44 0.47
CA LEU A 77 -33.05 -32.86 1.70
C LEU A 77 -32.67 -33.66 2.94
N ASP A 78 -32.61 -34.99 2.82
CA ASP A 78 -32.20 -35.86 3.93
C ASP A 78 -30.84 -35.45 4.49
N ARG A 79 -29.95 -35.05 3.59
CA ARG A 79 -28.59 -34.70 3.96
C ARG A 79 -28.56 -33.35 4.67
N TYR A 80 -29.43 -32.41 4.24
CA TYR A 80 -29.30 -31.04 4.72
C TYR A 80 -30.32 -30.58 5.74
N LYS A 81 -31.48 -31.20 5.76
CA LYS A 81 -32.57 -30.68 6.59
C LYS A 81 -32.25 -30.62 8.08
N GLY A 82 -32.72 -29.56 8.75
CA GLY A 82 -32.82 -29.55 10.20
C GLY A 82 -33.86 -30.55 10.65
N ARG A 83 -33.68 -31.13 11.82
CA ARG A 83 -34.58 -32.20 12.27
C ARG A 83 -35.02 -32.01 13.69
N CYS A 84 -36.32 -31.82 13.90
CA CYS A 84 -36.83 -31.85 15.27
C CYS A 84 -36.90 -33.33 15.66
N TYR A 85 -36.00 -33.75 16.58
CA TYR A 85 -35.83 -35.17 16.88
C TYR A 85 -36.38 -35.59 18.24
N ASP A 86 -36.86 -34.63 19.01
CA ASP A 86 -37.41 -34.91 20.32
C ASP A 86 -38.15 -33.68 20.84
N ILE A 87 -39.27 -33.93 21.52
CA ILE A 87 -40.07 -32.90 22.15
C ILE A 87 -40.46 -33.38 23.55
N GLU A 88 -40.09 -32.63 24.58
CA GLU A 88 -40.53 -32.93 25.95
C GLU A 88 -41.40 -31.80 26.49
N PRO A 89 -42.51 -32.15 27.15
CA PRO A 89 -43.32 -31.14 27.84
C PRO A 89 -42.52 -30.53 28.99
N VAL A 90 -42.77 -29.26 29.30
CA VAL A 90 -42.07 -28.59 30.40
C VAL A 90 -42.90 -28.78 31.69
N PRO A 91 -42.26 -29.26 32.75
CA PRO A 91 -42.93 -29.46 34.05
C PRO A 91 -43.50 -28.15 34.56
N GLY A 92 -44.77 -28.14 34.92
CA GLY A 92 -45.40 -26.95 35.47
C GLY A 92 -46.00 -26.03 34.42
N GLU A 93 -45.98 -26.47 33.16
CA GLU A 93 -46.52 -25.68 32.05
C GLU A 93 -47.47 -26.51 31.18
N ASP A 94 -48.64 -25.95 30.87
CA ASP A 94 -49.60 -26.66 30.01
C ASP A 94 -49.35 -26.47 28.51
N ASN A 95 -48.63 -25.39 28.15
CA ASN A 95 -48.39 -25.08 26.74
C ASN A 95 -46.94 -24.69 26.42
N GLN A 96 -45.98 -25.23 27.16
CA GLN A 96 -44.56 -25.05 26.85
C GLN A 96 -43.89 -26.40 26.63
N TYR A 97 -43.05 -26.46 25.62
CA TYR A 97 -42.34 -27.69 25.26
C TYR A 97 -40.89 -27.34 24.96
N ILE A 98 -39.98 -28.24 25.29
CA ILE A 98 -38.64 -28.16 24.76
C ILE A 98 -38.61 -28.98 23.48
N ALA A 99 -38.40 -28.30 22.36
CA ALA A 99 -38.18 -28.95 21.07
C ALA A 99 -36.68 -29.02 20.76
N TYR A 100 -36.19 -30.22 20.45
CA TYR A 100 -34.77 -30.44 20.20
C TYR A 100 -34.60 -30.56 18.70
N VAL A 101 -33.66 -29.79 18.17
CA VAL A 101 -33.44 -29.72 16.73
C VAL A 101 -31.98 -30.03 16.45
N ALA A 102 -31.74 -30.87 15.46
CA ALA A 102 -30.39 -31.21 15.04
C ALA A 102 -30.09 -30.60 13.66
N TYR A 103 -28.94 -29.93 13.55
CA TYR A 103 -28.55 -29.31 12.29
C TYR A 103 -27.26 -29.93 11.76
N ILE A 105 -23.69 -30.33 10.16
CA ILE A 105 -22.55 -29.40 10.13
C ILE A 105 -22.40 -28.61 8.82
N ASP A 106 -22.78 -29.22 7.70
CA ASP A 106 -22.73 -28.58 6.38
C ASP A 106 -23.57 -27.32 6.25
N LEU A 107 -24.52 -27.11 7.15
CA LEU A 107 -25.37 -25.92 7.04
C LEU A 107 -24.64 -24.63 7.42
N PHE A 108 -23.51 -24.76 8.11
CA PHE A 108 -22.88 -23.62 8.76
C PHE A 108 -21.60 -23.18 8.09
N GLU A 109 -21.43 -21.86 8.01
CA GLU A 109 -20.15 -21.29 7.57
C GLU A 109 -19.12 -21.44 8.70
N GLU A 110 -18.00 -22.06 8.36
CA GLU A 110 -16.86 -22.26 9.27
C GLU A 110 -16.46 -20.92 9.89
N GLY A 111 -16.27 -20.92 11.21
CA GLY A 111 -15.75 -19.76 11.92
C GLY A 111 -16.67 -18.55 12.07
N SER A 112 -17.95 -18.70 11.70
CA SER A 112 -18.90 -17.56 11.67
C SER A 112 -20.06 -17.72 12.65
N VAL A 113 -19.96 -17.05 13.81
CA VAL A 113 -21.06 -17.05 14.78
C VAL A 113 -22.27 -16.40 14.12
N THR A 114 -22.02 -15.33 13.36
CA THR A 114 -23.07 -14.64 12.64
C THR A 114 -23.95 -15.61 11.83
N ASN A 115 -23.30 -16.45 11.03
CA ASN A 115 -24.04 -17.39 10.21
C ASN A 115 -24.83 -18.41 11.06
N MET A 116 -24.21 -18.91 12.14
CA MET A 116 -24.89 -19.87 13.02
C MET A 116 -26.18 -19.25 13.58
N PHE A 117 -26.08 -18.04 14.15
CA PHE A 117 -27.27 -17.33 14.67
C PHE A 117 -28.31 -17.06 13.60
N THR A 118 -27.84 -16.71 12.39
CA THR A 118 -28.73 -16.42 11.30
C THR A 118 -29.65 -17.56 10.97
N SER A 119 -29.11 -18.78 10.92
CA SER A 119 -29.96 -19.94 10.70
C SER A 119 -30.87 -20.20 11.91
N ILE A 120 -30.26 -20.39 13.08
CA ILE A 120 -30.97 -20.92 14.25
C ILE A 120 -31.97 -19.93 14.87
N VAL A 121 -31.68 -18.62 14.84
CA VAL A 121 -32.56 -17.62 15.45
C VAL A 121 -33.00 -16.53 14.47
N GLY A 122 -32.78 -16.77 13.17
CA GLY A 122 -32.99 -15.76 12.16
C GLY A 122 -34.43 -15.31 11.99
N ASN A 123 -35.31 -16.26 11.66
CA ASN A 123 -36.69 -15.98 11.30
C ASN A 123 -37.74 -16.63 12.22
N VAL A 124 -37.38 -17.73 12.89
CA VAL A 124 -38.40 -18.57 13.54
C VAL A 124 -39.13 -17.91 14.71
N PHE A 125 -38.52 -16.93 15.34
CA PHE A 125 -39.10 -16.34 16.54
C PHE A 125 -40.33 -15.45 16.20
N GLY A 126 -40.50 -15.15 14.92
CA GLY A 126 -41.58 -14.30 14.48
C GLY A 126 -42.74 -15.03 13.80
N PHE A 127 -42.66 -16.36 13.75
CA PHE A 127 -43.73 -17.14 13.13
C PHE A 127 -45.05 -16.95 13.86
N LYS A 128 -46.10 -16.64 13.10
CA LYS A 128 -47.43 -16.45 13.67
C LYS A 128 -47.89 -17.67 14.45
N ALA A 129 -47.48 -18.86 13.98
CA ALA A 129 -47.95 -20.14 14.53
C ALA A 129 -47.43 -20.38 15.94
N LEU A 130 -46.47 -19.58 16.38
CA LEU A 130 -46.07 -19.66 17.79
C LEU A 130 -46.30 -18.37 18.55
N ARG A 131 -46.48 -18.49 19.86
CA ARG A 131 -46.72 -17.34 20.74
C ARG A 131 -45.45 -16.84 21.37
N ALA A 132 -44.50 -17.77 21.58
CA ALA A 132 -43.22 -17.46 22.20
C ALA A 132 -42.22 -18.56 21.89
N LEU A 133 -40.95 -18.18 21.83
CA LEU A 133 -39.87 -19.09 21.56
C LEU A 133 -38.63 -18.58 22.27
N ARG A 134 -37.94 -19.47 22.96
CA ARG A 134 -36.70 -19.12 23.61
C ARG A 134 -35.65 -20.17 23.31
N LEU A 135 -34.50 -19.76 22.76
CA LEU A 135 -33.39 -20.69 22.61
C LEU A 135 -32.66 -20.85 23.95
N GLU A 136 -32.71 -22.05 24.52
CA GLU A 136 -32.10 -22.30 25.82
C GLU A 136 -30.66 -22.71 25.77
N ASP A 137 -30.27 -23.47 24.74
CA ASP A 137 -28.93 -24.04 24.71
C ASP A 137 -28.59 -24.52 23.32
N LEU A 138 -27.29 -24.66 23.07
CA LEU A 138 -26.79 -25.16 21.81
C LEU A 138 -25.71 -26.15 22.10
N ARG A 139 -25.68 -27.25 21.36
CA ARG A 139 -24.55 -28.17 21.46
C ARG A 139 -23.64 -27.90 20.27
N ILE A 140 -22.51 -27.23 20.54
CA ILE A 140 -21.50 -26.97 19.51
C ILE A 140 -20.49 -28.15 19.48
N PRO A 141 -20.53 -28.91 18.40
CA PRO A 141 -19.68 -30.10 18.27
C PRO A 141 -18.21 -29.70 18.05
N PRO A 142 -17.27 -30.48 18.57
CA PRO A 142 -15.85 -30.21 18.36
C PRO A 142 -15.49 -29.94 16.89
N ALA A 143 -16.07 -30.66 15.94
CA ALA A 143 -15.76 -30.41 14.54
C ALA A 143 -16.14 -29.01 14.06
N TYR A 144 -17.16 -28.41 14.68
CA TYR A 144 -17.48 -27.02 14.36
C TYR A 144 -16.65 -26.04 15.19
N VAL A 145 -16.48 -26.33 16.48
CA VAL A 145 -15.62 -25.55 17.38
C VAL A 145 -14.24 -25.31 16.74
N LYS A 146 -13.71 -26.36 16.12
CA LYS A 146 -12.36 -26.30 15.57
C LYS A 146 -12.22 -25.31 14.42
N THR A 147 -13.34 -24.83 13.86
CA THR A 147 -13.27 -23.88 12.74
C THR A 147 -13.13 -22.43 13.22
N PHE A 148 -13.11 -22.23 14.54
CA PHE A 148 -13.06 -20.89 15.10
C PHE A 148 -11.68 -20.61 15.66
N VAL A 149 -11.19 -19.39 15.44
CA VAL A 149 -9.98 -18.95 16.14
C VAL A 149 -10.20 -18.91 17.67
N GLY A 150 -11.38 -18.46 18.11
CA GLY A 150 -11.71 -18.46 19.52
C GLY A 150 -11.12 -17.26 20.22
N PRO A 152 -8.70 -14.62 21.97
CA PRO A 152 -7.31 -14.21 21.67
C PRO A 152 -6.26 -14.90 22.57
N HIS A 153 -6.57 -15.07 23.85
CA HIS A 153 -5.66 -15.69 24.79
C HIS A 153 -6.33 -16.73 25.70
N GLY A 154 -7.38 -16.37 26.41
CA GLY A 154 -7.94 -17.28 27.39
C GLY A 154 -7.27 -17.17 28.74
N ILE A 155 -7.89 -17.77 29.76
CA ILE A 155 -7.56 -17.57 31.18
C ILE A 155 -6.10 -17.81 31.55
N GLN A 156 -5.56 -18.97 31.17
CA GLN A 156 -4.19 -19.38 31.54
C GLN A 156 -3.17 -18.44 30.93
N VAL A 157 -3.31 -18.18 29.62
CA VAL A 157 -2.41 -17.27 28.93
C VAL A 157 -2.51 -15.86 29.49
N GLU A 158 -3.73 -15.41 29.74
CA GLU A 158 -3.92 -14.09 30.32
C GLU A 158 -3.17 -13.92 31.64
N ARG A 159 -3.33 -14.90 32.56
CA ARG A 159 -2.61 -14.87 33.85
C ARG A 159 -1.11 -14.84 33.61
N ASP A 160 -0.63 -15.62 32.66
CA ASP A 160 0.80 -15.62 32.32
C ASP A 160 1.24 -14.28 31.77
N LYS A 161 0.43 -13.65 30.95
CA LYS A 161 0.75 -12.33 30.38
C LYS A 161 0.72 -11.20 31.44
N LEU A 162 -0.11 -11.36 32.46
CA LEU A 162 -0.24 -10.35 33.50
C LEU A 162 0.69 -10.65 34.67
N ASN A 163 1.21 -11.88 34.71
CA ASN A 163 2.03 -12.36 35.82
C ASN A 163 1.24 -12.29 37.14
N LYS A 164 -0.04 -12.68 37.08
CA LYS A 164 -0.96 -12.58 38.21
C LYS A 164 -1.56 -13.95 38.55
N TYR A 165 -1.32 -14.37 39.79
CA TYR A 165 -1.73 -15.68 40.23
C TYR A 165 -2.21 -15.69 41.66
N GLY A 166 -3.14 -16.58 41.95
CA GLY A 166 -3.45 -16.94 43.33
C GLY A 166 -4.65 -16.20 43.91
N ARG A 167 -5.33 -15.41 43.08
CA ARG A 167 -6.50 -14.69 43.60
C ARG A 167 -7.29 -14.18 42.43
N GLY A 168 -8.53 -13.78 42.70
CA GLY A 168 -9.31 -13.09 41.71
C GLY A 168 -8.62 -11.80 41.29
N LEU A 169 -8.91 -11.36 40.07
CA LEU A 169 -8.49 -10.01 39.62
C LEU A 169 -9.52 -8.97 40.06
N LEU A 170 -9.06 -7.74 40.27
CA LEU A 170 -9.94 -6.63 40.67
C LEU A 170 -9.97 -5.51 39.65
N GLY A 171 -11.17 -5.09 39.31
CA GLY A 171 -11.43 -4.06 38.31
C GLY A 171 -12.38 -3.01 38.84
N CYS A 172 -12.77 -2.08 37.98
CA CYS A 172 -13.49 -0.89 38.41
C CYS A 172 -13.86 0.00 37.22
N THR A 173 -15.15 0.19 37.00
CA THR A 173 -15.60 1.13 35.97
C THR A 173 -15.54 2.55 36.50
N ILE A 174 -14.85 3.41 35.75
CA ILE A 174 -14.86 4.84 36.08
C ILE A 174 -16.29 5.43 35.99
N LYS A 175 -16.60 6.38 36.87
CA LYS A 175 -17.91 7.01 36.98
C LYS A 175 -17.65 8.50 37.21
N PRO A 176 -18.58 9.39 36.86
CA PRO A 176 -19.87 9.05 36.25
C PRO A 176 -19.68 8.36 34.90
N LYS A 177 -20.71 7.63 34.46
CA LYS A 177 -20.64 6.88 33.20
C LYS A 177 -20.10 7.76 32.06
N LEU A 178 -20.75 8.90 31.87
CA LEU A 178 -20.43 9.85 30.82
C LEU A 178 -20.26 11.21 31.47
N GLY A 179 -19.56 12.13 30.81
CA GLY A 179 -19.44 13.51 31.29
C GLY A 179 -18.08 13.95 31.79
N LEU A 180 -17.17 13.01 31.99
CA LEU A 180 -15.82 13.33 32.42
C LEU A 180 -14.94 13.66 31.22
N SER A 181 -14.03 14.61 31.42
CA SER A 181 -13.02 14.93 30.41
C SER A 181 -11.92 13.82 30.39
N ALA A 182 -11.13 13.80 29.33
CA ALA A 182 -10.01 12.84 29.22
C ALA A 182 -9.03 12.97 30.39
N LYS A 183 -8.65 14.21 30.73
CA LYS A 183 -7.71 14.44 31.83
C LYS A 183 -8.28 13.94 33.17
N ASN A 184 -9.56 14.22 33.45
CA ASN A 184 -10.20 13.72 34.66
C ASN A 184 -10.36 12.19 34.64
N TYR A 185 -10.55 11.63 33.46
CA TYR A 185 -10.62 10.17 33.32
C TYR A 185 -9.30 9.51 33.77
N GLY A 186 -8.18 9.99 33.25
CA GLY A 186 -6.89 9.47 33.63
C GLY A 186 -6.53 9.75 35.10
N ARG A 187 -6.97 10.89 35.62
CA ARG A 187 -6.85 11.23 37.04
C ARG A 187 -7.51 10.14 37.90
N ALA A 188 -8.77 9.87 37.59
CA ALA A 188 -9.54 8.86 38.30
C ALA A 188 -8.89 7.49 38.18
N VAL A 189 -8.39 7.17 36.97
CA VAL A 189 -7.75 5.90 36.69
C VAL A 189 -6.48 5.68 37.53
N TYR A 190 -5.60 6.67 37.52
CA TYR A 190 -4.39 6.61 38.33
C TYR A 190 -4.70 6.36 39.81
N GLU A 191 -5.62 7.15 40.36
CA GLU A 191 -5.96 7.07 41.78
C GLU A 191 -6.55 5.71 42.14
N CYS A 192 -7.40 5.17 41.24
CA CYS A 192 -7.95 3.81 41.41
C CYS A 192 -6.85 2.74 41.40
N LEU A 193 -6.02 2.75 40.35
CA LEU A 193 -5.05 1.70 40.15
C LEU A 193 -4.00 1.68 41.28
N ARG A 194 -3.58 2.87 41.71
CA ARG A 194 -2.52 2.99 42.72
C ARG A 194 -2.92 2.46 44.09
N GLY A 195 -4.22 2.29 44.32
CA GLY A 195 -4.71 1.78 45.59
C GLY A 195 -4.81 0.27 45.67
N GLY A 196 -4.54 -0.44 44.57
CA GLY A 196 -4.52 -1.90 44.61
C GLY A 196 -5.40 -2.63 43.61
N LEU A 197 -6.14 -1.92 42.75
CA LEU A 197 -6.94 -2.55 41.69
C LEU A 197 -5.99 -2.96 40.58
N ASP A 198 -6.24 -4.12 39.98
CA ASP A 198 -5.46 -4.58 38.83
C ASP A 198 -5.86 -3.83 37.55
N PHE A 199 -7.16 -3.52 37.44
CA PHE A 199 -7.71 -2.90 36.23
C PHE A 199 -8.68 -1.77 36.56
N THR A 200 -8.81 -0.83 35.62
CA THR A 200 -10.02 0.00 35.55
C THR A 200 -10.56 -0.18 34.14
N ASP A 202 -13.15 1.80 30.72
CA ASP A 202 -14.16 2.71 30.18
C ASP A 202 -15.53 2.10 30.44
N ASP A 203 -16.50 2.94 30.76
CA ASP A 203 -17.86 2.44 30.79
C ASP A 203 -18.25 1.94 29.40
N GLU A 204 -19.15 0.97 29.33
CA GLU A 204 -19.54 0.40 28.04
C GLU A 204 -19.89 1.48 26.99
N ASN A 205 -20.49 2.60 27.43
CA ASN A 205 -20.98 3.63 26.52
C ASN A 205 -19.99 4.79 26.34
N VAL A 206 -18.84 4.71 27.00
CA VAL A 206 -17.73 5.64 26.77
C VAL A 206 -17.03 5.17 25.50
N ASN A 207 -17.25 5.89 24.39
CA ASN A 207 -16.62 5.58 23.12
C ASN A 207 -15.79 6.80 22.68
N SER A 208 -16.39 7.69 21.89
CA SER A 208 -15.82 9.01 21.62
C SER A 208 -16.97 9.97 21.54
N GLN A 209 -16.92 11.05 22.32
CA GLN A 209 -18.09 11.95 22.48
C GLN A 209 -17.61 13.41 22.67
N PRO A 210 -18.50 14.38 22.48
CA PRO A 210 -18.14 15.79 22.68
C PRO A 210 -17.42 16.10 24.00
N PHE A 211 -17.83 15.49 25.12
CA PHE A 211 -17.19 15.78 26.40
C PHE A 211 -15.82 15.13 26.56
N MET A 212 -15.52 14.10 25.75
CA MET A 212 -14.23 13.38 25.81
C MET A 212 -14.00 12.58 24.52
N ARG A 213 -13.06 13.03 23.71
CA ARG A 213 -12.73 12.31 22.49
C ARG A 213 -11.83 11.13 22.81
N TRP A 214 -11.93 10.06 22.02
CA TRP A 214 -11.30 8.80 22.41
C TRP A 214 -9.77 8.88 22.49
N ARG A 215 -9.13 9.51 21.50
CA ARG A 215 -7.68 9.49 21.49
C ARG A 215 -7.07 10.27 22.68
N ASP A 216 -7.67 11.42 23.02
CA ASP A 216 -7.33 12.18 24.20
C ASP A 216 -7.36 11.26 25.43
N ARG A 217 -8.43 10.48 25.57
CA ARG A 217 -8.58 9.61 26.70
C ARG A 217 -7.49 8.54 26.70
N PHE A 218 -7.32 7.87 25.57
CA PHE A 218 -6.32 6.78 25.44
C PHE A 218 -4.95 7.25 25.95
N LEU A 219 -4.54 8.45 25.53
CA LEU A 219 -3.25 9.00 25.90
C LEU A 219 -3.15 9.26 27.41
N PHE A 220 -4.16 9.92 27.99
CA PHE A 220 -4.14 10.19 29.43
C PHE A 220 -4.21 8.90 30.25
N VAL A 221 -5.02 7.94 29.79
CA VAL A 221 -5.14 6.66 30.49
C VAL A 221 -3.81 5.89 30.47
N ALA A 222 -3.12 5.89 29.33
CA ALA A 222 -1.79 5.30 29.23
C ALA A 222 -0.81 5.89 30.25
N GLU A 223 -0.80 7.24 30.37
CA GLU A 223 0.00 7.89 31.43
C GLU A 223 -0.37 7.40 32.82
N ALA A 224 -1.67 7.28 33.09
CA ALA A 224 -2.18 6.83 34.40
C ALA A 224 -1.77 5.39 34.71
N ILE A 225 -1.95 4.48 33.74
CA ILE A 225 -1.51 3.10 33.92
C ILE A 225 -0.02 3.05 34.31
N TYR A 226 0.81 3.77 33.54
CA TYR A 226 2.26 3.77 33.73
C TYR A 226 2.65 4.30 35.13
N LYS A 227 2.07 5.43 35.51
CA LYS A 227 2.33 5.99 36.82
C LYS A 227 1.90 5.02 37.95
N ALA A 228 0.73 4.43 37.85
CA ALA A 228 0.29 3.52 38.92
C ALA A 228 1.16 2.25 38.98
N GLN A 229 1.54 1.76 37.82
CA GLN A 229 2.39 0.57 37.78
C GLN A 229 3.74 0.84 38.44
N ALA A 230 4.35 1.97 38.14
CA ALA A 230 5.64 2.35 38.74
C ALA A 230 5.55 2.60 40.23
N GLU A 231 4.47 3.25 40.67
CA GLU A 231 4.27 3.54 42.08
C GLU A 231 4.06 2.27 42.91
N THR A 232 3.23 1.34 42.42
CA THR A 232 2.82 0.16 43.22
C THR A 232 3.78 -1.04 43.07
N GLY A 233 4.47 -1.10 41.94
CA GLY A 233 5.29 -2.24 41.61
C GLY A 233 4.50 -3.44 41.11
N GLU A 234 3.22 -3.24 40.78
CA GLU A 234 2.36 -4.29 40.25
C GLU A 234 1.86 -3.95 38.84
N VAL A 235 1.68 -4.97 38.01
CA VAL A 235 1.21 -4.79 36.63
C VAL A 235 -0.22 -4.24 36.64
N LYS A 236 -0.45 -3.17 35.90
CA LYS A 236 -1.76 -2.53 35.83
C LYS A 236 -2.29 -2.50 34.40
N GLY A 237 -3.59 -2.35 34.26
CA GLY A 237 -4.21 -2.19 32.95
C GLY A 237 -5.48 -1.38 33.06
N HIS A 238 -5.99 -0.92 31.92
CA HIS A 238 -7.29 -0.27 31.89
C HIS A 238 -7.93 -0.64 30.56
N TYR A 239 -9.14 -1.20 30.59
CA TYR A 239 -9.75 -1.62 29.32
C TYR A 239 -10.20 -0.41 28.49
N LEU A 240 -9.41 -0.05 27.50
CA LEU A 240 -9.76 1.04 26.60
C LEU A 240 -10.79 0.57 25.56
N ASN A 241 -11.90 1.29 25.44
CA ASN A 241 -13.03 0.85 24.61
C ASN A 241 -12.80 1.06 23.14
N ALA A 242 -12.81 -0.03 22.38
CA ALA A 242 -12.67 0.04 20.93
C ALA A 242 -14.03 0.06 20.24
N THR A 243 -15.10 -0.12 21.02
CA THR A 243 -16.46 -0.07 20.47
C THR A 243 -16.66 1.21 19.65
N ALA A 244 -17.19 1.08 18.43
CA ALA A 244 -17.27 2.21 17.51
C ALA A 244 -18.44 2.05 16.54
N GLY A 245 -18.69 3.09 15.76
CA GLY A 245 -19.74 3.07 14.76
C GLY A 245 -19.48 2.21 13.54
N THR A 246 -18.21 2.05 13.18
CA THR A 246 -17.82 1.30 11.97
C THR A 246 -16.62 0.46 12.31
N CYS A 247 -16.37 -0.60 11.52
CA CYS A 247 -15.21 -1.46 11.67
C CYS A 247 -13.92 -0.66 11.60
N GLU A 248 -13.87 0.33 10.71
CA GLU A 248 -12.65 1.08 10.48
C GLU A 248 -12.29 1.90 11.72
N GLU A 249 -13.29 2.51 12.35
CA GLU A 249 -13.07 3.27 13.58
C GLU A 249 -12.67 2.33 14.71
N MET A 250 -13.34 1.19 14.80
CA MET A 250 -13.02 0.20 15.85
C MET A 250 -11.56 -0.24 15.74
N MET A 251 -11.11 -0.55 14.52
CA MET A 251 -9.72 -0.95 14.30
C MET A 251 -8.71 0.17 14.57
N LYS A 252 -9.08 1.41 14.22
CA LYS A 252 -8.24 2.58 14.52
C LYS A 252 -7.94 2.63 16.01
N ARG A 253 -8.96 2.43 16.81
CA ARG A 253 -8.82 2.51 18.26
C ARG A 253 -7.96 1.36 18.81
N ALA A 254 -8.15 0.17 18.27
CA ALA A 254 -7.35 -0.98 18.70
C ALA A 254 -5.87 -0.78 18.34
N VAL A 255 -5.62 -0.29 17.13
CA VAL A 255 -4.28 0.02 16.67
C VAL A 255 -3.61 1.07 17.58
N ALA A 257 -4.33 1.73 20.83
CA ALA A 257 -4.04 1.06 22.08
C ALA A 257 -2.78 0.20 21.98
N LYS A 258 -2.65 -0.54 20.89
CA LYS A 258 -1.44 -1.34 20.65
C LYS A 258 -0.18 -0.45 20.59
N GLU A 259 -0.26 0.65 19.85
CA GLU A 259 0.86 1.58 19.74
C GLU A 259 1.28 2.12 21.11
N LEU A 260 0.30 2.37 21.97
CA LEU A 260 0.58 2.86 23.33
C LEU A 260 1.16 1.80 24.28
N GLY A 261 1.10 0.53 23.89
CA GLY A 261 1.64 -0.53 24.72
C GLY A 261 0.73 -0.91 25.87
N VAL A 262 -0.52 -0.44 25.87
CA VAL A 262 -1.47 -0.84 26.92
C VAL A 262 -1.89 -2.31 26.71
N PRO A 263 -1.95 -3.09 27.79
CA PRO A 263 -2.10 -4.54 27.66
C PRO A 263 -3.52 -5.03 27.31
N ILE A 264 -4.54 -4.18 27.44
CA ILE A 264 -5.91 -4.68 27.32
C ILE A 264 -6.89 -3.63 26.77
N ILE A 265 -7.79 -4.07 25.89
CA ILE A 265 -8.90 -3.24 25.38
C ILE A 265 -10.23 -3.94 25.65
N MET A 266 -11.34 -3.24 25.40
CA MET A 266 -12.67 -3.87 25.54
C MET A 266 -13.54 -3.67 24.28
N HIS A 267 -14.55 -4.51 24.16
CA HIS A 267 -15.52 -4.37 23.07
C HIS A 267 -16.89 -4.74 23.58
N ASP A 268 -17.92 -4.00 23.12
CA ASP A 268 -19.32 -4.37 23.41
C ASP A 268 -19.84 -5.30 22.30
N TYR A 269 -19.77 -6.61 22.53
CA TYR A 269 -19.96 -7.53 21.40
C TYR A 269 -21.34 -7.57 20.76
N LEU A 270 -22.37 -7.28 21.55
CA LEU A 270 -23.71 -7.32 21.01
C LEU A 270 -24.13 -6.02 20.32
N THR A 271 -23.79 -4.88 20.90
CA THR A 271 -24.11 -3.61 20.25
C THR A 271 -23.18 -3.32 19.08
N GLY A 272 -21.94 -3.77 19.18
CA GLY A 272 -21.01 -3.72 18.06
C GLY A 272 -21.35 -4.81 17.03
N GLY A 273 -21.58 -6.03 17.53
CA GLY A 273 -21.99 -7.13 16.68
C GLY A 273 -20.92 -8.19 16.48
N PHE A 274 -21.38 -9.41 16.19
CA PHE A 274 -20.52 -10.57 16.06
C PHE A 274 -19.46 -10.42 14.94
N THR A 275 -19.84 -9.79 13.82
CA THR A 275 -18.93 -9.64 12.68
C THR A 275 -17.75 -8.75 13.06
N ALA A 276 -18.05 -7.59 13.67
CA ALA A 276 -17.01 -6.72 14.22
C ALA A 276 -16.22 -7.41 15.34
N ASN A 277 -16.93 -8.07 16.24
CA ASN A 277 -16.23 -8.69 17.36
C ASN A 277 -15.21 -9.73 16.93
N THR A 278 -15.57 -10.58 15.99
CA THR A 278 -14.66 -11.61 15.54
C THR A 278 -13.42 -10.97 14.88
N SER A 279 -13.62 -9.92 14.07
CA SER A 279 -12.50 -9.20 13.48
C SER A 279 -11.57 -8.68 14.59
N LEU A 280 -12.17 -8.06 15.61
CA LEU A 280 -11.38 -7.49 16.71
C LEU A 280 -10.60 -8.56 17.48
N ALA A 281 -11.24 -9.71 17.72
CA ALA A 281 -10.61 -10.80 18.45
C ALA A 281 -9.44 -11.34 17.68
N ILE A 282 -9.59 -11.45 16.37
CA ILE A 282 -8.49 -11.91 15.49
C ILE A 282 -7.33 -10.90 15.53
N TYR A 283 -7.67 -9.62 15.49
CA TYR A 283 -6.65 -8.57 15.63
C TYR A 283 -5.92 -8.68 16.99
N CYS A 284 -6.66 -8.94 18.05
CA CYS A 284 -6.08 -9.07 19.40
C CYS A 284 -5.18 -10.30 19.52
N ARG A 285 -5.57 -11.40 18.90
CA ARG A 285 -4.70 -12.59 18.78
C ARG A 285 -3.40 -12.27 18.04
N ASP A 286 -3.51 -11.57 16.93
CA ASP A 286 -2.37 -11.22 16.07
C ASP A 286 -1.46 -10.17 16.67
N ASN A 287 -1.94 -9.46 17.69
CA ASN A 287 -1.11 -8.43 18.29
C ASN A 287 -0.91 -8.54 19.80
N GLY A 288 -1.37 -9.66 20.39
CA GLY A 288 -1.14 -9.94 21.80
C GLY A 288 -1.84 -9.00 22.74
N LEU A 289 -2.95 -8.41 22.26
CA LEU A 289 -3.82 -7.60 23.08
C LEU A 289 -4.86 -8.44 23.87
N LEU A 290 -4.99 -8.19 25.16
CA LEU A 290 -6.07 -8.84 25.89
C LEU A 290 -7.37 -8.15 25.53
N LEU A 291 -8.44 -8.94 25.47
CA LEU A 291 -9.73 -8.42 25.03
C LEU A 291 -10.84 -8.66 26.05
N HIS A 292 -11.28 -7.57 26.69
CA HIS A 292 -12.40 -7.63 27.62
C HIS A 292 -13.74 -7.45 26.91
N ILE A 293 -14.68 -8.34 27.15
CA ILE A 293 -15.96 -8.23 26.47
C ILE A 293 -17.07 -7.82 27.41
N HIS A 294 -17.69 -6.68 27.07
CA HIS A 294 -18.89 -6.22 27.72
C HIS A 294 -20.16 -6.70 27.02
N ARG A 295 -21.14 -7.14 27.80
CA ARG A 295 -22.33 -7.78 27.22
C ARG A 295 -23.55 -6.86 27.09
N ALA A 296 -23.31 -5.55 27.04
CA ALA A 296 -24.36 -4.55 26.76
C ALA A 296 -25.42 -5.07 25.79
N MET A 297 -26.69 -4.88 26.17
CA MET A 297 -27.87 -5.29 25.39
C MET A 297 -28.31 -6.75 25.62
N HIS A 298 -27.51 -7.55 26.32
CA HIS A 298 -27.84 -8.96 26.50
C HIS A 298 -29.22 -9.17 27.17
N ALA A 299 -29.53 -8.38 28.20
CA ALA A 299 -30.79 -8.55 28.92
C ALA A 299 -32.03 -8.21 28.09
N VAL A 300 -31.85 -7.44 27.01
CA VAL A 300 -32.93 -7.21 26.02
C VAL A 300 -33.41 -8.56 25.48
N ILE A 301 -32.45 -9.46 25.29
CA ILE A 301 -32.63 -10.76 24.65
C ILE A 301 -32.87 -11.89 25.68
N ASP A 302 -32.21 -11.80 26.85
CA ASP A 302 -32.07 -12.97 27.71
C ASP A 302 -32.81 -12.96 29.06
N ARG A 303 -33.49 -11.86 29.35
CA ARG A 303 -34.16 -11.70 30.63
C ARG A 303 -35.37 -12.62 30.82
N GLN A 304 -36.24 -12.72 29.83
CA GLN A 304 -37.52 -13.39 30.05
C GLN A 304 -37.45 -14.89 29.80
N ARG A 305 -38.15 -15.63 30.64
CA ARG A 305 -38.13 -17.08 30.63
C ARG A 305 -38.81 -17.68 29.40
N ASN A 306 -39.81 -16.99 28.85
CA ASN A 306 -40.64 -17.54 27.79
C ASN A 306 -40.16 -17.20 26.37
N HIS A 307 -39.35 -16.15 26.23
CA HIS A 307 -38.97 -15.70 24.91
C HIS A 307 -37.60 -15.07 24.89
N GLY A 308 -36.81 -15.42 23.86
CA GLY A 308 -35.51 -14.81 23.59
C GLY A 308 -34.39 -15.86 23.44
N ILE A 309 -33.20 -15.55 23.96
CA ILE A 309 -32.10 -16.49 23.95
C ILE A 309 -31.51 -16.41 25.34
N HIS A 310 -31.36 -17.56 25.99
CA HIS A 310 -30.68 -17.59 27.28
C HIS A 310 -29.23 -17.09 27.21
N PHE A 311 -28.79 -16.35 28.22
CA PHE A 311 -27.39 -15.89 28.26
C PHE A 311 -26.35 -16.98 28.02
N ARG A 312 -26.61 -18.20 28.47
CA ARG A 312 -25.60 -19.24 28.28
C ARG A 312 -25.29 -19.46 26.79
N VAL A 313 -26.28 -19.28 25.93
CA VAL A 313 -26.08 -19.38 24.48
C VAL A 313 -25.30 -18.12 23.97
N LEU A 314 -25.66 -16.95 24.47
CA LEU A 314 -24.91 -15.73 24.14
C LEU A 314 -23.46 -15.81 24.63
N ALA A 315 -23.24 -16.54 25.72
CA ALA A 315 -21.89 -16.74 26.26
C ALA A 315 -21.08 -17.74 25.42
N LYS A 316 -21.71 -18.85 25.02
CA LYS A 316 -21.05 -19.80 24.11
C LYS A 316 -20.67 -19.08 22.79
N ALA A 317 -21.57 -18.23 22.30
CA ALA A 317 -21.35 -17.52 21.05
C ALA A 317 -20.15 -16.58 21.18
N LEU A 318 -20.07 -15.87 22.30
CA LEU A 318 -18.91 -15.04 22.56
C LEU A 318 -17.62 -15.84 22.64
N ARG A 319 -17.67 -16.96 23.33
CA ARG A 319 -16.47 -17.79 23.45
C ARG A 319 -15.94 -18.16 22.05
N MET A 320 -16.85 -18.49 21.13
CA MET A 320 -16.52 -18.88 19.76
C MET A 320 -16.00 -17.65 18.94
N SER A 321 -16.73 -16.53 19.01
CA SER A 321 -16.35 -15.29 18.31
C SER A 321 -15.01 -14.75 18.82
N GLY A 322 -14.87 -14.71 20.15
CA GLY A 322 -13.61 -14.49 20.79
C GLY A 322 -13.65 -13.40 21.84
N GLY A 323 -13.19 -13.74 23.04
CA GLY A 323 -13.03 -12.78 24.11
C GLY A 323 -12.23 -13.37 25.25
N ASP A 324 -11.37 -12.57 25.86
CA ASP A 324 -10.59 -13.03 27.03
C ASP A 324 -11.37 -12.94 28.34
N HIS A 325 -12.23 -11.91 28.45
CA HIS A 325 -13.14 -11.73 29.60
C HIS A 325 -14.55 -11.65 29.06
N LEU A 326 -15.52 -12.06 29.86
CA LEU A 326 -16.91 -11.79 29.55
C LEU A 326 -17.66 -11.56 30.85
N HIS A 327 -18.48 -10.52 30.91
CA HIS A 327 -19.27 -10.29 32.11
C HIS A 327 -20.21 -11.49 32.34
N SER A 328 -20.28 -11.91 33.59
CA SER A 328 -21.03 -13.09 33.99
C SER A 328 -22.19 -12.82 34.97
N GLY A 329 -22.38 -11.56 35.37
CA GLY A 329 -23.26 -11.23 36.46
C GLY A 329 -22.54 -11.41 37.79
N THR A 330 -23.21 -11.03 38.88
CA THR A 330 -22.65 -11.09 40.23
C THR A 330 -23.44 -12.03 41.15
N VAL A 331 -24.65 -12.38 40.75
CA VAL A 331 -25.65 -13.03 41.60
C VAL A 331 -26.20 -12.08 42.68
N VAL A 332 -25.31 -11.49 43.48
CA VAL A 332 -25.68 -10.69 44.63
C VAL A 332 -25.82 -9.17 44.37
N GLY A 333 -25.42 -8.69 43.18
CA GLY A 333 -25.42 -7.25 42.90
C GLY A 333 -26.73 -6.69 42.35
N LYS A 334 -26.63 -5.57 41.64
CA LYS A 334 -27.82 -4.80 41.22
C LYS A 334 -28.51 -5.39 39.99
N LEU A 335 -27.83 -6.26 39.26
CA LEU A 335 -28.39 -6.86 38.05
C LEU A 335 -28.64 -8.35 38.28
N GLU A 336 -29.65 -8.88 37.57
CA GLU A 336 -30.16 -10.21 37.80
C GLU A 336 -29.16 -11.29 37.39
N GLY A 337 -29.14 -12.38 38.15
CA GLY A 337 -28.44 -13.58 37.77
C GLY A 337 -28.57 -14.61 38.88
N GLU A 338 -29.44 -15.59 38.70
CA GLU A 338 -29.69 -16.59 39.72
C GLU A 338 -28.49 -17.49 39.87
N ARG A 339 -28.22 -17.90 41.11
CA ARG A 339 -27.03 -18.67 41.45
C ARG A 339 -26.74 -19.89 40.55
N GLU A 340 -27.70 -20.81 40.49
CA GLU A 340 -27.46 -22.07 39.78
C GLU A 340 -27.29 -21.84 38.27
N VAL A 341 -28.12 -20.97 37.71
CA VAL A 341 -28.03 -20.58 36.31
C VAL A 341 -26.62 -20.05 36.03
N THR A 342 -26.15 -19.19 36.91
CA THR A 342 -24.85 -18.52 36.77
C THR A 342 -23.68 -19.50 36.86
N LEU A 343 -23.72 -20.39 37.85
CA LEU A 343 -22.67 -21.40 38.00
C LEU A 343 -22.59 -22.30 36.76
N GLY A 344 -23.76 -22.58 36.18
CA GLY A 344 -23.83 -23.34 34.94
C GLY A 344 -23.09 -22.65 33.80
N PHE A 345 -23.42 -21.40 33.52
CA PHE A 345 -22.80 -20.78 32.34
C PHE A 345 -21.37 -20.33 32.57
N VAL A 346 -20.99 -20.15 33.84
CA VAL A 346 -19.61 -19.91 34.20
C VAL A 346 -18.76 -21.14 33.82
N ASP A 347 -19.24 -22.34 34.17
CA ASP A 347 -18.56 -23.58 33.73
C ASP A 347 -18.46 -23.66 32.20
N LEU A 348 -19.56 -23.33 31.51
CA LEU A 348 -19.59 -23.32 30.05
C LEU A 348 -18.60 -22.31 29.45
N MET A 349 -18.35 -21.20 30.18
CA MET A 349 -17.38 -20.18 29.73
C MET A 349 -15.91 -20.58 29.98
N ARG A 350 -15.64 -21.27 31.09
CA ARG A 350 -14.27 -21.49 31.54
C ARG A 350 -13.68 -22.84 31.21
N ASP A 351 -14.52 -23.87 31.26
CA ASP A 351 -14.07 -25.26 31.27
C ASP A 351 -13.95 -25.83 29.88
N ASP A 352 -13.24 -26.95 29.78
CA ASP A 352 -13.05 -27.65 28.53
C ASP A 352 -14.18 -28.63 28.20
N TYR A 353 -14.81 -29.19 29.23
CA TYR A 353 -15.80 -30.24 29.05
C TYR A 353 -16.86 -30.12 30.12
N VAL A 354 -18.12 -29.92 29.71
CA VAL A 354 -19.18 -29.68 30.69
C VAL A 354 -20.31 -30.66 30.43
N GLU A 355 -20.57 -31.53 31.42
CA GLU A 355 -21.62 -32.52 31.29
C GLU A 355 -22.99 -31.89 31.42
N LYS A 356 -23.94 -32.43 30.67
CA LYS A 356 -25.34 -32.12 30.82
C LYS A 356 -25.73 -32.07 32.32
N ASP A 357 -26.49 -31.05 32.69
CA ASP A 357 -26.93 -30.86 34.05
C ASP A 357 -28.09 -29.88 34.05
N ARG A 358 -29.32 -30.41 34.00
CA ARG A 358 -30.52 -29.59 33.91
C ARG A 358 -30.76 -28.71 35.10
N SER A 359 -30.20 -29.11 36.25
CA SER A 359 -30.34 -28.35 37.49
C SER A 359 -29.53 -27.07 37.44
N ARG A 360 -28.67 -26.96 36.42
CA ARG A 360 -27.89 -25.76 36.21
C ARG A 360 -28.15 -25.14 34.83
N GLY A 361 -29.23 -25.60 34.19
CA GLY A 361 -29.64 -25.09 32.90
C GLY A 361 -28.78 -25.59 31.75
N ILE A 362 -27.95 -26.60 31.99
CA ILE A 362 -27.11 -27.18 30.93
C ILE A 362 -27.86 -28.32 30.22
N TYR A 363 -28.36 -28.05 29.03
CA TYR A 363 -29.23 -28.97 28.32
C TYR A 363 -28.44 -30.00 27.53
N PHE A 364 -27.20 -29.66 27.18
CA PHE A 364 -26.34 -30.59 26.43
C PHE A 364 -24.96 -30.64 27.05
N THR A 365 -24.34 -31.80 26.97
CA THR A 365 -22.92 -31.95 27.25
C THR A 365 -22.15 -31.16 26.19
N GLN A 366 -21.27 -30.28 26.65
CA GLN A 366 -20.51 -29.39 25.77
C GLN A 366 -19.02 -29.71 25.88
N ASP A 367 -18.43 -30.06 24.75
CA ASP A 367 -17.02 -30.36 24.62
C ASP A 367 -16.40 -29.20 23.82
N TRP A 368 -15.55 -28.42 24.48
CA TRP A 368 -14.88 -27.31 23.81
C TRP A 368 -13.57 -27.67 23.06
N SER A 370 -10.40 -28.05 23.66
CA SER A 370 -9.26 -27.17 23.97
C SER A 370 -9.34 -25.69 23.56
N MET A 371 -10.49 -25.26 23.04
CA MET A 371 -10.69 -23.82 22.84
C MET A 371 -10.49 -23.14 24.19
N PRO A 372 -9.72 -22.08 24.26
CA PRO A 372 -9.41 -21.41 25.55
C PRO A 372 -10.65 -20.96 26.31
N GLY A 373 -10.53 -20.92 27.64
CA GLY A 373 -11.61 -20.50 28.51
C GLY A 373 -11.67 -19.01 28.64
N VAL A 374 -12.88 -18.51 28.84
CA VAL A 374 -13.13 -17.09 28.99
C VAL A 374 -13.28 -16.71 30.47
N MET A 375 -12.55 -15.70 30.90
CA MET A 375 -12.58 -15.22 32.30
C MET A 375 -13.90 -14.50 32.63
N PRO A 376 -14.68 -15.00 33.59
CA PRO A 376 -15.93 -14.33 33.96
C PRO A 376 -15.67 -13.05 34.73
N VAL A 377 -16.50 -12.05 34.47
CA VAL A 377 -16.33 -10.76 35.14
C VAL A 377 -17.58 -10.43 35.91
N ALA A 378 -17.44 -10.35 37.24
CA ALA A 378 -18.57 -10.06 38.12
C ALA A 378 -18.53 -8.59 38.40
N SER A 379 -19.56 -7.89 37.95
CA SER A 379 -19.60 -6.45 38.04
C SER A 379 -21.04 -5.95 38.17
N GLY A 380 -21.24 -4.92 38.98
CA GLY A 380 -22.51 -4.22 39.02
C GLY A 380 -23.15 -4.20 40.39
N GLY A 381 -23.01 -3.08 41.08
CA GLY A 381 -23.66 -2.89 42.38
C GLY A 381 -23.10 -3.78 43.48
N ILE A 382 -21.83 -4.14 43.37
CA ILE A 382 -21.21 -4.90 44.44
C ILE A 382 -20.26 -4.07 45.32
N HIS A 383 -20.11 -4.49 46.56
CA HIS A 383 -19.23 -3.80 47.51
C HIS A 383 -18.53 -4.78 48.45
N VAL A 384 -17.72 -4.25 49.36
CA VAL A 384 -16.87 -5.07 50.21
C VAL A 384 -17.59 -6.20 50.96
N TRP A 385 -18.85 -5.96 51.36
CA TRP A 385 -19.60 -7.01 52.09
C TRP A 385 -19.96 -8.23 51.20
N HIS A 386 -19.97 -8.02 49.89
CA HIS A 386 -20.26 -9.08 48.93
C HIS A 386 -19.03 -9.97 48.70
N MET A 387 -17.85 -9.50 49.11
CA MET A 387 -16.59 -10.16 48.72
C MET A 387 -16.56 -11.66 49.01
N PRO A 388 -16.93 -12.10 50.24
CA PRO A 388 -16.94 -13.54 50.55
C PRO A 388 -17.85 -14.32 49.63
N ALA A 389 -19.07 -13.83 49.38
CA ALA A 389 -19.97 -14.53 48.45
C ALA A 389 -19.38 -14.61 47.04
N LEU A 390 -18.73 -13.53 46.59
CA LEU A 390 -18.16 -13.49 45.24
C LEU A 390 -17.04 -14.53 45.12
N VAL A 391 -16.13 -14.53 46.09
CA VAL A 391 -15.01 -15.48 46.07
C VAL A 391 -15.53 -16.92 46.12
N GLU A 392 -16.58 -17.13 46.91
CA GLU A 392 -17.21 -18.45 47.02
C GLU A 392 -17.85 -18.94 45.72
N ILE A 393 -18.58 -18.04 45.05
CA ILE A 393 -19.27 -18.36 43.79
C ILE A 393 -18.27 -18.64 42.66
N PHE A 394 -17.34 -17.72 42.43
CA PHE A 394 -16.49 -17.70 41.25
C PHE A 394 -15.13 -18.37 41.41
N GLY A 395 -14.61 -18.46 42.64
CA GLY A 395 -13.24 -18.91 42.84
C GLY A 395 -12.24 -17.86 42.36
N ASP A 396 -10.99 -18.28 42.10
CA ASP A 396 -9.95 -17.33 41.71
C ASP A 396 -10.03 -16.87 40.25
N ASP A 397 -10.59 -17.69 39.37
CA ASP A 397 -10.56 -17.38 37.94
C ASP A 397 -11.75 -16.50 37.56
N ALA A 398 -11.67 -15.26 38.02
CA ALA A 398 -12.71 -14.28 37.76
C ALA A 398 -12.11 -12.93 37.99
N CYS A 399 -12.75 -11.92 37.43
CA CYS A 399 -12.40 -10.56 37.73
C CYS A 399 -13.61 -9.94 38.42
N LEU A 400 -13.38 -9.36 39.59
CA LEU A 400 -14.46 -8.71 40.33
C LEU A 400 -14.32 -7.20 40.21
N GLN A 401 -15.38 -6.54 39.74
CA GLN A 401 -15.30 -5.11 39.45
C GLN A 401 -16.14 -4.26 40.38
N PHE A 402 -15.53 -3.21 40.91
CA PHE A 402 -16.17 -2.29 41.83
C PHE A 402 -16.01 -0.86 41.30
N GLY A 403 -17.04 -0.35 40.63
CA GLY A 403 -17.04 1.03 40.12
C GLY A 403 -17.50 1.98 41.22
N GLY A 404 -18.81 2.07 41.39
CA GLY A 404 -19.32 2.75 42.57
C GLY A 404 -18.69 2.27 43.87
N GLY A 405 -18.40 0.98 43.99
CA GLY A 405 -17.74 0.43 45.17
C GLY A 405 -16.30 0.89 45.37
N THR A 406 -15.79 1.73 44.46
CA THR A 406 -14.46 2.33 44.61
C THR A 406 -14.54 3.85 44.59
N LEU A 407 -15.17 4.39 43.55
CA LEU A 407 -15.31 5.82 43.38
C LEU A 407 -16.36 6.41 44.32
N GLY A 408 -17.09 5.53 45.02
CA GLY A 408 -18.05 5.95 46.04
C GLY A 408 -17.53 5.87 47.47
N HIS A 409 -16.27 5.43 47.63
CA HIS A 409 -15.60 5.41 48.94
C HIS A 409 -15.43 6.82 49.48
N PRO A 410 -15.74 7.06 50.76
CA PRO A 410 -15.71 8.41 51.32
C PRO A 410 -14.35 9.08 51.28
N TRP A 411 -13.27 8.32 51.18
CA TRP A 411 -11.95 8.92 51.15
C TRP A 411 -11.33 9.01 49.76
N GLY A 412 -12.06 8.58 48.73
CA GLY A 412 -11.55 8.69 47.37
C GLY A 412 -11.10 7.37 46.79
N ASN A 413 -10.52 7.42 45.60
CA ASN A 413 -10.29 6.20 44.80
C ASN A 413 -9.22 5.27 45.35
N ALA A 414 -8.10 5.83 45.78
CA ALA A 414 -7.01 4.99 46.27
C ALA A 414 -7.37 4.22 47.53
N PRO A 415 -7.93 4.88 48.56
CA PRO A 415 -8.50 4.18 49.71
C PRO A 415 -9.57 3.19 49.30
N GLY A 416 -10.44 3.57 48.36
CA GLY A 416 -11.50 2.71 47.86
C GLY A 416 -10.94 1.42 47.25
N ALA A 417 -9.92 1.56 46.42
CA ALA A 417 -9.24 0.42 45.82
C ALA A 417 -8.59 -0.42 46.91
N ALA A 418 -7.94 0.22 47.88
CA ALA A 418 -7.25 -0.49 48.94
C ALA A 418 -8.23 -1.34 49.75
N ALA A 419 -9.41 -0.77 50.05
CA ALA A 419 -10.44 -1.50 50.77
C ALA A 419 -10.84 -2.77 50.01
N ASN A 420 -11.09 -2.64 48.71
CA ASN A 420 -11.50 -3.78 47.92
C ASN A 420 -10.38 -4.82 47.87
N ARG A 421 -9.12 -4.37 47.70
CA ARG A 421 -7.97 -5.30 47.62
C ARG A 421 -7.74 -6.06 48.93
N VAL A 422 -7.82 -5.34 50.07
CA VAL A 422 -7.72 -5.97 51.40
C VAL A 422 -8.84 -7.00 51.59
N ALA A 423 -10.08 -6.62 51.27
CA ALA A 423 -11.22 -7.52 51.38
C ALA A 423 -11.04 -8.80 50.56
N LEU A 424 -10.58 -8.63 49.32
CA LEU A 424 -10.32 -9.78 48.46
C LEU A 424 -9.23 -10.70 49.03
N GLU A 425 -8.14 -10.10 49.47
CA GLU A 425 -7.00 -10.88 49.97
C GLU A 425 -7.35 -11.60 51.29
N ALA A 426 -8.13 -10.95 52.15
CA ALA A 426 -8.53 -11.54 53.41
C ALA A 426 -9.41 -12.76 53.18
N CYS A 427 -10.37 -12.63 52.26
CA CYS A 427 -11.25 -13.72 51.88
C CYS A 427 -10.45 -14.85 51.25
N THR A 428 -9.46 -14.51 50.44
CA THR A 428 -8.67 -15.52 49.74
C THR A 428 -7.84 -16.33 50.74
N GLN A 429 -7.20 -15.60 51.66
CA GLN A 429 -6.38 -16.20 52.69
C GLN A 429 -7.24 -17.11 53.56
N ALA A 430 -8.37 -16.60 54.03
CA ALA A 430 -9.29 -17.38 54.84
C ALA A 430 -9.70 -18.68 54.16
N ARG A 431 -10.11 -18.59 52.89
CA ARG A 431 -10.47 -19.78 52.10
C ARG A 431 -9.33 -20.79 52.05
N ASN A 432 -8.12 -20.32 51.71
CA ASN A 432 -6.94 -21.18 51.63
C ASN A 432 -6.65 -21.84 52.98
N GLU A 433 -7.05 -21.18 54.06
CA GLU A 433 -6.85 -21.71 55.40
C GLU A 433 -7.91 -22.73 55.82
N GLY A 434 -8.89 -22.99 54.94
CA GLY A 434 -9.95 -23.95 55.22
C GLY A 434 -11.26 -23.37 55.73
N ARG A 435 -11.33 -22.05 55.85
CA ARG A 435 -12.54 -21.42 56.36
C ARG A 435 -13.64 -21.49 55.31
N ASP A 436 -14.87 -21.67 55.77
CA ASP A 436 -16.02 -21.76 54.91
C ASP A 436 -16.58 -20.35 54.68
N LEU A 437 -16.35 -19.79 53.49
CA LEU A 437 -16.76 -18.43 53.18
C LEU A 437 -18.27 -18.23 53.19
N ALA A 438 -19.00 -19.25 52.73
CA ALA A 438 -20.47 -19.24 52.79
C ALA A 438 -20.98 -19.00 54.20
N ARG A 439 -20.31 -19.57 55.20
CA ARG A 439 -20.75 -19.48 56.58
C ARG A 439 -20.03 -18.43 57.42
N GLU A 440 -18.73 -18.24 57.18
CA GLU A 440 -17.92 -17.38 58.05
C GLU A 440 -17.52 -16.07 57.37
N GLY A 441 -18.11 -15.80 56.20
CA GLY A 441 -17.75 -14.65 55.38
C GLY A 441 -17.89 -13.32 56.08
N GLY A 442 -19.02 -13.14 56.74
CA GLY A 442 -19.23 -11.99 57.62
C GLY A 442 -18.09 -11.77 58.61
N ASP A 443 -17.63 -12.86 59.25
CA ASP A 443 -16.56 -12.80 60.26
C ASP A 443 -15.24 -12.37 59.64
N VAL A 444 -14.94 -12.88 58.44
CA VAL A 444 -13.71 -12.52 57.73
C VAL A 444 -13.71 -11.02 57.44
N ILE A 445 -14.82 -10.51 56.91
CA ILE A 445 -14.90 -9.10 56.58
C ILE A 445 -14.83 -8.23 57.84
N ARG A 446 -15.60 -8.62 58.87
CA ARG A 446 -15.56 -7.89 60.14
C ARG A 446 -14.14 -7.78 60.73
N SER A 447 -13.39 -8.89 60.75
CA SER A 447 -12.00 -8.87 61.22
C SER A 447 -11.15 -7.96 60.37
N ALA A 448 -11.33 -8.04 59.04
CA ALA A 448 -10.56 -7.20 58.15
C ALA A 448 -10.90 -5.72 58.32
N CYS A 449 -12.18 -5.37 58.53
CA CYS A 449 -12.56 -3.97 58.79
C CYS A 449 -11.89 -3.38 60.02
N LYS A 450 -11.77 -4.19 61.09
CA LYS A 450 -11.13 -3.74 62.33
C LYS A 450 -9.66 -3.46 62.12
N TRP A 451 -9.05 -4.23 61.25
CA TRP A 451 -7.62 -4.11 60.97
C TRP A 451 -7.28 -2.95 60.03
N SER A 452 -8.03 -2.79 58.94
CA SER A 452 -7.73 -1.77 57.91
C SER A 452 -8.71 -0.57 57.96
N PRO A 453 -8.20 0.61 58.28
CA PRO A 453 -9.04 1.82 58.33
C PRO A 453 -9.70 2.14 56.97
N GLU A 454 -9.03 1.87 55.85
CA GLU A 454 -9.62 2.06 54.53
C GLU A 454 -10.85 1.16 54.32
N LEU A 455 -10.69 -0.11 54.68
CA LEU A 455 -11.78 -1.05 54.60
C LEU A 455 -12.92 -0.71 55.57
N ALA A 456 -12.57 -0.38 56.81
CA ALA A 456 -13.55 0.05 57.82
C ALA A 456 -14.49 1.14 57.28
N ALA A 457 -13.94 2.14 56.59
CA ALA A 457 -14.76 3.24 56.07
C ALA A 457 -15.74 2.74 54.98
N ALA A 458 -15.31 1.79 54.16
CA ALA A 458 -16.22 1.15 53.19
C ALA A 458 -17.26 0.27 53.87
N CYS A 459 -16.83 -0.50 54.87
CA CYS A 459 -17.75 -1.36 55.63
C CYS A 459 -18.91 -0.56 56.20
N GLU A 460 -18.61 0.56 56.83
CA GLU A 460 -19.60 1.43 57.44
C GLU A 460 -20.58 2.01 56.43
N VAL A 461 -20.07 2.56 55.31
CA VAL A 461 -20.94 3.23 54.34
C VAL A 461 -21.97 2.27 53.69
N TRP A 462 -21.55 1.05 53.39
CA TRP A 462 -22.39 0.12 52.62
C TRP A 462 -22.95 -1.06 53.43
N LYS A 463 -22.75 -1.00 54.75
CA LYS A 463 -23.23 -2.05 55.65
C LYS A 463 -24.64 -2.57 55.38
N GLU A 464 -25.60 -1.67 55.14
CA GLU A 464 -26.99 -2.11 55.03
C GLU A 464 -27.42 -2.48 53.60
N ILE A 465 -26.52 -2.35 52.63
CA ILE A 465 -26.91 -2.33 51.22
C ILE A 465 -26.93 -3.72 50.59
N LYS A 466 -28.13 -4.13 50.16
CA LYS A 466 -28.36 -5.44 49.57
C LYS A 466 -29.24 -5.26 48.37
N PHE A 467 -29.20 -6.22 47.46
CA PHE A 467 -30.06 -6.25 46.28
C PHE A 467 -30.73 -7.62 46.23
N GLU A 468 -31.97 -7.67 46.72
CA GLU A 468 -32.73 -8.92 46.84
C GLU A 468 -34.12 -8.73 46.28
N PHE A 469 -34.37 -9.35 45.12
CA PHE A 469 -35.64 -9.21 44.40
C PHE A 469 -36.03 -10.58 43.86
N ASP A 470 -37.31 -10.72 43.50
CA ASP A 470 -37.79 -11.92 42.82
C ASP A 470 -37.09 -12.07 41.46
N THR A 471 -36.59 -13.28 41.18
CA THR A 471 -35.88 -13.59 39.95
C THR A 471 -36.82 -13.82 38.75
N ILE A 472 -36.62 -13.07 37.68
CA ILE A 472 -37.34 -13.33 36.43
C ILE A 472 -36.80 -14.56 35.68
N ASP A 473 -35.49 -14.59 35.43
CA ASP A 473 -34.85 -15.67 34.67
C ASP A 473 -34.61 -16.90 35.54
N LYS A 474 -35.68 -17.62 35.85
CA LYS A 474 -35.63 -18.84 36.65
C LYS A 474 -35.56 -20.05 35.70
N LEU A 475 -34.90 -21.11 36.16
CA LEU A 475 -34.80 -22.35 35.41
C LEU A 475 -36.13 -22.88 34.89
N ALA B 9 -20.70 26.50 53.35
CA ALA B 9 -20.54 25.30 52.45
C ALA B 9 -21.71 25.10 51.47
N GLY B 10 -21.37 24.75 50.22
CA GLY B 10 -22.36 24.34 49.22
C GLY B 10 -22.52 22.83 49.14
N ALA B 11 -23.12 22.34 48.05
CA ALA B 11 -23.25 20.90 47.79
C ALA B 11 -21.87 20.23 47.72
N GLY B 12 -21.61 19.34 48.69
CA GLY B 12 -20.38 18.57 48.74
C GLY B 12 -20.57 17.10 48.41
N PHE B 13 -19.47 16.34 48.53
CA PHE B 13 -19.51 14.91 48.30
C PHE B 13 -19.99 14.19 49.56
N LYS B 14 -21.07 13.42 49.43
CA LYS B 14 -21.53 12.60 50.54
C LYS B 14 -21.60 11.16 50.06
N ALA B 15 -20.75 10.31 50.63
CA ALA B 15 -20.68 8.91 50.25
C ALA B 15 -21.95 8.16 50.64
N GLY B 16 -22.31 7.15 49.84
CA GLY B 16 -23.43 6.31 50.19
C GLY B 16 -24.52 6.25 49.14
N VAL B 17 -25.47 5.34 49.37
CA VAL B 17 -26.58 5.13 48.48
C VAL B 17 -27.73 6.09 48.80
N LYS B 18 -28.28 6.73 47.75
CA LYS B 18 -29.54 7.46 47.86
C LYS B 18 -30.41 7.05 46.68
N ASP B 19 -31.65 7.53 46.66
CA ASP B 19 -32.60 7.17 45.60
C ASP B 19 -32.18 7.82 44.29
N TYR B 20 -32.29 7.06 43.21
CA TYR B 20 -32.10 7.61 41.86
C TYR B 20 -33.00 8.82 41.58
N ARG B 21 -34.23 8.74 42.08
CA ARG B 21 -35.23 9.79 41.80
C ARG B 21 -34.81 11.18 42.26
N LEU B 22 -33.93 11.25 43.26
CA LEU B 22 -33.46 12.54 43.77
C LEU B 22 -32.69 13.35 42.72
N THR B 23 -32.10 12.66 41.76
CA THR B 23 -31.28 13.29 40.74
C THR B 23 -31.89 13.14 39.35
N TYR B 24 -32.55 12.00 39.10
CA TYR B 24 -32.91 11.56 37.74
C TYR B 24 -34.41 11.56 37.37
N TYR B 25 -35.26 11.90 38.34
CA TYR B 25 -36.67 12.13 38.06
C TYR B 25 -36.90 13.61 38.05
N THR B 26 -37.14 14.17 36.87
CA THR B 26 -37.34 15.62 36.73
C THR B 26 -38.62 15.91 35.94
N PRO B 27 -39.77 15.80 36.57
CA PRO B 27 -41.07 15.93 35.89
C PRO B 27 -41.35 17.33 35.32
N ASP B 28 -40.59 18.34 35.74
CA ASP B 28 -40.77 19.69 35.23
C ASP B 28 -39.78 20.06 34.10
N TYR B 29 -38.94 19.12 33.72
CA TYR B 29 -37.96 19.34 32.65
C TYR B 29 -38.62 19.64 31.31
N VAL B 30 -38.17 20.71 30.65
CA VAL B 30 -38.65 21.05 29.31
C VAL B 30 -37.64 20.47 28.31
N VAL B 31 -38.08 19.50 27.50
CA VAL B 31 -37.16 18.81 26.61
C VAL B 31 -36.60 19.78 25.58
N ARG B 32 -35.32 19.59 25.26
CA ARG B 32 -34.68 20.37 24.23
C ARG B 32 -34.87 19.70 22.87
N ASP B 33 -34.82 20.52 21.82
CA ASP B 33 -35.01 20.04 20.45
C ASP B 33 -33.83 19.18 19.97
N THR B 34 -32.69 19.23 20.67
CA THR B 34 -31.56 18.34 20.36
C THR B 34 -31.51 17.06 21.23
N ASP B 35 -32.41 16.93 22.21
CA ASP B 35 -32.41 15.75 23.07
C ASP B 35 -32.85 14.51 22.29
N ILE B 36 -32.29 13.36 22.65
CA ILE B 36 -32.77 12.08 22.17
C ILE B 36 -33.77 11.65 23.22
N LEU B 37 -34.99 11.31 22.80
CA LEU B 37 -36.04 10.89 23.74
C LEU B 37 -36.32 9.42 23.61
N ALA B 38 -36.55 8.74 24.72
CA ALA B 38 -36.93 7.34 24.73
C ALA B 38 -38.25 7.12 25.45
N ALA B 39 -39.03 6.17 24.96
CA ALA B 39 -40.26 5.77 25.63
C ALA B 39 -40.11 4.30 26.00
N PHE B 40 -40.01 4.05 27.31
CA PHE B 40 -39.83 2.72 27.87
C PHE B 40 -41.13 2.25 28.48
N ARG B 41 -41.57 1.07 28.05
CA ARG B 41 -42.66 0.38 28.73
C ARG B 41 -42.05 -0.42 29.88
N MET B 42 -42.34 0.01 31.10
CA MET B 42 -41.61 -0.40 32.28
C MET B 42 -42.52 -1.12 33.28
N THR B 43 -42.05 -2.28 33.77
CA THR B 43 -42.77 -3.10 34.76
C THR B 43 -41.93 -3.21 36.03
N PRO B 44 -42.23 -2.40 37.04
CA PRO B 44 -41.41 -2.40 38.26
C PRO B 44 -41.67 -3.61 39.11
N GLN B 45 -40.68 -3.98 39.93
CA GLN B 45 -40.89 -5.00 40.95
C GLN B 45 -41.81 -4.43 42.02
N PRO B 46 -42.55 -5.29 42.73
CA PRO B 46 -43.38 -4.84 43.86
C PRO B 46 -42.55 -4.03 44.84
N GLY B 47 -43.08 -2.90 45.27
CA GLY B 47 -42.40 -2.07 46.24
C GLY B 47 -41.51 -0.99 45.64
N VAL B 48 -41.20 -1.08 44.35
CA VAL B 48 -40.36 -0.07 43.70
C VAL B 48 -41.29 0.96 43.07
N PRO B 49 -41.25 2.19 43.56
CA PRO B 49 -42.11 3.26 43.01
C PRO B 49 -41.80 3.47 41.53
N PRO B 50 -42.82 3.67 40.68
CA PRO B 50 -42.58 3.94 39.25
C PRO B 50 -41.57 5.07 39.01
N GLU B 51 -41.62 6.12 39.83
CA GLU B 51 -40.69 7.25 39.71
C GLU B 51 -39.24 6.83 39.97
N GLU B 52 -39.03 5.94 40.93
CA GLU B 52 -37.70 5.43 41.23
C GLU B 52 -37.25 4.51 40.11
N CYS B 53 -38.17 3.71 39.60
CA CYS B 53 -37.89 2.81 38.49
C CYS B 53 -37.49 3.58 37.21
N GLY B 54 -38.24 4.61 36.88
CA GLY B 54 -37.93 5.43 35.73
C GLY B 54 -36.62 6.17 35.94
N ALA B 55 -36.39 6.62 37.17
CA ALA B 55 -35.15 7.33 37.48
C ALA B 55 -33.93 6.43 37.36
N ALA B 56 -34.10 5.18 37.78
CA ALA B 56 -33.03 4.19 37.72
C ALA B 56 -32.69 3.91 36.26
N VAL B 57 -33.72 3.74 35.42
CA VAL B 57 -33.51 3.52 34.00
C VAL B 57 -32.75 4.74 33.37
N ALA B 58 -33.22 5.95 33.67
CA ALA B 58 -32.58 7.18 33.21
C ALA B 58 -31.10 7.27 33.66
N ALA B 59 -30.87 6.99 34.94
CA ALA B 59 -29.56 7.10 35.54
C ALA B 59 -28.57 6.13 34.91
N GLU B 60 -28.97 4.86 34.85
CA GLU B 60 -28.02 3.80 34.49
C GLU B 60 -27.91 3.61 32.98
N SER B 61 -28.65 4.42 32.23
CA SER B 61 -28.43 4.54 30.80
C SER B 61 -27.74 5.85 30.41
N SER B 62 -27.25 6.60 31.40
CA SER B 62 -26.63 7.90 31.14
C SER B 62 -25.40 8.19 31.95
N THR B 63 -25.55 8.65 33.20
CA THR B 63 -24.37 9.07 34.01
C THR B 63 -24.23 8.40 35.38
N GLY B 64 -25.21 7.62 35.80
CA GLY B 64 -25.24 7.23 37.20
C GLY B 64 -24.96 5.78 37.48
N THR B 65 -24.55 5.53 38.71
CA THR B 65 -24.45 4.16 39.18
C THR B 65 -25.15 4.03 40.56
N TRP B 66 -24.93 2.92 41.25
CA TRP B 66 -25.77 2.49 42.38
C TRP B 66 -25.48 3.23 43.71
N THR B 67 -24.35 3.92 43.78
CA THR B 67 -23.99 4.69 44.95
C THR B 67 -23.40 6.01 44.49
N THR B 68 -23.36 7.00 45.38
CA THR B 68 -22.87 8.34 45.00
C THR B 68 -21.37 8.38 44.77
N VAL B 69 -20.95 8.98 43.65
CA VAL B 69 -19.52 9.06 43.36
C VAL B 69 -19.00 10.51 43.43
N TRP B 70 -17.80 10.69 43.93
CA TRP B 70 -17.27 12.04 44.17
C TRP B 70 -16.92 12.79 42.88
N THR B 71 -16.63 12.01 41.82
CA THR B 71 -16.26 12.58 40.53
C THR B 71 -17.34 13.42 39.84
N ASP B 72 -18.62 13.23 40.21
CA ASP B 72 -19.69 14.06 39.67
C ASP B 72 -19.34 15.53 39.81
N GLY B 73 -18.70 15.85 40.94
CA GLY B 73 -18.35 17.23 41.25
C GLY B 73 -17.38 17.90 40.29
N LEU B 74 -16.59 17.10 39.56
CA LEU B 74 -15.60 17.64 38.62
C LEU B 74 -16.26 18.11 37.32
N THR B 75 -17.47 17.65 37.06
CA THR B 75 -18.19 17.96 35.84
C THR B 75 -19.54 18.57 36.24
N SER B 76 -20.49 18.62 35.30
CA SER B 76 -21.82 19.16 35.57
C SER B 76 -22.87 18.09 35.25
N LEU B 77 -23.34 17.39 36.28
CA LEU B 77 -24.36 16.38 36.11
C LEU B 77 -25.62 16.96 35.42
N ASP B 78 -25.98 18.20 35.76
CA ASP B 78 -27.15 18.84 35.16
C ASP B 78 -27.05 18.81 33.63
N ARG B 79 -25.84 19.06 33.14
CA ARG B 79 -25.59 19.14 31.72
C ARG B 79 -25.66 17.78 31.04
N TYR B 80 -25.24 16.72 31.74
CA TYR B 80 -25.08 15.42 31.10
C TYR B 80 -26.15 14.40 31.44
N LYS B 81 -26.75 14.47 32.62
CA LYS B 81 -27.66 13.40 33.06
C LYS B 81 -28.85 13.11 32.12
N GLY B 82 -29.19 11.82 32.03
CA GLY B 82 -30.44 11.44 31.42
C GLY B 82 -31.54 11.80 32.42
N ARG B 83 -32.73 12.13 31.92
CA ARG B 83 -33.80 12.62 32.76
C ARG B 83 -35.10 11.92 32.46
N CYS B 84 -35.64 11.20 33.44
CA CYS B 84 -37.02 10.74 33.33
C CYS B 84 -37.91 11.97 33.58
N TYR B 85 -38.55 12.46 32.52
CA TYR B 85 -39.32 13.70 32.59
C TYR B 85 -40.85 13.52 32.62
N ASP B 86 -41.31 12.29 32.41
CA ASP B 86 -42.73 12.00 32.42
C ASP B 86 -42.98 10.50 32.57
N ILE B 87 -44.01 10.16 33.32
CA ILE B 87 -44.43 8.76 33.48
C ILE B 87 -45.93 8.69 33.32
N GLU B 88 -46.42 7.88 32.38
CA GLU B 88 -47.86 7.66 32.25
C GLU B 88 -48.20 6.20 32.52
N PRO B 89 -49.25 5.93 33.30
CA PRO B 89 -49.75 4.55 33.45
C PRO B 89 -50.26 4.03 32.10
N VAL B 90 -50.18 2.73 31.89
CA VAL B 90 -50.63 2.11 30.65
C VAL B 90 -52.07 1.65 30.87
N PRO B 91 -52.98 2.08 30.01
CA PRO B 91 -54.40 1.67 30.07
C PRO B 91 -54.54 0.14 30.00
N GLY B 92 -55.23 -0.41 30.99
CA GLY B 92 -55.51 -1.84 30.99
C GLY B 92 -54.42 -2.66 31.67
N GLU B 93 -53.50 -1.95 32.32
CA GLU B 93 -52.41 -2.60 33.06
C GLU B 93 -52.28 -1.99 34.44
N ASP B 94 -52.14 -2.84 35.45
CA ASP B 94 -51.98 -2.36 36.83
C ASP B 94 -50.52 -2.06 37.20
N ASN B 95 -49.57 -2.67 36.48
CA ASN B 95 -48.16 -2.51 36.81
C ASN B 95 -47.24 -2.20 35.59
N GLN B 96 -47.81 -1.56 34.57
CA GLN B 96 -47.02 -1.10 33.44
C GLN B 96 -47.12 0.42 33.32
N TYR B 97 -45.98 1.04 33.05
CA TYR B 97 -45.92 2.47 32.86
C TYR B 97 -45.08 2.79 31.65
N ILE B 98 -45.39 3.89 30.96
CA ILE B 98 -44.48 4.43 29.95
C ILE B 98 -43.66 5.49 30.63
N ALA B 99 -42.36 5.23 30.78
CA ALA B 99 -41.43 6.22 31.31
C ALA B 99 -40.70 6.90 30.14
N TYR B 100 -40.74 8.23 30.14
CA TYR B 100 -40.11 9.04 29.10
C TYR B 100 -38.80 9.59 29.61
N VAL B 101 -37.73 9.33 28.86
CA VAL B 101 -36.38 9.74 29.23
C VAL B 101 -35.77 10.61 28.15
N ALA B 102 -35.18 11.72 28.57
CA ALA B 102 -34.48 12.63 27.67
C ALA B 102 -32.98 12.50 27.89
N TYR B 103 -32.24 12.38 26.78
CA TYR B 103 -30.78 12.28 26.79
C TYR B 103 -30.15 13.47 26.04
N ILE B 105 -27.75 15.56 23.73
CA ILE B 105 -27.04 15.12 22.52
C ILE B 105 -25.54 14.81 22.76
N ASP B 106 -24.93 15.49 23.72
CA ASP B 106 -23.51 15.29 24.07
C ASP B 106 -23.18 13.89 24.54
N LEU B 107 -24.19 13.12 24.93
CA LEU B 107 -23.98 11.76 25.39
C LEU B 107 -23.59 10.77 24.27
N PHE B 108 -23.87 11.14 23.03
CA PHE B 108 -23.78 10.19 21.95
C PHE B 108 -22.62 10.41 21.00
N GLU B 109 -21.98 9.31 20.60
CA GLU B 109 -21.00 9.41 19.52
C GLU B 109 -21.68 9.68 18.19
N GLU B 110 -21.19 10.68 17.46
CA GLU B 110 -21.73 11.08 16.16
C GLU B 110 -21.68 9.91 15.18
N GLY B 111 -22.77 9.63 14.47
CA GLY B 111 -22.81 8.61 13.44
C GLY B 111 -22.76 7.14 13.91
N SER B 112 -22.93 6.92 15.21
CA SER B 112 -22.76 5.57 15.78
C SER B 112 -24.05 5.03 16.41
N VAL B 113 -24.75 4.16 15.68
CA VAL B 113 -25.96 3.51 16.19
C VAL B 113 -25.54 2.60 17.34
N THR B 114 -24.40 1.93 17.15
CA THR B 114 -23.82 1.11 18.21
C THR B 114 -23.72 1.85 19.56
N ASN B 115 -23.17 3.07 19.55
CA ASN B 115 -23.10 3.87 20.77
C ASN B 115 -24.47 4.28 21.36
N MET B 116 -25.41 4.69 20.51
CA MET B 116 -26.74 5.07 20.98
C MET B 116 -27.42 3.88 21.70
N PHE B 117 -27.39 2.69 21.09
CA PHE B 117 -27.97 1.48 21.70
C PHE B 117 -27.28 1.12 23.00
N THR B 118 -25.95 1.27 23.03
CA THR B 118 -25.17 0.93 24.20
C THR B 118 -25.61 1.72 25.44
N SER B 119 -25.83 3.03 25.30
CA SER B 119 -26.39 3.80 26.39
C SER B 119 -27.83 3.36 26.70
N ILE B 120 -28.70 3.42 25.70
CA ILE B 120 -30.14 3.39 25.94
C ILE B 120 -30.64 2.00 26.32
N VAL B 121 -30.02 0.96 25.76
CA VAL B 121 -30.45 -0.42 26.01
C VAL B 121 -29.31 -1.31 26.55
N GLY B 122 -28.21 -0.71 26.97
CA GLY B 122 -27.04 -1.47 27.34
C GLY B 122 -27.17 -2.33 28.58
N ASN B 123 -27.52 -1.70 29.71
CA ASN B 123 -27.57 -2.39 30.99
C ASN B 123 -28.96 -2.46 31.64
N VAL B 124 -29.82 -1.48 31.36
CA VAL B 124 -31.02 -1.26 32.17
C VAL B 124 -32.06 -2.39 32.13
N PHE B 125 -32.05 -3.20 31.08
CA PHE B 125 -33.02 -4.27 30.94
C PHE B 125 -32.77 -5.42 31.91
N GLY B 126 -31.60 -5.44 32.55
CA GLY B 126 -31.23 -6.51 33.45
C GLY B 126 -31.28 -6.15 34.93
N PHE B 127 -31.74 -4.95 35.25
CA PHE B 127 -31.85 -4.50 36.62
C PHE B 127 -32.86 -5.35 37.43
N LYS B 128 -32.44 -5.80 38.60
CA LYS B 128 -33.28 -6.63 39.46
C LYS B 128 -34.55 -5.89 39.83
N ALA B 129 -34.45 -4.57 39.97
CA ALA B 129 -35.55 -3.72 40.42
C ALA B 129 -36.73 -3.66 39.44
N LEU B 130 -36.52 -4.10 38.21
CA LEU B 130 -37.66 -4.20 37.29
C LEU B 130 -37.86 -5.63 36.81
N ARG B 131 -39.10 -5.94 36.41
CA ARG B 131 -39.51 -7.28 36.01
C ARG B 131 -39.50 -7.40 34.50
N ALA B 132 -39.70 -6.27 33.83
CA ALA B 132 -39.72 -6.25 32.37
C ALA B 132 -39.51 -4.84 31.89
N LEU B 133 -38.91 -4.72 30.72
CA LEU B 133 -38.63 -3.42 30.12
C LEU B 133 -38.69 -3.57 28.61
N ARG B 134 -39.39 -2.66 27.95
CA ARG B 134 -39.45 -2.64 26.49
C ARG B 134 -39.27 -1.23 25.98
N LEU B 135 -38.30 -1.05 25.09
CA LEU B 135 -38.14 0.24 24.43
C LEU B 135 -39.13 0.30 23.27
N GLU B 136 -40.07 1.23 23.38
CA GLU B 136 -41.11 1.38 22.37
C GLU B 136 -40.77 2.30 21.23
N ASP B 137 -40.05 3.40 21.52
CA ASP B 137 -39.80 4.43 20.52
C ASP B 137 -38.62 5.29 20.93
N LEU B 138 -38.01 5.92 19.94
CA LEU B 138 -36.95 6.91 20.15
C LEU B 138 -37.22 8.13 19.31
N ARG B 139 -37.03 9.30 19.88
CA ARG B 139 -37.07 10.53 19.10
C ARG B 139 -35.63 10.88 18.71
N ILE B 140 -35.27 10.63 17.46
CA ILE B 140 -33.94 11.03 16.97
C ILE B 140 -34.03 12.46 16.44
N PRO B 141 -33.38 13.41 17.10
CA PRO B 141 -33.48 14.82 16.71
C PRO B 141 -32.66 15.10 15.44
N PRO B 142 -33.10 16.05 14.61
CA PRO B 142 -32.34 16.39 13.40
C PRO B 142 -30.84 16.63 13.63
N ALA B 143 -30.47 17.30 14.72
CA ALA B 143 -29.05 17.54 14.99
C ALA B 143 -28.27 16.23 15.13
N TYR B 144 -28.91 15.16 15.62
CA TYR B 144 -28.23 13.88 15.69
C TYR B 144 -28.30 13.09 14.38
N VAL B 145 -29.46 13.13 13.74
CA VAL B 145 -29.66 12.49 12.43
C VAL B 145 -28.60 12.98 11.43
N LYS B 146 -28.27 14.27 11.50
CA LYS B 146 -27.33 14.87 10.55
C LYS B 146 -25.92 14.34 10.68
N THR B 147 -25.60 13.66 11.79
CA THR B 147 -24.27 13.06 11.97
C THR B 147 -24.11 11.69 11.29
N PHE B 148 -25.18 11.20 10.66
CA PHE B 148 -25.13 9.88 10.04
C PHE B 148 -25.08 9.98 8.54
N VAL B 149 -24.30 9.11 7.89
CA VAL B 149 -24.31 9.02 6.44
C VAL B 149 -25.71 8.56 6.00
N GLY B 150 -26.25 7.56 6.70
CA GLY B 150 -27.58 7.09 6.38
C GLY B 150 -27.57 6.11 5.22
N PRO B 152 -27.36 4.21 1.72
CA PRO B 152 -26.46 4.45 0.59
C PRO B 152 -27.17 5.22 -0.53
N HIS B 153 -28.45 4.93 -0.78
CA HIS B 153 -29.21 5.60 -1.84
C HIS B 153 -30.60 6.08 -1.43
N GLY B 154 -31.42 5.20 -0.88
CA GLY B 154 -32.79 5.55 -0.56
C GLY B 154 -33.73 5.34 -1.76
N ILE B 155 -35.03 5.40 -1.49
CA ILE B 155 -36.09 5.02 -2.43
C ILE B 155 -36.03 5.71 -3.82
N GLN B 156 -36.00 7.04 -3.81
CA GLN B 156 -36.01 7.79 -5.06
C GLN B 156 -34.77 7.43 -5.88
N VAL B 157 -33.60 7.49 -5.29
CA VAL B 157 -32.37 7.23 -6.01
C VAL B 157 -32.36 5.81 -6.52
N GLU B 158 -32.81 4.88 -5.68
CA GLU B 158 -32.89 3.49 -6.13
C GLU B 158 -33.75 3.31 -7.40
N ARG B 159 -34.94 3.89 -7.40
CA ARG B 159 -35.81 3.79 -8.58
C ARG B 159 -35.13 4.41 -9.80
N ASP B 160 -34.42 5.51 -9.59
CA ASP B 160 -33.68 6.13 -10.69
C ASP B 160 -32.56 5.22 -11.20
N LYS B 161 -31.88 4.54 -10.30
CA LYS B 161 -30.77 3.64 -10.64
C LYS B 161 -31.26 2.37 -11.33
N LEU B 162 -32.46 1.91 -10.98
CA LEU B 162 -33.03 0.71 -11.58
C LEU B 162 -33.84 1.08 -12.84
N ASN B 163 -34.17 2.35 -12.99
CA ASN B 163 -35.07 2.83 -14.04
C ASN B 163 -36.45 2.15 -13.96
N LYS B 164 -36.96 1.98 -12.73
CA LYS B 164 -38.23 1.30 -12.47
C LYS B 164 -39.23 2.19 -11.76
N TYR B 165 -40.37 2.39 -12.38
CA TYR B 165 -41.39 3.28 -11.88
C TYR B 165 -42.80 2.75 -12.07
N GLY B 166 -43.68 3.12 -11.15
CA GLY B 166 -45.10 3.01 -11.35
C GLY B 166 -45.73 1.79 -10.75
N ARG B 167 -44.95 0.98 -10.02
CA ARG B 167 -45.46 -0.23 -9.39
C ARG B 167 -44.50 -0.72 -8.32
N GLY B 168 -44.99 -1.59 -7.47
CA GLY B 168 -44.11 -2.28 -6.53
C GLY B 168 -43.07 -3.10 -7.25
N LEU B 169 -41.93 -3.30 -6.59
CA LEU B 169 -40.90 -4.17 -7.14
C LEU B 169 -41.19 -5.58 -6.69
N LEU B 170 -40.74 -6.56 -7.48
CA LEU B 170 -40.98 -7.97 -7.18
C LEU B 170 -39.69 -8.75 -6.96
N GLY B 171 -39.65 -9.52 -5.89
CA GLY B 171 -38.48 -10.30 -5.56
C GLY B 171 -38.85 -11.69 -5.13
N CYS B 172 -37.85 -12.45 -4.72
CA CYS B 172 -38.01 -13.88 -4.50
C CYS B 172 -36.76 -14.48 -3.84
N THR B 173 -36.93 -15.11 -2.67
CA THR B 173 -35.84 -15.87 -2.08
C THR B 173 -35.76 -17.24 -2.73
N ILE B 174 -34.57 -17.61 -3.20
CA ILE B 174 -34.31 -18.94 -3.71
C ILE B 174 -34.49 -20.00 -2.59
N LYS B 175 -35.06 -21.14 -2.94
CA LYS B 175 -35.29 -22.26 -2.02
C LYS B 175 -34.84 -23.58 -2.68
N PRO B 176 -34.53 -24.64 -1.92
CA PRO B 176 -34.50 -24.66 -0.45
C PRO B 176 -33.51 -23.64 0.14
N LYS B 177 -33.72 -23.28 1.40
CA LYS B 177 -32.89 -22.24 2.06
C LYS B 177 -31.42 -22.56 1.87
N LEU B 178 -31.03 -23.76 2.29
CA LEU B 178 -29.67 -24.25 2.17
C LEU B 178 -29.65 -25.59 1.41
N GLY B 179 -28.50 -25.97 0.85
CA GLY B 179 -28.37 -27.26 0.19
C GLY B 179 -28.22 -27.26 -1.32
N LEU B 180 -28.42 -26.11 -1.95
CA LEU B 180 -28.23 -26.01 -3.40
C LEU B 180 -26.80 -25.64 -3.74
N SER B 181 -26.29 -26.24 -4.84
CA SER B 181 -24.99 -25.87 -5.39
C SER B 181 -25.05 -24.48 -6.04
N ALA B 182 -23.88 -23.87 -6.26
CA ALA B 182 -23.79 -22.59 -6.97
C ALA B 182 -24.43 -22.63 -8.34
N LYS B 183 -24.14 -23.68 -9.11
CA LYS B 183 -24.69 -23.79 -10.45
C LYS B 183 -26.23 -23.86 -10.39
N ASN B 184 -26.78 -24.67 -9.48
CA ASN B 184 -28.23 -24.76 -9.35
C ASN B 184 -28.83 -23.47 -8.85
N TYR B 185 -28.07 -22.74 -8.02
CA TYR B 185 -28.53 -21.44 -7.54
C TYR B 185 -28.74 -20.48 -8.70
N GLY B 186 -27.75 -20.41 -9.59
CA GLY B 186 -27.82 -19.58 -10.77
C GLY B 186 -28.90 -20.02 -11.76
N ARG B 187 -29.03 -21.33 -11.93
CA ARG B 187 -30.13 -21.91 -12.69
C ARG B 187 -31.52 -21.41 -12.22
N ALA B 188 -31.79 -21.57 -10.93
CA ALA B 188 -33.03 -21.13 -10.33
C ALA B 188 -33.22 -19.63 -10.49
N VAL B 189 -32.13 -18.87 -10.34
CA VAL B 189 -32.16 -17.42 -10.44
C VAL B 189 -32.57 -16.97 -11.83
N TYR B 190 -31.94 -17.56 -12.85
CA TYR B 190 -32.25 -17.20 -14.22
C TYR B 190 -33.72 -17.47 -14.55
N GLU B 191 -34.20 -18.67 -14.23
CA GLU B 191 -35.57 -19.06 -14.48
C GLU B 191 -36.58 -18.12 -13.76
N CYS B 192 -36.26 -17.72 -12.52
CA CYS B 192 -37.08 -16.78 -11.76
C CYS B 192 -37.13 -15.39 -12.44
N LEU B 193 -35.95 -14.84 -12.71
CA LEU B 193 -35.85 -13.48 -13.24
C LEU B 193 -36.48 -13.37 -14.61
N ARG B 194 -36.28 -14.40 -15.44
CA ARG B 194 -36.77 -14.35 -16.83
C ARG B 194 -38.30 -14.30 -16.94
N GLY B 195 -38.99 -14.69 -15.88
CA GLY B 195 -40.44 -14.75 -15.89
C GLY B 195 -41.13 -13.48 -15.47
N GLY B 196 -40.35 -12.51 -14.98
CA GLY B 196 -40.89 -11.20 -14.65
C GLY B 196 -40.62 -10.63 -13.28
N LEU B 197 -39.86 -11.35 -12.45
CA LEU B 197 -39.39 -10.80 -11.18
C LEU B 197 -38.29 -9.78 -11.44
N ASP B 198 -38.28 -8.70 -10.66
CA ASP B 198 -37.18 -7.72 -10.74
C ASP B 198 -35.93 -8.24 -10.04
N PHE B 199 -36.13 -8.98 -8.95
CA PHE B 199 -35.04 -9.41 -8.09
C PHE B 199 -35.22 -10.87 -7.68
N THR B 200 -34.11 -11.55 -7.43
CA THR B 200 -34.09 -12.70 -6.53
C THR B 200 -33.07 -12.38 -5.43
N ASP B 202 -30.20 -14.30 -2.20
CA ASP B 202 -29.73 -15.34 -1.31
C ASP B 202 -30.66 -15.39 -0.09
N ASP B 203 -30.90 -16.57 0.45
CA ASP B 203 -31.55 -16.66 1.74
C ASP B 203 -30.65 -16.01 2.80
N GLU B 204 -31.25 -15.44 3.84
CA GLU B 204 -30.48 -14.79 4.88
C GLU B 204 -29.29 -15.61 5.36
N ASN B 205 -29.49 -16.92 5.45
CA ASN B 205 -28.44 -17.81 5.97
C ASN B 205 -27.50 -18.41 4.92
N VAL B 206 -27.72 -18.07 3.66
CA VAL B 206 -26.81 -18.44 2.57
C VAL B 206 -25.65 -17.45 2.63
N ASN B 207 -24.51 -17.90 3.13
CA ASN B 207 -23.32 -17.05 3.17
C ASN B 207 -22.27 -17.76 2.34
N SER B 208 -21.46 -18.61 2.98
CA SER B 208 -20.52 -19.49 2.28
C SER B 208 -20.45 -20.79 3.08
N GLN B 209 -20.70 -21.91 2.42
CA GLN B 209 -20.84 -23.19 3.14
C GLN B 209 -20.29 -24.35 2.31
N PRO B 210 -20.05 -25.50 2.93
CA PRO B 210 -19.55 -26.69 2.19
C PRO B 210 -20.34 -27.03 0.94
N PHE B 211 -21.67 -26.90 0.96
CA PHE B 211 -22.51 -27.22 -0.24
C PHE B 211 -22.43 -26.15 -1.35
N MET B 212 -22.01 -24.94 -1.00
CA MET B 212 -21.94 -23.84 -1.98
C MET B 212 -21.06 -22.72 -1.45
N ARG B 213 -19.86 -22.56 -2.03
CA ARG B 213 -18.99 -21.48 -1.64
C ARG B 213 -19.46 -20.16 -2.26
N TRP B 214 -19.24 -19.05 -1.56
CA TRP B 214 -19.83 -17.76 -1.96
C TRP B 214 -19.34 -17.30 -3.31
N ARG B 215 -18.04 -17.37 -3.58
CA ARG B 215 -17.56 -16.82 -4.84
C ARG B 215 -18.12 -17.62 -6.06
N ASP B 216 -18.24 -18.94 -5.93
CA ASP B 216 -18.83 -19.78 -6.97
C ASP B 216 -20.24 -19.29 -7.26
N ARG B 217 -20.98 -19.01 -6.20
CA ARG B 217 -22.34 -18.53 -6.32
C ARG B 217 -22.40 -17.18 -7.02
N PHE B 218 -21.61 -16.24 -6.52
CA PHE B 218 -21.56 -14.89 -7.08
C PHE B 218 -21.40 -14.93 -8.58
N LEU B 219 -20.47 -15.76 -9.07
CA LEU B 219 -20.18 -15.83 -10.49
C LEU B 219 -21.35 -16.38 -11.30
N PHE B 220 -21.94 -17.49 -10.83
CA PHE B 220 -23.10 -18.11 -11.50
C PHE B 220 -24.32 -17.17 -11.46
N VAL B 221 -24.49 -16.48 -10.33
CA VAL B 221 -25.60 -15.55 -10.20
C VAL B 221 -25.44 -14.38 -11.18
N ALA B 222 -24.22 -13.87 -11.30
CA ALA B 222 -23.96 -12.79 -12.25
C ALA B 222 -24.30 -13.22 -13.68
N GLU B 223 -23.92 -14.44 -14.06
CA GLU B 223 -24.33 -14.97 -15.38
C GLU B 223 -25.86 -15.02 -15.52
N ALA B 224 -26.54 -15.46 -14.47
CA ALA B 224 -28.01 -15.57 -14.53
C ALA B 224 -28.71 -14.21 -14.67
N ILE B 225 -28.26 -13.22 -13.90
CA ILE B 225 -28.76 -11.85 -14.00
C ILE B 225 -28.63 -11.33 -15.43
N TYR B 226 -27.44 -11.48 -16.00
CA TYR B 226 -27.14 -10.99 -17.34
C TYR B 226 -28.03 -11.68 -18.39
N LYS B 227 -28.15 -13.01 -18.29
CA LYS B 227 -28.98 -13.75 -19.24
C LYS B 227 -30.45 -13.32 -19.15
N ALA B 228 -30.98 -13.21 -17.93
CA ALA B 228 -32.39 -12.83 -17.79
C ALA B 228 -32.64 -11.39 -18.23
N GLN B 229 -31.71 -10.49 -17.95
CA GLN B 229 -31.84 -9.11 -18.39
C GLN B 229 -31.88 -9.01 -19.90
N ALA B 230 -31.01 -9.76 -20.58
CA ALA B 230 -30.95 -9.74 -22.05
C ALA B 230 -32.22 -10.36 -22.71
N GLU B 231 -32.70 -11.44 -22.12
CA GLU B 231 -33.89 -12.12 -22.63
C GLU B 231 -35.17 -11.27 -22.48
N THR B 232 -35.32 -10.59 -21.32
CA THR B 232 -36.57 -9.88 -21.02
C THR B 232 -36.56 -8.42 -21.47
N GLY B 233 -35.38 -7.84 -21.65
CA GLY B 233 -35.28 -6.42 -21.87
C GLY B 233 -35.58 -5.55 -20.65
N GLU B 234 -35.56 -6.14 -19.45
CA GLU B 234 -35.77 -5.39 -18.20
C GLU B 234 -34.58 -5.54 -17.27
N VAL B 235 -34.29 -4.48 -16.51
CA VAL B 235 -33.19 -4.48 -15.55
C VAL B 235 -33.45 -5.50 -14.44
N LYS B 236 -32.46 -6.36 -14.19
CA LYS B 236 -32.58 -7.41 -13.19
C LYS B 236 -31.51 -7.28 -12.12
N GLY B 237 -31.76 -7.88 -10.97
CA GLY B 237 -30.75 -7.96 -9.91
C GLY B 237 -30.98 -9.18 -9.06
N HIS B 238 -30.01 -9.49 -8.21
CA HIS B 238 -30.14 -10.54 -7.22
C HIS B 238 -29.30 -10.10 -6.04
N TYR B 239 -29.88 -10.10 -4.83
CA TYR B 239 -29.16 -9.60 -3.67
C TYR B 239 -28.16 -10.65 -3.20
N LEU B 240 -26.89 -10.44 -3.56
CA LEU B 240 -25.82 -11.35 -3.15
C LEU B 240 -25.44 -11.04 -1.68
N ASN B 241 -25.41 -12.08 -0.85
CA ASN B 241 -25.25 -11.91 0.57
C ASN B 241 -23.81 -11.63 0.96
N ALA B 242 -23.58 -10.48 1.59
CA ALA B 242 -22.24 -10.12 2.06
C ALA B 242 -22.06 -10.48 3.54
N THR B 243 -23.14 -10.90 4.19
CA THR B 243 -23.08 -11.35 5.58
C THR B 243 -21.96 -12.35 5.75
N ALA B 244 -21.12 -12.14 6.76
CA ALA B 244 -19.92 -12.97 6.95
C ALA B 244 -19.51 -12.99 8.43
N GLY B 245 -18.53 -13.85 8.75
CA GLY B 245 -18.02 -13.98 10.10
C GLY B 245 -17.14 -12.85 10.59
N THR B 246 -16.51 -12.12 9.67
CA THR B 246 -15.62 -10.99 10.02
C THR B 246 -15.84 -9.85 9.05
N CYS B 247 -15.45 -8.64 9.45
CA CYS B 247 -15.56 -7.47 8.56
C CYS B 247 -14.78 -7.65 7.28
N GLU B 248 -13.62 -8.30 7.38
CA GLU B 248 -12.75 -8.47 6.24
C GLU B 248 -13.38 -9.39 5.19
N GLU B 249 -14.06 -10.45 5.64
CA GLU B 249 -14.75 -11.35 4.73
C GLU B 249 -15.95 -10.64 4.12
N MET B 250 -16.69 -9.90 4.95
CA MET B 250 -17.85 -9.13 4.48
C MET B 250 -17.44 -8.19 3.35
N MET B 251 -16.37 -7.44 3.57
CA MET B 251 -15.85 -6.50 2.57
C MET B 251 -15.37 -7.19 1.30
N LYS B 252 -14.70 -8.34 1.46
CA LYS B 252 -14.25 -9.13 0.31
C LYS B 252 -15.42 -9.46 -0.62
N ARG B 253 -16.52 -9.90 -0.01
CA ARG B 253 -17.74 -10.24 -0.75
C ARG B 253 -18.36 -9.04 -1.47
N ALA B 254 -18.44 -7.90 -0.77
CA ALA B 254 -18.98 -6.67 -1.37
C ALA B 254 -18.11 -6.19 -2.55
N VAL B 255 -16.80 -6.21 -2.35
CA VAL B 255 -15.83 -5.91 -3.41
C VAL B 255 -16.02 -6.82 -4.65
N ALA B 257 -18.82 -8.47 -5.59
CA ALA B 257 -20.08 -8.05 -6.20
C ALA B 257 -19.90 -6.80 -7.04
N LYS B 258 -19.20 -5.80 -6.51
CA LYS B 258 -18.89 -4.60 -7.25
C LYS B 258 -18.11 -4.88 -8.54
N GLU B 259 -17.05 -5.69 -8.45
CA GLU B 259 -16.26 -6.09 -9.61
C GLU B 259 -17.12 -6.76 -10.68
N LEU B 260 -18.06 -7.60 -10.27
CA LEU B 260 -18.95 -8.25 -11.21
C LEU B 260 -19.99 -7.31 -11.85
N GLY B 261 -20.16 -6.11 -11.28
CA GLY B 261 -21.14 -5.16 -11.82
C GLY B 261 -22.58 -5.47 -11.45
N VAL B 262 -22.81 -6.35 -10.47
CA VAL B 262 -24.17 -6.61 -10.00
C VAL B 262 -24.69 -5.38 -9.22
N PRO B 263 -25.94 -4.99 -9.44
CA PRO B 263 -26.44 -3.72 -8.88
C PRO B 263 -26.78 -3.75 -7.40
N ILE B 264 -26.91 -4.93 -6.79
CA ILE B 264 -27.40 -4.96 -5.41
C ILE B 264 -26.83 -6.11 -4.60
N ILE B 265 -26.52 -5.84 -3.31
CA ILE B 265 -26.12 -6.86 -2.35
C ILE B 265 -27.03 -6.83 -1.14
N MET B 266 -26.89 -7.80 -0.24
CA MET B 266 -27.65 -7.80 1.01
C MET B 266 -26.76 -8.01 2.25
N HIS B 267 -27.31 -7.68 3.42
CA HIS B 267 -26.63 -7.83 4.70
C HIS B 267 -27.66 -8.11 5.80
N ASP B 268 -27.30 -9.01 6.71
CA ASP B 268 -28.17 -9.28 7.86
C ASP B 268 -27.71 -8.40 9.01
N TYR B 269 -28.37 -7.26 9.19
CA TYR B 269 -27.78 -6.24 10.05
C TYR B 269 -27.68 -6.55 11.51
N LEU B 270 -28.61 -7.37 12.02
CA LEU B 270 -28.60 -7.70 13.43
C LEU B 270 -27.66 -8.86 13.76
N THR B 271 -27.62 -9.87 12.91
CA THR B 271 -26.67 -10.96 13.15
C THR B 271 -25.26 -10.59 12.76
N GLY B 272 -25.11 -9.72 11.75
CA GLY B 272 -23.81 -9.15 11.42
C GLY B 272 -23.44 -8.12 12.46
N GLY B 273 -24.38 -7.21 12.74
CA GLY B 273 -24.18 -6.20 13.75
C GLY B 273 -24.07 -4.79 13.17
N PHE B 274 -24.37 -3.80 14.00
CA PHE B 274 -24.44 -2.41 13.58
C PHE B 274 -23.11 -1.88 13.10
N THR B 275 -22.03 -2.31 13.74
CA THR B 275 -20.68 -1.82 13.40
C THR B 275 -20.32 -2.26 11.98
N ALA B 276 -20.52 -3.55 11.68
CA ALA B 276 -20.30 -4.06 10.33
C ALA B 276 -21.27 -3.41 9.35
N ASN B 277 -22.53 -3.28 9.76
CA ASN B 277 -23.52 -2.79 8.83
C ASN B 277 -23.23 -1.36 8.37
N THR B 278 -22.85 -0.51 9.30
CA THR B 278 -22.53 0.87 8.96
C THR B 278 -21.34 0.95 8.02
N SER B 279 -20.30 0.14 8.28
CA SER B 279 -19.16 0.05 7.35
C SER B 279 -19.63 -0.32 5.96
N LEU B 280 -20.49 -1.33 5.87
CA LEU B 280 -20.95 -1.84 4.58
C LEU B 280 -21.81 -0.80 3.83
N ALA B 281 -22.70 -0.11 4.58
CA ALA B 281 -23.50 0.97 4.01
C ALA B 281 -22.65 2.09 3.42
N ILE B 282 -21.60 2.49 4.14
CA ILE B 282 -20.62 3.47 3.64
C ILE B 282 -19.93 2.97 2.36
N TYR B 283 -19.54 1.69 2.35
CA TYR B 283 -18.90 1.12 1.16
C TYR B 283 -19.89 1.21 -0.02
N CYS B 284 -21.14 0.91 0.24
CA CYS B 284 -22.17 0.89 -0.81
C CYS B 284 -22.43 2.28 -1.37
N ARG B 285 -22.47 3.28 -0.49
CA ARG B 285 -22.52 4.69 -0.89
C ARG B 285 -21.33 5.07 -1.76
N ASP B 286 -20.15 4.64 -1.36
CA ASP B 286 -18.91 5.00 -2.06
C ASP B 286 -18.78 4.29 -3.39
N ASN B 287 -19.55 3.22 -3.59
CA ASN B 287 -19.41 2.42 -4.81
C ASN B 287 -20.68 2.21 -5.61
N GLY B 288 -21.75 2.90 -5.22
CA GLY B 288 -23.00 2.87 -5.97
C GLY B 288 -23.73 1.55 -5.92
N LEU B 289 -23.47 0.76 -4.88
CA LEU B 289 -24.13 -0.53 -4.70
C LEU B 289 -25.42 -0.34 -3.93
N LEU B 290 -26.51 -0.93 -4.42
CA LEU B 290 -27.74 -0.93 -3.64
C LEU B 290 -27.58 -1.95 -2.51
N LEU B 291 -28.21 -1.66 -1.37
CA LEU B 291 -28.03 -2.48 -0.19
C LEU B 291 -29.36 -2.94 0.42
N HIS B 292 -29.62 -4.24 0.27
CA HIS B 292 -30.84 -4.81 0.81
C HIS B 292 -30.60 -5.30 2.25
N ILE B 293 -31.42 -4.86 3.19
CA ILE B 293 -31.22 -5.29 4.56
C ILE B 293 -32.21 -6.33 5.02
N HIS B 294 -31.69 -7.47 5.44
CA HIS B 294 -32.49 -8.52 6.09
C HIS B 294 -32.46 -8.38 7.62
N ARG B 295 -33.63 -8.52 8.27
CA ARG B 295 -33.72 -8.29 9.70
C ARG B 295 -33.67 -9.55 10.56
N ALA B 296 -33.02 -10.61 10.07
CA ALA B 296 -32.79 -11.81 10.86
C ALA B 296 -32.48 -11.51 12.32
N MET B 297 -33.13 -12.26 13.22
CA MET B 297 -32.98 -12.14 14.67
C MET B 297 -33.92 -11.10 15.31
N HIS B 298 -34.54 -10.23 14.52
CA HIS B 298 -35.32 -9.10 15.09
C HIS B 298 -36.40 -9.61 16.04
N ALA B 299 -37.06 -10.72 15.69
CA ALA B 299 -38.18 -11.24 16.49
C ALA B 299 -37.75 -11.79 17.86
N VAL B 300 -36.47 -12.15 17.98
CA VAL B 300 -35.87 -12.51 19.29
C VAL B 300 -36.01 -11.32 20.27
N ILE B 301 -35.93 -10.12 19.71
CA ILE B 301 -35.92 -8.87 20.45
C ILE B 301 -37.32 -8.22 20.49
N ASP B 302 -38.07 -8.32 19.39
CA ASP B 302 -39.22 -7.43 19.23
C ASP B 302 -40.63 -8.05 19.28
N ARG B 303 -40.70 -9.35 19.50
CA ARG B 303 -41.98 -10.07 19.47
C ARG B 303 -42.90 -9.75 20.68
N GLN B 304 -42.33 -9.75 21.89
CA GLN B 304 -43.17 -9.66 23.08
C GLN B 304 -43.50 -8.23 23.47
N ARG B 305 -44.74 -8.05 23.87
CA ARG B 305 -45.27 -6.76 24.27
C ARG B 305 -44.59 -6.18 25.52
N ASN B 306 -44.20 -7.04 26.45
CA ASN B 306 -43.73 -6.60 27.76
C ASN B 306 -42.23 -6.35 27.86
N HIS B 307 -41.47 -6.93 26.94
CA HIS B 307 -40.01 -6.88 27.08
C HIS B 307 -39.32 -6.93 25.75
N GLY B 308 -38.30 -6.07 25.58
CA GLY B 308 -37.44 -6.06 24.40
C GLY B 308 -37.33 -4.68 23.80
N ILE B 309 -37.27 -4.62 22.46
CA ILE B 309 -37.26 -3.37 21.72
C ILE B 309 -38.26 -3.52 20.57
N HIS B 310 -39.20 -2.61 20.45
CA HIS B 310 -40.14 -2.68 19.32
C HIS B 310 -39.43 -2.57 17.96
N PHE B 311 -39.96 -3.25 16.94
CA PHE B 311 -39.32 -3.21 15.64
C PHE B 311 -39.16 -1.79 15.09
N ARG B 312 -40.08 -0.89 15.41
CA ARG B 312 -39.98 0.45 14.90
C ARG B 312 -38.68 1.13 15.30
N VAL B 313 -38.16 0.78 16.48
CA VAL B 313 -36.87 1.33 16.94
C VAL B 313 -35.72 0.67 16.16
N LEU B 314 -35.79 -0.64 15.99
CA LEU B 314 -34.83 -1.36 15.17
C LEU B 314 -34.82 -0.84 13.73
N ALA B 315 -35.99 -0.41 13.24
CA ALA B 315 -36.10 0.12 11.88
C ALA B 315 -35.50 1.52 11.80
N LYS B 316 -35.76 2.36 12.81
CA LYS B 316 -35.11 3.68 12.86
C LYS B 316 -33.57 3.53 12.91
N ALA B 317 -33.10 2.59 13.71
CA ALA B 317 -31.69 2.32 13.87
C ALA B 317 -31.07 1.89 12.54
N LEU B 318 -31.77 1.03 11.81
CA LEU B 318 -31.28 0.61 10.52
C LEU B 318 -31.24 1.77 9.56
N ARG B 319 -32.25 2.65 9.62
CA ARG B 319 -32.30 3.78 8.72
C ARG B 319 -31.05 4.63 8.95
N MET B 320 -30.70 4.84 10.22
CA MET B 320 -29.50 5.61 10.58
C MET B 320 -28.19 4.90 10.19
N SER B 321 -28.08 3.61 10.50
CA SER B 321 -26.89 2.83 10.16
C SER B 321 -26.71 2.76 8.64
N GLY B 322 -27.82 2.50 7.95
CA GLY B 322 -27.82 2.55 6.50
C GLY B 322 -28.36 1.31 5.87
N GLY B 323 -29.39 1.49 5.03
CA GLY B 323 -29.88 0.44 4.13
C GLY B 323 -30.85 0.97 3.09
N ASP B 324 -30.82 0.40 1.89
CA ASP B 324 -31.75 0.82 0.84
C ASP B 324 -33.11 0.14 0.95
N HIS B 325 -33.11 -1.11 1.42
CA HIS B 325 -34.31 -1.91 1.64
C HIS B 325 -34.24 -2.37 3.08
N LEU B 326 -35.41 -2.63 3.68
CA LEU B 326 -35.47 -3.29 4.97
C LEU B 326 -36.77 -4.06 5.01
N HIS B 327 -36.71 -5.33 5.40
CA HIS B 327 -37.94 -6.13 5.55
C HIS B 327 -38.87 -5.51 6.59
N SER B 328 -40.16 -5.48 6.25
CA SER B 328 -41.17 -4.74 7.00
C SER B 328 -42.28 -5.66 7.51
N GLY B 329 -42.23 -6.93 7.13
CA GLY B 329 -43.32 -7.85 7.40
C GLY B 329 -44.33 -7.76 6.28
N THR B 330 -45.31 -8.65 6.28
CA THR B 330 -46.36 -8.70 5.24
C THR B 330 -47.75 -8.42 5.77
N VAL B 331 -47.92 -8.48 7.09
CA VAL B 331 -49.24 -8.45 7.74
C VAL B 331 -50.03 -9.76 7.52
N VAL B 332 -50.18 -10.16 6.25
CA VAL B 332 -51.04 -11.28 5.88
C VAL B 332 -50.29 -12.63 5.71
N GLY B 333 -48.96 -12.62 5.73
CA GLY B 333 -48.13 -13.81 5.51
C GLY B 333 -47.87 -14.68 6.74
N LYS B 334 -46.80 -15.47 6.71
CA LYS B 334 -46.50 -16.47 7.74
C LYS B 334 -45.87 -15.93 9.02
N LEU B 335 -45.35 -14.70 8.96
CA LEU B 335 -44.71 -14.10 10.11
C LEU B 335 -45.56 -12.95 10.62
N GLU B 336 -45.44 -12.67 11.93
CA GLU B 336 -46.33 -11.71 12.56
C GLU B 336 -46.03 -10.24 12.17
N GLY B 337 -47.11 -9.45 12.09
CA GLY B 337 -47.01 -8.00 11.95
C GLY B 337 -48.39 -7.41 11.81
N GLU B 338 -48.90 -6.84 12.90
CA GLU B 338 -50.23 -6.28 12.91
C GLU B 338 -50.33 -5.05 11.98
N ARG B 339 -51.48 -4.88 11.33
CA ARG B 339 -51.68 -3.83 10.34
C ARG B 339 -51.27 -2.41 10.78
N GLU B 340 -51.85 -1.91 11.88
CA GLU B 340 -51.63 -0.53 12.32
C GLU B 340 -50.17 -0.30 12.78
N VAL B 341 -49.64 -1.27 13.52
CA VAL B 341 -48.24 -1.27 13.92
C VAL B 341 -47.34 -1.13 12.68
N THR B 342 -47.64 -1.94 11.66
CA THR B 342 -46.84 -2.01 10.45
C THR B 342 -46.92 -0.70 9.64
N LEU B 343 -48.12 -0.17 9.46
CA LEU B 343 -48.31 1.07 8.73
C LEU B 343 -47.54 2.21 9.40
N GLY B 344 -47.54 2.23 10.73
CA GLY B 344 -46.75 3.17 11.49
C GLY B 344 -45.26 3.14 11.20
N PHE B 345 -44.63 1.96 11.29
CA PHE B 345 -43.19 1.92 11.10
C PHE B 345 -42.77 1.98 9.63
N VAL B 346 -43.68 1.62 8.74
CA VAL B 346 -43.46 1.83 7.31
C VAL B 346 -43.33 3.35 7.04
N ASP B 347 -44.22 4.16 7.63
CA ASP B 347 -44.10 5.60 7.53
C ASP B 347 -42.77 6.10 8.11
N LEU B 348 -42.40 5.59 9.29
CA LEU B 348 -41.14 5.95 9.91
C LEU B 348 -39.92 5.58 9.04
N MET B 349 -40.05 4.53 8.23
CA MET B 349 -38.97 4.04 7.36
C MET B 349 -38.83 4.86 6.08
N ARG B 350 -39.96 5.32 5.54
CA ARG B 350 -40.01 5.92 4.20
C ARG B 350 -40.06 7.43 4.18
N ASP B 351 -40.78 8.01 5.14
CA ASP B 351 -41.16 9.43 5.06
C ASP B 351 -40.12 10.32 5.70
N ASP B 352 -40.19 11.60 5.36
CA ASP B 352 -39.29 12.60 5.94
C ASP B 352 -39.75 13.11 7.33
N TYR B 353 -41.05 13.16 7.55
CA TYR B 353 -41.63 13.77 8.75
C TYR B 353 -42.86 12.98 9.18
N VAL B 354 -42.83 12.42 10.38
CA VAL B 354 -43.94 11.59 10.84
C VAL B 354 -44.47 12.05 12.19
N GLU B 355 -45.72 12.49 12.22
CA GLU B 355 -46.30 13.06 13.45
C GLU B 355 -46.61 11.96 14.41
N LYS B 356 -46.46 12.29 15.69
CA LYS B 356 -46.91 11.43 16.77
C LYS B 356 -48.31 10.90 16.47
N ASP B 357 -48.50 9.60 16.71
CA ASP B 357 -49.78 8.92 16.45
C ASP B 357 -49.79 7.60 17.22
N ARG B 358 -50.31 7.65 18.44
CA ARG B 358 -50.29 6.48 19.31
C ARG B 358 -51.11 5.29 18.77
N SER B 359 -52.12 5.56 17.95
CA SER B 359 -52.94 4.50 17.33
C SER B 359 -52.15 3.69 16.30
N ARG B 360 -50.96 4.17 15.91
CA ARG B 360 -50.05 3.40 15.06
C ARG B 360 -48.73 3.10 15.76
N GLY B 361 -48.68 3.27 17.08
CA GLY B 361 -47.48 2.99 17.84
C GLY B 361 -46.37 4.04 17.76
N ILE B 362 -46.69 5.21 17.17
CA ILE B 362 -45.73 6.30 17.05
C ILE B 362 -45.82 7.23 18.29
N TYR B 363 -44.83 7.10 19.17
CA TYR B 363 -44.84 7.79 20.44
C TYR B 363 -44.32 9.21 20.32
N PHE B 364 -43.51 9.46 19.29
CA PHE B 364 -42.88 10.76 19.11
C PHE B 364 -43.00 11.20 17.69
N THR B 365 -43.23 12.49 17.47
CA THR B 365 -43.03 13.10 16.16
C THR B 365 -41.55 12.92 15.74
N GLN B 366 -41.34 12.35 14.55
CA GLN B 366 -40.00 12.08 14.04
C GLN B 366 -39.68 12.86 12.77
N ASP B 367 -38.66 13.69 12.86
CA ASP B 367 -38.19 14.52 11.77
C ASP B 367 -36.87 13.92 11.28
N TRP B 368 -36.87 13.38 10.07
CA TRP B 368 -35.67 12.78 9.49
C TRP B 368 -34.73 13.75 8.77
N SER B 370 -34.40 15.14 5.85
CA SER B 370 -33.96 14.73 4.50
C SER B 370 -33.08 13.48 4.38
N MET B 371 -32.83 12.78 5.48
CA MET B 371 -32.17 11.48 5.38
C MET B 371 -33.05 10.60 4.49
N PRO B 372 -32.44 9.93 3.50
CA PRO B 372 -33.21 9.11 2.54
C PRO B 372 -34.11 8.06 3.20
N GLY B 373 -35.22 7.78 2.53
CA GLY B 373 -36.17 6.77 2.93
C GLY B 373 -35.70 5.38 2.56
N VAL B 374 -36.15 4.42 3.34
CA VAL B 374 -35.80 3.02 3.19
C VAL B 374 -36.99 2.26 2.60
N MET B 375 -36.73 1.51 1.54
CA MET B 375 -37.77 0.73 0.86
C MET B 375 -38.22 -0.48 1.71
N PRO B 376 -39.49 -0.54 2.13
CA PRO B 376 -39.97 -1.70 2.88
C PRO B 376 -40.09 -2.95 2.01
N VAL B 377 -39.72 -4.08 2.58
CA VAL B 377 -39.79 -5.32 1.81
C VAL B 377 -40.76 -6.29 2.49
N ALA B 378 -41.85 -6.61 1.78
CA ALA B 378 -42.86 -7.53 2.31
C ALA B 378 -42.53 -8.93 1.83
N SER B 379 -42.22 -9.81 2.76
CA SER B 379 -41.73 -11.13 2.37
C SER B 379 -42.15 -12.14 3.40
N GLY B 380 -42.58 -13.31 2.96
CA GLY B 380 -42.71 -14.45 3.86
C GLY B 380 -44.09 -15.07 3.89
N GLY B 381 -44.24 -16.16 3.15
CA GLY B 381 -45.49 -16.90 3.13
C GLY B 381 -46.61 -16.15 2.45
N ILE B 382 -46.27 -15.35 1.44
CA ILE B 382 -47.30 -14.70 0.62
C ILE B 382 -47.40 -15.30 -0.78
N HIS B 383 -48.57 -15.19 -1.37
CA HIS B 383 -48.83 -15.71 -2.70
C HIS B 383 -49.83 -14.83 -3.44
N VAL B 384 -50.18 -15.23 -4.66
CA VAL B 384 -50.96 -14.36 -5.57
C VAL B 384 -52.26 -13.78 -4.97
N TRP B 385 -52.98 -14.57 -4.17
CA TRP B 385 -54.22 -14.08 -3.53
C TRP B 385 -53.98 -12.92 -2.54
N HIS B 386 -52.76 -12.83 -1.98
CA HIS B 386 -52.40 -11.72 -1.09
C HIS B 386 -52.14 -10.42 -1.85
N MET B 387 -51.90 -10.52 -3.15
CA MET B 387 -51.45 -9.35 -3.91
C MET B 387 -52.26 -8.06 -3.70
N PRO B 388 -53.59 -8.11 -3.80
CA PRO B 388 -54.40 -6.92 -3.57
C PRO B 388 -54.19 -6.33 -2.19
N ALA B 389 -54.14 -7.14 -1.15
CA ALA B 389 -53.92 -6.61 0.22
C ALA B 389 -52.54 -5.99 0.37
N LEU B 390 -51.53 -6.63 -0.22
CA LEU B 390 -50.16 -6.10 -0.24
C LEU B 390 -50.06 -4.74 -0.95
N VAL B 391 -50.62 -4.61 -2.14
CA VAL B 391 -50.61 -3.32 -2.84
C VAL B 391 -51.37 -2.26 -2.05
N GLU B 392 -52.50 -2.67 -1.45
CA GLU B 392 -53.27 -1.76 -0.61
C GLU B 392 -52.51 -1.27 0.64
N ILE B 393 -51.85 -2.18 1.34
CA ILE B 393 -51.08 -1.82 2.55
C ILE B 393 -49.88 -0.93 2.21
N PHE B 394 -49.03 -1.38 1.30
CA PHE B 394 -47.74 -0.74 1.08
C PHE B 394 -47.68 0.33 0.00
N GLY B 395 -48.59 0.27 -0.97
CA GLY B 395 -48.52 1.15 -2.12
C GLY B 395 -47.38 0.74 -3.04
N ASP B 396 -46.93 1.64 -3.92
CA ASP B 396 -45.91 1.30 -4.91
C ASP B 396 -44.50 1.18 -4.34
N ASP B 397 -44.22 1.95 -3.29
CA ASP B 397 -42.87 2.03 -2.77
C ASP B 397 -42.63 0.90 -1.79
N ALA B 398 -42.50 -0.31 -2.33
CA ALA B 398 -42.19 -1.48 -1.55
C ALA B 398 -41.67 -2.50 -2.53
N CYS B 399 -41.02 -3.53 -2.00
CA CYS B 399 -40.70 -4.69 -2.79
C CYS B 399 -41.45 -5.87 -2.17
N LEU B 400 -42.13 -6.63 -3.00
CA LEU B 400 -42.92 -7.78 -2.55
C LEU B 400 -42.21 -9.04 -3.01
N GLN B 401 -41.94 -9.94 -2.05
CA GLN B 401 -41.10 -11.10 -2.33
C GLN B 401 -41.83 -12.40 -2.19
N PHE B 402 -41.71 -13.24 -3.22
CA PHE B 402 -42.39 -14.51 -3.28
C PHE B 402 -41.34 -15.60 -3.53
N GLY B 403 -40.88 -16.26 -2.46
CA GLY B 403 -39.95 -17.38 -2.61
C GLY B 403 -40.71 -18.67 -2.93
N GLY B 404 -41.31 -19.25 -1.88
CA GLY B 404 -42.22 -20.37 -2.04
C GLY B 404 -43.30 -20.03 -3.05
N GLY B 405 -43.78 -18.78 -3.04
CA GLY B 405 -44.80 -18.36 -4.00
C GLY B 405 -44.34 -18.30 -5.44
N THR B 406 -43.05 -18.55 -5.71
CA THR B 406 -42.54 -18.65 -7.06
C THR B 406 -42.02 -20.07 -7.36
N LEU B 407 -41.12 -20.54 -6.50
CA LEU B 407 -40.44 -21.82 -6.69
C LEU B 407 -41.37 -22.97 -6.33
N GLY B 408 -42.54 -22.65 -5.78
CA GLY B 408 -43.59 -23.62 -5.50
C GLY B 408 -44.68 -23.71 -6.57
N HIS B 409 -44.58 -22.87 -7.60
CA HIS B 409 -45.51 -22.91 -8.73
C HIS B 409 -45.37 -24.26 -9.45
N PRO B 410 -46.50 -24.90 -9.78
CA PRO B 410 -46.46 -26.26 -10.38
C PRO B 410 -45.71 -26.33 -11.73
N TRP B 411 -45.59 -25.22 -12.44
CA TRP B 411 -44.93 -25.24 -13.75
C TRP B 411 -43.49 -24.74 -13.71
N GLY B 412 -42.99 -24.38 -12.52
CA GLY B 412 -41.60 -24.00 -12.39
C GLY B 412 -41.44 -22.50 -12.20
N ASN B 413 -40.20 -22.02 -12.21
CA ASN B 413 -39.90 -20.65 -11.78
C ASN B 413 -40.38 -19.54 -12.70
N ALA B 414 -40.22 -19.72 -14.00
CA ALA B 414 -40.58 -18.67 -14.95
C ALA B 414 -42.12 -18.43 -14.97
N PRO B 415 -42.92 -19.49 -15.10
CA PRO B 415 -44.37 -19.36 -14.94
C PRO B 415 -44.77 -18.77 -13.56
N GLY B 416 -44.09 -19.22 -12.49
CA GLY B 416 -44.29 -18.69 -11.17
C GLY B 416 -44.06 -17.19 -11.09
N ALA B 417 -42.92 -16.75 -11.64
CA ALA B 417 -42.61 -15.32 -11.70
C ALA B 417 -43.66 -14.56 -12.51
N ALA B 418 -44.06 -15.12 -13.65
CA ALA B 418 -45.02 -14.44 -14.51
C ALA B 418 -46.35 -14.28 -13.80
N ALA B 419 -46.76 -15.31 -13.06
CA ALA B 419 -48.02 -15.26 -12.31
C ALA B 419 -47.98 -14.12 -11.32
N ASN B 420 -46.91 -14.04 -10.54
CA ASN B 420 -46.72 -12.92 -9.61
C ASN B 420 -46.73 -11.58 -10.32
N ARG B 421 -46.00 -11.49 -11.43
CA ARG B 421 -45.92 -10.21 -12.17
C ARG B 421 -47.28 -9.76 -12.75
N VAL B 422 -48.01 -10.69 -13.38
CA VAL B 422 -49.36 -10.41 -13.83
C VAL B 422 -50.27 -9.96 -12.66
N ALA B 423 -50.28 -10.73 -11.56
CA ALA B 423 -51.10 -10.33 -10.39
C ALA B 423 -50.77 -8.91 -9.90
N LEU B 424 -49.48 -8.61 -9.75
CA LEU B 424 -49.09 -7.27 -9.36
C LEU B 424 -49.57 -6.20 -10.34
N GLU B 425 -49.35 -6.43 -11.63
CA GLU B 425 -49.74 -5.44 -12.63
C GLU B 425 -51.25 -5.23 -12.71
N ALA B 426 -52.02 -6.32 -12.59
CA ALA B 426 -53.48 -6.25 -12.60
C ALA B 426 -53.99 -5.39 -11.44
N CYS B 427 -53.46 -5.65 -10.25
CA CYS B 427 -53.82 -4.90 -9.05
C CYS B 427 -53.45 -3.43 -9.19
N THR B 428 -52.27 -3.17 -9.74
CA THR B 428 -51.79 -1.80 -9.90
C THR B 428 -52.69 -1.03 -10.85
N GLN B 429 -52.98 -1.66 -12.01
CA GLN B 429 -53.87 -1.08 -12.99
C GLN B 429 -55.23 -0.78 -12.40
N ALA B 430 -55.81 -1.76 -11.71
CA ALA B 430 -57.13 -1.63 -11.10
C ALA B 430 -57.17 -0.48 -10.12
N ARG B 431 -56.14 -0.36 -9.27
CA ARG B 431 -56.05 0.73 -8.31
C ARG B 431 -56.02 2.08 -9.04
N ASN B 432 -55.19 2.16 -10.09
CA ASN B 432 -55.02 3.38 -10.87
C ASN B 432 -56.34 3.79 -11.53
N GLU B 433 -57.18 2.79 -11.79
CA GLU B 433 -58.48 2.99 -12.42
C GLU B 433 -59.57 3.39 -11.42
N GLY B 434 -59.23 3.46 -10.14
CA GLY B 434 -60.18 3.88 -9.12
C GLY B 434 -60.83 2.75 -8.34
N ARG B 435 -60.49 1.49 -8.66
CA ARG B 435 -61.07 0.36 -7.94
C ARG B 435 -60.51 0.26 -6.56
N ASP B 436 -61.35 -0.18 -5.63
CA ASP B 436 -60.98 -0.29 -4.22
C ASP B 436 -60.44 -1.70 -4.02
N LEU B 437 -59.13 -1.81 -3.84
CA LEU B 437 -58.51 -3.13 -3.67
C LEU B 437 -58.95 -3.86 -2.42
N ALA B 438 -59.20 -3.13 -1.34
CA ALA B 438 -59.66 -3.73 -0.09
C ALA B 438 -60.95 -4.49 -0.34
N ARG B 439 -61.81 -3.95 -1.20
CA ARG B 439 -63.13 -4.54 -1.42
C ARG B 439 -63.21 -5.43 -2.67
N GLU B 440 -62.52 -5.03 -3.73
CA GLU B 440 -62.67 -5.68 -5.02
C GLU B 440 -61.43 -6.50 -5.40
N GLY B 441 -60.49 -6.65 -4.46
CA GLY B 441 -59.27 -7.35 -4.76
C GLY B 441 -59.47 -8.75 -5.30
N GLY B 442 -60.36 -9.51 -4.65
CA GLY B 442 -60.70 -10.86 -5.08
C GLY B 442 -61.16 -10.88 -6.52
N ASP B 443 -62.02 -9.94 -6.90
CA ASP B 443 -62.47 -9.82 -8.28
C ASP B 443 -61.31 -9.58 -9.26
N VAL B 444 -60.38 -8.69 -8.89
CA VAL B 444 -59.25 -8.38 -9.74
C VAL B 444 -58.45 -9.66 -9.97
N ILE B 445 -58.17 -10.41 -8.90
CA ILE B 445 -57.36 -11.61 -9.03
C ILE B 445 -58.10 -12.67 -9.86
N ARG B 446 -59.41 -12.84 -9.60
CA ARG B 446 -60.22 -13.80 -10.34
C ARG B 446 -60.21 -13.52 -11.84
N SER B 447 -60.42 -12.25 -12.23
CA SER B 447 -60.35 -11.85 -13.64
C SER B 447 -58.97 -12.18 -14.23
N ALA B 448 -57.93 -11.85 -13.50
CA ALA B 448 -56.57 -12.07 -13.96
C ALA B 448 -56.26 -13.57 -14.11
N CYS B 449 -56.73 -14.40 -13.15
CA CYS B 449 -56.60 -15.87 -13.27
C CYS B 449 -57.23 -16.41 -14.53
N LYS B 450 -58.42 -15.92 -14.90
CA LYS B 450 -59.13 -16.41 -16.10
C LYS B 450 -58.37 -16.02 -17.38
N TRP B 451 -57.70 -14.89 -17.34
CA TRP B 451 -56.94 -14.42 -18.48
C TRP B 451 -55.57 -15.11 -18.65
N SER B 452 -54.83 -15.31 -17.55
CA SER B 452 -53.46 -15.82 -17.62
C SER B 452 -53.35 -17.26 -17.08
N PRO B 453 -53.03 -18.20 -17.96
CA PRO B 453 -52.91 -19.61 -17.57
C PRO B 453 -51.83 -19.82 -16.50
N GLU B 454 -50.72 -19.07 -16.56
CA GLU B 454 -49.69 -19.12 -15.49
C GLU B 454 -50.24 -18.72 -14.14
N LEU B 455 -51.01 -17.62 -14.12
CA LEU B 455 -51.61 -17.13 -12.88
C LEU B 455 -52.68 -18.11 -12.36
N ALA B 456 -53.52 -18.59 -13.28
CA ALA B 456 -54.55 -19.58 -12.97
C ALA B 456 -53.98 -20.77 -12.19
N ALA B 457 -52.84 -21.29 -12.63
CA ALA B 457 -52.23 -22.43 -11.97
C ALA B 457 -51.81 -22.07 -10.54
N ALA B 458 -51.31 -20.85 -10.34
CA ALA B 458 -50.99 -20.37 -8.99
C ALA B 458 -52.25 -20.18 -8.17
N CYS B 459 -53.27 -19.58 -8.76
CA CYS B 459 -54.53 -19.35 -8.06
C CYS B 459 -55.09 -20.66 -7.48
N GLU B 460 -55.11 -21.69 -8.31
CA GLU B 460 -55.65 -22.97 -7.91
C GLU B 460 -54.87 -23.60 -6.74
N VAL B 461 -53.55 -23.58 -6.81
CA VAL B 461 -52.73 -24.30 -5.84
C VAL B 461 -52.81 -23.71 -4.42
N TRP B 462 -52.87 -22.38 -4.33
CA TRP B 462 -52.84 -21.69 -3.04
C TRP B 462 -54.18 -21.05 -2.64
N LYS B 463 -55.23 -21.34 -3.40
CA LYS B 463 -56.57 -20.80 -3.13
C LYS B 463 -56.99 -20.81 -1.65
N GLU B 464 -56.77 -21.92 -0.95
CA GLU B 464 -57.26 -22.02 0.43
C GLU B 464 -56.29 -21.48 1.52
N ILE B 465 -55.11 -21.03 1.10
CA ILE B 465 -54.01 -20.82 2.04
C ILE B 465 -54.03 -19.44 2.68
N LYS B 466 -54.18 -19.44 4.01
CA LYS B 466 -54.25 -18.20 4.79
C LYS B 466 -53.41 -18.36 6.06
N PHE B 467 -52.97 -17.23 6.60
CA PHE B 467 -52.22 -17.22 7.86
C PHE B 467 -52.90 -16.26 8.83
N GLU B 468 -53.75 -16.81 9.68
CA GLU B 468 -54.57 -16.02 10.60
C GLU B 468 -54.44 -16.58 12.01
N PHE B 469 -53.80 -15.83 12.89
CA PHE B 469 -53.49 -16.26 14.25
C PHE B 469 -53.66 -15.07 15.17
N ASP B 470 -53.85 -15.32 16.45
CA ASP B 470 -53.81 -14.27 17.47
C ASP B 470 -52.44 -13.53 17.46
N THR B 471 -52.49 -12.20 17.50
CA THR B 471 -51.29 -11.36 17.46
C THR B 471 -50.66 -11.16 18.84
N ILE B 472 -49.37 -11.43 18.94
CA ILE B 472 -48.64 -11.21 20.18
C ILE B 472 -48.29 -9.72 20.32
N ASP B 473 -47.62 -9.17 19.31
CA ASP B 473 -47.17 -7.78 19.32
C ASP B 473 -48.32 -6.79 19.02
N LYS B 474 -49.21 -6.62 20.01
CA LYS B 474 -50.35 -5.71 19.92
C LYS B 474 -49.97 -4.39 20.57
N LEU B 475 -50.56 -3.30 20.09
CA LEU B 475 -50.31 -1.96 20.63
C LEU B 475 -50.46 -1.83 22.15
N MET C 1 -48.53 -28.28 -18.12
CA MET C 1 -47.33 -27.37 -17.91
C MET C 1 -47.03 -26.60 -19.19
N MET C 2 -47.12 -25.28 -19.13
CA MET C 2 -46.74 -24.45 -20.27
C MET C 2 -45.36 -23.89 -20.04
N VAL C 3 -44.59 -23.75 -21.11
CA VAL C 3 -43.21 -23.27 -21.04
C VAL C 3 -43.12 -21.81 -21.47
N TRP C 4 -42.58 -20.96 -20.61
CA TRP C 4 -42.45 -19.53 -20.89
C TRP C 4 -41.39 -19.35 -21.96
N THR C 5 -41.74 -18.72 -23.08
CA THR C 5 -40.78 -18.68 -24.18
C THR C 5 -39.67 -17.65 -23.97
N PRO C 6 -38.41 -18.06 -24.19
CA PRO C 6 -37.27 -17.14 -24.19
C PRO C 6 -37.08 -16.40 -25.50
N VAL C 7 -37.84 -16.79 -26.52
CA VAL C 7 -37.69 -16.24 -27.88
C VAL C 7 -38.59 -15.03 -28.11
N ASN C 8 -37.97 -13.96 -28.61
CA ASN C 8 -38.66 -12.70 -28.90
C ASN C 8 -39.81 -12.39 -27.93
N ASN C 9 -39.45 -12.28 -26.65
CA ASN C 9 -40.43 -12.08 -25.59
C ASN C 9 -40.07 -10.87 -24.73
N LYS C 10 -39.51 -9.84 -25.35
CA LYS C 10 -39.11 -8.63 -24.62
C LYS C 10 -40.28 -7.92 -23.97
N MET C 11 -40.02 -7.31 -22.82
CA MET C 11 -41.01 -6.64 -22.02
C MET C 11 -40.57 -5.20 -21.84
N PHE C 12 -41.48 -4.34 -21.39
CA PHE C 12 -41.19 -2.91 -21.36
C PHE C 12 -41.71 -2.26 -20.11
N GLU C 13 -41.41 -2.91 -18.99
CA GLU C 13 -41.75 -2.42 -17.64
C GLU C 13 -43.26 -2.31 -17.41
N THR C 14 -43.71 -1.34 -16.64
CA THR C 14 -45.05 -1.37 -16.07
C THR C 14 -46.21 -1.57 -17.08
N PHE C 15 -47.00 -2.61 -16.82
CA PHE C 15 -48.18 -3.03 -17.60
C PHE C 15 -47.89 -3.94 -18.80
N SER C 16 -46.61 -4.22 -19.03
CA SER C 16 -46.22 -5.05 -20.17
C SER C 16 -46.72 -6.49 -20.07
N TYR C 17 -47.10 -6.93 -18.90
CA TYR C 17 -47.53 -8.33 -18.73
C TYR C 17 -49.04 -8.44 -18.81
N LEU C 18 -49.71 -7.29 -18.99
CA LEU C 18 -51.14 -7.23 -19.16
C LEU C 18 -51.51 -7.21 -20.66
N PRO C 19 -52.80 -7.37 -21.00
CA PRO C 19 -53.23 -7.17 -22.39
C PRO C 19 -52.90 -5.74 -22.80
N PRO C 20 -52.69 -5.49 -24.10
CA PRO C 20 -52.37 -4.13 -24.56
C PRO C 20 -53.44 -3.15 -24.10
N LEU C 21 -53.02 -1.97 -23.67
CA LEU C 21 -53.95 -0.99 -23.11
C LEU C 21 -54.88 -0.45 -24.19
N THR C 22 -56.17 -0.42 -23.91
CA THR C 22 -57.15 0.21 -24.81
C THR C 22 -57.08 1.73 -24.63
N ASP C 23 -57.68 2.46 -25.57
CA ASP C 23 -57.80 3.90 -25.46
C ASP C 23 -58.45 4.32 -24.13
N GLU C 24 -59.48 3.58 -23.73
CA GLU C 24 -60.18 3.82 -22.46
C GLU C 24 -59.25 3.58 -21.26
N GLN C 25 -58.37 2.59 -21.38
CA GLN C 25 -57.45 2.24 -20.31
C GLN C 25 -56.34 3.30 -20.17
N ILE C 26 -55.84 3.77 -21.30
CA ILE C 26 -54.87 4.87 -21.31
C ILE C 26 -55.52 6.13 -20.71
N ALA C 27 -56.76 6.44 -21.12
CA ALA C 27 -57.46 7.61 -20.57
C ALA C 27 -57.66 7.49 -19.06
N ALA C 28 -57.95 6.29 -18.58
CA ALA C 28 -58.09 6.08 -17.14
C ALA C 28 -56.79 6.34 -16.37
N GLN C 29 -55.64 5.97 -16.96
CA GLN C 29 -54.32 6.26 -16.36
C GLN C 29 -54.04 7.77 -16.30
N VAL C 30 -54.45 8.48 -17.35
CA VAL C 30 -54.30 9.93 -17.44
C VAL C 30 -55.14 10.62 -16.37
N ASP C 31 -56.35 10.12 -16.14
CA ASP C 31 -57.23 10.63 -15.08
C ASP C 31 -56.53 10.45 -13.74
N TYR C 32 -55.85 9.32 -13.58
CA TYR C 32 -55.08 9.04 -12.37
C TYR C 32 -54.00 10.10 -12.13
N ILE C 33 -53.23 10.41 -13.17
CA ILE C 33 -52.22 11.47 -13.07
C ILE C 33 -52.85 12.79 -12.59
N VAL C 34 -53.92 13.20 -13.27
CA VAL C 34 -54.60 14.46 -12.98
C VAL C 34 -55.19 14.45 -11.55
N ALA C 35 -55.85 13.37 -11.17
CA ALA C 35 -56.47 13.32 -9.84
C ALA C 35 -55.44 13.48 -8.71
N ASN C 36 -54.20 13.10 -9.00
CA ASN C 36 -53.16 13.11 -7.97
C ASN C 36 -52.24 14.32 -8.05
N GLY C 37 -52.48 15.19 -9.03
CA GLY C 37 -51.71 16.42 -9.17
C GLY C 37 -50.30 16.23 -9.69
N TRP C 38 -50.03 15.12 -10.37
CA TRP C 38 -48.68 14.82 -10.86
C TRP C 38 -48.43 15.48 -12.21
N ILE C 39 -47.17 15.57 -12.59
CA ILE C 39 -46.78 16.26 -13.80
C ILE C 39 -46.63 15.29 -14.98
N PRO C 40 -47.50 15.37 -15.97
CA PRO C 40 -47.43 14.48 -17.13
C PRO C 40 -46.25 14.87 -18.03
N CYS C 41 -45.65 13.87 -18.66
CA CYS C 41 -44.58 14.14 -19.60
C CYS C 41 -44.51 12.97 -20.57
N LEU C 42 -44.11 13.28 -21.81
CA LEU C 42 -43.91 12.25 -22.82
C LEU C 42 -42.45 12.14 -23.17
N GLU C 43 -42.01 10.90 -23.43
CA GLU C 43 -40.63 10.63 -23.82
C GLU C 43 -40.67 9.62 -24.94
N PHE C 44 -39.65 9.66 -25.80
CA PHE C 44 -39.62 8.80 -26.95
C PHE C 44 -38.19 8.44 -27.30
N ALA C 45 -38.06 7.32 -28.02
CA ALA C 45 -36.77 6.79 -28.48
C ALA C 45 -36.94 5.90 -29.72
N GLU C 46 -35.91 5.84 -30.53
CA GLU C 46 -35.83 4.90 -31.63
C GLU C 46 -35.77 3.45 -31.13
N HIS C 47 -34.97 3.20 -30.08
CA HIS C 47 -34.74 1.86 -29.55
C HIS C 47 -34.94 1.82 -28.04
N SER C 48 -35.30 0.66 -27.52
CA SER C 48 -35.44 0.49 -26.09
C SER C 48 -34.52 -0.61 -25.59
N ASN C 49 -33.51 -0.22 -24.84
CA ASN C 49 -32.58 -1.17 -24.20
C ASN C 49 -32.60 -0.95 -22.68
N PRO C 50 -32.61 -2.05 -21.92
CA PRO C 50 -32.61 -1.96 -20.45
C PRO C 50 -31.43 -1.16 -19.89
N GLU C 51 -30.27 -1.20 -20.55
CA GLU C 51 -29.06 -0.44 -20.14
C GLU C 51 -29.16 1.07 -20.33
N GLU C 52 -30.08 1.53 -21.20
CA GLU C 52 -30.20 2.96 -21.56
C GLU C 52 -31.21 3.72 -20.68
N PHE C 53 -30.69 4.54 -19.77
CA PHE C 53 -31.49 5.29 -18.80
C PHE C 53 -32.39 6.37 -19.42
N TYR C 54 -31.82 7.23 -20.24
CA TYR C 54 -32.56 8.39 -20.75
C TYR C 54 -33.17 8.16 -22.11
N TRP C 55 -34.42 8.62 -22.27
CA TRP C 55 -35.01 8.82 -23.60
C TRP C 55 -35.08 10.33 -23.87
N THR C 56 -35.62 10.69 -25.05
CA THR C 56 -35.71 12.09 -25.46
C THR C 56 -37.06 12.65 -24.98
N MET C 57 -37.00 13.82 -24.36
CA MET C 57 -38.20 14.46 -23.89
C MET C 57 -39.01 15.01 -25.07
N TRP C 58 -40.31 14.75 -25.07
CA TRP C 58 -41.20 15.43 -25.99
C TRP C 58 -41.56 16.80 -25.40
N LYS C 59 -41.07 17.86 -26.02
CA LYS C 59 -41.31 19.22 -25.53
C LYS C 59 -40.83 19.39 -24.09
N LEU C 60 -41.74 19.78 -23.18
CA LEU C 60 -41.44 19.94 -21.76
C LEU C 60 -42.47 19.18 -20.92
N PRO C 61 -42.16 18.88 -19.66
CA PRO C 61 -43.16 18.36 -18.74
C PRO C 61 -44.33 19.32 -18.67
N MET C 62 -45.53 18.78 -18.57
CA MET C 62 -46.73 19.63 -18.65
C MET C 62 -47.07 20.24 -17.29
N PHE C 63 -46.21 21.16 -16.83
CA PHE C 63 -46.38 21.75 -15.49
C PHE C 63 -47.70 22.50 -15.45
N GLY C 64 -48.41 22.33 -14.33
CA GLY C 64 -49.71 22.95 -14.12
C GLY C 64 -50.87 22.38 -14.92
N CYS C 65 -50.61 21.36 -15.75
CA CYS C 65 -51.70 20.75 -16.52
C CYS C 65 -52.65 19.96 -15.63
N ARG C 66 -53.92 20.34 -15.66
CA ARG C 66 -54.98 19.64 -14.93
C ARG C 66 -56.08 19.14 -15.89
N ASP C 67 -55.74 19.07 -17.18
CA ASP C 67 -56.71 18.75 -18.22
C ASP C 67 -56.28 17.48 -18.98
N PRO C 68 -56.97 16.37 -18.70
CA PRO C 68 -56.63 15.07 -19.33
C PRO C 68 -56.66 15.12 -20.85
N MET C 69 -57.55 15.93 -21.43
CA MET C 69 -57.68 16.05 -22.89
C MET C 69 -56.40 16.62 -23.49
N GLN C 70 -55.79 17.56 -22.78
CA GLN C 70 -54.52 18.15 -23.19
C GLN C 70 -53.42 17.08 -23.28
N VAL C 71 -53.32 16.25 -22.25
CA VAL C 71 -52.37 15.13 -22.23
C VAL C 71 -52.61 14.19 -23.42
N LEU C 72 -53.87 13.79 -23.62
CA LEU C 72 -54.21 12.90 -24.73
C LEU C 72 -53.85 13.50 -26.09
N ARG C 73 -54.09 14.80 -26.26
CA ARG C 73 -53.68 15.49 -27.48
C ARG C 73 -52.16 15.53 -27.70
N GLU C 74 -51.38 15.63 -26.63
CA GLU C 74 -49.92 15.56 -26.78
C GLU C 74 -49.45 14.16 -27.14
N ILE C 75 -50.12 13.14 -26.64
CA ILE C 75 -49.83 11.76 -27.06
C ILE C 75 -50.00 11.66 -28.59
N VAL C 76 -51.08 12.22 -29.09
CA VAL C 76 -51.38 12.17 -30.52
C VAL C 76 -50.29 12.91 -31.30
N ALA C 77 -49.96 14.12 -30.87
CA ALA C 77 -48.96 14.92 -31.54
C ALA C 77 -47.57 14.26 -31.52
N CYS C 78 -47.18 13.72 -30.36
CA CYS C 78 -45.88 13.05 -30.25
C CYS C 78 -45.80 11.84 -31.19
N THR C 79 -46.78 10.95 -31.12
CA THR C 79 -46.80 9.75 -31.98
C THR C 79 -46.93 10.09 -33.46
N LYS C 80 -47.56 11.23 -33.77
CA LYS C 80 -47.65 11.68 -35.15
C LYS C 80 -46.29 12.10 -35.68
N ALA C 81 -45.54 12.84 -34.87
CA ALA C 81 -44.21 13.27 -35.27
C ALA C 81 -43.20 12.12 -35.28
N PHE C 82 -43.41 11.12 -34.43
CA PHE C 82 -42.49 9.98 -34.41
C PHE C 82 -43.26 8.67 -34.47
N PRO C 83 -43.81 8.34 -35.65
CA PRO C 83 -44.71 7.20 -35.77
C PRO C 83 -44.00 5.87 -35.66
N ASP C 84 -42.67 5.84 -35.76
CA ASP C 84 -41.91 4.58 -35.63
C ASP C 84 -41.17 4.43 -34.30
N ALA C 85 -41.36 5.38 -33.39
CA ALA C 85 -40.63 5.40 -32.12
C ALA C 85 -41.35 4.66 -31.00
N TYR C 86 -40.59 4.25 -29.99
CA TYR C 86 -41.16 3.91 -28.68
C TYR C 86 -41.57 5.22 -28.06
N VAL C 87 -42.78 5.28 -27.50
CA VAL C 87 -43.26 6.48 -26.83
C VAL C 87 -43.84 6.05 -25.52
N ARG C 88 -43.47 6.75 -24.45
CA ARG C 88 -44.04 6.44 -23.15
C ARG C 88 -44.62 7.67 -22.50
N LEU C 89 -45.67 7.46 -21.73
CA LEU C 89 -46.24 8.50 -20.90
C LEU C 89 -45.71 8.28 -19.49
N VAL C 90 -45.20 9.34 -18.88
CA VAL C 90 -44.69 9.28 -17.52
C VAL C 90 -45.29 10.42 -16.74
N ALA C 91 -45.12 10.38 -15.42
CA ALA C 91 -45.57 11.50 -14.60
C ALA C 91 -44.60 11.66 -13.47
N PHE C 92 -44.37 12.91 -13.08
CA PHE C 92 -43.45 13.26 -12.00
C PHE C 92 -44.18 13.79 -10.77
N ASP C 93 -43.64 13.47 -9.61
CA ASP C 93 -44.05 14.03 -8.32
C ASP C 93 -42.91 14.95 -7.89
N ASN C 94 -43.17 16.25 -7.77
CA ASN C 94 -42.10 17.21 -7.50
C ASN C 94 -41.76 17.30 -6.00
N GLN C 95 -42.63 16.72 -5.15
CA GLN C 95 -42.42 16.70 -3.69
C GLN C 95 -41.40 15.64 -3.33
N LYS C 96 -41.59 14.43 -3.86
CA LYS C 96 -40.58 13.39 -3.71
C LYS C 96 -39.48 13.50 -4.77
N GLN C 97 -39.67 14.39 -5.75
CA GLN C 97 -38.78 14.50 -6.92
C GLN C 97 -38.38 13.15 -7.51
N VAL C 98 -39.39 12.48 -8.05
CA VAL C 98 -39.19 11.20 -8.70
C VAL C 98 -40.33 10.93 -9.69
N GLN C 99 -40.05 10.10 -10.67
CA GLN C 99 -41.08 9.64 -11.58
C GLN C 99 -41.98 8.68 -10.82
N ILE C 100 -43.27 8.90 -10.91
CA ILE C 100 -44.24 8.21 -10.07
C ILE C 100 -45.12 7.23 -10.85
N MET C 101 -45.06 7.33 -12.18
CA MET C 101 -45.75 6.40 -13.07
C MET C 101 -45.10 6.44 -14.44
N GLY C 102 -45.36 5.41 -15.25
CA GLY C 102 -44.86 5.35 -16.60
C GLY C 102 -45.18 4.04 -17.29
N PHE C 103 -45.59 4.15 -18.55
CA PHE C 103 -45.89 3.01 -19.39
C PHE C 103 -45.83 3.40 -20.88
N LEU C 104 -45.58 2.41 -21.71
CA LEU C 104 -45.54 2.57 -23.17
C LEU C 104 -46.91 2.90 -23.76
N VAL C 105 -46.94 3.85 -24.69
CA VAL C 105 -48.17 4.14 -25.44
C VAL C 105 -47.96 3.86 -26.94
N GLN C 106 -46.71 3.62 -27.35
CA GLN C 106 -46.38 3.24 -28.72
C GLN C 106 -45.08 2.44 -28.81
N ARG C 107 -45.08 1.44 -29.67
CA ARG C 107 -43.86 0.72 -30.06
C ARG C 107 -43.70 0.85 -31.59
N PRO C 108 -42.49 0.65 -32.12
CA PRO C 108 -42.31 0.60 -33.58
C PRO C 108 -43.14 -0.56 -34.17
N LYS C 109 -43.67 -0.36 -35.37
CA LYS C 109 -44.44 -1.41 -36.04
C LYS C 109 -43.53 -2.51 -36.60
N THR C 110 -42.29 -2.13 -36.92
CA THR C 110 -41.28 -3.05 -37.46
C THR C 110 -40.71 -4.02 -36.43
N ALA C 111 -41.09 -3.80 -35.17
CA ALA C 111 -40.65 -4.62 -34.05
C ALA C 111 -41.35 -5.99 -34.03
N ARG C 112 -40.54 -7.05 -34.02
CA ARG C 112 -41.04 -8.42 -33.85
C ARG C 112 -40.32 -9.14 -32.71
N ASP C 113 -39.77 -8.34 -31.78
CA ASP C 113 -39.00 -8.86 -30.64
C ASP C 113 -39.83 -9.10 -29.36
N PHE C 114 -41.15 -8.95 -29.47
CA PHE C 114 -42.06 -9.23 -28.36
C PHE C 114 -43.22 -10.14 -28.84
N GLN C 115 -43.87 -10.82 -27.89
CA GLN C 115 -44.99 -11.73 -28.17
C GLN C 115 -46.36 -11.14 -27.79
N PRO C 116 -47.40 -11.43 -28.58
CA PRO C 116 -48.79 -11.26 -28.12
C PRO C 116 -49.02 -12.11 -26.87
N ALA C 117 -49.94 -11.69 -26.01
CA ALA C 117 -50.19 -12.33 -24.70
C ALA C 117 -50.33 -13.87 -24.71
N ASN C 118 -51.09 -14.40 -25.68
CA ASN C 118 -51.35 -15.84 -25.78
C ASN C 118 -50.23 -16.67 -26.43
N LYS C 119 -49.14 -15.99 -26.81
CA LYS C 119 -47.98 -16.65 -27.41
C LYS C 119 -46.76 -16.60 -26.49
N ARG C 120 -46.96 -16.16 -25.24
CA ARG C 120 -45.86 -16.04 -24.27
C ARG C 120 -45.39 -17.37 -23.70
N SER C 121 -46.27 -18.37 -23.75
CA SER C 121 -45.95 -19.71 -23.30
C SER C 121 -46.41 -20.76 -24.32
N VAL C 122 -45.71 -21.89 -24.37
CA VAL C 122 -45.95 -22.93 -25.37
C VAL C 122 -46.10 -24.31 -24.74
N THR D 7 1.44 -39.40 52.75
CA THR D 7 2.43 -38.29 52.58
C THR D 7 3.78 -38.78 52.01
N LYS D 8 3.87 -40.08 51.74
CA LYS D 8 4.92 -40.69 50.93
C LYS D 8 4.92 -40.02 49.54
N ALA D 9 6.06 -40.00 48.85
CA ALA D 9 6.16 -39.34 47.52
C ALA D 9 5.42 -40.05 46.35
N GLY D 10 4.59 -39.26 45.64
CA GLY D 10 3.96 -39.69 44.40
C GLY D 10 4.99 -39.71 43.28
N ALA D 11 4.53 -39.84 42.04
CA ALA D 11 5.44 -39.90 40.88
C ALA D 11 6.21 -38.58 40.78
N GLY D 12 7.53 -38.69 40.76
CA GLY D 12 8.41 -37.54 40.67
C GLY D 12 9.31 -37.60 39.45
N PHE D 13 10.24 -36.65 39.37
CA PHE D 13 11.21 -36.65 38.29
C PHE D 13 12.36 -37.61 38.61
N LYS D 14 12.60 -38.55 37.71
CA LYS D 14 13.76 -39.43 37.83
C LYS D 14 14.58 -39.35 36.55
N ALA D 15 15.78 -38.78 36.65
CA ALA D 15 16.66 -38.62 35.51
C ALA D 15 17.15 -39.96 34.99
N GLY D 16 17.38 -40.03 33.69
CA GLY D 16 17.91 -41.24 33.09
C GLY D 16 17.07 -41.77 31.96
N VAL D 17 17.62 -42.73 31.24
CA VAL D 17 16.96 -43.40 30.12
C VAL D 17 16.12 -44.59 30.62
N LYS D 18 14.89 -44.69 30.11
CA LYS D 18 14.04 -45.86 30.29
C LYS D 18 13.44 -46.20 28.93
N ASP D 19 12.79 -47.34 28.83
CA ASP D 19 12.18 -47.78 27.59
C ASP D 19 11.02 -46.87 27.20
N TYR D 20 10.92 -46.57 25.90
CA TYR D 20 9.79 -45.79 25.38
C TYR D 20 8.45 -46.49 25.68
N ARG D 21 8.45 -47.82 25.61
CA ARG D 21 7.21 -48.61 25.76
C ARG D 21 6.50 -48.40 27.10
N LEU D 22 7.25 -48.03 28.14
CA LEU D 22 6.70 -47.74 29.46
C LEU D 22 5.69 -46.58 29.48
N THR D 23 5.80 -45.67 28.51
CA THR D 23 4.94 -44.51 28.45
C THR D 23 4.10 -44.53 27.16
N TYR D 24 4.65 -45.10 26.08
CA TYR D 24 4.12 -44.87 24.73
C TYR D 24 3.52 -46.07 24.01
N TYR D 25 3.58 -47.24 24.64
CA TYR D 25 2.86 -48.40 24.15
C TYR D 25 1.64 -48.59 25.07
N THR D 26 0.46 -48.37 24.50
CA THR D 26 -0.77 -48.42 25.28
C THR D 26 -1.80 -49.27 24.54
N PRO D 27 -1.63 -50.59 24.58
CA PRO D 27 -2.47 -51.51 23.78
C PRO D 27 -3.95 -51.54 24.20
N ASP D 28 -4.30 -50.96 25.35
CA ASP D 28 -5.69 -50.89 25.78
C ASP D 28 -6.34 -49.53 25.51
N TYR D 29 -5.61 -48.60 24.89
CA TYR D 29 -6.16 -47.29 24.58
C TYR D 29 -7.34 -47.37 23.59
N VAL D 30 -8.43 -46.72 23.94
CA VAL D 30 -9.59 -46.62 23.07
C VAL D 30 -9.47 -45.29 22.29
N VAL D 31 -9.30 -45.39 20.98
CA VAL D 31 -9.04 -44.19 20.17
C VAL D 31 -10.26 -43.26 20.18
N ARG D 32 -9.98 -41.96 20.15
CA ARG D 32 -11.04 -40.96 20.14
C ARG D 32 -11.34 -40.58 18.72
N ASP D 33 -12.57 -40.14 18.50
CA ASP D 33 -12.99 -39.80 17.18
C ASP D 33 -12.29 -38.54 16.63
N THR D 34 -11.62 -37.78 17.49
CA THR D 34 -10.80 -36.63 17.03
C THR D 34 -9.29 -36.95 16.85
N ASP D 35 -8.86 -38.16 17.19
CA ASP D 35 -7.45 -38.53 17.04
C ASP D 35 -7.08 -38.64 15.59
N ILE D 36 -5.86 -38.21 15.28
CA ILE D 36 -5.27 -38.53 13.98
C ILE D 36 -4.61 -39.90 14.17
N LEU D 37 -4.90 -40.83 13.28
CA LEU D 37 -4.31 -42.17 13.40
C LEU D 37 -3.30 -42.39 12.28
N ALA D 38 -2.20 -43.05 12.60
CA ALA D 38 -1.24 -43.45 11.58
C ALA D 38 -1.00 -44.96 11.57
N ALA D 39 -0.85 -45.52 10.38
CA ALA D 39 -0.44 -46.92 10.23
C ALA D 39 0.98 -46.96 9.63
N PHE D 40 1.96 -47.33 10.44
CA PHE D 40 3.33 -47.44 10.00
C PHE D 40 3.76 -48.90 9.74
N ARG D 41 4.26 -49.17 8.54
CA ARG D 41 4.92 -50.43 8.25
C ARG D 41 6.37 -50.37 8.76
N MET D 42 6.63 -51.08 9.83
CA MET D 42 7.83 -50.88 10.63
C MET D 42 8.74 -52.13 10.57
N THR D 43 10.04 -51.91 10.33
CA THR D 43 11.03 -53.00 10.33
C THR D 43 12.10 -52.74 11.40
N PRO D 44 11.96 -53.38 12.56
CA PRO D 44 12.89 -53.14 13.68
C PRO D 44 14.28 -53.68 13.39
N GLN D 45 15.29 -53.13 14.06
CA GLN D 45 16.61 -53.74 14.06
C GLN D 45 16.54 -55.00 14.93
N PRO D 46 17.42 -55.98 14.67
CA PRO D 46 17.49 -57.18 15.52
C PRO D 46 17.63 -56.78 16.97
N GLY D 47 16.85 -57.43 17.84
CA GLY D 47 16.97 -57.19 19.27
C GLY D 47 16.10 -56.08 19.80
N VAL D 48 15.46 -55.34 18.89
CA VAL D 48 14.53 -54.30 19.31
C VAL D 48 13.12 -54.88 19.27
N PRO D 49 12.47 -55.02 20.42
CA PRO D 49 11.11 -55.56 20.47
C PRO D 49 10.17 -54.65 19.64
N PRO D 50 9.26 -55.23 18.86
CA PRO D 50 8.31 -54.43 18.08
C PRO D 50 7.55 -53.38 18.90
N GLU D 51 7.17 -53.73 20.12
CA GLU D 51 6.49 -52.83 21.03
C GLU D 51 7.36 -51.62 21.40
N GLU D 52 8.68 -51.82 21.53
CA GLU D 52 9.61 -50.76 21.86
C GLU D 52 9.80 -49.89 20.63
N CYS D 53 9.86 -50.53 19.47
CA CYS D 53 9.97 -49.85 18.18
C CYS D 53 8.76 -48.96 17.85
N GLY D 54 7.57 -49.52 18.03
CA GLY D 54 6.32 -48.81 17.86
C GLY D 54 6.20 -47.66 18.85
N ALA D 55 6.62 -47.89 20.09
CA ALA D 55 6.59 -46.87 21.13
C ALA D 55 7.58 -45.74 20.84
N ALA D 56 8.74 -46.10 20.25
CA ALA D 56 9.76 -45.11 19.92
C ALA D 56 9.24 -44.18 18.82
N VAL D 57 8.60 -44.78 17.82
CA VAL D 57 7.96 -44.05 16.76
C VAL D 57 6.88 -43.08 17.30
N ALA D 58 5.98 -43.58 18.15
CA ALA D 58 4.94 -42.75 18.76
C ALA D 58 5.54 -41.61 19.59
N ALA D 59 6.53 -41.94 20.41
CA ALA D 59 7.18 -40.96 21.28
C ALA D 59 7.82 -39.82 20.50
N GLU D 60 8.59 -40.16 19.47
CA GLU D 60 9.49 -39.18 18.87
C GLU D 60 8.78 -38.48 17.70
N SER D 61 7.51 -38.84 17.49
CA SER D 61 6.65 -38.07 16.59
C SER D 61 5.60 -37.29 17.36
N SER D 62 5.74 -37.25 18.68
CA SER D 62 4.75 -36.55 19.52
C SER D 62 5.38 -35.75 20.65
N THR D 63 5.70 -36.36 21.79
CA THR D 63 6.12 -35.59 22.98
C THR D 63 7.48 -35.99 23.57
N GLY D 64 8.04 -37.11 23.13
CA GLY D 64 9.14 -37.70 23.85
C GLY D 64 10.50 -37.57 23.19
N THR D 65 11.52 -37.63 24.03
CA THR D 65 12.88 -37.75 23.53
C THR D 65 13.62 -38.94 24.21
N TRP D 66 14.93 -39.03 24.04
CA TRP D 66 15.71 -40.27 24.32
C TRP D 66 15.94 -40.56 25.81
N THR D 67 15.72 -39.55 26.64
CA THR D 67 15.92 -39.69 28.08
C THR D 67 14.79 -38.91 28.77
N THR D 68 14.57 -39.15 30.06
CA THR D 68 13.45 -38.55 30.79
C THR D 68 13.69 -37.08 31.15
N VAL D 69 12.71 -36.22 30.86
CA VAL D 69 12.88 -34.79 31.08
C VAL D 69 11.92 -34.33 32.16
N TRP D 70 12.37 -33.41 33.01
CA TRP D 70 11.62 -33.01 34.19
C TRP D 70 10.39 -32.19 33.84
N THR D 71 10.43 -31.51 32.69
CA THR D 71 9.34 -30.65 32.24
C THR D 71 8.00 -31.35 31.97
N ASP D 72 8.04 -32.65 31.69
CA ASP D 72 6.80 -33.41 31.56
C ASP D 72 5.83 -33.10 32.69
N GLY D 73 6.37 -32.94 33.89
CA GLY D 73 5.55 -32.75 35.07
C GLY D 73 4.78 -31.43 35.13
N LEU D 74 5.25 -30.43 34.38
CA LEU D 74 4.54 -29.15 34.29
C LEU D 74 3.24 -29.27 33.47
N THR D 75 3.18 -30.29 32.61
CA THR D 75 2.02 -30.47 31.74
C THR D 75 1.42 -31.85 32.03
N SER D 76 0.58 -32.34 31.12
CA SER D 76 -0.03 -33.66 31.25
C SER D 76 0.33 -34.51 30.03
N LEU D 77 1.26 -35.42 30.21
CA LEU D 77 1.70 -36.29 29.11
C LEU D 77 0.56 -37.16 28.62
N ASP D 78 -0.29 -37.63 29.54
CA ASP D 78 -1.49 -38.41 29.19
C ASP D 78 -2.31 -37.71 28.13
N ARG D 79 -2.48 -36.40 28.31
CA ARG D 79 -3.29 -35.61 27.39
C ARG D 79 -2.65 -35.47 26.01
N TYR D 80 -1.32 -35.37 25.96
CA TYR D 80 -0.64 -34.97 24.71
C TYR D 80 0.09 -36.07 23.97
N LYS D 81 0.56 -37.09 24.70
CA LYS D 81 1.41 -38.13 24.07
C LYS D 81 0.74 -38.84 22.88
N GLY D 82 1.55 -39.13 21.87
CA GLY D 82 1.19 -40.07 20.82
C GLY D 82 1.21 -41.46 21.46
N ARG D 83 0.34 -42.35 20.98
CA ARG D 83 0.15 -43.66 21.59
C ARG D 83 0.18 -44.77 20.55
N CYS D 84 1.17 -45.63 20.62
CA CYS D 84 1.09 -46.86 19.83
C CYS D 84 0.08 -47.80 20.49
N TYR D 85 -1.09 -47.96 19.84
CA TYR D 85 -2.21 -48.65 20.48
C TYR D 85 -2.48 -50.04 19.91
N ASP D 86 -1.77 -50.40 18.85
CA ASP D 86 -1.95 -51.74 18.30
C ASP D 86 -0.77 -52.04 17.40
N ILE D 87 -0.34 -53.30 17.40
CA ILE D 87 0.70 -53.77 16.51
C ILE D 87 0.26 -55.10 15.89
N GLU D 88 0.20 -55.18 14.56
CA GLU D 88 -0.07 -56.47 13.90
C GLU D 88 1.12 -56.92 13.06
N PRO D 89 1.47 -58.21 13.11
CA PRO D 89 2.48 -58.75 12.20
C PRO D 89 1.99 -58.66 10.76
N VAL D 90 2.91 -58.51 9.82
CA VAL D 90 2.55 -58.46 8.41
C VAL D 90 2.65 -59.88 7.83
N PRO D 91 1.57 -60.36 7.21
CA PRO D 91 1.55 -61.71 6.62
C PRO D 91 2.64 -61.86 5.57
N GLY D 92 3.44 -62.92 5.69
CA GLY D 92 4.50 -63.19 4.73
C GLY D 92 5.80 -62.47 5.04
N GLU D 93 5.87 -61.83 6.20
CA GLU D 93 7.09 -61.16 6.66
C GLU D 93 7.43 -61.58 8.08
N ASP D 94 8.70 -61.89 8.31
CA ASP D 94 9.18 -62.27 9.63
C ASP D 94 9.57 -61.06 10.52
N ASN D 95 9.91 -59.93 9.88
CA ASN D 95 10.35 -58.75 10.61
C ASN D 95 9.67 -57.42 10.17
N GLN D 96 8.42 -57.51 9.71
CA GLN D 96 7.62 -56.33 9.41
C GLN D 96 6.36 -56.34 10.26
N TYR D 97 6.01 -55.18 10.81
CA TYR D 97 4.80 -55.02 11.61
C TYR D 97 4.07 -53.76 11.16
N ILE D 98 2.74 -53.75 11.32
CA ILE D 98 2.01 -52.51 11.19
C ILE D 98 1.80 -51.99 12.59
N ALA D 99 2.40 -50.84 12.87
CA ALA D 99 2.24 -50.19 14.17
C ALA D 99 1.23 -49.04 14.00
N TYR D 100 0.24 -49.02 14.90
CA TYR D 100 -0.86 -48.07 14.82
C TYR D 100 -0.64 -47.05 15.92
N VAL D 101 -0.66 -45.78 15.54
CA VAL D 101 -0.34 -44.71 16.49
C VAL D 101 -1.50 -43.73 16.43
N ALA D 102 -1.94 -43.29 17.59
CA ALA D 102 -2.99 -42.27 17.70
C ALA D 102 -2.37 -40.98 18.20
N TYR D 103 -2.76 -39.86 17.58
CA TYR D 103 -2.26 -38.53 17.98
C TYR D 103 -3.42 -37.65 18.38
N ILE D 105 -5.70 -34.45 18.79
CA ILE D 105 -5.90 -33.34 17.85
C ILE D 105 -5.12 -32.06 18.25
N ASP D 106 -4.91 -31.87 19.55
CA ASP D 106 -4.17 -30.72 20.08
C ASP D 106 -2.72 -30.63 19.63
N LEU D 107 -2.16 -31.72 19.13
CA LEU D 107 -0.77 -31.74 18.67
C LEU D 107 -0.59 -31.00 17.35
N PHE D 108 -1.68 -30.76 16.63
CA PHE D 108 -1.58 -30.24 15.27
C PHE D 108 -1.99 -28.78 15.08
N GLU D 109 -1.27 -28.08 14.20
CA GLU D 109 -1.67 -26.75 13.83
C GLU D 109 -2.81 -26.87 12.84
N GLU D 110 -3.89 -26.13 13.12
CA GLU D 110 -5.08 -26.08 12.29
C GLU D 110 -4.72 -25.64 10.89
N GLY D 111 -5.22 -26.37 9.89
CA GLY D 111 -5.01 -25.99 8.50
C GLY D 111 -3.63 -26.16 7.89
N SER D 112 -2.73 -26.80 8.62
CA SER D 112 -1.32 -26.92 8.20
C SER D 112 -0.86 -28.37 7.92
N VAL D 113 -0.87 -28.76 6.66
CA VAL D 113 -0.34 -30.07 6.27
C VAL D 113 1.12 -30.14 6.64
N THR D 114 1.84 -29.03 6.44
CA THR D 114 3.23 -28.98 6.83
C THR D 114 3.43 -29.43 8.27
N ASN D 115 2.61 -28.91 9.18
CA ASN D 115 2.76 -29.28 10.58
C ASN D 115 2.45 -30.76 10.85
N MET D 116 1.39 -31.25 10.23
CA MET D 116 1.03 -32.65 10.42
C MET D 116 2.19 -33.60 10.00
N PHE D 117 2.77 -33.33 8.81
CA PHE D 117 3.91 -34.12 8.31
C PHE D 117 5.12 -34.00 9.20
N THR D 118 5.33 -32.80 9.74
CA THR D 118 6.51 -32.55 10.56
C THR D 118 6.52 -33.42 11.83
N SER D 119 5.37 -33.56 12.48
CA SER D 119 5.25 -34.48 13.59
C SER D 119 5.41 -35.93 13.12
N ILE D 120 4.52 -36.36 12.21
CA ILE D 120 4.33 -37.78 11.94
C ILE D 120 5.49 -38.39 11.14
N VAL D 121 6.11 -37.63 10.24
CA VAL D 121 7.20 -38.16 9.43
C VAL D 121 8.49 -37.37 9.55
N GLY D 122 8.57 -36.48 10.55
CA GLY D 122 9.70 -35.56 10.68
C GLY D 122 11.07 -36.18 11.00
N ASN D 123 11.15 -36.90 12.13
CA ASN D 123 12.39 -37.51 12.57
C ASN D 123 12.42 -39.06 12.56
N VAL D 124 11.27 -39.72 12.74
CA VAL D 124 11.26 -41.15 13.09
C VAL D 124 11.86 -42.09 12.06
N PHE D 125 11.84 -41.70 10.78
CA PHE D 125 12.35 -42.56 9.71
C PHE D 125 13.87 -42.72 9.74
N GLY D 126 14.56 -41.91 10.54
CA GLY D 126 16.01 -41.98 10.63
C GLY D 126 16.56 -42.64 11.89
N PHE D 127 15.67 -43.13 12.75
CA PHE D 127 16.09 -43.74 13.99
C PHE D 127 16.95 -44.96 13.73
N LYS D 128 18.10 -45.02 14.41
CA LYS D 128 19.01 -46.14 14.25
C LYS D 128 18.31 -47.46 14.57
N ALA D 129 17.36 -47.42 15.51
CA ALA D 129 16.75 -48.63 16.07
C ALA D 129 15.78 -49.29 15.10
N LEU D 130 15.52 -48.63 13.98
CA LEU D 130 14.76 -49.30 12.93
C LEU D 130 15.53 -49.37 11.61
N ARG D 131 15.17 -50.33 10.77
CA ARG D 131 15.86 -50.57 9.50
C ARG D 131 15.11 -49.93 8.34
N ALA D 132 13.81 -49.79 8.52
CA ALA D 132 12.93 -49.26 7.50
C ALA D 132 11.61 -48.87 8.15
N LEU D 133 10.97 -47.86 7.58
CA LEU D 133 9.69 -47.39 8.07
C LEU D 133 8.92 -46.84 6.90
N ARG D 134 7.65 -47.20 6.81
CA ARG D 134 6.79 -46.67 5.74
C ARG D 134 5.47 -46.23 6.33
N LEU D 135 5.05 -45.00 6.03
CA LEU D 135 3.73 -44.57 6.46
C LEU D 135 2.72 -45.00 5.39
N GLU D 136 1.81 -45.89 5.77
CA GLU D 136 0.89 -46.49 4.81
C GLU D 136 -0.42 -45.69 4.70
N ASP D 137 -0.89 -45.15 5.82
CA ASP D 137 -2.20 -44.47 5.84
C ASP D 137 -2.33 -43.55 7.04
N LEU D 138 -3.25 -42.59 6.91
CA LEU D 138 -3.58 -41.69 7.98
C LEU D 138 -5.08 -41.61 8.10
N ARG D 139 -5.58 -41.58 9.32
CA ARG D 139 -6.99 -41.33 9.53
C ARG D 139 -7.12 -39.86 9.92
N ILE D 140 -7.54 -39.03 8.97
CA ILE D 140 -7.79 -37.62 9.29
C ILE D 140 -9.24 -37.48 9.80
N PRO D 141 -9.42 -37.13 11.06
CA PRO D 141 -10.77 -37.00 11.61
C PRO D 141 -11.48 -35.72 11.09
N PRO D 142 -12.80 -35.77 10.99
CA PRO D 142 -13.57 -34.60 10.59
C PRO D 142 -13.19 -33.32 11.36
N ALA D 143 -12.97 -33.43 12.67
CA ALA D 143 -12.64 -32.23 13.44
C ALA D 143 -11.35 -31.56 12.97
N TYR D 144 -10.38 -32.34 12.44
CA TYR D 144 -9.17 -31.76 11.84
C TYR D 144 -9.41 -31.31 10.40
N VAL D 145 -10.07 -32.17 9.62
CA VAL D 145 -10.44 -31.83 8.24
C VAL D 145 -11.09 -30.44 8.13
N LYS D 146 -12.01 -30.16 9.05
CA LYS D 146 -12.73 -28.90 9.04
C LYS D 146 -11.86 -27.65 9.21
N THR D 147 -10.61 -27.80 9.66
CA THR D 147 -9.71 -26.65 9.83
C THR D 147 -9.00 -26.26 8.54
N PHE D 148 -9.27 -26.99 7.46
CA PHE D 148 -8.57 -26.76 6.19
C PHE D 148 -9.52 -26.12 5.18
N VAL D 149 -9.01 -25.17 4.39
CA VAL D 149 -9.77 -24.60 3.28
C VAL D 149 -10.06 -25.72 2.26
N GLY D 150 -9.04 -26.52 1.95
CA GLY D 150 -9.24 -27.64 1.05
C GLY D 150 -9.10 -27.19 -0.39
N PRO D 152 -9.60 -25.64 -4.00
CA PRO D 152 -10.21 -24.37 -4.42
C PRO D 152 -11.64 -24.58 -4.94
N HIS D 153 -11.89 -25.66 -5.69
CA HIS D 153 -13.22 -25.91 -6.24
C HIS D 153 -13.74 -27.33 -6.04
N GLY D 154 -12.95 -28.32 -6.45
CA GLY D 154 -13.42 -29.71 -6.41
C GLY D 154 -14.22 -30.09 -7.64
N ILE D 155 -14.42 -31.39 -7.80
CA ILE D 155 -14.95 -31.99 -9.04
C ILE D 155 -16.26 -31.38 -9.56
N GLN D 156 -17.30 -31.34 -8.72
CA GLN D 156 -18.61 -30.83 -9.13
C GLN D 156 -18.52 -29.36 -9.56
N VAL D 157 -17.94 -28.51 -8.73
CA VAL D 157 -17.78 -27.10 -9.06
C VAL D 157 -16.96 -26.93 -10.34
N GLU D 158 -15.88 -27.70 -10.48
CA GLU D 158 -15.05 -27.64 -11.69
C GLU D 158 -15.86 -27.97 -12.99
N ARG D 159 -16.65 -29.02 -12.93
CA ARG D 159 -17.51 -29.36 -14.08
C ARG D 159 -18.48 -28.22 -14.40
N ASP D 160 -19.04 -27.61 -13.36
CA ASP D 160 -19.97 -26.49 -13.52
C ASP D 160 -19.27 -25.27 -14.12
N LYS D 161 -18.02 -25.01 -13.72
CA LYS D 161 -17.26 -23.87 -14.23
C LYS D 161 -16.85 -24.11 -15.68
N LEU D 162 -16.64 -25.37 -16.05
CA LEU D 162 -16.16 -25.69 -17.40
C LEU D 162 -17.33 -25.92 -18.32
N ASN D 163 -18.50 -26.16 -17.73
CA ASN D 163 -19.71 -26.54 -18.45
C ASN D 163 -19.50 -27.85 -19.23
N LYS D 164 -18.79 -28.79 -18.61
CA LYS D 164 -18.45 -30.09 -19.22
C LYS D 164 -19.01 -31.24 -18.40
N TYR D 165 -19.78 -32.07 -19.08
CA TYR D 165 -20.49 -33.17 -18.43
C TYR D 165 -20.58 -34.41 -19.30
N GLY D 166 -20.60 -35.57 -18.68
CA GLY D 166 -20.99 -36.79 -19.36
C GLY D 166 -19.84 -37.63 -19.89
N ARG D 167 -18.60 -37.23 -19.63
CA ARG D 167 -17.43 -37.97 -20.12
C ARG D 167 -16.18 -37.52 -19.37
N GLY D 168 -15.12 -38.33 -19.45
CA GLY D 168 -13.82 -37.91 -18.94
C GLY D 168 -13.34 -36.67 -19.66
N LEU D 169 -12.49 -35.89 -19.00
CA LEU D 169 -11.85 -34.74 -19.64
C LEU D 169 -10.61 -35.24 -20.35
N LEU D 170 -10.18 -34.53 -21.38
CA LEU D 170 -8.96 -34.92 -22.10
C LEU D 170 -7.92 -33.82 -22.10
N GLY D 171 -6.69 -34.19 -21.77
CA GLY D 171 -5.59 -33.26 -21.73
C GLY D 171 -4.38 -33.83 -22.43
N CYS D 172 -3.26 -33.12 -22.30
CA CYS D 172 -2.09 -33.34 -23.12
C CYS D 172 -0.92 -32.46 -22.68
N THR D 173 0.21 -33.09 -22.32
CA THR D 173 1.43 -32.34 -22.05
C THR D 173 2.16 -32.04 -23.36
N ILE D 174 2.49 -30.76 -23.58
CA ILE D 174 3.27 -30.34 -24.71
C ILE D 174 4.68 -30.97 -24.63
N LYS D 175 5.24 -31.31 -25.80
CA LYS D 175 6.54 -31.98 -25.92
C LYS D 175 7.26 -31.35 -27.08
N PRO D 176 8.60 -31.36 -27.12
CA PRO D 176 9.47 -31.94 -26.08
C PRO D 176 9.28 -31.24 -24.73
N LYS D 177 9.66 -31.92 -23.65
CA LYS D 177 9.49 -31.38 -22.30
C LYS D 177 10.03 -29.96 -22.22
N LEU D 178 11.28 -29.79 -22.62
CA LEU D 178 11.96 -28.51 -22.54
C LEU D 178 12.56 -28.22 -23.90
N GLY D 179 12.86 -26.95 -24.21
CA GLY D 179 13.50 -26.60 -25.48
C GLY D 179 12.65 -25.86 -26.51
N LEU D 180 11.34 -25.76 -26.30
CA LEU D 180 10.48 -25.04 -27.20
C LEU D 180 10.40 -23.59 -26.81
N SER D 181 10.37 -22.71 -27.81
CA SER D 181 10.12 -21.27 -27.58
C SER D 181 8.66 -21.03 -27.17
N ALA D 182 8.38 -19.85 -26.62
CA ALA D 182 7.01 -19.46 -26.26
C ALA D 182 6.06 -19.51 -27.45
N LYS D 183 6.47 -18.91 -28.56
CA LYS D 183 5.67 -18.93 -29.79
C LYS D 183 5.37 -20.37 -30.25
N ASN D 184 6.37 -21.25 -30.25
CA ASN D 184 6.12 -22.64 -30.63
C ASN D 184 5.26 -23.38 -29.62
N TYR D 185 5.38 -23.01 -28.35
CA TYR D 185 4.51 -23.58 -27.31
C TYR D 185 3.07 -23.28 -27.61
N GLY D 186 2.76 -22.02 -27.91
CA GLY D 186 1.40 -21.62 -28.23
C GLY D 186 0.88 -22.25 -29.51
N ARG D 187 1.76 -22.37 -30.51
CA ARG D 187 1.47 -23.06 -31.77
C ARG D 187 0.98 -24.48 -31.51
N ALA D 188 1.78 -25.24 -30.74
CA ALA D 188 1.47 -26.62 -30.40
C ALA D 188 0.15 -26.70 -29.62
N VAL D 189 -0.03 -25.76 -28.67
CA VAL D 189 -1.24 -25.71 -27.84
C VAL D 189 -2.47 -25.50 -28.72
N TYR D 190 -2.45 -24.49 -29.59
CA TYR D 190 -3.60 -24.26 -30.46
C TYR D 190 -3.99 -25.50 -31.31
N GLU D 191 -3.00 -26.12 -31.94
CA GLU D 191 -3.25 -27.27 -32.80
C GLU D 191 -3.78 -28.45 -32.00
N CYS D 192 -3.30 -28.63 -30.77
CA CYS D 192 -3.82 -29.66 -29.89
C CYS D 192 -5.28 -29.41 -29.51
N LEU D 193 -5.56 -28.23 -28.93
CA LEU D 193 -6.90 -27.90 -28.44
C LEU D 193 -7.93 -27.90 -29.55
N ARG D 194 -7.54 -27.47 -30.75
CA ARG D 194 -8.53 -27.34 -31.82
C ARG D 194 -9.02 -28.70 -32.33
N GLY D 195 -8.30 -29.77 -32.00
CA GLY D 195 -8.64 -31.09 -32.52
C GLY D 195 -9.60 -31.84 -31.61
N GLY D 196 -9.89 -31.30 -30.42
CA GLY D 196 -10.85 -31.94 -29.52
C GLY D 196 -10.39 -32.19 -28.10
N LEU D 197 -9.16 -31.82 -27.73
CA LEU D 197 -8.72 -31.89 -26.33
C LEU D 197 -9.35 -30.73 -25.55
N ASP D 198 -9.75 -31.02 -24.31
CA ASP D 198 -10.25 -29.98 -23.41
C ASP D 198 -9.12 -29.11 -22.87
N PHE D 199 -7.96 -29.72 -22.61
CA PHE D 199 -6.82 -29.09 -21.97
C PHE D 199 -5.50 -29.46 -22.64
N THR D 200 -4.53 -28.57 -22.53
CA THR D 200 -3.12 -28.94 -22.66
C THR D 200 -2.44 -28.46 -21.37
N ASP D 202 1.64 -27.12 -19.44
CA ASP D 202 3.09 -27.02 -19.32
C ASP D 202 3.60 -28.35 -18.75
N ASP D 203 4.76 -28.80 -19.21
CA ASP D 203 5.37 -29.94 -18.53
C ASP D 203 5.69 -29.50 -17.11
N GLU D 204 5.72 -30.46 -16.17
CA GLU D 204 6.02 -30.12 -14.78
C GLU D 204 7.28 -29.27 -14.63
N ASN D 205 8.26 -29.47 -15.51
CA ASN D 205 9.52 -28.73 -15.37
C ASN D 205 9.63 -27.48 -16.23
N VAL D 206 8.59 -27.19 -16.99
CA VAL D 206 8.49 -25.93 -17.71
C VAL D 206 8.05 -24.86 -16.68
N ASN D 207 9.00 -24.03 -16.29
CA ASN D 207 8.72 -22.92 -15.37
C ASN D 207 9.05 -21.62 -16.10
N SER D 208 10.27 -21.11 -15.91
CA SER D 208 10.83 -20.03 -16.70
C SER D 208 12.31 -20.34 -16.94
N GLN D 209 12.76 -20.34 -18.20
CA GLN D 209 14.10 -20.80 -18.55
C GLN D 209 14.65 -19.97 -19.69
N PRO D 210 15.95 -20.00 -19.94
CA PRO D 210 16.54 -19.28 -21.08
C PRO D 210 15.88 -19.54 -22.45
N PHE D 211 15.42 -20.77 -22.74
CA PHE D 211 14.78 -21.05 -24.02
C PHE D 211 13.33 -20.54 -24.10
N MET D 212 12.71 -20.29 -22.95
CA MET D 212 11.34 -19.80 -22.95
C MET D 212 11.04 -19.16 -21.60
N ARG D 213 10.86 -17.84 -21.60
CA ARG D 213 10.48 -17.15 -20.38
C ARG D 213 8.98 -17.29 -20.10
N TRP D 214 8.61 -17.38 -18.81
CA TRP D 214 7.22 -17.70 -18.44
C TRP D 214 6.19 -16.72 -19.00
N ARG D 215 6.45 -15.42 -18.89
CA ARG D 215 5.44 -14.44 -19.30
C ARG D 215 5.20 -14.44 -20.83
N ASP D 216 6.26 -14.54 -21.63
CA ASP D 216 6.13 -14.83 -23.06
C ASP D 216 5.21 -16.03 -23.34
N ARG D 217 5.46 -17.14 -22.65
CA ARG D 217 4.63 -18.35 -22.78
C ARG D 217 3.18 -18.11 -22.40
N PHE D 218 2.96 -17.48 -21.23
CA PHE D 218 1.58 -17.21 -20.77
C PHE D 218 0.77 -16.46 -21.83
N LEU D 219 1.36 -15.44 -22.41
CA LEU D 219 0.69 -14.62 -23.42
C LEU D 219 0.38 -15.40 -24.70
N PHE D 220 1.32 -16.23 -25.18
CA PHE D 220 1.08 -16.98 -26.40
C PHE D 220 0.05 -18.08 -26.16
N VAL D 221 0.12 -18.70 -24.99
CA VAL D 221 -0.83 -19.75 -24.66
C VAL D 221 -2.27 -19.18 -24.56
N ALA D 222 -2.42 -18.01 -23.94
CA ALA D 222 -3.72 -17.35 -23.85
C ALA D 222 -4.30 -17.12 -25.23
N GLU D 223 -3.48 -16.66 -26.19
CA GLU D 223 -3.93 -16.51 -27.57
C GLU D 223 -4.40 -17.85 -28.14
N ALA D 224 -3.67 -18.93 -27.86
CA ALA D 224 -3.95 -20.23 -28.45
C ALA D 224 -5.25 -20.82 -27.84
N ILE D 225 -5.43 -20.66 -26.54
CA ILE D 225 -6.68 -21.05 -25.88
C ILE D 225 -7.88 -20.38 -26.57
N TYR D 226 -7.78 -19.07 -26.74
CA TYR D 226 -8.85 -18.24 -27.27
C TYR D 226 -9.16 -18.67 -28.70
N LYS D 227 -8.13 -18.83 -29.53
CA LYS D 227 -8.35 -19.20 -30.92
C LYS D 227 -9.01 -20.58 -31.04
N ALA D 228 -8.52 -21.56 -30.27
CA ALA D 228 -9.12 -22.90 -30.30
C ALA D 228 -10.57 -22.93 -29.75
N GLN D 229 -10.84 -22.15 -28.70
CA GLN D 229 -12.20 -22.07 -28.17
C GLN D 229 -13.14 -21.49 -29.22
N ALA D 230 -12.70 -20.47 -29.95
CA ALA D 230 -13.57 -19.82 -30.95
C ALA D 230 -13.77 -20.72 -32.18
N GLU D 231 -12.72 -21.46 -32.54
CA GLU D 231 -12.79 -22.36 -33.68
C GLU D 231 -13.72 -23.56 -33.42
N THR D 232 -13.65 -24.16 -32.22
CA THR D 232 -14.36 -25.41 -31.92
C THR D 232 -15.74 -25.21 -31.31
N GLY D 233 -15.95 -24.07 -30.70
CA GLY D 233 -17.18 -23.84 -29.95
C GLY D 233 -17.18 -24.53 -28.60
N GLU D 234 -16.03 -25.02 -28.13
CA GLU D 234 -15.96 -25.70 -26.83
C GLU D 234 -14.99 -25.00 -25.88
N VAL D 235 -15.30 -25.02 -24.59
CA VAL D 235 -14.45 -24.39 -23.58
C VAL D 235 -13.09 -25.09 -23.54
N LYS D 236 -12.03 -24.32 -23.64
CA LYS D 236 -10.66 -24.81 -23.63
C LYS D 236 -9.88 -24.23 -22.44
N GLY D 237 -8.81 -24.92 -22.07
CA GLY D 237 -7.86 -24.39 -21.09
C GLY D 237 -6.50 -24.98 -21.29
N HIS D 238 -5.50 -24.39 -20.63
CA HIS D 238 -4.16 -24.94 -20.62
C HIS D 238 -3.55 -24.64 -19.26
N TYR D 239 -3.02 -25.67 -18.58
CA TYR D 239 -2.55 -25.45 -17.25
C TYR D 239 -1.21 -24.72 -17.32
N LEU D 240 -1.25 -23.42 -17.04
CA LEU D 240 -0.03 -22.63 -17.00
C LEU D 240 0.65 -22.85 -15.62
N ASN D 241 1.95 -23.14 -15.66
CA ASN D 241 2.69 -23.57 -14.48
C ASN D 241 3.09 -22.38 -13.62
N ALA D 242 2.63 -22.38 -12.37
CA ALA D 242 3.00 -21.33 -11.40
C ALA D 242 4.17 -21.76 -10.51
N THR D 243 4.62 -22.99 -10.68
CA THR D 243 5.76 -23.53 -9.93
C THR D 243 6.97 -22.60 -10.11
N ALA D 244 7.60 -22.19 -9.00
CA ALA D 244 8.66 -21.20 -9.05
C ALA D 244 9.64 -21.42 -7.91
N GLY D 245 10.72 -20.64 -7.90
CA GLY D 245 11.73 -20.74 -6.87
C GLY D 245 11.36 -20.12 -5.51
N THR D 246 10.47 -19.16 -5.53
CA THR D 246 10.03 -18.45 -4.32
C THR D 246 8.53 -18.25 -4.36
N CYS D 247 7.93 -18.01 -3.19
CA CYS D 247 6.49 -17.73 -3.11
C CYS D 247 6.09 -16.52 -3.90
N GLU D 248 6.96 -15.52 -3.94
CA GLU D 248 6.66 -14.27 -4.61
C GLU D 248 6.57 -14.47 -6.12
N GLU D 249 7.51 -15.24 -6.69
CA GLU D 249 7.48 -15.57 -8.13
C GLU D 249 6.28 -16.43 -8.43
N MET D 250 6.03 -17.44 -7.60
CA MET D 250 4.83 -18.28 -7.75
C MET D 250 3.55 -17.45 -7.86
N MET D 251 3.36 -16.52 -6.91
CA MET D 251 2.18 -15.64 -6.91
C MET D 251 2.11 -14.69 -8.10
N LYS D 252 3.25 -14.12 -8.49
CA LYS D 252 3.34 -13.29 -9.68
C LYS D 252 2.74 -14.02 -10.90
N ARG D 253 3.10 -15.30 -11.02
CA ARG D 253 2.66 -16.11 -12.17
C ARG D 253 1.15 -16.39 -12.13
N ALA D 254 0.66 -16.75 -10.96
CA ALA D 254 -0.76 -16.97 -10.74
C ALA D 254 -1.55 -15.71 -11.05
N VAL D 255 -1.06 -14.56 -10.57
CA VAL D 255 -1.70 -13.25 -10.81
C VAL D 255 -1.77 -12.95 -12.32
N ALA D 257 -1.77 -15.19 -14.84
CA ALA D 257 -2.77 -16.10 -15.38
C ALA D 257 -4.20 -15.58 -15.12
N LYS D 258 -4.46 -15.10 -13.89
CA LYS D 258 -5.76 -14.50 -13.59
C LYS D 258 -6.05 -13.29 -14.50
N GLU D 259 -5.08 -12.39 -14.63
CA GLU D 259 -5.26 -11.19 -15.46
C GLU D 259 -5.60 -11.58 -16.88
N LEU D 260 -5.00 -12.66 -17.37
CA LEU D 260 -5.26 -13.11 -18.74
C LEU D 260 -6.62 -13.77 -18.91
N GLY D 261 -7.30 -14.05 -17.80
CA GLY D 261 -8.57 -14.76 -17.88
C GLY D 261 -8.48 -16.25 -18.23
N VAL D 262 -7.29 -16.84 -18.17
CA VAL D 262 -7.19 -18.28 -18.38
C VAL D 262 -7.79 -19.04 -17.20
N PRO D 263 -8.59 -20.08 -17.46
CA PRO D 263 -9.36 -20.72 -16.39
C PRO D 263 -8.55 -21.62 -15.44
N ILE D 264 -7.32 -22.00 -15.79
CA ILE D 264 -6.64 -23.03 -14.98
C ILE D 264 -5.13 -22.87 -14.92
N ILE D 265 -4.57 -23.15 -13.74
CA ILE D 265 -3.11 -23.19 -13.57
C ILE D 265 -2.67 -24.50 -12.96
N MET D 266 -1.35 -24.71 -12.93
CA MET D 266 -0.83 -25.89 -12.27
C MET D 266 0.27 -25.56 -11.27
N HIS D 267 0.52 -26.51 -10.37
CA HIS D 267 1.57 -26.38 -9.37
C HIS D 267 2.16 -27.75 -9.08
N ASP D 268 3.48 -27.84 -8.97
CA ASP D 268 4.12 -29.08 -8.53
C ASP D 268 4.19 -29.07 -6.99
N TYR D 269 3.25 -29.75 -6.32
CA TYR D 269 3.13 -29.57 -4.87
C TYR D 269 4.24 -30.10 -3.99
N LEU D 270 4.94 -31.10 -4.47
CA LEU D 270 6.02 -31.67 -3.66
C LEU D 270 7.36 -30.94 -3.86
N THR D 271 7.67 -30.59 -5.10
CA THR D 271 8.88 -29.81 -5.36
C THR D 271 8.75 -28.35 -4.97
N GLY D 272 7.55 -27.78 -5.11
CA GLY D 272 7.28 -26.47 -4.57
C GLY D 272 7.14 -26.52 -3.05
N GLY D 273 6.31 -27.45 -2.58
CA GLY D 273 6.19 -27.69 -1.15
C GLY D 273 4.83 -27.32 -0.63
N PHE D 274 4.42 -27.97 0.45
CA PHE D 274 3.09 -27.78 1.05
C PHE D 274 2.77 -26.33 1.46
N THR D 275 3.78 -25.62 1.99
CA THR D 275 3.56 -24.24 2.42
C THR D 275 3.18 -23.35 1.23
N ALA D 276 3.98 -23.42 0.16
CA ALA D 276 3.63 -22.74 -1.08
C ALA D 276 2.30 -23.24 -1.65
N ASN D 277 2.10 -24.55 -1.68
CA ASN D 277 0.88 -25.07 -2.29
C ASN D 277 -0.38 -24.62 -1.63
N THR D 278 -0.38 -24.55 -0.31
CA THR D 278 -1.57 -24.13 0.43
C THR D 278 -1.86 -22.66 0.11
N SER D 279 -0.81 -21.84 0.02
CA SER D 279 -0.97 -20.43 -0.30
C SER D 279 -1.62 -20.28 -1.66
N LEU D 280 -1.10 -21.06 -2.63
CA LEU D 280 -1.61 -21.02 -4.00
C LEU D 280 -3.07 -21.46 -4.08
N ALA D 281 -3.40 -22.52 -3.36
CA ALA D 281 -4.76 -23.05 -3.31
C ALA D 281 -5.77 -22.03 -2.78
N ILE D 282 -5.40 -21.35 -1.69
CA ILE D 282 -6.18 -20.24 -1.14
C ILE D 282 -6.33 -19.08 -2.15
N TYR D 283 -5.23 -18.74 -2.84
CA TYR D 283 -5.29 -17.73 -3.88
C TYR D 283 -6.31 -18.16 -4.98
N CYS D 284 -6.24 -19.44 -5.38
CA CYS D 284 -7.12 -19.96 -6.44
C CYS D 284 -8.57 -19.95 -6.00
N ARG D 285 -8.83 -20.34 -4.75
CA ARG D 285 -10.15 -20.18 -4.15
C ARG D 285 -10.66 -18.71 -4.18
N ASP D 286 -9.77 -17.79 -3.84
CA ASP D 286 -10.16 -16.39 -3.73
C ASP D 286 -10.39 -15.72 -5.09
N ASN D 287 -9.91 -16.37 -6.14
CA ASN D 287 -9.93 -15.77 -7.48
C ASN D 287 -10.57 -16.65 -8.57
N GLY D 288 -11.18 -17.77 -8.17
CA GLY D 288 -11.89 -18.63 -9.11
C GLY D 288 -11.02 -19.36 -10.12
N LEU D 289 -9.73 -19.52 -9.79
CA LEU D 289 -8.80 -20.25 -10.66
C LEU D 289 -8.85 -21.74 -10.38
N LEU D 290 -9.02 -22.56 -11.42
CA LEU D 290 -8.85 -24.01 -11.24
C LEU D 290 -7.38 -24.32 -11.05
N LEU D 291 -7.09 -25.33 -10.23
CA LEU D 291 -5.73 -25.65 -9.83
C LEU D 291 -5.38 -27.10 -10.10
N HIS D 292 -4.55 -27.32 -11.11
CA HIS D 292 -4.08 -28.67 -11.43
C HIS D 292 -2.81 -28.97 -10.67
N ILE D 293 -2.79 -30.12 -9.98
CA ILE D 293 -1.63 -30.48 -9.18
C ILE D 293 -0.85 -31.59 -9.81
N HIS D 294 0.43 -31.31 -10.09
CA HIS D 294 1.38 -32.33 -10.56
C HIS D 294 2.17 -32.89 -9.37
N ARG D 295 2.43 -34.20 -9.35
CA ARG D 295 3.01 -34.86 -8.17
C ARG D 295 4.49 -35.19 -8.34
N ALA D 296 5.16 -34.44 -9.21
CA ALA D 296 6.61 -34.53 -9.35
C ALA D 296 7.31 -34.83 -8.03
N MET D 297 8.20 -35.81 -8.05
CA MET D 297 8.99 -36.27 -6.89
C MET D 297 8.30 -37.33 -6.01
N HIS D 298 6.98 -37.52 -6.18
CA HIS D 298 6.29 -38.48 -5.29
C HIS D 298 6.96 -39.85 -5.27
N ALA D 299 7.41 -40.35 -6.43
CA ALA D 299 7.97 -41.72 -6.50
C ALA D 299 9.29 -41.85 -5.77
N VAL D 300 9.98 -40.74 -5.53
CA VAL D 300 11.17 -40.74 -4.65
C VAL D 300 10.79 -41.24 -3.24
N ILE D 301 9.57 -40.90 -2.84
CA ILE D 301 9.03 -41.15 -1.52
C ILE D 301 8.21 -42.43 -1.46
N ASP D 302 7.45 -42.70 -2.53
CA ASP D 302 6.35 -43.65 -2.44
C ASP D 302 6.48 -44.96 -3.23
N ARG D 303 7.58 -45.13 -3.96
CA ARG D 303 7.81 -46.35 -4.76
C ARG D 303 8.00 -47.64 -3.96
N GLN D 304 8.86 -47.62 -2.93
CA GLN D 304 9.25 -48.86 -2.29
C GLN D 304 8.27 -49.28 -1.21
N ARG D 305 8.04 -50.58 -1.16
CA ARG D 305 7.13 -51.19 -0.22
C ARG D 305 7.57 -51.07 1.26
N ASN D 306 8.88 -51.11 1.49
CA ASN D 306 9.43 -51.22 2.86
C ASN D 306 9.72 -49.88 3.54
N HIS D 307 9.77 -48.81 2.76
CA HIS D 307 10.23 -47.52 3.29
C HIS D 307 9.67 -46.34 2.50
N GLY D 308 9.23 -45.32 3.22
CA GLY D 308 8.76 -44.06 2.64
C GLY D 308 7.36 -43.67 3.10
N ILE D 309 6.58 -43.08 2.19
CA ILE D 309 5.18 -42.80 2.47
C ILE D 309 4.37 -43.27 1.28
N HIS D 310 3.32 -44.07 1.49
CA HIS D 310 2.50 -44.49 0.37
C HIS D 310 1.80 -43.30 -0.30
N PHE D 311 1.61 -43.38 -1.62
CA PHE D 311 0.98 -42.29 -2.34
C PHE D 311 -0.37 -41.88 -1.79
N ARG D 312 -1.13 -42.83 -1.25
CA ARG D 312 -2.45 -42.51 -0.73
C ARG D 312 -2.37 -41.44 0.37
N VAL D 313 -1.32 -41.48 1.17
CA VAL D 313 -1.09 -40.45 2.21
C VAL D 313 -0.70 -39.09 1.57
N LEU D 314 0.15 -39.14 0.53
CA LEU D 314 0.50 -37.95 -0.23
C LEU D 314 -0.72 -37.38 -0.94
N ALA D 315 -1.67 -38.24 -1.30
CA ALA D 315 -2.88 -37.80 -1.94
C ALA D 315 -3.82 -37.11 -0.93
N LYS D 316 -4.02 -37.70 0.25
CA LYS D 316 -4.85 -37.12 1.31
C LYS D 316 -4.29 -35.74 1.71
N ALA D 317 -2.96 -35.68 1.89
CA ALA D 317 -2.27 -34.42 2.19
C ALA D 317 -2.53 -33.37 1.12
N LEU D 318 -2.48 -33.76 -0.16
CA LEU D 318 -2.80 -32.81 -1.23
C LEU D 318 -4.27 -32.34 -1.16
N ARG D 319 -5.19 -33.27 -0.90
CA ARG D 319 -6.59 -32.93 -0.78
C ARG D 319 -6.80 -31.88 0.30
N MET D 320 -6.12 -32.05 1.44
CA MET D 320 -6.15 -31.09 2.54
C MET D 320 -5.53 -29.72 2.18
N SER D 321 -4.31 -29.73 1.64
CA SER D 321 -3.58 -28.52 1.28
C SER D 321 -4.33 -27.76 0.19
N GLY D 322 -4.85 -28.53 -0.78
CA GLY D 322 -5.72 -28.00 -1.80
C GLY D 322 -5.28 -28.26 -3.22
N GLY D 323 -6.17 -28.86 -4.00
CA GLY D 323 -5.95 -28.99 -5.43
C GLY D 323 -7.20 -29.48 -6.14
N ASP D 324 -7.49 -28.94 -7.33
CA ASP D 324 -8.66 -29.40 -8.12
C ASP D 324 -8.44 -30.71 -8.89
N HIS D 325 -7.23 -30.89 -9.40
CA HIS D 325 -6.80 -32.14 -10.04
C HIS D 325 -5.58 -32.67 -9.27
N LEU D 326 -5.36 -33.98 -9.33
CA LEU D 326 -4.10 -34.55 -8.85
C LEU D 326 -3.81 -35.76 -9.69
N HIS D 327 -2.60 -35.88 -10.23
CA HIS D 327 -2.24 -37.08 -11.01
C HIS D 327 -2.37 -38.34 -10.14
N SER D 328 -2.91 -39.41 -10.74
CA SER D 328 -3.31 -40.61 -10.03
C SER D 328 -2.59 -41.86 -10.57
N GLY D 329 -1.82 -41.67 -11.64
CA GLY D 329 -1.26 -42.80 -12.38
C GLY D 329 -2.27 -43.29 -13.39
N THR D 330 -1.84 -44.23 -14.24
CA THR D 330 -2.69 -44.75 -15.32
C THR D 330 -2.99 -46.25 -15.17
N VAL D 331 -2.22 -46.92 -14.31
CA VAL D 331 -2.20 -48.39 -14.22
C VAL D 331 -1.52 -49.03 -15.42
N VAL D 332 -1.99 -48.70 -16.63
CA VAL D 332 -1.56 -49.36 -17.86
C VAL D 332 -0.42 -48.62 -18.62
N GLY D 333 -0.06 -47.40 -18.20
CA GLY D 333 0.94 -46.58 -18.88
C GLY D 333 2.38 -46.81 -18.42
N LYS D 334 3.26 -45.85 -18.70
CA LYS D 334 4.70 -46.03 -18.55
C LYS D 334 5.19 -45.93 -17.10
N LEU D 335 4.36 -45.41 -16.20
CA LEU D 335 4.77 -45.28 -14.81
C LEU D 335 3.92 -46.20 -13.96
N GLU D 336 4.48 -46.66 -12.84
CA GLU D 336 3.85 -47.69 -12.03
C GLU D 336 2.62 -47.24 -11.29
N GLY D 337 1.68 -48.18 -11.13
CA GLY D 337 0.51 -48.01 -10.32
C GLY D 337 -0.37 -49.23 -10.45
N GLU D 338 -0.30 -50.12 -9.48
CA GLU D 338 -1.14 -51.33 -9.46
C GLU D 338 -2.63 -50.99 -9.30
N ARG D 339 -3.46 -51.81 -9.95
CA ARG D 339 -4.86 -51.54 -10.12
C ARG D 339 -5.62 -51.30 -8.82
N GLU D 340 -5.47 -52.22 -7.86
CA GLU D 340 -6.26 -52.19 -6.63
C GLU D 340 -5.79 -51.04 -5.72
N VAL D 341 -4.47 -50.86 -5.67
CA VAL D 341 -3.87 -49.76 -4.95
C VAL D 341 -4.46 -48.46 -5.48
N THR D 342 -4.46 -48.33 -6.80
CA THR D 342 -4.93 -47.13 -7.47
C THR D 342 -6.41 -46.85 -7.24
N LEU D 343 -7.26 -47.88 -7.40
CA LEU D 343 -8.70 -47.76 -7.16
C LEU D 343 -8.98 -47.27 -5.74
N GLY D 344 -8.20 -47.79 -4.80
CA GLY D 344 -8.28 -47.36 -3.41
C GLY D 344 -8.03 -45.86 -3.22
N PHE D 345 -6.88 -45.36 -3.68
CA PHE D 345 -6.59 -43.96 -3.45
C PHE D 345 -7.41 -43.01 -4.33
N VAL D 346 -7.92 -43.53 -5.46
CA VAL D 346 -8.85 -42.75 -6.27
C VAL D 346 -10.10 -42.45 -5.46
N ASP D 347 -10.61 -43.47 -4.77
CA ASP D 347 -11.75 -43.28 -3.89
C ASP D 347 -11.43 -42.30 -2.75
N LEU D 348 -10.26 -42.46 -2.12
CA LEU D 348 -9.83 -41.52 -1.11
C LEU D 348 -9.72 -40.08 -1.62
N MET D 349 -9.35 -39.90 -2.89
CA MET D 349 -9.24 -38.56 -3.50
C MET D 349 -10.60 -37.91 -3.86
N ARG D 350 -11.57 -38.72 -4.33
CA ARG D 350 -12.83 -38.20 -4.89
C ARG D 350 -14.01 -38.21 -3.93
N ASP D 351 -14.07 -39.20 -3.04
CA ASP D 351 -15.31 -39.51 -2.35
C ASP D 351 -15.40 -38.84 -1.00
N ASP D 352 -16.60 -38.78 -0.46
CA ASP D 352 -16.81 -38.17 0.84
C ASP D 352 -16.53 -39.11 2.01
N TYR D 353 -16.79 -40.39 1.81
CA TYR D 353 -16.72 -41.37 2.89
C TYR D 353 -16.18 -42.68 2.35
N VAL D 354 -15.03 -43.12 2.85
CA VAL D 354 -14.40 -44.32 2.32
C VAL D 354 -14.10 -45.33 3.43
N GLU D 355 -14.79 -46.47 3.37
CA GLU D 355 -14.68 -47.51 4.39
C GLU D 355 -13.34 -48.19 4.31
N LYS D 356 -12.84 -48.56 5.47
CA LYS D 356 -11.66 -49.40 5.58
C LYS D 356 -11.78 -50.59 4.59
N ASP D 357 -10.68 -50.90 3.90
CA ASP D 357 -10.67 -51.97 2.91
C ASP D 357 -9.22 -52.31 2.60
N ARG D 358 -8.67 -53.24 3.38
CA ARG D 358 -7.26 -53.64 3.24
C ARG D 358 -6.87 -54.20 1.87
N SER D 359 -7.82 -54.79 1.16
CA SER D 359 -7.59 -55.31 -0.18
C SER D 359 -7.37 -54.20 -1.20
N ARG D 360 -7.61 -52.95 -0.78
CA ARG D 360 -7.31 -51.80 -1.62
C ARG D 360 -6.32 -50.84 -0.98
N GLY D 361 -5.66 -51.30 0.07
CA GLY D 361 -4.69 -50.49 0.77
C GLY D 361 -5.29 -49.43 1.68
N ILE D 362 -6.59 -49.52 1.96
CA ILE D 362 -7.25 -48.55 2.84
C ILE D 362 -7.25 -49.07 4.26
N TYR D 363 -6.35 -48.53 5.08
CA TYR D 363 -6.16 -49.03 6.45
C TYR D 363 -7.15 -48.47 7.45
N PHE D 364 -7.71 -47.30 7.15
CA PHE D 364 -8.68 -46.63 8.04
C PHE D 364 -9.89 -46.14 7.28
N THR D 365 -11.05 -46.20 7.91
CA THR D 365 -12.23 -45.55 7.37
C THR D 365 -11.94 -44.05 7.36
N GLN D 366 -12.15 -43.41 6.22
CA GLN D 366 -11.87 -41.97 6.07
C GLN D 366 -13.15 -41.20 5.81
N ASP D 367 -13.46 -40.27 6.71
CA ASP D 367 -14.61 -39.35 6.55
C ASP D 367 -14.09 -37.97 6.19
N TRP D 368 -14.39 -37.51 4.98
CA TRP D 368 -13.96 -36.18 4.52
C TRP D 368 -14.88 -35.01 4.91
N SER D 370 -17.54 -33.52 3.82
CA SER D 370 -17.87 -32.57 2.73
C SER D 370 -16.74 -31.76 2.07
N MET D 371 -15.50 -31.97 2.49
CA MET D 371 -14.38 -31.38 1.77
C MET D 371 -14.48 -31.84 0.30
N PRO D 372 -14.34 -30.92 -0.65
CA PRO D 372 -14.51 -31.26 -2.07
C PRO D 372 -13.56 -32.37 -2.51
N GLY D 373 -14.01 -33.16 -3.48
CA GLY D 373 -13.19 -34.18 -4.08
C GLY D 373 -12.25 -33.64 -5.15
N VAL D 374 -11.12 -34.32 -5.28
CA VAL D 374 -10.05 -34.00 -6.22
C VAL D 374 -10.16 -34.89 -7.45
N MET D 375 -10.13 -34.24 -8.63
CA MET D 375 -10.19 -34.92 -9.90
C MET D 375 -8.90 -35.69 -10.22
N PRO D 376 -8.96 -37.02 -10.34
CA PRO D 376 -7.75 -37.79 -10.69
C PRO D 376 -7.33 -37.56 -12.14
N VAL D 377 -6.02 -37.50 -12.35
CA VAL D 377 -5.50 -37.29 -13.69
C VAL D 377 -4.63 -38.47 -14.07
N ALA D 378 -5.08 -39.20 -15.10
CA ALA D 378 -4.35 -40.35 -15.62
C ALA D 378 -3.48 -39.86 -16.76
N SER D 379 -2.17 -39.96 -16.58
CA SER D 379 -1.24 -39.43 -17.57
C SER D 379 0.05 -40.21 -17.58
N GLY D 380 0.64 -40.36 -18.76
CA GLY D 380 1.96 -40.93 -18.88
C GLY D 380 2.03 -42.25 -19.66
N GLY D 381 2.48 -42.16 -20.91
CA GLY D 381 2.67 -43.33 -21.74
C GLY D 381 1.39 -44.03 -22.14
N ILE D 382 0.28 -43.30 -22.24
CA ILE D 382 -0.96 -43.89 -22.67
C ILE D 382 -1.33 -43.44 -24.09
N HIS D 383 -2.07 -44.30 -24.78
CA HIS D 383 -2.51 -44.01 -26.15
C HIS D 383 -3.90 -44.60 -26.40
N VAL D 384 -4.40 -44.45 -27.63
CA VAL D 384 -5.79 -44.80 -27.96
C VAL D 384 -6.23 -46.20 -27.52
N TRP D 385 -5.35 -47.20 -27.62
CA TRP D 385 -5.70 -48.58 -27.27
C TRP D 385 -5.93 -48.75 -25.78
N HIS D 386 -5.34 -47.87 -24.95
CA HIS D 386 -5.61 -47.85 -23.51
C HIS D 386 -6.98 -47.27 -23.13
N MET D 387 -7.62 -46.58 -24.06
CA MET D 387 -8.83 -45.81 -23.73
C MET D 387 -9.92 -46.62 -22.99
N PRO D 388 -10.30 -47.79 -23.50
CA PRO D 388 -11.32 -48.60 -22.81
C PRO D 388 -10.89 -48.92 -21.36
N ALA D 389 -9.66 -49.36 -21.14
CA ALA D 389 -9.20 -49.66 -19.76
C ALA D 389 -9.24 -48.42 -18.88
N LEU D 390 -8.84 -47.26 -19.43
CA LEU D 390 -8.87 -46.01 -18.67
C LEU D 390 -10.29 -45.62 -18.23
N VAL D 391 -11.24 -45.64 -19.17
CA VAL D 391 -12.64 -45.31 -18.87
C VAL D 391 -13.22 -46.34 -17.89
N GLU D 392 -12.85 -47.61 -18.07
CA GLU D 392 -13.26 -48.64 -17.11
C GLU D 392 -12.71 -48.42 -15.69
N ILE D 393 -11.43 -48.09 -15.56
CA ILE D 393 -10.82 -47.90 -14.23
C ILE D 393 -11.36 -46.62 -13.54
N PHE D 394 -11.38 -45.50 -14.27
CA PHE D 394 -11.60 -44.20 -13.64
C PHE D 394 -13.03 -43.71 -13.67
N GLY D 395 -13.80 -44.17 -14.67
CA GLY D 395 -15.13 -43.62 -14.89
C GLY D 395 -15.03 -42.23 -15.51
N ASP D 396 -16.11 -41.46 -15.46
CA ASP D 396 -16.12 -40.12 -16.06
C ASP D 396 -15.33 -39.05 -15.26
N ASP D 397 -15.21 -39.20 -13.95
CA ASP D 397 -14.62 -38.14 -13.12
C ASP D 397 -13.11 -38.29 -13.08
N ALA D 398 -12.50 -37.94 -14.20
CA ALA D 398 -11.07 -38.07 -14.37
C ALA D 398 -10.70 -37.22 -15.54
N CYS D 399 -9.46 -36.78 -15.58
CA CYS D 399 -8.85 -36.28 -16.79
C CYS D 399 -7.81 -37.27 -17.33
N LEU D 400 -7.91 -37.61 -18.61
CA LEU D 400 -6.97 -38.50 -19.28
C LEU D 400 -6.07 -37.69 -20.18
N GLN D 401 -4.76 -37.80 -19.98
CA GLN D 401 -3.81 -36.96 -20.69
C GLN D 401 -2.90 -37.72 -21.63
N PHE D 402 -2.77 -37.19 -22.84
CA PHE D 402 -2.03 -37.84 -23.92
C PHE D 402 -1.03 -36.84 -24.53
N GLY D 403 0.19 -36.84 -24.01
CA GLY D 403 1.20 -35.94 -24.55
C GLY D 403 1.80 -36.52 -25.81
N GLY D 404 2.72 -37.48 -25.62
CA GLY D 404 3.21 -38.23 -26.75
C GLY D 404 2.07 -38.84 -27.54
N GLY D 405 0.99 -39.25 -26.88
CA GLY D 405 -0.17 -39.82 -27.57
C GLY D 405 -0.90 -38.83 -28.47
N THR D 406 -0.44 -37.57 -28.47
CA THR D 406 -1.07 -36.54 -29.34
C THR D 406 -0.02 -35.98 -30.29
N LEU D 407 1.05 -35.45 -29.72
CA LEU D 407 2.12 -34.82 -30.47
C LEU D 407 2.99 -35.85 -31.18
N GLY D 408 2.71 -37.13 -30.90
CA GLY D 408 3.32 -38.23 -31.62
C GLY D 408 2.50 -38.83 -32.73
N HIS D 409 1.30 -38.30 -32.95
CA HIS D 409 0.45 -38.75 -34.07
C HIS D 409 1.11 -38.36 -35.41
N PRO D 410 1.10 -39.27 -36.39
CA PRO D 410 1.81 -39.03 -37.67
C PRO D 410 1.30 -37.82 -38.44
N TRP D 411 0.07 -37.37 -38.17
CA TRP D 411 -0.49 -36.26 -38.95
C TRP D 411 -0.46 -34.96 -38.17
N GLY D 412 0.10 -34.97 -36.96
CA GLY D 412 0.18 -33.75 -36.17
C GLY D 412 -0.85 -33.64 -35.06
N ASN D 413 -0.87 -32.47 -34.41
CA ASN D 413 -1.59 -32.31 -33.13
C ASN D 413 -3.11 -32.36 -33.24
N ALA D 414 -3.67 -31.65 -34.21
CA ALA D 414 -5.12 -31.63 -34.39
C ALA D 414 -5.75 -33.00 -34.71
N PRO D 415 -5.19 -33.73 -35.67
CA PRO D 415 -5.58 -35.14 -35.88
C PRO D 415 -5.32 -36.03 -34.67
N GLY D 416 -4.19 -35.81 -33.99
CA GLY D 416 -3.88 -36.56 -32.77
C GLY D 416 -4.91 -36.34 -31.68
N ALA D 417 -5.32 -35.08 -31.50
CA ALA D 417 -6.39 -34.74 -30.54
C ALA D 417 -7.70 -35.36 -30.92
N ALA D 418 -8.06 -35.25 -32.21
CA ALA D 418 -9.31 -35.83 -32.72
C ALA D 418 -9.38 -37.32 -32.45
N ALA D 419 -8.26 -38.01 -32.65
CA ALA D 419 -8.20 -39.46 -32.46
C ALA D 419 -8.50 -39.82 -31.03
N ASN D 420 -7.85 -39.12 -30.10
CA ASN D 420 -8.10 -39.33 -28.67
C ASN D 420 -9.54 -39.00 -28.28
N ARG D 421 -10.08 -37.89 -28.78
CA ARG D 421 -11.46 -37.50 -28.52
C ARG D 421 -12.49 -38.52 -29.07
N VAL D 422 -12.31 -38.97 -30.32
CA VAL D 422 -13.18 -40.02 -30.88
C VAL D 422 -13.11 -41.30 -30.03
N ALA D 423 -11.90 -41.74 -29.69
CA ALA D 423 -11.73 -42.94 -28.86
C ALA D 423 -12.46 -42.80 -27.54
N LEU D 424 -12.29 -41.66 -26.87
CA LEU D 424 -12.95 -41.43 -25.58
C LEU D 424 -14.46 -41.44 -25.72
N GLU D 425 -14.96 -40.74 -26.71
CA GLU D 425 -16.41 -40.69 -26.95
C GLU D 425 -17.02 -42.06 -27.35
N ALA D 426 -16.30 -42.85 -28.14
CA ALA D 426 -16.79 -44.17 -28.55
C ALA D 426 -16.89 -45.09 -27.35
N CYS D 427 -15.85 -45.09 -26.52
CA CYS D 427 -15.86 -45.86 -25.27
C CYS D 427 -17.00 -45.45 -24.33
N THR D 428 -17.20 -44.15 -24.20
CA THR D 428 -18.22 -43.59 -23.31
C THR D 428 -19.61 -44.02 -23.76
N GLN D 429 -19.83 -43.88 -25.06
CA GLN D 429 -21.09 -44.28 -25.67
C GLN D 429 -21.37 -45.75 -25.44
N ALA D 430 -20.36 -46.58 -25.75
CA ALA D 430 -20.47 -48.02 -25.61
C ALA D 430 -20.78 -48.41 -24.18
N ARG D 431 -20.06 -47.84 -23.21
CA ARG D 431 -20.37 -48.05 -21.80
C ARG D 431 -21.83 -47.69 -21.46
N ASN D 432 -22.26 -46.50 -21.89
CA ASN D 432 -23.62 -46.06 -21.62
C ASN D 432 -24.67 -47.00 -22.24
N GLU D 433 -24.29 -47.68 -23.33
CA GLU D 433 -25.19 -48.63 -23.99
C GLU D 433 -25.24 -50.01 -23.32
N GLY D 434 -24.41 -50.23 -22.29
CA GLY D 434 -24.38 -51.49 -21.57
C GLY D 434 -23.24 -52.43 -21.91
N ARG D 435 -22.36 -52.02 -22.83
CA ARG D 435 -21.21 -52.83 -23.23
C ARG D 435 -20.17 -52.86 -22.11
N ASP D 436 -19.53 -54.01 -21.97
CA ASP D 436 -18.52 -54.23 -20.95
C ASP D 436 -17.16 -53.85 -21.54
N LEU D 437 -16.62 -52.71 -21.11
CA LEU D 437 -15.36 -52.22 -21.65
C LEU D 437 -14.17 -53.12 -21.31
N ALA D 438 -14.19 -53.75 -20.13
CA ALA D 438 -13.14 -54.70 -19.79
C ALA D 438 -13.02 -55.82 -20.82
N ARG D 439 -14.16 -56.29 -21.34
CA ARG D 439 -14.20 -57.43 -22.28
C ARG D 439 -14.30 -57.03 -23.75
N GLU D 440 -15.00 -55.94 -24.03
CA GLU D 440 -15.29 -55.57 -25.41
C GLU D 440 -14.54 -54.31 -25.86
N GLY D 441 -13.60 -53.86 -25.04
CA GLY D 441 -12.86 -52.63 -25.31
C GLY D 441 -12.13 -52.60 -26.64
N GLY D 442 -11.43 -53.71 -26.92
CA GLY D 442 -10.78 -53.93 -28.21
C GLY D 442 -11.73 -53.75 -29.39
N ASP D 443 -12.93 -54.32 -29.28
CA ASP D 443 -13.95 -54.21 -30.34
C ASP D 443 -14.40 -52.77 -30.54
N VAL D 444 -14.64 -52.06 -29.43
CA VAL D 444 -15.03 -50.65 -29.53
C VAL D 444 -13.95 -49.82 -30.25
N ILE D 445 -12.70 -50.03 -29.89
CA ILE D 445 -11.63 -49.29 -30.54
C ILE D 445 -11.52 -49.66 -32.02
N ARG D 446 -11.53 -50.96 -32.32
CA ARG D 446 -11.41 -51.42 -33.69
C ARG D 446 -12.51 -50.83 -34.58
N SER D 447 -13.77 -50.87 -34.12
CA SER D 447 -14.87 -50.21 -34.85
C SER D 447 -14.62 -48.72 -35.08
N ALA D 448 -14.14 -48.05 -34.03
CA ALA D 448 -13.88 -46.61 -34.10
C ALA D 448 -12.73 -46.29 -35.07
N CYS D 449 -11.64 -47.07 -35.05
CA CYS D 449 -10.58 -46.95 -36.06
C CYS D 449 -11.06 -47.07 -37.49
N LYS D 450 -11.98 -48.00 -37.76
CA LYS D 450 -12.48 -48.20 -39.13
C LYS D 450 -13.28 -47.00 -39.60
N TRP D 451 -14.01 -46.38 -38.67
CA TRP D 451 -14.83 -45.22 -38.98
C TRP D 451 -14.02 -43.90 -39.13
N SER D 452 -13.06 -43.65 -38.23
CA SER D 452 -12.33 -42.37 -38.19
C SER D 452 -10.88 -42.51 -38.72
N PRO D 453 -10.59 -41.89 -39.85
CA PRO D 453 -9.24 -41.94 -40.42
C PRO D 453 -8.17 -41.41 -39.46
N GLU D 454 -8.49 -40.37 -38.68
CA GLU D 454 -7.54 -39.82 -37.71
C GLU D 454 -7.23 -40.85 -36.65
N LEU D 455 -8.27 -41.53 -36.15
CA LEU D 455 -8.08 -42.57 -35.14
C LEU D 455 -7.34 -43.79 -35.70
N ALA D 456 -7.73 -44.21 -36.92
CA ALA D 456 -7.03 -45.30 -37.61
C ALA D 456 -5.49 -45.09 -37.68
N ALA D 457 -5.06 -43.88 -38.03
CA ALA D 457 -3.64 -43.62 -38.09
C ALA D 457 -2.95 -43.82 -36.73
N ALA D 458 -3.64 -43.47 -35.63
CA ALA D 458 -3.12 -43.67 -34.28
C ALA D 458 -3.13 -45.15 -33.92
N CYS D 459 -4.23 -45.82 -34.26
CA CYS D 459 -4.36 -47.25 -33.97
C CYS D 459 -3.18 -48.00 -34.55
N GLU D 460 -2.85 -47.74 -35.81
CA GLU D 460 -1.75 -48.39 -36.51
C GLU D 460 -0.38 -48.15 -35.86
N VAL D 461 -0.07 -46.89 -35.55
CA VAL D 461 1.26 -46.57 -35.01
C VAL D 461 1.57 -47.18 -33.64
N TRP D 462 0.57 -47.24 -32.77
CA TRP D 462 0.81 -47.68 -31.41
C TRP D 462 0.20 -49.05 -31.09
N LYS D 463 -0.25 -49.76 -32.12
CA LYS D 463 -0.89 -51.05 -31.97
C LYS D 463 -0.14 -52.02 -31.03
N GLU D 464 1.16 -52.12 -31.18
CA GLU D 464 1.89 -53.13 -30.41
C GLU D 464 2.37 -52.67 -29.02
N ILE D 465 2.08 -51.42 -28.67
CA ILE D 465 2.78 -50.76 -27.55
C ILE D 465 2.09 -50.97 -26.21
N LYS D 466 2.80 -51.67 -25.32
CA LYS D 466 2.29 -52.00 -24.00
C LYS D 466 3.37 -51.72 -22.99
N PHE D 467 2.97 -51.53 -21.72
CA PHE D 467 3.89 -51.33 -20.59
C PHE D 467 3.51 -52.31 -19.51
N GLU D 468 4.19 -53.47 -19.53
CA GLU D 468 3.92 -54.54 -18.57
C GLU D 468 5.19 -55.00 -17.86
N PHE D 469 5.27 -54.72 -16.57
CA PHE D 469 6.46 -54.99 -15.78
C PHE D 469 6.02 -55.46 -14.41
N ASP D 470 6.93 -56.13 -13.70
CA ASP D 470 6.70 -56.52 -12.31
C ASP D 470 6.50 -55.26 -11.43
N THR D 471 5.51 -55.32 -10.55
CA THR D 471 5.13 -54.19 -9.70
C THR D 471 5.97 -54.13 -8.41
N ILE D 472 6.60 -52.99 -8.17
CA ILE D 472 7.32 -52.80 -6.92
C ILE D 472 6.36 -52.48 -5.76
N ASP D 473 5.49 -51.49 -5.96
CA ASP D 473 4.56 -51.04 -4.93
C ASP D 473 3.34 -51.96 -4.84
N LYS D 474 3.54 -53.14 -4.27
CA LYS D 474 2.50 -54.15 -4.09
C LYS D 474 1.94 -54.03 -2.68
N LEU D 475 0.64 -54.31 -2.54
CA LEU D 475 -0.02 -54.28 -1.22
C LEU D 475 0.72 -55.05 -0.11
N MET E 1 -1.61 -37.98 -45.03
CA MET E 1 -1.88 -36.94 -43.98
C MET E 1 -3.15 -36.17 -44.34
N MET E 2 -4.15 -36.23 -43.48
CA MET E 2 -5.36 -35.41 -43.67
C MET E 2 -5.31 -34.22 -42.74
N VAL E 3 -5.85 -33.09 -43.19
CA VAL E 3 -5.82 -31.84 -42.43
C VAL E 3 -7.17 -31.56 -41.77
N TRP E 4 -7.18 -31.43 -40.45
CA TRP E 4 -8.41 -31.15 -39.69
C TRP E 4 -8.87 -29.73 -40.02
N THR E 5 -10.07 -29.57 -40.59
CA THR E 5 -10.49 -28.25 -41.03
C THR E 5 -10.87 -27.28 -39.89
N PRO E 6 -10.38 -26.04 -39.97
CA PRO E 6 -10.78 -24.97 -39.03
C PRO E 6 -12.08 -24.28 -39.43
N VAL E 7 -12.57 -24.61 -40.62
CA VAL E 7 -13.70 -23.91 -41.22
C VAL E 7 -15.04 -24.58 -40.91
N ASN E 8 -15.95 -23.80 -40.33
CA ASN E 8 -17.29 -24.29 -39.99
C ASN E 8 -17.26 -25.72 -39.42
N ASN E 9 -16.48 -25.89 -38.35
CA ASN E 9 -16.29 -27.21 -37.76
C ASN E 9 -16.61 -27.20 -36.28
N LYS E 10 -17.67 -26.49 -35.89
CA LYS E 10 -18.05 -26.34 -34.49
C LYS E 10 -18.52 -27.65 -33.91
N MET E 11 -18.25 -27.84 -32.62
CA MET E 11 -18.61 -29.06 -31.89
C MET E 11 -19.48 -28.65 -30.72
N PHE E 12 -20.13 -29.63 -30.08
CA PHE E 12 -21.14 -29.35 -29.07
C PHE E 12 -21.03 -30.32 -27.90
N GLU E 13 -19.79 -30.53 -27.46
CA GLU E 13 -19.47 -31.38 -26.32
C GLU E 13 -19.82 -32.84 -26.54
N THR E 14 -20.23 -33.55 -25.49
CA THR E 14 -20.27 -35.01 -25.49
C THR E 14 -21.03 -35.65 -26.69
N PHE E 15 -20.32 -36.52 -27.38
CA PHE E 15 -20.78 -37.29 -28.56
C PHE E 15 -20.67 -36.57 -29.91
N SER E 16 -20.27 -35.29 -29.90
CA SER E 16 -20.12 -34.50 -31.13
C SER E 16 -19.11 -35.06 -32.11
N TYR E 17 -18.14 -35.84 -31.64
CA TYR E 17 -17.11 -36.40 -32.52
C TYR E 17 -17.49 -37.77 -33.08
N LEU E 18 -18.68 -38.24 -32.71
CA LEU E 18 -19.19 -39.52 -33.20
C LEU E 18 -20.17 -39.27 -34.34
N PRO E 19 -20.57 -40.32 -35.06
CA PRO E 19 -21.64 -40.15 -36.06
C PRO E 19 -22.88 -39.63 -35.35
N PRO E 20 -23.76 -38.91 -36.05
CA PRO E 20 -25.00 -38.42 -35.43
C PRO E 20 -25.79 -39.57 -34.78
N LEU E 21 -26.37 -39.31 -33.61
CA LEU E 21 -27.07 -40.37 -32.88
C LEU E 21 -28.37 -40.79 -33.57
N THR E 22 -28.54 -42.08 -33.78
CA THR E 22 -29.79 -42.63 -34.31
C THR E 22 -30.82 -42.61 -33.19
N ASP E 23 -32.09 -42.75 -33.56
CA ASP E 23 -33.18 -42.90 -32.59
C ASP E 23 -32.91 -44.01 -31.59
N GLU E 24 -32.41 -45.14 -32.07
CA GLU E 24 -32.05 -46.26 -31.21
C GLU E 24 -30.96 -45.85 -30.21
N GLN E 25 -29.96 -45.12 -30.70
CA GLN E 25 -28.84 -44.66 -29.86
C GLN E 25 -29.29 -43.69 -28.76
N ILE E 26 -30.16 -42.75 -29.12
CA ILE E 26 -30.75 -41.85 -28.15
C ILE E 26 -31.55 -42.62 -27.11
N ALA E 27 -32.38 -43.56 -27.57
CA ALA E 27 -33.15 -44.43 -26.68
C ALA E 27 -32.25 -45.19 -25.70
N ALA E 28 -31.09 -45.66 -26.17
CA ALA E 28 -30.16 -46.39 -25.30
C ALA E 28 -29.59 -45.48 -24.21
N GLN E 29 -29.30 -44.23 -24.55
CA GLN E 29 -28.82 -43.25 -23.56
C GLN E 29 -29.89 -42.99 -22.49
N VAL E 30 -31.15 -42.90 -22.91
CA VAL E 30 -32.27 -42.71 -22.01
C VAL E 30 -32.44 -43.92 -21.08
N ASP E 31 -32.25 -45.14 -21.60
CA ASP E 31 -32.24 -46.34 -20.76
C ASP E 31 -31.15 -46.25 -19.69
N TYR E 32 -29.97 -45.76 -20.09
CA TYR E 32 -28.87 -45.54 -19.15
C TYR E 32 -29.27 -44.61 -18.00
N ILE E 33 -29.91 -43.47 -18.32
CA ILE E 33 -30.41 -42.55 -17.30
C ILE E 33 -31.32 -43.25 -16.32
N VAL E 34 -32.31 -43.97 -16.86
CA VAL E 34 -33.29 -44.70 -16.04
C VAL E 34 -32.63 -45.81 -15.19
N ALA E 35 -31.73 -46.58 -15.78
CA ALA E 35 -31.08 -47.67 -15.06
C ALA E 35 -30.29 -47.15 -13.87
N ASN E 36 -29.78 -45.93 -13.99
CA ASN E 36 -28.97 -45.36 -12.91
C ASN E 36 -29.76 -44.49 -11.91
N GLY E 37 -31.05 -44.28 -12.17
CA GLY E 37 -31.88 -43.50 -11.27
C GLY E 37 -31.60 -41.99 -11.30
N TRP E 38 -31.01 -41.50 -12.37
CA TRP E 38 -30.76 -40.07 -12.53
C TRP E 38 -32.02 -39.31 -12.97
N ILE E 39 -31.97 -37.99 -12.80
CA ILE E 39 -33.08 -37.10 -13.15
C ILE E 39 -32.92 -36.55 -14.56
N PRO E 40 -33.79 -36.96 -15.47
CA PRO E 40 -33.77 -36.45 -16.86
C PRO E 40 -34.27 -35.02 -16.92
N CYS E 41 -33.69 -34.22 -17.80
CA CYS E 41 -34.17 -32.88 -17.99
C CYS E 41 -33.84 -32.43 -19.41
N LEU E 42 -34.72 -31.63 -19.99
CA LEU E 42 -34.47 -31.06 -21.29
C LEU E 42 -34.17 -29.56 -21.21
N GLU E 43 -33.23 -29.10 -22.04
CA GLU E 43 -32.89 -27.68 -22.11
C GLU E 43 -32.76 -27.28 -23.56
N PHE E 44 -33.03 -26.00 -23.84
CA PHE E 44 -32.99 -25.53 -25.22
C PHE E 44 -32.54 -24.09 -25.30
N ALA E 45 -32.03 -23.72 -26.48
CA ALA E 45 -31.55 -22.37 -26.76
C ALA E 45 -31.59 -22.08 -28.26
N GLU E 46 -31.77 -20.81 -28.60
CA GLU E 46 -31.67 -20.33 -29.96
C GLU E 46 -30.26 -20.49 -30.52
N HIS E 47 -29.27 -20.13 -29.69
CA HIS E 47 -27.85 -20.16 -30.08
C HIS E 47 -27.01 -20.96 -29.07
N SER E 48 -25.88 -21.47 -29.53
CA SER E 48 -24.98 -22.20 -28.65
C SER E 48 -23.58 -21.57 -28.72
N ASN E 49 -23.18 -20.94 -27.62
CA ASN E 49 -21.86 -20.35 -27.49
C ASN E 49 -21.13 -20.93 -26.29
N PRO E 50 -19.87 -21.29 -26.46
CA PRO E 50 -19.07 -21.88 -25.37
C PRO E 50 -19.05 -21.00 -24.10
N GLU E 51 -19.07 -19.67 -24.26
CA GLU E 51 -19.13 -18.72 -23.14
C GLU E 51 -20.46 -18.71 -22.33
N GLU E 52 -21.54 -19.24 -22.90
CA GLU E 52 -22.88 -19.15 -22.30
C GLU E 52 -23.20 -20.40 -21.48
N PHE E 53 -23.18 -20.23 -20.17
CA PHE E 53 -23.44 -21.33 -19.23
C PHE E 53 -24.87 -21.89 -19.23
N TYR E 54 -25.88 -21.04 -19.06
CA TYR E 54 -27.25 -21.52 -18.94
C TYR E 54 -28.02 -21.55 -20.26
N TRP E 55 -28.78 -22.63 -20.45
CA TRP E 55 -29.85 -22.64 -21.46
C TRP E 55 -31.21 -22.54 -20.75
N THR E 56 -32.31 -22.53 -21.50
CA THR E 56 -33.64 -22.46 -20.93
C THR E 56 -34.16 -23.85 -20.62
N MET E 57 -34.76 -24.02 -19.44
CA MET E 57 -35.29 -25.31 -19.01
C MET E 57 -36.59 -25.60 -19.74
N TRP E 58 -36.69 -26.81 -20.31
CA TRP E 58 -37.99 -27.26 -20.81
C TRP E 58 -38.80 -27.80 -19.64
N LYS E 59 -39.89 -27.12 -19.30
CA LYS E 59 -40.68 -27.49 -18.13
C LYS E 59 -39.83 -27.58 -16.88
N LEU E 60 -39.81 -28.77 -16.25
CA LEU E 60 -39.08 -29.00 -15.01
C LEU E 60 -38.30 -30.31 -15.18
N PRO E 61 -37.26 -30.53 -14.37
CA PRO E 61 -36.58 -31.82 -14.36
C PRO E 61 -37.58 -32.90 -13.99
N MET E 62 -37.44 -34.08 -14.58
CA MET E 62 -38.49 -35.09 -14.48
C MET E 62 -38.26 -35.96 -13.22
N PHE E 63 -38.48 -35.34 -12.05
CA PHE E 63 -38.22 -35.99 -10.77
C PHE E 63 -39.12 -37.22 -10.63
N GLY E 64 -38.52 -38.32 -10.19
CA GLY E 64 -39.24 -39.56 -10.01
C GLY E 64 -39.55 -40.34 -11.28
N CYS E 65 -39.16 -39.82 -12.45
CA CYS E 65 -39.44 -40.50 -13.70
C CYS E 65 -38.54 -41.73 -13.87
N ARG E 66 -39.18 -42.89 -14.06
CA ARG E 66 -38.49 -44.17 -14.26
C ARG E 66 -38.97 -44.81 -15.57
N ASP E 67 -39.54 -43.97 -16.44
CA ASP E 67 -40.15 -44.44 -17.66
C ASP E 67 -39.50 -43.78 -18.87
N PRO E 68 -38.66 -44.53 -19.59
CA PRO E 68 -37.96 -44.00 -20.77
C PRO E 68 -38.91 -43.43 -21.84
N MET E 69 -40.08 -44.04 -22.01
CA MET E 69 -41.06 -43.58 -23.01
C MET E 69 -41.51 -42.14 -22.70
N GLN E 70 -41.63 -41.84 -21.41
CA GLN E 70 -42.01 -40.50 -20.95
C GLN E 70 -40.95 -39.48 -21.35
N VAL E 71 -39.67 -39.84 -21.17
CA VAL E 71 -38.56 -38.98 -21.55
C VAL E 71 -38.58 -38.74 -23.08
N LEU E 72 -38.77 -39.82 -23.84
CA LEU E 72 -38.78 -39.72 -25.29
C LEU E 72 -39.93 -38.83 -25.78
N ARG E 73 -41.07 -38.91 -25.09
CA ARG E 73 -42.21 -38.09 -25.45
C ARG E 73 -41.96 -36.59 -25.20
N GLU E 74 -41.26 -36.28 -24.11
CA GLU E 74 -40.88 -34.89 -23.84
C GLU E 74 -39.88 -34.36 -24.86
N ILE E 75 -38.96 -35.20 -25.34
CA ILE E 75 -38.07 -34.80 -26.43
C ILE E 75 -38.89 -34.36 -27.65
N VAL E 76 -39.86 -35.19 -28.03
CA VAL E 76 -40.78 -34.88 -29.13
C VAL E 76 -41.51 -33.56 -28.88
N ALA E 77 -42.09 -33.40 -27.69
CA ALA E 77 -42.85 -32.19 -27.37
C ALA E 77 -41.95 -30.92 -27.37
N CYS E 78 -40.76 -31.02 -26.79
CA CYS E 78 -39.83 -29.89 -26.75
C CYS E 78 -39.42 -29.48 -28.17
N THR E 79 -38.98 -30.44 -28.97
CA THR E 79 -38.56 -30.15 -30.34
C THR E 79 -39.71 -29.69 -31.22
N LYS E 80 -40.92 -30.16 -30.94
CA LYS E 80 -42.11 -29.67 -31.65
C LYS E 80 -42.40 -28.20 -31.36
N ALA E 81 -42.30 -27.80 -30.08
CA ALA E 81 -42.50 -26.39 -29.70
C ALA E 81 -41.38 -25.50 -30.21
N PHE E 82 -40.15 -26.03 -30.26
CA PHE E 82 -38.99 -25.24 -30.70
C PHE E 82 -38.19 -25.97 -31.79
N PRO E 83 -38.74 -25.99 -33.00
CA PRO E 83 -38.18 -26.81 -34.10
C PRO E 83 -36.88 -26.24 -34.67
N ASP E 84 -36.56 -24.99 -34.35
CA ASP E 84 -35.34 -24.35 -34.84
C ASP E 84 -34.23 -24.24 -33.78
N ALA E 85 -34.48 -24.76 -32.58
CA ALA E 85 -33.59 -24.57 -31.44
C ALA E 85 -32.54 -25.67 -31.29
N TYR E 86 -31.45 -25.34 -30.62
CA TYR E 86 -30.60 -26.37 -30.05
C TYR E 86 -31.39 -26.93 -28.88
N VAL E 87 -31.45 -28.26 -28.77
CA VAL E 87 -32.13 -28.93 -27.66
C VAL E 87 -31.19 -30.03 -27.18
N ARG E 88 -30.97 -30.09 -25.86
CA ARG E 88 -30.15 -31.13 -25.30
C ARG E 88 -30.89 -31.91 -24.22
N LEU E 89 -30.58 -33.20 -24.14
CA LEU E 89 -31.03 -34.03 -23.05
C LEU E 89 -29.90 -34.10 -22.02
N VAL E 90 -30.24 -33.83 -20.75
CA VAL E 90 -29.27 -33.93 -19.68
C VAL E 90 -29.88 -34.77 -18.58
N ALA E 91 -29.06 -35.15 -17.60
CA ALA E 91 -29.56 -35.86 -16.43
C ALA E 91 -28.77 -35.40 -15.21
N PHE E 92 -29.47 -35.33 -14.08
CA PHE E 92 -28.89 -34.88 -12.82
C PHE E 92 -28.76 -36.01 -11.80
N ASP E 93 -27.71 -35.91 -10.99
CA ASP E 93 -27.48 -36.81 -9.88
C ASP E 93 -27.65 -35.90 -8.66
N ASN E 94 -28.68 -36.15 -7.85
CA ASN E 94 -28.94 -35.30 -6.69
C ASN E 94 -28.05 -35.58 -5.46
N GLN E 95 -27.29 -36.69 -5.51
CA GLN E 95 -26.40 -37.09 -4.41
C GLN E 95 -25.10 -36.32 -4.50
N LYS E 96 -24.52 -36.29 -5.69
CA LYS E 96 -23.36 -35.47 -5.93
C LYS E 96 -23.78 -34.04 -6.30
N GLN E 97 -25.08 -33.82 -6.49
CA GLN E 97 -25.61 -32.54 -7.01
C GLN E 97 -24.81 -31.98 -8.18
N VAL E 98 -24.85 -32.71 -9.29
CA VAL E 98 -24.18 -32.31 -10.51
C VAL E 98 -24.86 -32.96 -11.74
N GLN E 99 -24.77 -32.31 -12.89
CA GLN E 99 -25.22 -32.92 -14.12
C GLN E 99 -24.26 -34.06 -14.47
N ILE E 100 -24.82 -35.22 -14.79
CA ILE E 100 -24.05 -36.44 -14.89
C ILE E 100 -23.98 -36.96 -16.32
N MET E 101 -24.85 -36.44 -17.18
CA MET E 101 -24.76 -36.68 -18.63
C MET E 101 -25.40 -35.53 -19.40
N GLY E 102 -25.17 -35.50 -20.70
CA GLY E 102 -25.79 -34.50 -21.53
C GLY E 102 -25.27 -34.53 -22.95
N PHE E 103 -26.19 -34.36 -23.90
CA PHE E 103 -25.84 -34.35 -25.32
C PHE E 103 -26.97 -33.72 -26.11
N LEU E 104 -26.63 -33.19 -27.27
CA LEU E 104 -27.56 -32.61 -28.20
C LEU E 104 -28.52 -33.63 -28.80
N VAL E 105 -29.80 -33.27 -28.88
CA VAL E 105 -30.78 -34.08 -29.61
C VAL E 105 -31.38 -33.32 -30.80
N GLN E 106 -31.13 -32.02 -30.89
CA GLN E 106 -31.53 -31.21 -32.03
C GLN E 106 -30.61 -30.02 -32.20
N ARG E 107 -30.37 -29.64 -33.46
CA ARG E 107 -29.69 -28.39 -33.80
C ARG E 107 -30.59 -27.65 -34.78
N PRO E 108 -30.42 -26.33 -34.94
CA PRO E 108 -31.14 -25.57 -35.98
C PRO E 108 -30.84 -26.14 -37.37
N LYS E 109 -31.82 -26.14 -38.26
CA LYS E 109 -31.61 -26.61 -39.63
C LYS E 109 -30.84 -25.58 -40.45
N THR E 110 -31.00 -24.31 -40.09
CA THR E 110 -30.36 -23.17 -40.77
C THR E 110 -28.85 -23.06 -40.47
N ALA E 111 -28.39 -23.90 -39.53
CA ALA E 111 -26.99 -23.95 -39.13
C ALA E 111 -26.12 -24.63 -40.19
N ARG E 112 -25.09 -23.92 -40.63
CA ARG E 112 -24.07 -24.47 -41.51
C ARG E 112 -22.65 -24.25 -40.93
N ASP E 113 -22.59 -24.11 -39.60
CA ASP E 113 -21.33 -23.86 -38.89
C ASP E 113 -20.62 -25.15 -38.37
N PHE E 114 -21.15 -26.31 -38.72
CA PHE E 114 -20.54 -27.60 -38.39
C PHE E 114 -20.42 -28.49 -39.65
N GLN E 115 -19.53 -29.47 -39.59
CA GLN E 115 -19.29 -30.40 -40.71
C GLN E 115 -19.88 -31.80 -40.45
N PRO E 116 -20.37 -32.45 -41.50
CA PRO E 116 -20.60 -33.90 -41.46
C PRO E 116 -19.29 -34.63 -41.17
N ALA E 117 -19.37 -35.79 -40.52
CA ALA E 117 -18.19 -36.57 -40.10
C ALA E 117 -17.06 -36.74 -41.14
N ASN E 118 -17.41 -37.05 -42.39
CA ASN E 118 -16.42 -37.29 -43.44
C ASN E 118 -15.86 -36.01 -44.10
N LYS E 119 -16.32 -34.85 -43.64
CA LYS E 119 -15.85 -33.57 -44.15
C LYS E 119 -15.00 -32.81 -43.11
N ARG E 120 -14.67 -33.47 -42.00
CA ARG E 120 -13.93 -32.83 -40.91
C ARG E 120 -12.45 -32.66 -41.21
N SER E 121 -11.92 -33.49 -42.11
CA SER E 121 -10.54 -33.39 -42.57
C SER E 121 -10.46 -33.43 -44.09
N VAL E 122 -9.43 -32.77 -44.63
CA VAL E 122 -9.26 -32.61 -46.07
C VAL E 122 -7.88 -33.08 -46.55
N THR F 7 61.01 -20.37 13.64
CA THR F 7 60.81 -19.18 14.55
C THR F 7 60.87 -17.80 13.84
N LYS F 8 61.61 -17.71 12.74
CA LYS F 8 61.75 -16.48 11.94
C LYS F 8 60.44 -16.08 11.25
N ALA F 9 60.23 -14.77 11.10
CA ALA F 9 59.02 -14.22 10.49
C ALA F 9 58.86 -14.48 8.98
N GLY F 10 57.62 -14.75 8.57
CA GLY F 10 57.23 -14.73 7.17
C GLY F 10 56.84 -13.32 6.73
N ALA F 11 56.08 -13.22 5.64
CA ALA F 11 55.65 -11.92 5.10
C ALA F 11 54.87 -11.10 6.15
N GLY F 12 55.42 -9.96 6.56
CA GLY F 12 54.76 -9.08 7.51
C GLY F 12 54.31 -7.77 6.88
N PHE F 13 53.77 -6.87 7.70
CA PHE F 13 53.39 -5.54 7.22
C PHE F 13 54.62 -4.64 7.16
N LYS F 14 54.91 -4.11 5.98
CA LYS F 14 55.96 -3.11 5.82
C LYS F 14 55.36 -1.83 5.22
N ALA F 15 55.33 -0.76 6.02
CA ALA F 15 54.75 0.50 5.58
C ALA F 15 55.59 1.14 4.47
N GLY F 16 54.94 1.87 3.57
CA GLY F 16 55.63 2.59 2.52
C GLY F 16 55.18 2.24 1.11
N VAL F 17 55.71 3.02 0.17
CA VAL F 17 55.39 2.86 -1.26
C VAL F 17 56.35 1.85 -1.88
N LYS F 18 55.81 0.91 -2.66
CA LYS F 18 56.60 0.03 -3.54
C LYS F 18 55.89 0.00 -4.89
N ASP F 19 56.53 -0.59 -5.90
CA ASP F 19 56.00 -0.62 -7.25
C ASP F 19 54.77 -1.52 -7.25
N TYR F 20 53.75 -1.09 -7.99
CA TYR F 20 52.58 -1.94 -8.24
C TYR F 20 52.95 -3.29 -8.86
N ARG F 21 53.93 -3.29 -9.76
CA ARG F 21 54.29 -4.51 -10.51
C ARG F 21 54.71 -5.68 -9.65
N LEU F 22 55.19 -5.39 -8.44
CA LEU F 22 55.59 -6.41 -7.48
C LEU F 22 54.45 -7.31 -7.03
N THR F 23 53.21 -6.79 -7.11
CA THR F 23 52.03 -7.55 -6.68
C THR F 23 51.06 -7.81 -7.83
N TYR F 24 51.01 -6.89 -8.77
CA TYR F 24 49.93 -6.83 -9.78
C TYR F 24 50.32 -7.16 -11.24
N TYR F 25 51.60 -7.42 -11.48
CA TYR F 25 52.04 -7.88 -12.80
C TYR F 25 52.38 -9.34 -12.67
N THR F 26 51.55 -10.19 -13.26
CA THR F 26 51.70 -11.63 -13.11
C THR F 26 51.64 -12.28 -14.50
N PRO F 27 52.73 -12.16 -15.27
CA PRO F 27 52.77 -12.66 -16.64
C PRO F 27 52.64 -14.19 -16.81
N ASP F 28 52.76 -14.95 -15.71
CA ASP F 28 52.62 -16.41 -15.79
C ASP F 28 51.23 -16.87 -15.31
N TYR F 29 50.37 -15.93 -14.95
CA TYR F 29 49.02 -16.26 -14.49
C TYR F 29 48.21 -16.99 -15.57
N VAL F 30 47.60 -18.10 -15.19
CA VAL F 30 46.69 -18.80 -16.11
C VAL F 30 45.28 -18.31 -15.79
N VAL F 31 44.65 -17.62 -16.74
CA VAL F 31 43.32 -17.07 -16.48
C VAL F 31 42.29 -18.17 -16.19
N ARG F 32 41.37 -17.91 -15.28
CA ARG F 32 40.31 -18.85 -14.98
C ARG F 32 39.08 -18.57 -15.85
N ASP F 33 38.26 -19.59 -16.05
CA ASP F 33 37.11 -19.48 -16.92
C ASP F 33 36.01 -18.58 -16.32
N THR F 34 36.12 -18.27 -15.03
CA THR F 34 35.18 -17.33 -14.39
C THR F 34 35.73 -15.91 -14.25
N ASP F 35 36.99 -15.68 -14.64
CA ASP F 35 37.55 -14.32 -14.57
C ASP F 35 36.90 -13.39 -15.56
N ILE F 36 36.73 -12.14 -15.16
CA ILE F 36 36.38 -11.10 -16.12
C ILE F 36 37.73 -10.64 -16.68
N LEU F 37 37.86 -10.56 -18.00
CA LEU F 37 39.10 -10.08 -18.62
C LEU F 37 38.90 -8.75 -19.31
N ALA F 38 39.89 -7.87 -19.22
CA ALA F 38 39.80 -6.58 -19.88
C ALA F 38 41.00 -6.39 -20.74
N ALA F 39 40.81 -5.72 -21.87
CA ALA F 39 41.92 -5.33 -22.75
C ALA F 39 41.95 -3.81 -22.78
N PHE F 40 43.01 -3.25 -22.20
CA PHE F 40 43.20 -1.81 -22.14
C PHE F 40 44.25 -1.40 -23.19
N ARG F 41 43.91 -0.42 -24.01
CA ARG F 41 44.93 0.24 -24.83
C ARG F 41 45.52 1.39 -24.01
N MET F 42 46.76 1.20 -23.60
CA MET F 42 47.39 2.02 -22.56
C MET F 42 48.58 2.81 -23.13
N THR F 43 48.63 4.10 -22.81
CA THR F 43 49.74 5.00 -23.19
C THR F 43 50.40 5.55 -21.92
N PRO F 44 51.54 4.96 -21.52
CA PRO F 44 52.24 5.38 -20.30
C PRO F 44 52.92 6.72 -20.49
N GLN F 45 53.10 7.44 -19.39
CA GLN F 45 53.93 8.63 -19.36
C GLN F 45 55.40 8.20 -19.59
N PRO F 46 56.23 9.10 -20.13
CA PRO F 46 57.68 8.83 -20.26
C PRO F 46 58.30 8.39 -18.92
N GLY F 47 59.07 7.31 -18.94
CA GLY F 47 59.73 6.88 -17.72
C GLY F 47 58.93 5.89 -16.90
N VAL F 48 57.67 5.67 -17.27
CA VAL F 48 56.86 4.66 -16.59
C VAL F 48 56.88 3.37 -17.42
N PRO F 49 57.53 2.33 -16.91
CA PRO F 49 57.61 1.04 -17.63
C PRO F 49 56.21 0.49 -17.88
N PRO F 50 55.95 -0.05 -19.07
CA PRO F 50 54.62 -0.60 -19.39
C PRO F 50 54.12 -1.60 -18.34
N GLU F 51 55.03 -2.40 -17.77
CA GLU F 51 54.68 -3.39 -16.75
C GLU F 51 54.16 -2.72 -15.48
N GLU F 52 54.76 -1.59 -15.11
CA GLU F 52 54.32 -0.84 -13.94
C GLU F 52 52.99 -0.15 -14.25
N CYS F 53 52.85 0.40 -15.46
CA CYS F 53 51.60 1.03 -15.90
C CYS F 53 50.42 0.04 -15.89
N GLY F 54 50.64 -1.15 -16.47
CA GLY F 54 49.65 -2.20 -16.49
C GLY F 54 49.30 -2.70 -15.10
N ALA F 55 50.31 -2.82 -14.25
CA ALA F 55 50.12 -3.21 -12.87
C ALA F 55 49.30 -2.15 -12.11
N ALA F 56 49.59 -0.89 -12.34
CA ALA F 56 48.87 0.20 -11.67
C ALA F 56 47.39 0.18 -12.06
N VAL F 57 47.13 -0.02 -13.35
CA VAL F 57 45.76 -0.16 -13.84
C VAL F 57 45.06 -1.34 -13.16
N ALA F 58 45.73 -2.51 -13.13
CA ALA F 58 45.16 -3.70 -12.48
C ALA F 58 44.91 -3.48 -10.99
N ALA F 59 45.88 -2.86 -10.32
CA ALA F 59 45.80 -2.62 -8.87
C ALA F 59 44.66 -1.71 -8.51
N GLU F 60 44.58 -0.57 -9.18
CA GLU F 60 43.68 0.50 -8.77
C GLU F 60 42.27 0.31 -9.34
N SER F 61 42.07 -0.77 -10.07
CA SER F 61 40.72 -1.15 -10.49
C SER F 61 40.31 -2.42 -9.78
N SER F 62 41.07 -2.83 -8.76
CA SER F 62 40.72 -4.05 -8.03
C SER F 62 40.85 -3.95 -6.51
N THR F 63 42.09 -4.06 -5.99
CA THR F 63 42.30 -4.11 -4.52
C THR F 63 43.32 -3.13 -3.98
N GLY F 64 44.08 -2.47 -4.85
CA GLY F 64 45.24 -1.74 -4.40
C GLY F 64 45.13 -0.24 -4.35
N THR F 65 45.95 0.37 -3.49
CA THR F 65 46.15 1.81 -3.54
C THR F 65 47.67 2.18 -3.59
N TRP F 66 47.99 3.45 -3.38
CA TRP F 66 49.31 4.01 -3.74
C TRP F 66 50.45 3.64 -2.77
N THR F 67 50.09 3.13 -1.61
CA THR F 67 51.07 2.75 -0.60
C THR F 67 50.56 1.49 0.08
N THR F 68 51.44 0.78 0.79
CA THR F 68 51.11 -0.54 1.29
C THR F 68 50.19 -0.41 2.50
N VAL F 69 49.14 -1.21 2.54
CA VAL F 69 48.21 -1.15 3.69
C VAL F 69 48.26 -2.44 4.51
N TRP F 70 48.20 -2.34 5.82
CA TRP F 70 48.33 -3.52 6.70
C TRP F 70 47.15 -4.46 6.61
N THR F 71 45.98 -3.92 6.21
CA THR F 71 44.75 -4.70 6.17
C THR F 71 44.77 -5.82 5.14
N ASP F 72 45.61 -5.71 4.11
CA ASP F 72 45.82 -6.87 3.18
C ASP F 72 45.99 -8.19 3.91
N GLY F 73 46.69 -8.14 5.05
CA GLY F 73 47.04 -9.33 5.79
C GLY F 73 45.82 -10.04 6.40
N LEU F 74 44.72 -9.32 6.59
CA LEU F 74 43.52 -9.93 7.14
C LEU F 74 42.78 -10.78 6.11
N THR F 75 43.04 -10.53 4.83
CA THR F 75 42.38 -11.27 3.77
C THR F 75 43.42 -12.01 2.93
N SER F 76 43.06 -12.38 1.71
CA SER F 76 44.01 -13.05 0.80
C SER F 76 44.05 -12.27 -0.51
N LEU F 77 45.06 -11.42 -0.66
CA LEU F 77 45.22 -10.63 -1.87
C LEU F 77 45.32 -11.52 -3.11
N ASP F 78 45.98 -12.68 -3.00
CA ASP F 78 46.06 -13.63 -4.12
C ASP F 78 44.68 -13.96 -4.66
N ARG F 79 43.74 -14.14 -3.75
CA ARG F 79 42.40 -14.52 -4.11
C ARG F 79 41.64 -13.39 -4.83
N TYR F 80 41.90 -12.14 -4.43
CA TYR F 80 41.06 -11.03 -4.87
C TYR F 80 41.69 -10.08 -5.89
N LYS F 81 43.02 -10.01 -5.92
CA LYS F 81 43.68 -8.98 -6.73
C LYS F 81 43.39 -9.12 -8.20
N GLY F 82 43.26 -7.99 -8.90
CA GLY F 82 43.28 -7.92 -10.34
C GLY F 82 44.71 -8.19 -10.80
N ARG F 83 44.86 -8.80 -11.97
CA ARG F 83 46.17 -9.23 -12.42
C ARG F 83 46.42 -8.81 -13.86
N CYS F 84 47.44 -7.99 -14.07
CA CYS F 84 47.86 -7.76 -15.45
C CYS F 84 48.72 -8.97 -15.84
N TYR F 85 48.19 -9.80 -16.75
CA TYR F 85 48.80 -11.09 -17.05
C TYR F 85 49.48 -11.13 -18.41
N ASP F 86 49.37 -10.04 -19.17
CA ASP F 86 49.96 -10.00 -20.50
C ASP F 86 49.93 -8.58 -21.02
N ILE F 87 51.01 -8.21 -21.69
CA ILE F 87 51.15 -6.88 -22.31
C ILE F 87 51.74 -7.07 -23.70
N GLU F 88 51.02 -6.62 -24.74
CA GLU F 88 51.55 -6.63 -26.12
C GLU F 88 51.69 -5.22 -26.64
N PRO F 89 52.81 -4.92 -27.31
CA PRO F 89 52.97 -3.65 -28.02
C PRO F 89 51.96 -3.55 -29.17
N VAL F 90 51.54 -2.33 -29.49
CA VAL F 90 50.59 -2.11 -30.56
C VAL F 90 51.36 -1.83 -31.84
N PRO F 91 51.08 -2.59 -32.90
CA PRO F 91 51.74 -2.38 -34.19
C PRO F 91 51.57 -0.95 -34.70
N GLY F 92 52.66 -0.29 -35.04
CA GLY F 92 52.59 1.04 -35.62
C GLY F 92 52.62 2.14 -34.59
N GLU F 93 52.80 1.75 -33.31
CA GLU F 93 52.84 2.69 -32.19
C GLU F 93 54.09 2.48 -31.32
N ASP F 94 54.77 3.56 -30.97
CA ASP F 94 55.98 3.45 -30.14
C ASP F 94 55.67 3.45 -28.64
N ASN F 95 54.51 4.01 -28.28
CA ASN F 95 54.15 4.15 -26.87
C ASN F 95 52.71 3.71 -26.52
N GLN F 96 52.16 2.77 -27.29
CA GLN F 96 50.86 2.19 -26.96
C GLN F 96 51.00 0.70 -26.75
N TYR F 97 50.31 0.17 -25.74
CA TYR F 97 50.35 -1.25 -25.39
C TYR F 97 48.95 -1.72 -25.11
N ILE F 98 48.65 -2.97 -25.44
CA ILE F 98 47.41 -3.60 -24.93
C ILE F 98 47.80 -4.33 -23.66
N ALA F 99 47.27 -3.87 -22.52
CA ALA F 99 47.48 -4.53 -21.24
C ALA F 99 46.24 -5.35 -20.94
N TYR F 100 46.44 -6.63 -20.64
CA TYR F 100 45.36 -7.55 -20.34
C TYR F 100 45.29 -7.76 -18.85
N VAL F 101 44.11 -7.55 -18.28
CA VAL F 101 43.87 -7.65 -16.86
C VAL F 101 42.77 -8.67 -16.57
N ALA F 102 43.02 -9.53 -15.59
CA ALA F 102 42.06 -10.54 -15.18
C ALA F 102 41.50 -10.20 -13.80
N TYR F 103 40.18 -10.20 -13.67
CA TYR F 103 39.53 -9.87 -12.39
C TYR F 103 38.76 -11.08 -11.90
N ILE F 105 35.88 -13.30 -10.31
CA ILE F 105 34.45 -13.11 -10.30
C ILE F 105 33.92 -12.56 -8.97
N ASP F 106 34.57 -12.89 -7.85
CA ASP F 106 34.21 -12.38 -6.52
C ASP F 106 34.25 -10.87 -6.36
N LEU F 107 34.95 -10.17 -7.25
CA LEU F 107 35.04 -8.70 -7.18
C LEU F 107 33.74 -7.99 -7.55
N PHE F 108 32.85 -8.70 -8.24
CA PHE F 108 31.70 -8.04 -8.87
C PHE F 108 30.35 -8.34 -8.23
N GLU F 109 29.53 -7.30 -8.10
CA GLU F 109 28.15 -7.50 -7.67
C GLU F 109 27.36 -8.17 -8.80
N GLU F 110 26.66 -9.25 -8.43
CA GLU F 110 25.82 -10.02 -9.35
C GLU F 110 24.76 -9.13 -9.98
N GLY F 111 24.65 -9.15 -11.30
CA GLY F 111 23.60 -8.46 -12.02
C GLY F 111 23.73 -6.94 -12.12
N SER F 112 24.89 -6.41 -11.74
CA SER F 112 25.13 -4.98 -11.73
C SER F 112 26.22 -4.50 -12.72
N VAL F 113 25.78 -3.96 -13.86
CA VAL F 113 26.68 -3.35 -14.83
C VAL F 113 27.37 -2.15 -14.21
N THR F 114 26.58 -1.35 -13.48
CA THR F 114 27.12 -0.23 -12.71
C THR F 114 28.36 -0.61 -11.89
N ASN F 115 28.26 -1.69 -11.11
CA ASN F 115 29.40 -2.15 -10.32
C ASN F 115 30.62 -2.59 -11.15
N MET F 116 30.38 -3.33 -12.23
CA MET F 116 31.47 -3.76 -13.09
C MET F 116 32.23 -2.56 -13.70
N PHE F 117 31.50 -1.59 -14.25
CA PHE F 117 32.13 -0.35 -14.75
C PHE F 117 32.88 0.42 -13.65
N THR F 118 32.31 0.47 -12.46
CA THR F 118 32.95 1.18 -11.35
C THR F 118 34.36 0.64 -11.00
N SER F 119 34.51 -0.68 -10.94
CA SER F 119 35.85 -1.24 -10.79
C SER F 119 36.71 -0.96 -12.01
N ILE F 120 36.27 -1.42 -13.18
CA ILE F 120 37.15 -1.46 -14.35
C ILE F 120 37.46 -0.08 -14.95
N VAL F 121 36.51 0.83 -14.88
CA VAL F 121 36.74 2.16 -15.51
C VAL F 121 36.56 3.33 -14.53
N GLY F 122 36.45 3.01 -13.24
CA GLY F 122 36.16 3.98 -12.21
C GLY F 122 37.18 5.09 -12.04
N ASN F 123 38.42 4.73 -11.70
CA ASN F 123 39.48 5.68 -11.36
C ASN F 123 40.68 5.68 -12.31
N VAL F 124 40.97 4.55 -12.95
CA VAL F 124 42.26 4.38 -13.60
C VAL F 124 42.55 5.31 -14.80
N PHE F 125 41.49 5.85 -15.43
CA PHE F 125 41.67 6.70 -16.60
C PHE F 125 42.23 8.05 -16.24
N GLY F 126 42.26 8.38 -14.95
CA GLY F 126 42.71 9.67 -14.48
C GLY F 126 44.08 9.66 -13.84
N PHE F 127 44.72 8.51 -13.78
CA PHE F 127 46.05 8.41 -13.18
C PHE F 127 47.08 9.26 -13.93
N LYS F 128 47.82 10.06 -13.19
CA LYS F 128 48.84 10.94 -13.75
C LYS F 128 49.89 10.13 -14.53
N ALA F 129 50.15 8.92 -14.08
CA ALA F 129 51.22 8.09 -14.63
C ALA F 129 50.89 7.56 -16.02
N LEU F 130 49.67 7.81 -16.50
CA LEU F 130 49.37 7.51 -17.90
C LEU F 130 48.84 8.72 -18.67
N ARG F 131 49.02 8.69 -19.98
CA ARG F 131 48.68 9.83 -20.83
C ARG F 131 47.33 9.61 -21.46
N ALA F 132 46.97 8.36 -21.64
CA ALA F 132 45.72 7.96 -22.27
C ALA F 132 45.44 6.50 -21.97
N LEU F 133 44.16 6.15 -21.91
CA LEU F 133 43.74 4.79 -21.64
C LEU F 133 42.42 4.57 -22.37
N ARG F 134 42.30 3.42 -23.03
CA ARG F 134 41.06 3.06 -23.70
C ARG F 134 40.71 1.62 -23.41
N LEU F 135 39.50 1.38 -22.89
CA LEU F 135 39.05 0.02 -22.72
C LEU F 135 38.51 -0.47 -24.05
N GLU F 136 39.18 -1.46 -24.62
CA GLU F 136 38.84 -2.00 -25.92
C GLU F 136 37.81 -3.12 -25.88
N ASP F 137 37.88 -3.98 -24.87
CA ASP F 137 37.02 -5.17 -24.84
C ASP F 137 37.00 -5.76 -23.45
N LEU F 138 35.95 -6.55 -23.18
CA LEU F 138 35.79 -7.26 -21.91
C LEU F 138 35.38 -8.69 -22.23
N ARG F 139 35.91 -9.64 -21.49
CA ARG F 139 35.45 -10.99 -21.60
C ARG F 139 34.54 -11.21 -20.42
N ILE F 140 33.24 -11.24 -20.69
CA ILE F 140 32.24 -11.57 -19.67
C ILE F 140 32.02 -13.08 -19.65
N PRO F 141 32.45 -13.72 -18.57
CA PRO F 141 32.37 -15.19 -18.48
C PRO F 141 30.93 -15.64 -18.24
N PRO F 142 30.53 -16.81 -18.74
CA PRO F 142 29.17 -17.31 -18.51
C PRO F 142 28.72 -17.25 -17.05
N ALA F 143 29.60 -17.52 -16.09
CA ALA F 143 29.19 -17.54 -14.69
C ALA F 143 28.74 -16.15 -14.20
N TYR F 144 29.28 -15.08 -14.79
CA TYR F 144 28.85 -13.73 -14.47
C TYR F 144 27.63 -13.35 -15.30
N VAL F 145 27.64 -13.70 -16.60
CA VAL F 145 26.50 -13.44 -17.49
C VAL F 145 25.20 -13.98 -16.89
N LYS F 146 25.29 -15.15 -16.24
CA LYS F 146 24.12 -15.81 -15.70
C LYS F 146 23.48 -15.06 -14.54
N THR F 147 24.17 -14.07 -13.97
CA THR F 147 23.62 -13.29 -12.86
C THR F 147 22.75 -12.11 -13.30
N PHE F 148 22.60 -11.94 -14.60
CA PHE F 148 21.88 -10.81 -15.17
C PHE F 148 20.55 -11.26 -15.76
N VAL F 149 19.52 -10.46 -15.55
CA VAL F 149 18.24 -10.71 -16.21
C VAL F 149 18.42 -10.58 -17.73
N GLY F 150 19.17 -9.57 -18.15
CA GLY F 150 19.45 -9.41 -19.56
C GLY F 150 18.28 -8.73 -20.28
N PRO F 152 14.87 -7.73 -22.03
CA PRO F 152 13.48 -8.12 -21.70
C PRO F 152 12.94 -9.24 -22.62
N HIS F 153 13.27 -9.17 -23.92
CA HIS F 153 12.80 -10.19 -24.86
C HIS F 153 13.92 -10.76 -25.76
N GLY F 154 14.62 -9.90 -26.50
CA GLY F 154 15.58 -10.40 -27.45
C GLY F 154 14.96 -10.62 -28.81
N ILE F 155 15.81 -10.78 -29.82
CA ILE F 155 15.41 -10.80 -31.24
C ILE F 155 14.28 -11.76 -31.60
N GLN F 156 14.45 -13.03 -31.29
CA GLN F 156 13.48 -14.05 -31.64
C GLN F 156 12.14 -13.77 -30.98
N VAL F 157 12.13 -13.55 -29.66
CA VAL F 157 10.89 -13.25 -28.97
C VAL F 157 10.26 -12.00 -29.55
N GLU F 158 11.07 -10.98 -29.83
CA GLU F 158 10.54 -9.75 -30.38
C GLU F 158 9.77 -10.01 -31.69
N ARG F 159 10.40 -10.73 -32.62
CA ARG F 159 9.76 -11.06 -33.89
C ARG F 159 8.46 -11.82 -33.67
N ASP F 160 8.46 -12.78 -32.75
CA ASP F 160 7.25 -13.51 -32.40
C ASP F 160 6.16 -12.59 -31.83
N LYS F 161 6.54 -11.63 -31.00
CA LYS F 161 5.57 -10.69 -30.44
C LYS F 161 5.02 -9.69 -31.47
N LEU F 162 5.80 -9.37 -32.50
CA LEU F 162 5.36 -8.43 -33.52
C LEU F 162 4.73 -9.18 -34.67
N ASN F 163 4.91 -10.50 -34.69
CA ASN F 163 4.51 -11.33 -35.82
C ASN F 163 5.13 -10.89 -37.14
N LYS F 164 6.39 -10.47 -37.09
CA LYS F 164 7.11 -9.93 -38.28
C LYS F 164 8.35 -10.76 -38.60
N TYR F 165 8.41 -11.26 -39.84
CA TYR F 165 9.46 -12.17 -40.27
C TYR F 165 9.87 -11.93 -41.72
N GLY F 166 11.13 -12.21 -42.01
CA GLY F 166 11.60 -12.33 -43.39
C GLY F 166 12.19 -11.08 -43.98
N ARG F 167 12.38 -10.05 -43.16
CA ARG F 167 12.96 -8.79 -43.63
C ARG F 167 13.37 -7.93 -42.46
N GLY F 168 14.26 -6.97 -42.73
CA GLY F 168 14.54 -5.91 -41.80
C GLY F 168 13.28 -5.17 -41.37
N LEU F 169 13.28 -4.68 -40.13
CA LEU F 169 12.23 -3.81 -39.65
C LEU F 169 12.52 -2.37 -40.11
N LEU F 170 11.47 -1.56 -40.25
CA LEU F 170 11.62 -0.17 -40.65
C LEU F 170 11.10 0.83 -39.62
N GLY F 171 11.94 1.78 -39.26
CA GLY F 171 11.58 2.79 -38.29
C GLY F 171 11.87 4.17 -38.81
N CYS F 172 11.71 5.17 -37.95
CA CYS F 172 11.72 6.55 -38.37
C CYS F 172 11.61 7.47 -37.15
N THR F 173 12.59 8.33 -36.94
CA THR F 173 12.48 9.37 -35.92
C THR F 173 11.65 10.55 -36.45
N ILE F 174 10.65 10.99 -35.69
CA ILE F 174 9.88 12.17 -36.03
C ILE F 174 10.75 13.40 -35.92
N LYS F 175 10.55 14.36 -36.83
CA LYS F 175 11.33 15.60 -36.91
C LYS F 175 10.35 16.76 -37.13
N PRO F 176 10.71 18.02 -36.82
CA PRO F 176 11.97 18.41 -36.16
C PRO F 176 12.17 17.72 -34.80
N LYS F 177 13.42 17.65 -34.35
CA LYS F 177 13.77 16.93 -33.12
C LYS F 177 12.86 17.38 -31.98
N LEU F 178 12.79 18.70 -31.78
CA LEU F 178 12.03 19.33 -30.72
C LEU F 178 11.19 20.42 -31.37
N GLY F 179 10.10 20.84 -30.71
CA GLY F 179 9.31 21.96 -31.17
C GLY F 179 7.91 21.62 -31.65
N LEU F 180 7.62 20.32 -31.85
CA LEU F 180 6.30 19.88 -32.29
C LEU F 180 5.36 19.70 -31.09
N SER F 181 4.08 20.08 -31.27
CA SER F 181 3.04 19.79 -30.26
C SER F 181 2.69 18.28 -30.27
N ALA F 182 2.07 17.80 -29.19
CA ALA F 182 1.59 16.42 -29.10
C ALA F 182 0.68 16.04 -30.26
N LYS F 183 -0.28 16.92 -30.58
CA LYS F 183 -1.21 16.63 -31.67
C LYS F 183 -0.47 16.50 -33.01
N ASN F 184 0.49 17.38 -33.26
CA ASN F 184 1.29 17.29 -34.49
C ASN F 184 2.21 16.07 -34.49
N TYR F 185 2.69 15.67 -33.32
CA TYR F 185 3.52 14.47 -33.19
C TYR F 185 2.75 13.25 -33.63
N GLY F 186 1.51 13.12 -33.13
CA GLY F 186 0.65 12.00 -33.50
C GLY F 186 0.21 12.02 -34.95
N ARG F 187 0.03 13.22 -35.48
CA ARG F 187 -0.29 13.42 -36.89
C ARG F 187 0.82 12.86 -37.79
N ALA F 188 2.05 13.26 -37.52
CA ALA F 188 3.25 12.80 -38.24
C ALA F 188 3.39 11.29 -38.14
N VAL F 189 3.19 10.78 -36.92
CA VAL F 189 3.31 9.35 -36.64
C VAL F 189 2.30 8.56 -37.47
N TYR F 190 1.03 9.00 -37.48
CA TYR F 190 0.01 8.27 -38.24
C TYR F 190 0.36 8.19 -39.74
N GLU F 191 0.76 9.32 -40.31
CA GLU F 191 1.10 9.45 -41.72
C GLU F 191 2.33 8.63 -42.06
N CYS F 192 3.33 8.60 -41.16
CA CYS F 192 4.50 7.72 -41.33
C CYS F 192 4.11 6.25 -41.31
N LEU F 193 3.43 5.81 -40.24
CA LEU F 193 3.14 4.38 -40.08
C LEU F 193 2.26 3.82 -41.19
N ARG F 194 1.28 4.62 -41.64
CA ARG F 194 0.29 4.18 -42.64
C ARG F 194 0.90 3.95 -44.03
N GLY F 195 2.10 4.49 -44.27
CA GLY F 195 2.79 4.31 -45.54
C GLY F 195 3.68 3.09 -45.62
N GLY F 196 3.80 2.34 -44.51
CA GLY F 196 4.53 1.10 -44.53
C GLY F 196 5.69 0.94 -43.56
N LEU F 197 5.96 1.96 -42.74
CA LEU F 197 6.96 1.80 -41.65
C LEU F 197 6.36 0.94 -40.52
N ASP F 198 7.18 0.07 -39.95
CA ASP F 198 6.77 -0.73 -38.80
C ASP F 198 6.73 0.11 -37.53
N PHE F 199 7.67 1.07 -37.42
CA PHE F 199 7.85 1.87 -36.22
C PHE F 199 8.07 3.34 -36.56
N THR F 200 7.62 4.20 -35.65
CA THR F 200 8.22 5.53 -35.50
C THR F 200 8.77 5.66 -34.07
N ASP F 202 9.98 8.68 -30.65
CA ASP F 202 10.40 9.96 -30.10
C ASP F 202 11.88 10.14 -30.40
N ASP F 203 12.28 11.38 -30.66
CA ASP F 203 13.70 11.67 -30.72
C ASP F 203 14.28 11.44 -29.32
N GLU F 204 15.56 11.09 -29.26
CA GLU F 204 16.19 10.80 -27.99
C GLU F 204 15.95 11.88 -26.95
N ASN F 205 15.90 13.13 -27.39
CA ASN F 205 15.76 14.25 -26.48
C ASN F 205 14.33 14.72 -26.25
N VAL F 206 13.38 14.06 -26.89
CA VAL F 206 11.96 14.34 -26.66
C VAL F 206 11.60 13.56 -25.40
N ASN F 207 11.42 14.27 -24.31
CA ASN F 207 11.06 13.66 -23.05
C ASN F 207 9.74 14.30 -22.64
N SER F 208 9.79 15.34 -21.82
CA SER F 208 8.61 16.17 -21.53
C SER F 208 9.09 17.60 -21.46
N GLN F 209 8.49 18.49 -22.26
CA GLN F 209 8.97 19.87 -22.37
C GLN F 209 7.81 20.85 -22.48
N PRO F 210 8.05 22.15 -22.30
CA PRO F 210 6.99 23.15 -22.51
C PRO F 210 6.22 23.05 -23.82
N PHE F 211 6.87 22.75 -24.94
CA PHE F 211 6.18 22.68 -26.25
C PHE F 211 5.33 21.42 -26.39
N MET F 212 5.67 20.39 -25.62
CA MET F 212 4.95 19.12 -25.67
C MET F 212 5.17 18.32 -24.40
N ARG F 213 4.12 18.16 -23.60
CA ARG F 213 4.20 17.37 -22.38
C ARG F 213 4.05 15.87 -22.70
N TRP F 214 4.73 15.01 -21.94
CA TRP F 214 4.83 13.60 -22.32
C TRP F 214 3.47 12.88 -22.39
N ARG F 215 2.61 13.10 -21.41
CA ARG F 215 1.36 12.33 -21.37
C ARG F 215 0.45 12.70 -22.57
N ASP F 216 0.41 13.99 -22.91
CA ASP F 216 -0.30 14.45 -24.11
C ASP F 216 0.21 13.71 -25.34
N ARG F 217 1.53 13.59 -25.44
CA ARG F 217 2.12 12.89 -26.56
C ARG F 217 1.74 11.41 -26.58
N PHE F 218 1.91 10.75 -25.44
CA PHE F 218 1.64 9.33 -25.32
C PHE F 218 0.24 9.01 -25.82
N LEU F 219 -0.74 9.82 -25.42
CA LEU F 219 -2.14 9.62 -25.82
C LEU F 219 -2.37 9.81 -27.32
N PHE F 220 -1.84 10.88 -27.89
CA PHE F 220 -2.01 11.11 -29.34
C PHE F 220 -1.29 10.04 -30.16
N VAL F 221 -0.09 9.67 -29.72
CA VAL F 221 0.67 8.63 -30.41
C VAL F 221 -0.08 7.28 -30.38
N ALA F 222 -0.70 6.94 -29.25
CA ALA F 222 -1.47 5.71 -29.17
C ALA F 222 -2.62 5.70 -30.19
N GLU F 223 -3.32 6.85 -30.33
CA GLU F 223 -4.35 6.99 -31.36
C GLU F 223 -3.78 6.76 -32.76
N ALA F 224 -2.65 7.43 -33.05
CA ALA F 224 -1.98 7.27 -34.33
C ALA F 224 -1.58 5.83 -34.63
N ILE F 225 -0.98 5.14 -33.66
CA ILE F 225 -0.61 3.72 -33.85
C ILE F 225 -1.83 2.91 -34.24
N TYR F 226 -2.91 3.08 -33.49
CA TYR F 226 -4.15 2.30 -33.66
C TYR F 226 -4.75 2.55 -35.04
N LYS F 227 -4.84 3.81 -35.43
CA LYS F 227 -5.38 4.15 -36.74
C LYS F 227 -4.53 3.55 -37.87
N ALA F 228 -3.21 3.67 -37.78
CA ALA F 228 -2.37 3.14 -38.88
C ALA F 228 -2.41 1.60 -38.95
N GLN F 229 -2.48 0.94 -37.80
CA GLN F 229 -2.60 -0.49 -37.75
C GLN F 229 -3.92 -0.96 -38.38
N ALA F 230 -5.01 -0.28 -38.08
CA ALA F 230 -6.32 -0.63 -38.66
C ALA F 230 -6.37 -0.35 -40.18
N GLU F 231 -5.77 0.75 -40.61
CA GLU F 231 -5.75 1.10 -42.02
C GLU F 231 -4.91 0.14 -42.86
N THR F 232 -3.72 -0.23 -42.37
CA THR F 232 -2.78 -1.05 -43.18
C THR F 232 -2.93 -2.54 -43.00
N GLY F 233 -3.54 -2.96 -41.89
CA GLY F 233 -3.62 -4.37 -41.55
C GLY F 233 -2.29 -4.97 -41.10
N GLU F 234 -1.32 -4.12 -40.75
CA GLU F 234 -0.04 -4.58 -40.21
C GLU F 234 0.22 -4.02 -38.81
N VAL F 235 0.91 -4.80 -37.99
CA VAL F 235 1.21 -4.41 -36.62
C VAL F 235 2.12 -3.21 -36.64
N LYS F 236 1.75 -2.16 -35.89
CA LYS F 236 2.55 -0.95 -35.77
C LYS F 236 3.01 -0.67 -34.34
N GLY F 237 4.03 0.17 -34.19
CA GLY F 237 4.50 0.58 -32.89
C GLY F 237 5.14 1.96 -33.00
N HIS F 238 5.38 2.61 -31.86
CA HIS F 238 6.11 3.85 -31.81
C HIS F 238 6.83 3.84 -30.48
N TYR F 239 8.15 4.04 -30.50
CA TYR F 239 8.92 3.96 -29.25
C TYR F 239 8.68 5.23 -28.44
N LEU F 240 7.80 5.13 -27.45
CA LEU F 240 7.56 6.24 -26.55
C LEU F 240 8.72 6.34 -25.53
N ASN F 241 9.24 7.54 -25.38
CA ASN F 241 10.44 7.76 -24.58
C ASN F 241 10.13 7.82 -23.10
N ALA F 242 10.69 6.87 -22.35
CA ALA F 242 10.58 6.87 -20.89
C ALA F 242 11.72 7.63 -20.19
N THR F 243 12.71 8.07 -20.95
CA THR F 243 13.86 8.76 -20.40
C THR F 243 13.36 9.95 -19.58
N ALA F 244 13.85 10.08 -18.36
CA ALA F 244 13.36 11.14 -17.46
C ALA F 244 14.43 11.58 -16.48
N GLY F 245 14.13 12.61 -15.69
CA GLY F 245 15.09 13.14 -14.73
C GLY F 245 15.29 12.27 -13.49
N THR F 246 14.30 11.45 -13.15
CA THR F 246 14.35 10.60 -11.96
C THR F 246 13.79 9.23 -12.29
N CYS F 247 14.15 8.22 -11.48
CA CYS F 247 13.58 6.87 -11.67
C CYS F 247 12.06 6.86 -11.56
N GLU F 248 11.51 7.68 -10.65
CA GLU F 248 10.07 7.69 -10.43
C GLU F 248 9.33 8.19 -11.66
N GLU F 249 9.86 9.23 -12.31
CA GLU F 249 9.26 9.80 -13.51
C GLU F 249 9.40 8.80 -14.67
N MET F 250 10.59 8.19 -14.78
CA MET F 250 10.84 7.14 -15.77
C MET F 250 9.79 6.05 -15.67
N MET F 251 9.54 5.57 -14.44
CA MET F 251 8.61 4.45 -14.25
C MET F 251 7.16 4.87 -14.55
N LYS F 252 6.80 6.09 -14.17
CA LYS F 252 5.46 6.64 -14.43
C LYS F 252 5.17 6.56 -15.94
N ARG F 253 6.17 6.94 -16.74
CA ARG F 253 6.03 6.94 -18.20
C ARG F 253 5.88 5.54 -18.77
N ALA F 254 6.70 4.62 -18.29
CA ALA F 254 6.61 3.22 -18.72
C ALA F 254 5.25 2.61 -18.33
N VAL F 255 4.80 2.90 -17.11
CA VAL F 255 3.47 2.47 -16.64
C VAL F 255 2.35 3.01 -17.55
N ALA F 257 2.60 3.97 -20.78
CA ALA F 257 2.71 3.24 -22.04
C ALA F 257 2.05 1.86 -21.94
N LYS F 258 2.36 1.12 -20.86
CA LYS F 258 1.74 -0.19 -20.63
C LYS F 258 0.20 -0.10 -20.59
N GLU F 259 -0.32 0.86 -19.82
CA GLU F 259 -1.76 1.08 -19.69
C GLU F 259 -2.39 1.30 -21.06
N LEU F 260 -1.70 2.05 -21.92
CA LEU F 260 -2.21 2.34 -23.26
C LEU F 260 -2.12 1.13 -24.21
N GLY F 261 -1.39 0.11 -23.82
CA GLY F 261 -1.28 -1.10 -24.63
C GLY F 261 -0.31 -0.94 -25.80
N VAL F 262 0.51 0.11 -25.80
CA VAL F 262 1.50 0.29 -26.86
C VAL F 262 2.62 -0.73 -26.68
N PRO F 263 3.06 -1.35 -27.77
CA PRO F 263 3.96 -2.52 -27.64
C PRO F 263 5.41 -2.18 -27.31
N ILE F 264 5.84 -0.93 -27.40
CA ILE F 264 7.27 -0.63 -27.29
C ILE F 264 7.55 0.76 -26.72
N ILE F 265 8.58 0.85 -25.89
CA ILE F 265 9.09 2.10 -25.37
C ILE F 265 10.59 2.24 -25.64
N MET F 266 11.14 3.42 -25.38
CA MET F 266 12.58 3.59 -25.53
C MET F 266 13.19 4.22 -24.28
N HIS F 267 14.50 4.05 -24.14
CA HIS F 267 15.28 4.62 -23.04
C HIS F 267 16.66 5.01 -23.55
N ASP F 268 17.17 6.16 -23.07
CA ASP F 268 18.55 6.59 -23.39
C ASP F 268 19.44 6.07 -22.29
N TYR F 269 20.09 4.94 -22.51
CA TYR F 269 20.72 4.25 -21.39
C TYR F 269 21.92 4.92 -20.78
N LEU F 270 22.68 5.71 -21.55
CA LEU F 270 23.87 6.35 -21.01
C LEU F 270 23.56 7.66 -20.30
N THR F 271 22.67 8.48 -20.86
CA THR F 271 22.28 9.72 -20.19
C THR F 271 21.31 9.46 -19.03
N GLY F 272 20.51 8.43 -19.15
CA GLY F 272 19.67 8.00 -18.04
C GLY F 272 20.54 7.29 -17.03
N GLY F 273 21.35 6.33 -17.52
CA GLY F 273 22.27 5.62 -16.67
C GLY F 273 21.90 4.14 -16.51
N PHE F 274 22.91 3.33 -16.21
CA PHE F 274 22.79 1.89 -16.09
C PHE F 274 21.87 1.46 -14.96
N THR F 275 21.87 2.20 -13.86
CA THR F 275 21.02 1.85 -12.72
C THR F 275 19.56 2.01 -13.09
N ALA F 276 19.20 3.14 -13.69
CA ALA F 276 17.82 3.33 -14.20
C ALA F 276 17.50 2.37 -15.32
N ASN F 277 18.46 2.14 -16.22
CA ASN F 277 18.19 1.30 -17.37
C ASN F 277 17.87 -0.15 -16.99
N THR F 278 18.62 -0.69 -16.03
CA THR F 278 18.41 -2.05 -15.55
C THR F 278 17.03 -2.15 -14.94
N SER F 279 16.65 -1.19 -14.10
CA SER F 279 15.31 -1.17 -13.51
C SER F 279 14.24 -1.20 -14.59
N LEU F 280 14.44 -0.41 -15.64
CA LEU F 280 13.45 -0.32 -16.72
C LEU F 280 13.36 -1.62 -17.52
N ALA F 281 14.50 -2.21 -17.81
CA ALA F 281 14.52 -3.51 -18.51
C ALA F 281 13.76 -4.59 -17.72
N ILE F 282 13.97 -4.63 -16.41
CA ILE F 282 13.26 -5.56 -15.54
C ILE F 282 11.76 -5.27 -15.60
N TYR F 283 11.37 -4.00 -15.55
CA TYR F 283 9.97 -3.64 -15.64
C TYR F 283 9.39 -4.10 -17.01
N CYS F 284 10.16 -3.91 -18.07
CA CYS F 284 9.74 -4.35 -19.40
C CYS F 284 9.57 -5.86 -19.53
N ARG F 285 10.51 -6.62 -18.94
CA ARG F 285 10.39 -8.08 -18.85
C ARG F 285 9.12 -8.50 -18.11
N ASP F 286 8.87 -7.83 -16.97
CA ASP F 286 7.74 -8.15 -16.09
C ASP F 286 6.40 -7.79 -16.70
N ASN F 287 6.40 -6.96 -17.74
CA ASN F 287 5.15 -6.45 -18.32
C ASN F 287 5.04 -6.62 -19.83
N GLY F 288 6.00 -7.34 -20.41
CA GLY F 288 5.95 -7.66 -21.82
C GLY F 288 6.07 -6.48 -22.76
N LEU F 289 6.70 -5.40 -22.28
CA LEU F 289 7.01 -4.23 -23.12
C LEU F 289 8.32 -4.41 -23.87
N LEU F 290 8.30 -4.14 -25.17
CA LEU F 290 9.56 -4.11 -25.90
C LEU F 290 10.33 -2.87 -25.50
N LEU F 291 11.65 -2.98 -25.46
CA LEU F 291 12.48 -1.86 -25.04
C LEU F 291 13.57 -1.47 -26.06
N HIS F 292 13.40 -0.30 -26.67
CA HIS F 292 14.35 0.19 -27.64
C HIS F 292 15.38 1.00 -26.91
N ILE F 293 16.67 0.71 -27.13
CA ILE F 293 17.70 1.51 -26.48
C ILE F 293 18.43 2.49 -27.40
N HIS F 294 18.40 3.78 -27.04
CA HIS F 294 19.15 4.81 -27.74
C HIS F 294 20.48 5.04 -27.03
N ARG F 295 21.58 5.20 -27.79
CA ARG F 295 22.91 5.28 -27.20
C ARG F 295 23.44 6.69 -27.07
N ALA F 296 22.55 7.69 -27.06
CA ALA F 296 22.94 9.08 -26.78
C ALA F 296 24.10 9.18 -25.80
N MET F 297 25.09 10.00 -26.16
CA MET F 297 26.31 10.25 -25.39
C MET F 297 27.45 9.25 -25.65
N HIS F 298 27.17 8.16 -26.37
CA HIS F 298 28.22 7.13 -26.53
C HIS F 298 29.50 7.67 -27.17
N ALA F 299 29.35 8.59 -28.14
CA ALA F 299 30.50 9.07 -28.89
C ALA F 299 31.39 10.02 -28.06
N VAL F 300 30.85 10.55 -26.97
CA VAL F 300 31.64 11.32 -26.01
C VAL F 300 32.72 10.40 -25.43
N ILE F 301 32.38 9.12 -25.35
CA ILE F 301 33.19 8.11 -24.71
C ILE F 301 33.97 7.28 -25.73
N ASP F 302 33.36 7.01 -26.88
CA ASP F 302 33.88 5.95 -27.74
C ASP F 302 34.47 6.35 -29.09
N ARG F 303 34.55 7.65 -29.37
CA ARG F 303 35.02 8.11 -30.67
C ARG F 303 36.53 7.95 -30.88
N GLN F 304 37.34 8.39 -29.90
CA GLN F 304 38.78 8.47 -30.08
C GLN F 304 39.47 7.13 -29.85
N ARG F 305 40.43 6.85 -30.74
CA ARG F 305 41.20 5.62 -30.71
C ARG F 305 42.09 5.45 -29.45
N ASN F 306 42.59 6.57 -28.94
CA ASN F 306 43.59 6.52 -27.86
C ASN F 306 43.03 6.53 -26.44
N HIS F 307 41.76 6.95 -26.30
CA HIS F 307 41.20 7.16 -24.97
C HIS F 307 39.69 7.00 -24.95
N GLY F 308 39.21 6.27 -23.93
CA GLY F 308 37.79 6.13 -23.65
C GLY F 308 37.41 4.65 -23.51
N ILE F 309 36.24 4.32 -24.02
CA ILE F 309 35.77 2.94 -24.04
C ILE F 309 35.21 2.67 -25.44
N HIS F 310 35.65 1.58 -26.08
CA HIS F 310 35.11 1.26 -27.38
C HIS F 310 33.62 0.94 -27.29
N PHE F 311 32.87 1.24 -28.36
CA PHE F 311 31.46 1.01 -28.33
C PHE F 311 31.11 -0.47 -28.08
N ARG F 312 31.96 -1.40 -28.55
CA ARG F 312 31.66 -2.81 -28.36
C ARG F 312 31.50 -3.14 -26.87
N VAL F 313 32.26 -2.46 -26.01
CA VAL F 313 32.12 -2.64 -24.56
C VAL F 313 30.80 -2.01 -24.04
N LEU F 314 30.49 -0.81 -24.53
CA LEU F 314 29.21 -0.17 -24.25
C LEU F 314 28.03 -1.02 -24.71
N ALA F 315 28.21 -1.77 -25.80
CA ALA F 315 27.18 -2.62 -26.34
C ALA F 315 27.01 -3.88 -25.50
N LYS F 316 28.13 -4.48 -25.07
CA LYS F 316 28.08 -5.65 -24.18
C LYS F 316 27.37 -5.26 -22.87
N ALA F 317 27.71 -4.10 -22.34
CA ALA F 317 27.16 -3.60 -21.10
C ALA F 317 25.63 -3.41 -21.24
N LEU F 318 25.20 -2.87 -22.38
CA LEU F 318 23.77 -2.73 -22.63
C LEU F 318 23.08 -4.10 -22.70
N ARG F 319 23.71 -5.04 -23.38
CA ARG F 319 23.14 -6.36 -23.48
C ARG F 319 22.90 -6.93 -22.08
N MET F 320 23.86 -6.74 -21.20
CA MET F 320 23.75 -7.26 -19.83
C MET F 320 22.69 -6.51 -19.02
N SER F 321 22.72 -5.18 -19.05
CA SER F 321 21.75 -4.34 -18.35
C SER F 321 20.33 -4.55 -18.90
N GLY F 322 20.19 -4.59 -20.21
CA GLY F 322 18.95 -5.05 -20.83
C GLY F 322 18.44 -4.09 -21.90
N GLY F 323 18.20 -4.62 -23.09
CA GLY F 323 17.57 -3.86 -24.16
C GLY F 323 17.21 -4.79 -25.29
N ASP F 324 16.05 -4.55 -25.90
CA ASP F 324 15.62 -5.32 -27.07
C ASP F 324 16.23 -4.83 -28.36
N HIS F 325 16.39 -3.51 -28.49
CA HIS F 325 17.09 -2.91 -29.62
C HIS F 325 18.24 -2.10 -29.05
N LEU F 326 19.29 -1.90 -29.85
CA LEU F 326 20.32 -0.91 -29.53
C LEU F 326 20.83 -0.33 -30.85
N HIS F 327 20.97 0.98 -30.95
CA HIS F 327 21.59 1.57 -32.14
C HIS F 327 23.01 1.03 -32.37
N SER F 328 23.29 0.74 -33.62
CA SER F 328 24.56 0.09 -34.03
C SER F 328 25.41 0.95 -34.98
N GLY F 329 24.91 2.13 -35.35
CA GLY F 329 25.45 2.90 -36.48
C GLY F 329 24.93 2.37 -37.81
N THR F 330 25.32 3.03 -38.90
CA THR F 330 24.85 2.67 -40.26
C THR F 330 25.99 2.35 -41.17
N VAL F 331 27.23 2.66 -40.75
CA VAL F 331 28.41 2.65 -41.61
C VAL F 331 28.38 3.73 -42.71
N VAL F 332 27.30 3.79 -43.47
CA VAL F 332 27.18 4.68 -44.65
C VAL F 332 26.46 6.02 -44.40
N GLY F 333 25.88 6.20 -43.21
CA GLY F 333 25.15 7.42 -42.86
C GLY F 333 25.98 8.59 -42.32
N LYS F 334 25.32 9.53 -41.63
CA LYS F 334 25.93 10.77 -41.19
C LYS F 334 26.84 10.62 -39.97
N LEU F 335 26.70 9.52 -39.23
CA LEU F 335 27.51 9.31 -38.04
C LEU F 335 28.52 8.19 -38.27
N GLU F 336 29.64 8.26 -37.57
CA GLU F 336 30.76 7.37 -37.82
C GLU F 336 30.47 5.93 -37.40
N GLY F 337 31.04 5.00 -38.16
CA GLY F 337 31.08 3.59 -37.81
C GLY F 337 31.71 2.79 -38.92
N GLU F 338 32.95 2.38 -38.74
CA GLU F 338 33.70 1.66 -39.77
C GLU F 338 33.13 0.26 -39.94
N ARG F 339 33.15 -0.22 -41.19
CA ARG F 339 32.49 -1.47 -41.53
C ARG F 339 32.89 -2.67 -40.65
N GLU F 340 34.18 -2.96 -40.57
CA GLU F 340 34.66 -4.14 -39.88
C GLU F 340 34.41 -4.04 -38.37
N VAL F 341 34.70 -2.87 -37.80
CA VAL F 341 34.43 -2.58 -36.40
C VAL F 341 32.94 -2.86 -36.08
N THR F 342 32.06 -2.33 -36.94
CA THR F 342 30.62 -2.47 -36.81
C THR F 342 30.15 -3.93 -36.92
N LEU F 343 30.65 -4.65 -37.92
CA LEU F 343 30.29 -6.06 -38.08
C LEU F 343 30.70 -6.86 -36.86
N GLY F 344 31.84 -6.53 -36.27
CA GLY F 344 32.28 -7.15 -35.04
C GLY F 344 31.30 -7.00 -33.87
N PHE F 345 30.94 -5.76 -33.56
CA PHE F 345 30.07 -5.56 -32.41
C PHE F 345 28.62 -5.93 -32.66
N VAL F 346 28.20 -5.90 -33.93
CA VAL F 346 26.89 -6.43 -34.30
C VAL F 346 26.83 -7.91 -33.92
N ASP F 347 27.88 -8.67 -34.23
CA ASP F 347 27.94 -10.07 -33.83
C ASP F 347 27.92 -10.21 -32.30
N LEU F 348 28.68 -9.37 -31.61
CA LEU F 348 28.66 -9.38 -30.16
C LEU F 348 27.29 -9.06 -29.55
N MET F 349 26.49 -8.25 -30.24
CA MET F 349 25.13 -7.88 -29.79
C MET F 349 24.11 -8.99 -30.04
N ARG F 350 24.24 -9.71 -31.15
CA ARG F 350 23.17 -10.63 -31.61
C ARG F 350 23.45 -12.08 -31.28
N ASP F 351 24.71 -12.47 -31.36
CA ASP F 351 25.01 -13.90 -31.39
C ASP F 351 25.22 -14.49 -29.99
N ASP F 352 25.19 -15.81 -29.93
CA ASP F 352 25.36 -16.52 -28.68
C ASP F 352 26.83 -16.77 -28.34
N TYR F 353 27.66 -16.90 -29.37
CA TYR F 353 29.07 -17.28 -29.19
C TYR F 353 29.87 -16.62 -30.28
N VAL F 354 30.82 -15.78 -29.89
CA VAL F 354 31.62 -15.04 -30.87
C VAL F 354 33.09 -15.22 -30.60
N GLU F 355 33.77 -15.88 -31.55
CA GLU F 355 35.20 -16.15 -31.44
C GLU F 355 36.01 -14.90 -31.57
N LYS F 356 37.12 -14.86 -30.84
CA LYS F 356 38.15 -13.84 -30.96
C LYS F 356 38.47 -13.60 -32.44
N ASP F 357 38.57 -12.33 -32.82
CA ASP F 357 38.84 -11.93 -34.19
C ASP F 357 39.33 -10.49 -34.21
N ARG F 358 40.65 -10.33 -34.10
CA ARG F 358 41.23 -8.99 -34.03
C ARG F 358 40.98 -8.12 -35.26
N SER F 359 40.76 -8.75 -36.42
CA SER F 359 40.44 -8.02 -37.63
C SER F 359 39.06 -7.34 -37.60
N ARG F 360 38.28 -7.68 -36.57
CA ARG F 360 36.97 -7.05 -36.35
C ARG F 360 36.87 -6.42 -34.96
N GLY F 361 38.02 -6.26 -34.32
CA GLY F 361 38.08 -5.61 -33.01
C GLY F 361 37.62 -6.48 -31.84
N ILE F 362 37.47 -7.77 -32.08
CA ILE F 362 37.07 -8.73 -31.03
C ILE F 362 38.33 -9.31 -30.36
N TYR F 363 38.62 -8.84 -29.16
CA TYR F 363 39.86 -9.20 -28.47
C TYR F 363 39.73 -10.49 -27.70
N PHE F 364 38.51 -10.87 -27.35
CA PHE F 364 38.24 -12.07 -26.57
C PHE F 364 37.11 -12.84 -27.17
N THR F 365 37.20 -14.16 -27.12
CA THR F 365 36.06 -15.02 -27.39
C THR F 365 34.98 -14.75 -26.33
N GLN F 366 33.76 -14.48 -26.77
CA GLN F 366 32.64 -14.11 -25.91
C GLN F 366 31.54 -15.17 -26.00
N ASP F 367 31.27 -15.78 -24.86
CA ASP F 367 30.20 -16.76 -24.75
C ASP F 367 29.04 -16.12 -23.96
N TRP F 368 27.89 -15.94 -24.60
CA TRP F 368 26.75 -15.31 -23.94
C TRP F 368 25.82 -16.26 -23.19
N SER F 370 23.34 -18.23 -23.81
CA SER F 370 21.91 -18.11 -24.14
C SER F 370 21.20 -16.82 -23.68
N MET F 371 21.95 -15.85 -23.16
CA MET F 371 21.37 -14.52 -22.95
C MET F 371 20.87 -14.01 -24.30
N PRO F 372 19.64 -13.50 -24.36
CA PRO F 372 19.03 -13.09 -25.63
C PRO F 372 19.85 -12.07 -26.40
N GLY F 373 19.76 -12.12 -27.73
CA GLY F 373 20.42 -11.18 -28.61
C GLY F 373 19.64 -9.87 -28.73
N VAL F 374 20.38 -8.80 -28.95
CA VAL F 374 19.87 -7.45 -29.06
C VAL F 374 19.80 -7.08 -30.54
N MET F 375 18.67 -6.52 -30.94
CA MET F 375 18.44 -6.11 -32.31
C MET F 375 19.21 -4.82 -32.64
N PRO F 376 20.13 -4.85 -33.61
CA PRO F 376 20.86 -3.63 -33.99
C PRO F 376 19.95 -2.70 -34.77
N VAL F 377 20.07 -1.40 -34.48
CA VAL F 377 19.28 -0.39 -35.17
C VAL F 377 20.18 0.56 -35.92
N ALA F 378 20.04 0.57 -37.26
CA ALA F 378 20.86 1.43 -38.10
C ALA F 378 20.03 2.65 -38.36
N SER F 379 20.54 3.79 -37.91
CA SER F 379 19.81 5.04 -37.99
C SER F 379 20.76 6.22 -38.12
N GLY F 380 20.36 7.22 -38.92
CA GLY F 380 21.09 8.48 -38.98
C GLY F 380 21.66 8.85 -40.35
N GLY F 381 20.97 9.73 -41.07
CA GLY F 381 21.42 10.22 -42.37
C GLY F 381 21.37 9.18 -43.47
N ILE F 382 20.47 8.21 -43.39
CA ILE F 382 20.36 7.21 -44.45
C ILE F 382 19.11 7.41 -45.27
N HIS F 383 19.15 6.98 -46.52
CA HIS F 383 18.04 7.16 -47.45
C HIS F 383 17.98 5.98 -48.42
N VAL F 384 17.06 6.03 -49.37
CA VAL F 384 16.74 4.87 -50.21
C VAL F 384 17.94 4.27 -50.95
N TRP F 385 18.89 5.11 -51.39
CA TRP F 385 20.07 4.59 -52.11
C TRP F 385 21.00 3.76 -51.22
N HIS F 386 20.94 4.00 -49.89
CA HIS F 386 21.72 3.21 -48.93
C HIS F 386 21.14 1.83 -48.69
N MET F 387 19.91 1.60 -49.11
CA MET F 387 19.17 0.38 -48.73
C MET F 387 19.94 -0.93 -49.03
N PRO F 388 20.42 -1.11 -50.26
CA PRO F 388 21.19 -2.33 -50.59
C PRO F 388 22.41 -2.53 -49.67
N ALA F 389 23.18 -1.47 -49.45
CA ALA F 389 24.31 -1.57 -48.51
C ALA F 389 23.88 -1.95 -47.10
N LEU F 390 22.80 -1.34 -46.59
CA LEU F 390 22.24 -1.67 -45.27
C LEU F 390 21.80 -3.12 -45.14
N VAL F 391 21.07 -3.61 -46.14
CA VAL F 391 20.60 -5.00 -46.11
C VAL F 391 21.80 -5.93 -46.17
N GLU F 392 22.78 -5.56 -46.98
CA GLU F 392 24.01 -6.36 -47.08
C GLU F 392 24.81 -6.41 -45.75
N ILE F 393 24.92 -5.27 -45.08
CA ILE F 393 25.72 -5.21 -43.85
C ILE F 393 25.01 -5.97 -42.72
N PHE F 394 23.73 -5.65 -42.50
CA PHE F 394 23.03 -6.11 -41.31
C PHE F 394 22.23 -7.41 -41.47
N GLY F 395 21.77 -7.72 -42.69
CA GLY F 395 20.88 -8.85 -42.90
C GLY F 395 19.50 -8.48 -42.39
N ASP F 396 18.65 -9.48 -42.17
CA ASP F 396 17.26 -9.22 -41.76
C ASP F 396 17.11 -8.81 -40.31
N ASP F 397 18.02 -9.24 -39.44
CA ASP F 397 17.88 -8.98 -38.02
C ASP F 397 18.41 -7.61 -37.65
N ALA F 398 17.67 -6.59 -38.07
CA ALA F 398 18.03 -5.22 -37.80
C ALA F 398 16.79 -4.37 -38.00
N CYS F 399 16.82 -3.18 -37.41
CA CYS F 399 15.81 -2.21 -37.74
C CYS F 399 16.53 -1.04 -38.41
N LEU F 400 16.00 -0.61 -39.56
CA LEU F 400 16.61 0.47 -40.32
C LEU F 400 15.72 1.67 -40.24
N GLN F 401 16.27 2.81 -39.79
CA GLN F 401 15.45 3.98 -39.45
C GLN F 401 15.70 5.16 -40.36
N PHE F 402 14.62 5.74 -40.85
CA PHE F 402 14.71 6.84 -41.78
C PHE F 402 13.84 7.96 -41.27
N GLY F 403 14.45 8.90 -40.57
CA GLY F 403 13.74 10.07 -40.06
C GLY F 403 13.63 11.12 -41.15
N GLY F 404 14.69 11.89 -41.36
CA GLY F 404 14.78 12.78 -42.51
C GLY F 404 14.45 12.06 -43.80
N GLY F 405 14.85 10.79 -43.93
CA GLY F 405 14.57 10.03 -45.14
C GLY F 405 13.13 9.64 -45.32
N THR F 406 12.27 10.08 -44.39
CA THR F 406 10.83 9.88 -44.52
C THR F 406 10.15 11.22 -44.52
N LEU F 407 10.41 12.03 -43.50
CA LEU F 407 9.73 13.30 -43.30
C LEU F 407 10.30 14.35 -44.27
N GLY F 408 11.37 13.98 -44.98
CA GLY F 408 11.98 14.84 -45.98
C GLY F 408 11.55 14.51 -47.41
N HIS F 409 10.71 13.47 -47.55
CA HIS F 409 10.14 13.13 -48.87
C HIS F 409 9.25 14.26 -49.40
N PRO F 410 9.41 14.63 -50.68
CA PRO F 410 8.66 15.77 -51.23
C PRO F 410 7.13 15.64 -51.19
N TRP F 411 6.61 14.43 -51.10
CA TRP F 411 5.17 14.24 -51.08
C TRP F 411 4.60 13.98 -49.68
N GLY F 412 5.47 13.98 -48.65
CA GLY F 412 5.00 13.79 -47.27
C GLY F 412 5.34 12.43 -46.72
N ASN F 413 4.80 12.14 -45.53
CA ASN F 413 5.21 11.01 -44.72
C ASN F 413 4.82 9.67 -45.27
N ALA F 414 3.56 9.54 -45.69
CA ALA F 414 3.06 8.23 -46.16
C ALA F 414 3.78 7.79 -47.46
N PRO F 415 3.91 8.67 -48.45
CA PRO F 415 4.77 8.39 -49.61
C PRO F 415 6.22 8.07 -49.23
N GLY F 416 6.80 8.85 -48.31
CA GLY F 416 8.14 8.64 -47.80
C GLY F 416 8.32 7.27 -47.19
N ALA F 417 7.36 6.86 -46.38
CA ALA F 417 7.37 5.52 -45.78
C ALA F 417 7.29 4.44 -46.86
N ALA F 418 6.38 4.67 -47.83
CA ALA F 418 6.17 3.68 -48.89
C ALA F 418 7.44 3.49 -49.73
N ALA F 419 8.14 4.59 -49.98
CA ALA F 419 9.41 4.54 -50.72
C ALA F 419 10.41 3.67 -50.01
N ASN F 420 10.56 3.88 -48.70
CA ASN F 420 11.48 3.09 -47.90
C ASN F 420 11.05 1.62 -47.86
N ARG F 421 9.76 1.37 -47.71
CA ARG F 421 9.29 0.00 -47.62
C ARG F 421 9.49 -0.77 -48.93
N VAL F 422 9.18 -0.11 -50.06
CA VAL F 422 9.42 -0.70 -51.38
C VAL F 422 10.90 -0.97 -51.60
N ALA F 423 11.75 0.01 -51.30
CA ALA F 423 13.20 -0.19 -51.43
C ALA F 423 13.67 -1.38 -50.58
N LEU F 424 13.18 -1.47 -49.33
CA LEU F 424 13.59 -2.59 -48.48
C LEU F 424 13.14 -3.92 -49.07
N GLU F 425 11.89 -3.99 -49.49
CA GLU F 425 11.37 -5.26 -49.99
C GLU F 425 12.01 -5.68 -51.31
N ALA F 426 12.27 -4.71 -52.19
CA ALA F 426 12.96 -4.97 -53.45
C ALA F 426 14.35 -5.57 -53.19
N CYS F 427 15.12 -4.96 -52.29
CA CYS F 427 16.44 -5.48 -51.91
C CYS F 427 16.36 -6.87 -51.31
N THR F 428 15.37 -7.08 -50.44
CA THR F 428 15.21 -8.35 -49.76
C THR F 428 14.91 -9.48 -50.76
N GLN F 429 13.94 -9.22 -51.65
CA GLN F 429 13.59 -10.14 -52.73
C GLN F 429 14.81 -10.43 -53.60
N ALA F 430 15.50 -9.39 -54.04
CA ALA F 430 16.69 -9.55 -54.88
C ALA F 430 17.73 -10.45 -54.22
N ARG F 431 18.05 -10.17 -52.94
CA ARG F 431 18.96 -11.01 -52.17
C ARG F 431 18.51 -12.46 -52.15
N ASN F 432 17.24 -12.69 -51.82
CA ASN F 432 16.68 -14.04 -51.73
C ASN F 432 16.78 -14.77 -53.07
N GLU F 433 16.79 -14.00 -54.16
CA GLU F 433 16.88 -14.57 -55.50
C GLU F 433 18.30 -14.90 -55.94
N GLY F 434 19.29 -14.54 -55.11
CA GLY F 434 20.69 -14.83 -55.38
C GLY F 434 21.51 -13.63 -55.87
N ARG F 435 20.88 -12.47 -55.96
CA ARG F 435 21.57 -11.28 -56.46
C ARG F 435 22.53 -10.78 -55.40
N ASP F 436 23.68 -10.30 -55.87
CA ASP F 436 24.71 -9.78 -54.98
C ASP F 436 24.46 -8.27 -54.75
N LEU F 437 23.96 -7.93 -53.56
CA LEU F 437 23.61 -6.54 -53.28
C LEU F 437 24.80 -5.61 -53.28
N ALA F 438 25.95 -6.10 -52.84
CA ALA F 438 27.18 -5.30 -52.85
C ALA F 438 27.50 -4.82 -54.26
N ARG F 439 27.26 -5.68 -55.26
CA ARG F 439 27.57 -5.34 -56.65
C ARG F 439 26.39 -4.81 -57.50
N GLU F 440 25.19 -5.33 -57.25
CA GLU F 440 24.04 -5.05 -58.11
C GLU F 440 23.00 -4.17 -57.42
N GLY F 441 23.38 -3.60 -56.26
CA GLY F 441 22.45 -2.85 -55.42
C GLY F 441 21.86 -1.63 -56.10
N GLY F 442 22.73 -0.88 -56.80
CA GLY F 442 22.29 0.23 -57.63
C GLY F 442 21.24 -0.19 -58.67
N ASP F 443 21.41 -1.36 -59.28
CA ASP F 443 20.46 -1.83 -60.31
C ASP F 443 19.12 -2.19 -59.67
N VAL F 444 19.15 -2.82 -58.50
CA VAL F 444 17.93 -3.13 -57.77
C VAL F 444 17.15 -1.87 -57.46
N ILE F 445 17.83 -0.83 -56.98
CA ILE F 445 17.12 0.40 -56.62
C ILE F 445 16.61 1.11 -57.87
N ARG F 446 17.45 1.21 -58.89
CA ARG F 446 17.03 1.85 -60.15
C ARG F 446 15.76 1.20 -60.74
N SER F 447 15.71 -0.14 -60.78
CA SER F 447 14.50 -0.86 -61.25
C SER F 447 13.30 -0.52 -60.38
N ALA F 448 13.51 -0.49 -59.07
CA ALA F 448 12.42 -0.20 -58.14
C ALA F 448 11.93 1.24 -58.31
N CYS F 449 12.84 2.19 -58.50
CA CYS F 449 12.45 3.59 -58.78
C CYS F 449 11.56 3.72 -60.01
N LYS F 450 11.87 2.97 -61.07
CA LYS F 450 11.10 3.05 -62.32
C LYS F 450 9.69 2.51 -62.14
N TRP F 451 9.58 1.52 -61.25
CA TRP F 451 8.29 0.90 -60.98
C TRP F 451 7.40 1.73 -60.01
N SER F 452 7.98 2.26 -58.94
CA SER F 452 7.20 2.93 -57.90
C SER F 452 7.40 4.46 -57.92
N PRO F 453 6.33 5.22 -58.20
CA PRO F 453 6.42 6.68 -58.25
C PRO F 453 6.84 7.29 -56.91
N GLU F 454 6.35 6.74 -55.80
CA GLU F 454 6.78 7.20 -54.46
C GLU F 454 8.29 7.03 -54.29
N LEU F 455 8.79 5.88 -54.70
CA LEU F 455 10.24 5.64 -54.57
C LEU F 455 11.04 6.54 -55.51
N ALA F 456 10.58 6.65 -56.75
CA ALA F 456 11.20 7.53 -57.76
C ALA F 456 11.43 8.92 -57.20
N ALA F 457 10.39 9.50 -56.59
CA ALA F 457 10.53 10.84 -56.01
C ALA F 457 11.65 10.93 -54.96
N ALA F 458 11.79 9.88 -54.12
CA ALA F 458 12.88 9.80 -53.15
C ALA F 458 14.23 9.63 -53.84
N CYS F 459 14.28 8.76 -54.84
CA CYS F 459 15.49 8.51 -55.60
C CYS F 459 16.06 9.80 -56.16
N GLU F 460 15.21 10.61 -56.78
CA GLU F 460 15.64 11.86 -57.39
C GLU F 460 16.20 12.86 -56.38
N VAL F 461 15.50 13.04 -55.26
CA VAL F 461 15.89 14.07 -54.29
C VAL F 461 17.22 13.82 -53.61
N TRP F 462 17.51 12.55 -53.31
CA TRP F 462 18.71 12.20 -52.55
C TRP F 462 19.78 11.48 -53.39
N LYS F 463 19.57 11.49 -54.71
CA LYS F 463 20.51 10.84 -55.65
C LYS F 463 21.99 11.13 -55.38
N GLU F 464 22.35 12.38 -55.14
CA GLU F 464 23.77 12.70 -55.01
C GLU F 464 24.33 12.59 -53.57
N ILE F 465 23.49 12.23 -52.61
CA ILE F 465 23.83 12.43 -51.20
C ILE F 465 24.59 11.27 -50.59
N LYS F 466 25.83 11.53 -50.20
CA LYS F 466 26.71 10.55 -49.62
C LYS F 466 27.38 11.15 -48.40
N PHE F 467 27.85 10.28 -47.49
CA PHE F 467 28.61 10.68 -46.31
C PHE F 467 29.90 9.85 -46.27
N GLU F 468 30.97 10.48 -46.72
CA GLU F 468 32.28 9.83 -46.84
C GLU F 468 33.39 10.71 -46.29
N PHE F 469 33.92 10.29 -45.16
CA PHE F 469 34.89 11.09 -44.42
C PHE F 469 35.95 10.14 -43.87
N ASP F 470 37.11 10.69 -43.53
CA ASP F 470 38.16 9.91 -42.87
C ASP F 470 37.64 9.40 -41.52
N THR F 471 37.87 8.12 -41.23
CA THR F 471 37.40 7.49 -39.99
C THR F 471 38.34 7.75 -38.81
N ILE F 472 37.78 8.24 -37.70
CA ILE F 472 38.55 8.40 -36.46
C ILE F 472 38.73 7.08 -35.71
N ASP F 473 37.62 6.40 -35.45
CA ASP F 473 37.64 5.14 -34.71
C ASP F 473 38.09 3.95 -35.59
N LYS F 474 39.39 3.90 -35.87
CA LYS F 474 39.99 2.86 -36.71
C LYS F 474 40.58 1.79 -35.83
N LEU F 475 40.53 0.55 -36.27
CA LEU F 475 41.09 -0.58 -35.51
C LEU F 475 42.51 -0.37 -34.98
N MET G 1 -10.48 11.32 56.92
CA MET G 1 -9.98 10.93 55.57
C MET G 1 -8.48 10.67 55.69
N MET G 2 -8.06 9.45 55.39
CA MET G 2 -6.62 9.15 55.35
C MET G 2 -6.14 9.10 53.90
N VAL G 3 -4.91 9.52 53.68
CA VAL G 3 -4.38 9.62 52.34
C VAL G 3 -3.42 8.44 52.08
N TRP G 4 -3.69 7.67 51.03
CA TRP G 4 -2.83 6.53 50.67
C TRP G 4 -1.49 7.01 50.14
N THR G 5 -0.39 6.67 50.80
CA THR G 5 0.89 7.26 50.41
C THR G 5 1.45 6.71 49.10
N PRO G 6 1.89 7.60 48.22
CA PRO G 6 2.61 7.22 46.99
C PRO G 6 4.09 6.92 47.22
N VAL G 7 4.58 7.18 48.43
CA VAL G 7 6.01 7.14 48.70
C VAL G 7 6.40 5.79 49.29
N ASN G 8 7.38 5.13 48.65
CA ASN G 8 7.96 3.87 49.12
C ASN G 8 6.89 2.90 49.62
N ASN G 9 5.92 2.61 48.74
CA ASN G 9 4.75 1.84 49.12
C ASN G 9 4.54 0.71 48.11
N LYS G 10 5.66 0.12 47.67
CA LYS G 10 5.61 -0.97 46.71
C LYS G 10 4.93 -2.21 47.28
N MET G 11 4.25 -2.93 46.38
CA MET G 11 3.49 -4.13 46.71
C MET G 11 4.00 -5.28 45.87
N PHE G 12 3.68 -6.50 46.29
CA PHE G 12 4.29 -7.67 45.67
C PHE G 12 3.25 -8.77 45.44
N GLU G 13 2.11 -8.36 44.87
CA GLU G 13 1.03 -9.26 44.46
C GLU G 13 0.38 -9.99 45.65
N THR G 14 -0.06 -11.23 45.46
CA THR G 14 -0.98 -11.86 46.41
C THR G 14 -0.55 -11.86 47.89
N PHE G 15 -1.42 -11.28 48.73
CA PHE G 15 -1.28 -11.15 50.18
C PHE G 15 -0.50 -9.93 50.64
N SER G 16 0.04 -9.14 49.71
CA SER G 16 0.84 -7.99 50.12
C SER G 16 0.04 -6.87 50.81
N TYR G 17 -1.29 -6.93 50.73
CA TYR G 17 -2.10 -5.91 51.40
C TYR G 17 -2.55 -6.36 52.79
N LEU G 18 -2.13 -7.57 53.17
CA LEU G 18 -2.46 -8.13 54.48
C LEU G 18 -1.28 -7.92 55.42
N PRO G 19 -1.45 -8.17 56.72
CA PRO G 19 -0.31 -8.14 57.65
C PRO G 19 0.71 -9.17 57.17
N PRO G 20 1.99 -8.98 57.45
CA PRO G 20 3.01 -9.97 57.05
C PRO G 20 2.61 -11.37 57.53
N LEU G 21 2.85 -12.40 56.73
CA LEU G 21 2.44 -13.76 57.06
C LEU G 21 3.30 -14.34 58.17
N THR G 22 2.66 -14.84 59.22
CA THR G 22 3.33 -15.58 60.28
C THR G 22 3.78 -16.95 59.75
N ASP G 23 4.68 -17.59 60.50
CA ASP G 23 5.10 -18.97 60.22
C ASP G 23 3.91 -19.91 60.10
N GLU G 24 2.94 -19.77 61.01
CA GLU G 24 1.72 -20.57 61.01
C GLU G 24 0.89 -20.31 59.75
N GLN G 25 0.83 -19.05 59.33
CA GLN G 25 0.10 -18.65 58.12
C GLN G 25 0.73 -19.24 56.85
N ILE G 26 2.06 -19.17 56.77
CA ILE G 26 2.79 -19.76 55.66
C ILE G 26 2.53 -21.27 55.63
N ALA G 27 2.65 -21.92 56.79
CA ALA G 27 2.39 -23.36 56.91
C ALA G 27 0.97 -23.72 56.46
N ALA G 28 0.00 -22.88 56.78
CA ALA G 28 -1.37 -23.11 56.35
C ALA G 28 -1.52 -23.04 54.81
N GLN G 29 -0.78 -22.13 54.18
CA GLN G 29 -0.78 -22.04 52.72
C GLN G 29 -0.16 -23.29 52.10
N VAL G 30 0.91 -23.79 52.71
CA VAL G 30 1.59 -25.01 52.26
C VAL G 30 0.64 -26.21 52.36
N ASP G 31 -0.15 -26.27 53.45
CA ASP G 31 -1.16 -27.33 53.61
C ASP G 31 -2.18 -27.28 52.49
N TYR G 32 -2.57 -26.06 52.11
CA TYR G 32 -3.51 -25.87 50.99
C TYR G 32 -2.93 -26.41 49.67
N ILE G 33 -1.65 -26.11 49.39
CA ILE G 33 -1.00 -26.70 48.21
C ILE G 33 -1.12 -28.25 48.22
N VAL G 34 -0.74 -28.83 49.36
CA VAL G 34 -0.70 -30.28 49.50
C VAL G 34 -2.10 -30.89 49.40
N ALA G 35 -3.07 -30.28 50.07
CA ALA G 35 -4.44 -30.80 50.05
C ALA G 35 -4.99 -30.82 48.64
N ASN G 36 -4.51 -29.92 47.77
CA ASN G 36 -5.05 -29.81 46.42
C ASN G 36 -4.23 -30.56 45.35
N GLY G 37 -3.15 -31.21 45.77
CA GLY G 37 -2.29 -31.94 44.85
C GLY G 37 -1.49 -31.10 43.86
N TRP G 38 -1.27 -29.82 44.18
CA TRP G 38 -0.49 -28.93 43.33
C TRP G 38 1.01 -29.07 43.53
N ILE G 39 1.78 -28.62 42.55
CA ILE G 39 3.24 -28.77 42.57
C ILE G 39 3.92 -27.55 43.16
N PRO G 40 4.56 -27.72 44.33
CA PRO G 40 5.25 -26.60 44.99
C PRO G 40 6.52 -26.25 44.25
N CYS G 41 6.86 -24.96 44.24
CA CYS G 41 8.15 -24.55 43.68
C CYS G 41 8.60 -23.27 44.33
N LEU G 42 9.91 -23.10 44.45
CA LEU G 42 10.44 -21.86 44.97
C LEU G 42 11.15 -21.12 43.86
N GLU G 43 11.06 -19.78 43.91
CA GLU G 43 11.74 -18.91 42.96
C GLU G 43 12.33 -17.72 43.69
N PHE G 44 13.41 -17.17 43.16
CA PHE G 44 14.09 -16.10 43.84
C PHE G 44 14.71 -15.11 42.86
N ALA G 45 14.94 -13.89 43.35
CA ALA G 45 15.52 -12.83 42.55
C ALA G 45 16.19 -11.79 43.44
N GLU G 46 17.23 -11.13 42.92
CA GLU G 46 17.85 -9.98 43.56
C GLU G 46 16.88 -8.80 43.66
N HIS G 47 16.17 -8.53 42.57
CA HIS G 47 15.27 -7.39 42.45
C HIS G 47 13.90 -7.83 41.98
N SER G 48 12.88 -7.05 42.34
CA SER G 48 11.54 -7.34 41.88
C SER G 48 10.96 -6.13 41.14
N ASN G 49 10.81 -6.27 39.82
CA ASN G 49 10.17 -5.26 38.99
C ASN G 49 8.96 -5.84 38.30
N PRO G 50 7.85 -5.07 38.28
CA PRO G 50 6.60 -5.51 37.62
C PRO G 50 6.80 -5.93 36.15
N GLU G 51 7.73 -5.29 35.43
CA GLU G 51 8.04 -5.59 34.03
C GLU G 51 8.76 -6.94 33.82
N GLU G 52 9.35 -7.49 34.88
CA GLU G 52 10.20 -8.70 34.78
C GLU G 52 9.41 -9.96 35.09
N PHE G 53 9.10 -10.75 34.05
CA PHE G 53 8.31 -11.96 34.16
C PHE G 53 8.98 -13.11 34.93
N TYR G 54 10.21 -13.47 34.58
CA TYR G 54 10.83 -14.65 35.15
C TYR G 54 11.73 -14.35 36.32
N TRP G 55 11.65 -15.20 37.35
CA TRP G 55 12.66 -15.24 38.39
C TRP G 55 13.49 -16.51 38.21
N THR G 56 14.47 -16.73 39.10
CA THR G 56 15.30 -17.91 39.02
C THR G 56 14.64 -19.02 39.84
N MET G 57 14.58 -20.21 39.25
CA MET G 57 14.03 -21.37 39.89
C MET G 57 15.01 -21.90 40.98
N TRP G 58 14.49 -22.14 42.18
CA TRP G 58 15.28 -22.86 43.19
C TRP G 58 15.16 -24.36 42.92
N LYS G 59 16.25 -24.97 42.46
CA LYS G 59 16.26 -26.39 42.11
C LYS G 59 15.23 -26.70 41.03
N LEU G 60 14.31 -27.62 41.34
CA LEU G 60 13.23 -28.01 40.43
C LEU G 60 11.90 -27.97 41.16
N PRO G 61 10.79 -27.89 40.43
CA PRO G 61 9.47 -27.98 41.07
C PRO G 61 9.40 -29.31 41.78
N MET G 62 8.73 -29.36 42.92
CA MET G 62 8.76 -30.53 43.78
C MET G 62 7.68 -31.55 43.35
N PHE G 63 7.85 -32.11 42.17
CA PHE G 63 6.92 -33.10 41.61
C PHE G 63 6.73 -34.26 42.55
N GLY G 64 5.48 -34.60 42.80
CA GLY G 64 5.13 -35.73 43.64
C GLY G 64 5.22 -35.45 45.13
N CYS G 65 5.61 -34.24 45.51
CA CYS G 65 5.72 -33.92 46.93
C CYS G 65 4.33 -33.81 47.57
N ARG G 66 4.12 -34.58 48.64
CA ARG G 66 2.87 -34.56 49.39
C ARG G 66 3.17 -34.29 50.86
N ASP G 67 4.37 -33.80 51.11
CA ASP G 67 4.87 -33.59 52.47
C ASP G 67 5.14 -32.10 52.74
N PRO G 68 4.25 -31.44 53.48
CA PRO G 68 4.42 -30.00 53.78
C PRO G 68 5.75 -29.70 54.46
N MET G 69 6.26 -30.62 55.30
CA MET G 69 7.53 -30.41 56.01
C MET G 69 8.69 -30.29 55.03
N GLN G 70 8.61 -31.05 53.95
CA GLN G 70 9.60 -30.99 52.86
C GLN G 70 9.61 -29.60 52.22
N VAL G 71 8.42 -29.05 51.99
CA VAL G 71 8.31 -27.74 51.36
C VAL G 71 8.90 -26.67 52.28
N LEU G 72 8.56 -26.75 53.57
CA LEU G 72 9.06 -25.81 54.58
C LEU G 72 10.58 -25.85 54.71
N ARG G 73 11.15 -27.04 54.61
CA ARG G 73 12.59 -27.22 54.66
C ARG G 73 13.30 -26.60 53.43
N GLU G 74 12.69 -26.68 52.25
CA GLU G 74 13.25 -26.03 51.06
C GLU G 74 13.18 -24.50 51.14
N ILE G 75 12.10 -23.96 51.71
CA ILE G 75 12.06 -22.52 52.01
C ILE G 75 13.28 -22.11 52.86
N VAL G 76 13.56 -22.88 53.93
CA VAL G 76 14.71 -22.64 54.78
C VAL G 76 16.02 -22.72 53.98
N ALA G 77 16.13 -23.74 53.14
CA ALA G 77 17.38 -23.93 52.39
C ALA G 77 17.58 -22.84 51.34
N CYS G 78 16.51 -22.50 50.61
CA CYS G 78 16.57 -21.42 49.62
C CYS G 78 16.94 -20.09 50.27
N THR G 79 16.26 -19.72 51.36
CA THR G 79 16.53 -18.43 52.03
C THR G 79 17.89 -18.40 52.72
N LYS G 80 18.38 -19.57 53.12
CA LYS G 80 19.74 -19.67 53.67
C LYS G 80 20.81 -19.40 52.61
N ALA G 81 20.62 -19.97 51.42
CA ALA G 81 21.54 -19.75 50.30
C ALA G 81 21.47 -18.31 49.76
N PHE G 82 20.28 -17.71 49.79
CA PHE G 82 20.09 -16.34 49.29
C PHE G 82 19.39 -15.48 50.35
N PRO G 83 20.11 -15.10 51.40
CA PRO G 83 19.50 -14.37 52.50
C PRO G 83 19.10 -12.92 52.18
N ASP G 84 19.55 -12.38 51.05
CA ASP G 84 19.23 -11.00 50.63
C ASP G 84 18.24 -10.93 49.48
N ALA G 85 17.79 -12.09 49.00
CA ALA G 85 16.91 -12.14 47.83
C ALA G 85 15.42 -12.06 48.14
N TYR G 86 14.63 -11.66 47.14
CA TYR G 86 13.20 -11.91 47.14
C TYR G 86 13.06 -13.38 46.90
N VAL G 87 12.17 -14.01 47.66
CA VAL G 87 11.92 -15.43 47.48
C VAL G 87 10.42 -15.62 47.56
N ARG G 88 9.87 -16.32 46.59
CA ARG G 88 8.45 -16.61 46.62
C ARG G 88 8.19 -18.10 46.55
N LEU G 89 7.13 -18.51 47.21
CA LEU G 89 6.60 -19.86 47.09
C LEU G 89 5.49 -19.83 46.08
N VAL G 90 5.56 -20.72 45.09
CA VAL G 90 4.50 -20.84 44.08
C VAL G 90 4.07 -22.30 44.00
N ALA G 91 2.97 -22.53 43.28
CA ALA G 91 2.46 -23.86 43.05
C ALA G 91 1.83 -23.96 41.68
N PHE G 92 2.04 -25.10 41.02
CA PHE G 92 1.58 -25.32 39.66
C PHE G 92 0.49 -26.39 39.63
N ASP G 93 -0.46 -26.18 38.74
CA ASP G 93 -1.51 -27.15 38.40
C ASP G 93 -1.16 -27.65 37.01
N ASN G 94 -0.87 -28.94 36.87
CA ASN G 94 -0.40 -29.45 35.57
C ASN G 94 -1.55 -29.76 34.59
N GLN G 95 -2.79 -29.75 35.09
CA GLN G 95 -3.98 -30.03 34.29
C GLN G 95 -4.37 -28.78 33.53
N LYS G 96 -4.39 -27.64 34.22
CA LYS G 96 -4.63 -26.38 33.55
C LYS G 96 -3.31 -25.79 33.03
N GLN G 97 -2.20 -26.39 33.45
CA GLN G 97 -0.85 -25.91 33.13
C GLN G 97 -0.71 -24.41 33.36
N VAL G 98 -0.82 -24.05 34.63
CA VAL G 98 -0.72 -22.67 35.05
C VAL G 98 -0.33 -22.62 36.53
N GLN G 99 0.37 -21.57 36.91
CA GLN G 99 0.61 -21.29 38.32
C GLN G 99 -0.72 -20.97 39.00
N ILE G 100 -0.97 -21.61 40.13
CA ILE G 100 -2.28 -21.55 40.75
C ILE G 100 -2.23 -20.82 42.11
N MET G 101 -1.02 -20.63 42.64
CA MET G 101 -0.84 -19.78 43.83
C MET G 101 0.56 -19.21 43.85
N GLY G 102 0.76 -18.16 44.63
CA GLY G 102 2.09 -17.59 44.78
C GLY G 102 2.13 -16.41 45.74
N PHE G 103 3.14 -16.38 46.60
CA PHE G 103 3.34 -15.24 47.48
C PHE G 103 4.80 -15.19 47.96
N LEU G 104 5.22 -13.99 48.33
CA LEU G 104 6.54 -13.74 48.90
C LEU G 104 6.74 -14.41 50.26
N VAL G 105 7.90 -15.07 50.43
CA VAL G 105 8.26 -15.57 51.77
C VAL G 105 9.51 -14.87 52.31
N GLN G 106 10.19 -14.09 51.45
CA GLN G 106 11.32 -13.27 51.88
C GLN G 106 11.48 -12.04 50.99
N ARG G 107 11.90 -10.93 51.60
CA ARG G 107 12.35 -9.73 50.88
C ARG G 107 13.76 -9.38 51.36
N PRO G 108 14.51 -8.61 50.58
CA PRO G 108 15.80 -8.11 51.05
C PRO G 108 15.63 -7.26 52.31
N LYS G 109 16.59 -7.33 53.24
CA LYS G 109 16.52 -6.51 54.46
C LYS G 109 16.88 -5.05 54.17
N THR G 110 17.72 -4.85 53.15
CA THR G 110 18.17 -3.51 52.73
C THR G 110 17.07 -2.70 52.02
N ALA G 111 15.95 -3.36 51.77
CA ALA G 111 14.80 -2.74 51.09
C ALA G 111 14.03 -1.80 52.02
N ARG G 112 13.87 -0.56 51.58
CA ARG G 112 13.06 0.43 52.29
C ARG G 112 12.04 1.07 51.33
N ASP G 113 11.71 0.33 50.28
CA ASP G 113 10.77 0.79 49.24
C ASP G 113 9.31 0.38 49.47
N PHE G 114 9.03 -0.25 50.61
CA PHE G 114 7.66 -0.62 51.03
C PHE G 114 7.37 -0.13 52.45
N GLN G 115 6.08 0.00 52.77
CA GLN G 115 5.62 0.48 54.08
C GLN G 115 5.09 -0.66 54.97
N PRO G 116 5.32 -0.59 56.28
CA PRO G 116 4.53 -1.38 57.24
C PRO G 116 3.03 -1.04 57.12
N ALA G 117 2.16 -2.00 57.44
CA ALA G 117 0.71 -1.84 57.27
C ALA G 117 0.10 -0.52 57.79
N ASN G 118 0.52 -0.07 58.98
CA ASN G 118 -0.05 1.13 59.61
C ASN G 118 0.55 2.46 59.13
N LYS G 119 1.48 2.37 58.18
CA LYS G 119 2.11 3.55 57.58
C LYS G 119 1.73 3.73 56.10
N ARG G 120 0.76 2.95 55.64
CA ARG G 120 0.34 3.01 54.23
C ARG G 120 -0.54 4.23 53.92
N SER G 121 -1.16 4.78 54.94
CA SER G 121 -1.95 5.99 54.80
C SER G 121 -1.62 7.01 55.90
N VAL G 122 -1.78 8.29 55.59
CA VAL G 122 -1.37 9.38 56.47
C VAL G 122 -2.51 10.38 56.71
N MET H 1 2.63 15.51 -56.82
CA MET H 1 2.41 14.87 -55.48
C MET H 1 1.25 13.88 -55.56
N MET H 2 1.52 12.61 -55.31
CA MET H 2 0.47 11.63 -55.28
C MET H 2 0.11 11.37 -53.83
N VAL H 3 -1.17 11.10 -53.59
CA VAL H 3 -1.67 10.83 -52.24
C VAL H 3 -1.82 9.34 -52.01
N TRP H 4 -1.21 8.81 -50.94
CA TRP H 4 -1.31 7.38 -50.61
C TRP H 4 -2.72 7.09 -50.08
N THR H 5 -3.44 6.17 -50.71
CA THR H 5 -4.83 5.98 -50.33
C THR H 5 -5.02 5.22 -49.02
N PRO H 6 -5.87 5.75 -48.12
CA PRO H 6 -6.28 5.04 -46.90
C PRO H 6 -7.37 3.98 -47.14
N VAL H 7 -7.96 3.99 -48.33
CA VAL H 7 -9.16 3.20 -48.61
C VAL H 7 -8.78 1.86 -49.21
N ASN H 8 -9.27 0.78 -48.58
CA ASN H 8 -9.06 -0.59 -49.07
C ASN H 8 -7.61 -0.81 -49.59
N ASN H 9 -6.66 -0.55 -48.71
CA ASN H 9 -5.26 -0.63 -49.05
C ASN H 9 -4.50 -1.54 -48.07
N LYS H 10 -5.15 -2.62 -47.64
CA LYS H 10 -4.52 -3.54 -46.69
C LYS H 10 -3.27 -4.22 -47.25
N MET H 11 -2.32 -4.47 -46.36
CA MET H 11 -1.05 -5.08 -46.69
C MET H 11 -0.87 -6.33 -45.86
N PHE H 12 0.06 -7.17 -46.24
CA PHE H 12 0.14 -8.51 -45.66
C PHE H 12 1.58 -8.92 -45.43
N GLU H 13 2.34 -7.97 -44.88
CA GLU H 13 3.72 -8.15 -44.48
C GLU H 13 4.63 -8.42 -45.68
N THR H 14 5.66 -9.25 -45.53
CA THR H 14 6.79 -9.26 -46.46
C THR H 14 6.42 -9.46 -47.95
N PHE H 15 6.86 -8.51 -48.76
CA PHE H 15 6.66 -8.49 -50.21
C PHE H 15 5.34 -7.88 -50.66
N SER H 16 4.46 -7.49 -49.72
CA SER H 16 3.19 -6.91 -50.14
C SER H 16 3.29 -5.54 -50.81
N TYR H 17 4.45 -4.89 -50.76
CA TYR H 17 4.60 -3.58 -51.42
C TYR H 17 5.23 -3.74 -52.80
N LEU H 18 5.51 -4.97 -53.17
CA LEU H 18 6.08 -5.30 -54.48
C LEU H 18 4.96 -5.71 -55.43
N PRO H 19 5.23 -5.81 -56.73
CA PRO H 19 4.25 -6.43 -57.64
C PRO H 19 3.94 -7.86 -57.16
N PRO H 20 2.75 -8.38 -57.46
CA PRO H 20 2.40 -9.76 -57.08
C PRO H 20 3.48 -10.74 -57.58
N LEU H 21 3.78 -11.74 -56.78
CA LEU H 21 4.87 -12.66 -57.11
C LEU H 21 4.46 -13.61 -58.23
N THR H 22 5.29 -13.70 -59.26
CA THR H 22 5.07 -14.66 -60.32
C THR H 22 5.41 -16.05 -59.82
N ASP H 23 5.01 -17.07 -60.58
CA ASP H 23 5.34 -18.45 -60.27
C ASP H 23 6.85 -18.61 -60.15
N GLU H 24 7.60 -17.97 -61.07
CA GLU H 24 9.08 -18.03 -61.08
C GLU H 24 9.66 -17.37 -59.82
N GLN H 25 9.05 -16.28 -59.39
CA GLN H 25 9.48 -15.58 -58.18
C GLN H 25 9.21 -16.39 -56.92
N ILE H 26 8.05 -17.04 -56.84
CA ILE H 26 7.76 -17.95 -55.74
C ILE H 26 8.75 -19.13 -55.74
N ALA H 27 9.02 -19.70 -56.92
CA ALA H 27 9.99 -20.79 -57.04
C ALA H 27 11.40 -20.38 -56.61
N ALA H 28 11.78 -19.13 -56.89
CA ALA H 28 13.05 -18.62 -56.43
C ALA H 28 13.13 -18.49 -54.90
N GLN H 29 12.04 -18.08 -54.25
CA GLN H 29 12.00 -18.00 -52.79
C GLN H 29 12.12 -19.41 -52.17
N VAL H 30 11.48 -20.38 -52.81
CA VAL H 30 11.57 -21.78 -52.36
C VAL H 30 13.02 -22.30 -52.49
N ASP H 31 13.69 -21.94 -53.58
CA ASP H 31 15.10 -22.30 -53.74
C ASP H 31 15.93 -21.70 -52.60
N TYR H 32 15.58 -20.49 -52.20
CA TYR H 32 16.27 -19.80 -51.09
C TYR H 32 16.15 -20.59 -49.79
N ILE H 33 14.93 -21.06 -49.49
CA ILE H 33 14.67 -21.90 -48.32
C ILE H 33 15.55 -23.14 -48.34
N VAL H 34 15.54 -23.85 -49.47
CA VAL H 34 16.30 -25.08 -49.64
C VAL H 34 17.80 -24.84 -49.55
N ALA H 35 18.29 -23.83 -50.26
CA ALA H 35 19.72 -23.53 -50.21
C ALA H 35 20.22 -23.26 -48.79
N ASN H 36 19.36 -22.70 -47.93
CA ASN H 36 19.75 -22.34 -46.57
C ASN H 36 19.44 -23.40 -45.51
N GLY H 37 18.85 -24.52 -45.93
CA GLY H 37 18.56 -25.61 -45.00
C GLY H 37 17.40 -25.37 -44.05
N TRP H 38 16.52 -24.42 -44.36
CA TRP H 38 15.43 -24.08 -43.46
C TRP H 38 14.26 -25.02 -43.67
N ILE H 39 13.33 -25.02 -42.71
CA ILE H 39 12.17 -25.91 -42.71
C ILE H 39 10.97 -25.20 -43.31
N PRO H 40 10.52 -25.64 -44.49
CA PRO H 40 9.35 -25.04 -45.14
C PRO H 40 8.10 -25.43 -44.38
N CYS H 41 7.11 -24.54 -44.35
CA CYS H 41 5.81 -24.89 -43.77
C CYS H 41 4.74 -24.04 -44.42
N LEU H 42 3.54 -24.59 -44.52
CA LEU H 42 2.41 -23.81 -45.04
C LEU H 42 1.41 -23.57 -43.93
N GLU H 43 0.81 -22.38 -43.95
CA GLU H 43 -0.22 -22.00 -42.99
C GLU H 43 -1.34 -21.29 -43.72
N PHE H 44 -2.56 -21.40 -43.20
CA PHE H 44 -3.71 -20.83 -43.86
C PHE H 44 -4.75 -20.34 -42.87
N ALA H 45 -5.63 -19.46 -43.35
CA ALA H 45 -6.70 -18.85 -42.56
C ALA H 45 -7.78 -18.28 -43.47
N GLU H 46 -9.01 -18.27 -42.96
CA GLU H 46 -10.15 -17.61 -43.58
C GLU H 46 -9.94 -16.10 -43.65
N HIS H 47 -9.44 -15.52 -42.56
CA HIS H 47 -9.29 -14.08 -42.42
C HIS H 47 -7.88 -13.74 -41.96
N SER H 48 -7.45 -12.53 -42.28
CA SER H 48 -6.15 -12.06 -41.87
C SER H 48 -6.30 -10.74 -41.12
N ASN H 49 -6.07 -10.79 -39.81
CA ASN H 49 -6.09 -9.61 -38.95
C ASN H 49 -4.74 -9.43 -38.26
N PRO H 50 -4.23 -8.19 -38.23
CA PRO H 50 -2.94 -7.90 -37.59
C PRO H 50 -2.87 -8.36 -36.11
N GLU H 51 -4.00 -8.33 -35.41
CA GLU H 51 -4.09 -8.78 -34.02
C GLU H 51 -4.00 -10.30 -33.83
N GLU H 52 -4.22 -11.07 -34.89
CA GLU H 52 -4.28 -12.54 -34.79
C GLU H 52 -2.94 -13.20 -35.09
N PHE H 53 -2.31 -13.73 -34.04
CA PHE H 53 -0.98 -14.33 -34.14
C PHE H 53 -0.91 -15.63 -34.94
N TYR H 54 -1.76 -16.60 -34.60
CA TYR H 54 -1.67 -17.93 -35.19
C TYR H 54 -2.60 -18.13 -36.37
N TRP H 55 -2.10 -18.81 -37.40
CA TRP H 55 -2.97 -19.37 -38.44
C TRP H 55 -2.97 -20.89 -38.27
N THR H 56 -3.70 -21.57 -39.15
CA THR H 56 -3.76 -23.02 -39.06
C THR H 56 -2.64 -23.65 -39.89
N MET H 57 -1.94 -24.61 -39.30
CA MET H 57 -0.86 -25.32 -39.98
C MET H 57 -1.43 -26.26 -41.04
N TRP H 58 -0.87 -26.21 -42.24
CA TRP H 58 -1.17 -27.22 -43.26
C TRP H 58 -0.27 -28.40 -43.00
N LYS H 59 -0.85 -29.52 -42.57
CA LYS H 59 -0.10 -30.74 -42.23
C LYS H 59 0.95 -30.49 -41.15
N LEU H 60 2.22 -30.76 -41.46
CA LEU H 60 3.31 -30.55 -40.54
C LEU H 60 4.40 -29.79 -41.26
N PRO H 61 5.30 -29.13 -40.53
CA PRO H 61 6.47 -28.52 -41.18
C PRO H 61 7.22 -29.63 -41.91
N MET H 62 7.81 -29.29 -43.05
CA MET H 62 8.41 -30.30 -43.92
C MET H 62 9.85 -30.60 -43.50
N PHE H 63 10.01 -31.23 -42.35
CA PHE H 63 11.33 -31.51 -41.78
C PHE H 63 12.12 -32.40 -42.71
N GLY H 64 13.37 -32.03 -42.93
CA GLY H 64 14.26 -32.79 -43.79
C GLY H 64 14.06 -32.59 -45.28
N CYS H 65 13.07 -31.78 -45.67
CA CYS H 65 12.80 -31.57 -47.09
C CYS H 65 13.90 -30.73 -47.74
N ARG H 66 14.53 -31.30 -48.76
CA ARG H 66 15.55 -30.60 -49.54
C ARG H 66 15.15 -30.49 -51.01
N ASP H 67 13.86 -30.63 -51.28
CA ASP H 67 13.34 -30.76 -52.65
C ASP H 67 12.30 -29.66 -52.91
N PRO H 68 12.70 -28.63 -53.64
CA PRO H 68 11.79 -27.51 -53.94
C PRO H 68 10.49 -27.94 -54.63
N MET H 69 10.55 -29.01 -55.43
CA MET H 69 9.37 -29.50 -56.16
C MET H 69 8.32 -30.00 -55.17
N GLN H 70 8.78 -30.61 -54.08
CA GLN H 70 7.91 -31.10 -53.02
C GLN H 70 7.18 -29.94 -52.35
N VAL H 71 7.91 -28.85 -52.07
CA VAL H 71 7.31 -27.66 -51.47
C VAL H 71 6.26 -27.08 -52.40
N LEU H 72 6.59 -26.97 -53.70
CA LEU H 72 5.65 -26.41 -54.68
C LEU H 72 4.38 -27.26 -54.79
N ARG H 73 4.54 -28.58 -54.72
CA ARG H 73 3.40 -29.49 -54.76
C ARG H 73 2.50 -29.32 -53.54
N GLU H 74 3.08 -29.06 -52.37
CA GLU H 74 2.27 -28.81 -51.18
C GLU H 74 1.52 -27.49 -51.25
N ILE H 75 2.15 -26.46 -51.83
CA ILE H 75 1.40 -25.23 -52.13
C ILE H 75 0.12 -25.54 -52.93
N VAL H 76 0.29 -26.31 -54.00
CA VAL H 76 -0.84 -26.67 -54.87
C VAL H 76 -1.92 -27.42 -54.07
N ALA H 77 -1.48 -28.41 -53.29
CA ALA H 77 -2.40 -29.19 -52.48
C ALA H 77 -3.14 -28.36 -51.42
N CYS H 78 -2.40 -27.48 -50.73
CA CYS H 78 -3.02 -26.62 -49.73
C CYS H 78 -4.07 -25.68 -50.33
N THR H 79 -3.71 -24.99 -51.41
CA THR H 79 -4.61 -24.06 -52.09
C THR H 79 -5.78 -24.75 -52.77
N LYS H 80 -5.58 -26.00 -53.19
CA LYS H 80 -6.70 -26.79 -53.72
C LYS H 80 -7.74 -27.12 -52.63
N ALA H 81 -7.25 -27.49 -51.45
CA ALA H 81 -8.13 -27.83 -50.35
C ALA H 81 -8.81 -26.60 -49.77
N PHE H 82 -8.16 -25.45 -49.85
CA PHE H 82 -8.72 -24.21 -49.31
C PHE H 82 -8.58 -23.07 -50.33
N PRO H 83 -9.39 -23.12 -51.38
CA PRO H 83 -9.25 -22.18 -52.49
C PRO H 83 -9.66 -20.75 -52.14
N ASP H 84 -10.34 -20.55 -51.01
CA ASP H 84 -10.82 -19.23 -50.61
C ASP H 84 -10.04 -18.63 -49.44
N ALA H 85 -9.03 -19.35 -48.96
CA ALA H 85 -8.26 -18.95 -47.80
C ALA H 85 -7.04 -18.08 -48.13
N TYR H 86 -6.58 -17.34 -47.12
CA TYR H 86 -5.21 -16.79 -47.16
C TYR H 86 -4.30 -17.99 -46.93
N VAL H 87 -3.22 -18.06 -47.70
CA VAL H 87 -2.25 -19.13 -47.54
C VAL H 87 -0.89 -18.49 -47.63
N ARG H 88 -0.03 -18.82 -46.67
CA ARG H 88 1.33 -18.33 -46.67
C ARG H 88 2.34 -19.45 -46.61
N LEU H 89 3.45 -19.24 -47.30
CA LEU H 89 4.63 -20.07 -47.18
C LEU H 89 5.55 -19.44 -46.15
N VAL H 90 5.99 -20.24 -45.18
CA VAL H 90 6.94 -19.80 -44.17
C VAL H 90 8.08 -20.82 -44.09
N ALA H 91 9.13 -20.43 -43.37
CA ALA H 91 10.26 -21.33 -43.20
C ALA H 91 10.84 -21.09 -41.83
N PHE H 92 11.25 -22.17 -41.18
CA PHE H 92 11.77 -22.10 -39.82
C PHE H 92 13.24 -22.41 -39.80
N ASP H 93 13.97 -21.73 -38.91
CA ASP H 93 15.35 -22.02 -38.58
C ASP H 93 15.31 -22.65 -37.18
N ASN H 94 15.69 -23.92 -37.04
CA ASN H 94 15.65 -24.59 -35.73
C ASN H 94 16.81 -24.26 -34.77
N GLN H 95 17.86 -23.60 -35.28
CA GLN H 95 19.01 -23.20 -34.48
C GLN H 95 18.70 -21.94 -33.67
N LYS H 96 18.14 -20.94 -34.33
CA LYS H 96 17.67 -19.74 -33.65
C LYS H 96 16.23 -19.95 -33.12
N GLN H 97 15.60 -21.06 -33.53
CA GLN H 97 14.21 -21.36 -33.21
C GLN H 97 13.29 -20.15 -33.45
N VAL H 98 13.16 -19.81 -34.72
CA VAL H 98 12.37 -18.67 -35.16
C VAL H 98 12.03 -18.82 -36.64
N GLN H 99 10.89 -18.26 -37.02
CA GLN H 99 10.49 -18.19 -38.40
C GLN H 99 11.45 -17.21 -39.09
N ILE H 100 12.01 -17.63 -40.22
CA ILE H 100 13.08 -16.88 -40.86
C ILE H 100 12.65 -16.25 -42.17
N MET H 101 11.53 -16.70 -42.71
CA MET H 101 10.92 -16.10 -43.89
C MET H 101 9.43 -16.37 -43.92
N GLY H 102 8.70 -15.66 -44.77
CA GLY H 102 7.26 -15.85 -44.89
C GLY H 102 6.59 -14.81 -45.77
N PHE H 103 5.68 -15.28 -46.62
CA PHE H 103 4.91 -14.41 -47.51
C PHE H 103 3.68 -15.14 -48.02
N LEU H 104 2.67 -14.36 -48.39
CA LEU H 104 1.42 -14.85 -48.93
C LEU H 104 1.61 -15.52 -50.28
N VAL H 105 0.96 -16.66 -50.48
CA VAL H 105 0.92 -17.27 -51.80
C VAL H 105 -0.50 -17.34 -52.35
N GLN H 106 -1.49 -16.99 -51.50
CA GLN H 106 -2.90 -16.94 -51.91
C GLN H 106 -3.69 -16.03 -50.99
N ARG H 107 -4.60 -15.25 -51.58
CA ARG H 107 -5.62 -14.48 -50.87
C ARG H 107 -6.99 -14.97 -51.33
N PRO H 108 -8.07 -14.69 -50.57
CA PRO H 108 -9.43 -14.97 -51.05
C PRO H 108 -9.73 -14.16 -52.31
N LYS H 109 -10.52 -14.72 -53.22
CA LYS H 109 -10.91 -13.99 -54.42
C LYS H 109 -11.97 -12.93 -54.15
N THR H 110 -12.79 -13.19 -53.13
CA THR H 110 -13.87 -12.28 -52.71
C THR H 110 -13.37 -11.01 -52.00
N ALA H 111 -12.05 -10.96 -51.77
CA ALA H 111 -11.41 -9.84 -51.07
C ALA H 111 -11.24 -8.63 -52.00
N ARG H 112 -11.78 -7.50 -51.55
CA ARG H 112 -11.61 -6.21 -52.25
C ARG H 112 -11.06 -5.15 -51.29
N ASP H 113 -10.40 -5.61 -50.22
CA ASP H 113 -9.83 -4.74 -49.19
C ASP H 113 -8.36 -4.33 -49.42
N PHE H 114 -7.81 -4.70 -50.58
CA PHE H 114 -6.46 -4.27 -50.99
C PHE H 114 -6.47 -3.70 -52.41
N GLN H 115 -5.45 -2.90 -52.74
CA GLN H 115 -5.32 -2.25 -54.05
C GLN H 115 -4.25 -2.91 -54.92
N PRO H 116 -4.49 -2.97 -56.25
CA PRO H 116 -3.40 -3.22 -57.22
C PRO H 116 -2.32 -2.15 -57.10
N ALA H 117 -1.07 -2.50 -57.41
CA ALA H 117 0.09 -1.60 -57.24
C ALA H 117 -0.08 -0.16 -57.76
N ASN H 118 -0.68 -0.01 -58.95
CA ASN H 118 -0.85 1.32 -59.57
C ASN H 118 -2.07 2.14 -59.07
N LYS H 119 -2.81 1.57 -58.13
CA LYS H 119 -3.97 2.23 -57.53
C LYS H 119 -3.74 2.58 -56.05
N ARG H 120 -2.49 2.44 -55.58
CA ARG H 120 -2.16 2.70 -54.18
C ARG H 120 -2.05 4.18 -53.85
N SER H 121 -1.82 4.99 -54.87
CA SER H 121 -1.80 6.45 -54.73
C SER H 121 -2.62 7.13 -55.84
N VAL H 122 -3.13 8.32 -55.53
CA VAL H 122 -4.06 9.02 -56.39
C VAL H 122 -3.66 10.49 -56.60
N THR I 7 18.60 -33.64 -53.68
CA THR I 7 17.19 -33.42 -53.20
C THR I 7 16.64 -34.60 -52.38
N LYS I 8 17.51 -35.56 -52.07
CA LYS I 8 17.18 -36.69 -51.20
C LYS I 8 16.91 -36.19 -49.78
N ALA I 9 15.88 -36.73 -49.13
CA ALA I 9 15.37 -36.20 -47.87
C ALA I 9 16.29 -36.45 -46.66
N GLY I 10 16.48 -35.39 -45.86
CA GLY I 10 17.23 -35.46 -44.61
C GLY I 10 16.41 -36.08 -43.47
N ALA I 11 16.88 -35.87 -42.24
CA ALA I 11 16.21 -36.40 -41.04
C ALA I 11 14.83 -35.76 -40.88
N GLY I 12 13.78 -36.59 -40.99
CA GLY I 12 12.39 -36.13 -40.90
C GLY I 12 11.64 -36.67 -39.70
N PHE I 13 10.35 -36.34 -39.59
CA PHE I 13 9.53 -36.86 -38.50
C PHE I 13 9.06 -38.27 -38.82
N LYS I 14 9.35 -39.20 -37.96
CA LYS I 14 8.84 -40.56 -38.07
C LYS I 14 8.06 -40.93 -36.81
N ALA I 15 6.75 -41.10 -36.95
CA ALA I 15 5.91 -41.39 -35.80
C ALA I 15 6.22 -42.78 -35.25
N GLY I 16 6.08 -42.96 -33.93
CA GLY I 16 6.21 -44.25 -33.32
C GLY I 16 7.25 -44.33 -32.22
N VAL I 17 7.26 -45.46 -31.51
CA VAL I 17 8.18 -45.72 -30.42
C VAL I 17 9.53 -46.28 -30.90
N LYS I 18 10.61 -45.73 -30.37
CA LYS I 18 11.95 -46.25 -30.58
C LYS I 18 12.66 -46.22 -29.23
N ASP I 19 13.83 -46.84 -29.15
CA ASP I 19 14.57 -46.94 -27.89
C ASP I 19 15.10 -45.58 -27.49
N TYR I 20 15.05 -45.29 -26.18
CA TYR I 20 15.56 -44.01 -25.69
C TYR I 20 17.06 -43.89 -25.98
N ARG I 21 17.76 -45.03 -25.98
CA ARG I 21 19.21 -45.03 -26.09
C ARG I 21 19.70 -44.48 -27.43
N LEU I 22 18.83 -44.51 -28.44
CA LEU I 22 19.16 -43.99 -29.76
C LEU I 22 19.42 -42.49 -29.76
N THR I 23 18.85 -41.79 -28.78
CA THR I 23 18.97 -40.34 -28.71
C THR I 23 19.70 -39.92 -27.44
N TYR I 24 19.51 -40.70 -26.37
CA TYR I 24 19.85 -40.26 -24.98
C TYR I 24 21.02 -41.01 -24.30
N TYR I 25 21.56 -42.03 -24.97
CA TYR I 25 22.79 -42.62 -24.48
C TYR I 25 23.95 -42.17 -25.35
N THR I 26 24.82 -41.33 -24.77
CA THR I 26 25.91 -40.72 -25.54
C THR I 26 27.24 -40.92 -24.80
N PRO I 27 27.79 -42.13 -24.85
CA PRO I 27 28.99 -42.47 -24.05
C PRO I 27 30.27 -41.73 -24.46
N ASP I 28 30.24 -41.02 -25.59
CA ASP I 28 31.40 -40.26 -26.04
C ASP I 28 31.28 -38.76 -25.76
N TYR I 29 30.19 -38.36 -25.10
CA TYR I 29 29.97 -36.95 -24.81
C TYR I 29 31.04 -36.43 -23.85
N VAL I 30 31.63 -35.30 -24.19
CA VAL I 30 32.53 -34.60 -23.29
C VAL I 30 31.69 -33.55 -22.52
N VAL I 31 31.57 -33.74 -21.21
CA VAL I 31 30.74 -32.83 -20.39
C VAL I 31 31.28 -31.39 -20.40
N ARG I 32 30.35 -30.45 -20.40
CA ARG I 32 30.72 -29.06 -20.38
C ARG I 32 30.81 -28.63 -18.93
N ASP I 33 31.56 -27.57 -18.73
CA ASP I 33 31.83 -26.97 -17.44
C ASP I 33 30.58 -26.32 -16.81
N THR I 34 29.57 -26.02 -17.65
CA THR I 34 28.30 -25.44 -17.19
C THR I 34 27.18 -26.49 -17.05
N ASP I 35 27.45 -27.75 -17.43
CA ASP I 35 26.44 -28.81 -17.26
C ASP I 35 26.15 -29.12 -15.78
N ILE I 36 24.90 -29.38 -15.47
CA ILE I 36 24.59 -29.97 -14.17
C ILE I 36 24.76 -31.49 -14.37
N LEU I 37 25.51 -32.14 -13.49
CA LEU I 37 25.71 -33.60 -13.62
C LEU I 37 25.00 -34.35 -12.50
N ALA I 38 24.42 -35.49 -12.81
CA ALA I 38 23.74 -36.30 -11.80
C ALA I 38 24.33 -37.71 -11.79
N ALA I 39 24.46 -38.30 -10.59
CA ALA I 39 24.86 -39.70 -10.48
C ALA I 39 23.68 -40.48 -9.85
N PHE I 40 23.04 -41.31 -10.69
CA PHE I 40 21.92 -42.14 -10.29
C PHE I 40 22.36 -43.58 -10.03
N ARG I 41 22.05 -44.09 -8.86
CA ARG I 41 22.16 -45.53 -8.60
C ARG I 41 20.89 -46.20 -9.09
N MET I 42 21.03 -46.93 -10.16
CA MET I 42 19.91 -47.42 -10.98
C MET I 42 19.80 -48.95 -10.94
N THR I 43 18.60 -49.46 -10.68
CA THR I 43 18.29 -50.89 -10.67
C THR I 43 17.25 -51.22 -11.73
N PRO I 44 17.69 -51.70 -12.90
CA PRO I 44 16.77 -51.95 -14.02
C PRO I 44 15.90 -53.17 -13.77
N GLN I 45 14.75 -53.21 -14.44
CA GLN I 45 13.93 -54.43 -14.44
C GLN I 45 14.67 -55.48 -15.29
N PRO I 46 14.40 -56.76 -15.06
CA PRO I 46 14.94 -57.83 -15.92
C PRO I 46 14.62 -57.56 -17.40
N GLY I 47 15.64 -57.68 -18.26
CA GLY I 47 15.42 -57.52 -19.69
C GLY I 47 15.55 -56.10 -20.19
N VAL I 48 15.75 -55.14 -19.30
CA VAL I 48 15.98 -53.76 -19.72
C VAL I 48 17.47 -53.54 -19.64
N PRO I 49 18.12 -53.35 -20.77
CA PRO I 49 19.57 -53.09 -20.78
C PRO I 49 19.87 -51.82 -19.96
N PRO I 50 20.97 -51.82 -19.19
CA PRO I 50 21.35 -50.64 -18.41
C PRO I 50 21.49 -49.35 -19.26
N GLU I 51 21.95 -49.50 -20.50
CA GLU I 51 22.06 -48.38 -21.43
C GLU I 51 20.68 -47.79 -21.76
N GLU I 52 19.68 -48.66 -21.90
CA GLU I 52 18.33 -48.19 -22.21
C GLU I 52 17.69 -47.55 -20.96
N CYS I 53 17.98 -48.14 -19.80
CA CYS I 53 17.54 -47.61 -18.52
C CYS I 53 18.12 -46.22 -18.21
N GLY I 54 19.43 -46.08 -18.40
CA GLY I 54 20.09 -44.81 -18.21
C GLY I 54 19.58 -43.76 -19.18
N ALA I 55 19.35 -44.18 -20.42
CA ALA I 55 18.84 -43.32 -21.47
C ALA I 55 17.41 -42.83 -21.17
N ALA I 56 16.58 -43.74 -20.64
CA ALA I 56 15.23 -43.43 -20.23
C ALA I 56 15.21 -42.40 -19.09
N VAL I 57 16.09 -42.58 -18.11
CA VAL I 57 16.23 -41.63 -17.03
C VAL I 57 16.67 -40.24 -17.55
N ALA I 58 17.68 -40.21 -18.43
CA ALA I 58 18.14 -38.95 -19.04
C ALA I 58 17.04 -38.27 -19.85
N ALA I 59 16.32 -39.07 -20.63
CA ALA I 59 15.28 -38.57 -21.51
C ALA I 59 14.14 -37.92 -20.74
N GLU I 60 13.61 -38.64 -19.76
CA GLU I 60 12.37 -38.26 -19.10
C GLU I 60 12.61 -37.32 -17.94
N SER I 61 13.87 -36.97 -17.71
CA SER I 61 14.22 -35.88 -16.83
C SER I 61 14.73 -34.66 -17.61
N SER I 62 14.59 -34.68 -18.93
CA SER I 62 15.03 -33.53 -19.73
C SER I 62 14.05 -33.12 -20.87
N THR I 63 14.05 -33.85 -21.99
CA THR I 63 13.30 -33.40 -23.16
C THR I 63 12.41 -34.47 -23.77
N GLY I 64 12.56 -35.72 -23.34
CA GLY I 64 11.90 -36.81 -24.04
C GLY I 64 10.64 -37.37 -23.43
N THR I 65 9.82 -38.00 -24.26
CA THR I 65 8.72 -38.81 -23.75
C THR I 65 8.74 -40.17 -24.45
N TRP I 66 7.66 -40.95 -24.30
CA TRP I 66 7.64 -42.39 -24.60
C TRP I 66 7.56 -42.77 -26.09
N THR I 67 7.20 -41.81 -26.92
CA THR I 67 7.10 -41.98 -28.36
C THR I 67 7.68 -40.71 -29.03
N THR I 68 8.03 -40.82 -30.31
CA THR I 68 8.64 -39.70 -31.03
C THR I 68 7.66 -38.59 -31.36
N VAL I 69 8.05 -37.35 -31.06
CA VAL I 69 7.17 -36.20 -31.30
C VAL I 69 7.74 -35.34 -32.41
N TRP I 70 6.86 -34.81 -33.26
CA TRP I 70 7.30 -34.02 -34.40
C TRP I 70 7.96 -32.70 -34.00
N THR I 71 7.54 -32.15 -32.86
CA THR I 71 7.98 -30.84 -32.42
C THR I 71 9.47 -30.70 -32.14
N ASP I 72 10.16 -31.82 -31.92
CA ASP I 72 11.61 -31.83 -31.75
C ASP I 72 12.28 -31.05 -32.88
N GLY I 73 11.74 -31.23 -34.09
CA GLY I 73 12.30 -30.61 -35.28
C GLY I 73 12.30 -29.09 -35.29
N LEU I 74 11.42 -28.47 -34.50
CA LEU I 74 11.32 -27.01 -34.42
C LEU I 74 12.48 -26.42 -33.61
N THR I 75 13.08 -27.24 -32.78
CA THR I 75 14.14 -26.81 -31.91
C THR I 75 15.38 -27.67 -32.21
N SER I 76 16.36 -27.65 -31.32
CA SER I 76 17.57 -28.48 -31.47
C SER I 76 17.72 -29.41 -30.28
N LEU I 77 17.37 -30.66 -30.46
CA LEU I 77 17.43 -31.64 -29.37
C LEU I 77 18.86 -31.81 -28.86
N ASP I 78 19.84 -31.74 -29.76
CA ASP I 78 21.26 -31.77 -29.40
C ASP I 78 21.60 -30.74 -28.33
N ARG I 79 21.01 -29.55 -28.45
CA ARG I 79 21.34 -28.44 -27.57
C ARG I 79 20.72 -28.67 -26.19
N TYR I 80 19.54 -29.28 -26.14
CA TYR I 80 18.75 -29.29 -24.91
C TYR I 80 18.73 -30.64 -24.18
N LYS I 81 18.89 -31.74 -24.91
CA LYS I 81 18.69 -33.06 -24.29
C LYS I 81 19.62 -33.35 -23.09
N GLY I 82 19.07 -34.03 -22.10
CA GLY I 82 19.88 -34.68 -21.08
C GLY I 82 20.59 -35.85 -21.72
N ARG I 83 21.79 -36.16 -21.22
CA ARG I 83 22.65 -37.20 -21.85
C ARG I 83 23.22 -38.14 -20.80
N CYS I 84 22.87 -39.42 -20.90
CA CYS I 84 23.54 -40.42 -20.11
C CYS I 84 24.89 -40.67 -20.78
N TYR I 85 25.98 -40.22 -20.15
CA TYR I 85 27.29 -40.22 -20.80
C TYR I 85 28.26 -41.27 -20.25
N ASP I 86 27.85 -41.97 -19.19
CA ASP I 86 28.68 -43.00 -18.62
C ASP I 86 27.82 -43.85 -17.69
N ILE I 87 28.07 -45.16 -17.70
CA ILE I 87 27.44 -46.12 -16.81
C ILE I 87 28.51 -47.03 -16.22
N GLU I 88 28.65 -47.06 -14.90
CA GLU I 88 29.57 -48.02 -14.25
C GLU I 88 28.76 -49.03 -13.41
N PRO I 89 29.14 -50.31 -13.48
CA PRO I 89 28.55 -51.31 -12.57
C PRO I 89 28.93 -51.02 -11.13
N VAL I 90 28.08 -51.39 -10.19
CA VAL I 90 28.37 -51.16 -8.79
C VAL I 90 29.05 -52.41 -8.23
N PRO I 91 30.22 -52.23 -7.60
CA PRO I 91 30.94 -53.35 -6.98
C PRO I 91 30.06 -54.08 -5.94
N GLY I 92 29.93 -55.38 -6.08
CA GLY I 92 29.19 -56.17 -5.10
C GLY I 92 27.71 -56.27 -5.41
N GLU I 93 27.31 -55.76 -6.58
CA GLU I 93 25.92 -55.82 -7.03
C GLU I 93 25.84 -56.34 -8.44
N ASP I 94 24.92 -57.28 -8.66
CA ASP I 94 24.71 -57.84 -10.01
C ASP I 94 23.74 -57.02 -10.87
N ASN I 95 22.91 -56.19 -10.23
CA ASN I 95 21.89 -55.43 -10.96
C ASN I 95 21.76 -53.95 -10.53
N GLN I 96 22.89 -53.39 -10.09
CA GLN I 96 22.96 -51.97 -9.77
C GLN I 96 24.05 -51.31 -10.61
N TYR I 97 23.74 -50.15 -11.15
CA TYR I 97 24.67 -49.35 -11.95
C TYR I 97 24.61 -47.89 -11.49
N ILE I 98 25.73 -47.18 -11.62
CA ILE I 98 25.71 -45.72 -11.48
C ILE I 98 25.62 -45.20 -12.90
N ALA I 99 24.51 -44.56 -13.22
CA ALA I 99 24.32 -43.87 -14.50
C ALA I 99 24.60 -42.38 -14.30
N TYR I 100 25.47 -41.84 -15.15
CA TYR I 100 25.85 -40.44 -15.09
C TYR I 100 25.09 -39.70 -16.18
N VAL I 101 24.40 -38.63 -15.79
CA VAL I 101 23.60 -37.80 -16.71
C VAL I 101 24.08 -36.35 -16.66
N ALA I 102 24.24 -35.74 -17.83
CA ALA I 102 24.62 -34.35 -17.96
C ALA I 102 23.38 -33.57 -18.47
N TYR I 103 23.12 -32.44 -17.82
CA TYR I 103 22.00 -31.59 -18.21
C TYR I 103 22.56 -30.23 -18.59
N ILE I 105 22.81 -26.28 -18.97
CA ILE I 105 22.39 -25.24 -18.02
C ILE I 105 21.08 -24.54 -18.43
N ASP I 106 20.80 -24.51 -19.73
CA ASP I 106 19.58 -23.90 -20.25
C ASP I 106 18.32 -24.58 -19.78
N LEU I 107 18.42 -25.82 -19.30
CA LEU I 107 17.22 -26.54 -18.86
C LEU I 107 16.65 -26.00 -17.54
N PHE I 108 17.43 -25.18 -16.85
CA PHE I 108 17.10 -24.86 -15.46
C PHE I 108 16.71 -23.42 -15.25
N GLU I 109 15.70 -23.21 -14.38
CA GLU I 109 15.38 -21.86 -13.97
C GLU I 109 16.43 -21.36 -12.97
N GLU I 110 16.96 -20.17 -13.25
CA GLU I 110 17.91 -19.47 -12.41
C GLU I 110 17.36 -19.30 -10.99
N GLY I 111 18.16 -19.70 -10.00
CA GLY I 111 17.80 -19.46 -8.60
C GLY I 111 16.73 -20.37 -8.01
N SER I 112 16.28 -21.36 -8.78
CA SER I 112 15.17 -22.23 -8.36
C SER I 112 15.54 -23.68 -8.08
N VAL I 113 15.76 -24.02 -6.81
CA VAL I 113 16.00 -25.42 -6.44
C VAL I 113 14.80 -26.27 -6.82
N THR I 114 13.60 -25.77 -6.54
CA THR I 114 12.36 -26.39 -6.98
C THR I 114 12.42 -26.87 -8.44
N ASN I 115 12.85 -26.00 -9.35
CA ASN I 115 12.90 -26.37 -10.74
C ASN I 115 13.93 -27.47 -11.00
N MET I 116 15.11 -27.35 -10.40
CA MET I 116 16.15 -28.35 -10.59
C MET I 116 15.68 -29.77 -10.15
N PHE I 117 15.10 -29.85 -8.96
CA PHE I 117 14.53 -31.11 -8.48
C PHE I 117 13.41 -31.64 -9.41
N THR I 118 12.57 -30.74 -9.89
CA THR I 118 11.46 -31.11 -10.76
C THR I 118 11.90 -31.87 -12.00
N SER I 119 12.94 -31.39 -12.68
CA SER I 119 13.53 -32.11 -13.80
C SER I 119 14.19 -33.39 -13.33
N ILE I 120 15.13 -33.28 -12.39
CA ILE I 120 16.04 -34.38 -12.12
C ILE I 120 15.40 -35.52 -11.36
N VAL I 121 14.47 -35.20 -10.46
CA VAL I 121 13.81 -36.23 -9.65
C VAL I 121 12.28 -36.23 -9.78
N GLY I 122 11.78 -35.59 -10.84
CA GLY I 122 10.35 -35.33 -10.99
C GLY I 122 9.47 -36.54 -11.26
N ASN I 123 9.82 -37.25 -12.33
CA ASN I 123 9.05 -38.38 -12.82
C ASN I 123 9.81 -39.72 -12.85
N VAL I 124 11.14 -39.68 -13.02
CA VAL I 124 11.90 -40.89 -13.35
C VAL I 124 11.86 -42.01 -12.32
N PHE I 125 11.63 -41.68 -11.05
CA PHE I 125 11.69 -42.69 -9.98
C PHE I 125 10.48 -43.63 -10.00
N GLY I 126 9.46 -43.28 -10.79
CA GLY I 126 8.26 -44.10 -10.89
C GLY I 126 8.14 -44.91 -12.19
N PHE I 127 9.14 -44.83 -13.06
CA PHE I 127 9.12 -45.60 -14.30
C PHE I 127 9.06 -47.10 -14.06
N LYS I 128 8.12 -47.76 -14.74
CA LYS I 128 7.91 -49.19 -14.55
C LYS I 128 9.19 -49.94 -14.89
N ALA I 129 9.95 -49.41 -15.85
CA ALA I 129 11.11 -50.09 -16.40
C ALA I 129 12.27 -50.16 -15.42
N LEU I 130 12.16 -49.47 -14.29
CA LEU I 130 13.16 -49.67 -13.26
C LEU I 130 12.53 -50.12 -11.94
N ARG I 131 13.34 -50.75 -11.11
CA ARG I 131 12.89 -51.34 -9.87
C ARG I 131 13.22 -50.44 -8.69
N ALA I 132 14.28 -49.65 -8.86
CA ALA I 132 14.75 -48.74 -7.84
C ALA I 132 15.67 -47.69 -8.47
N LEU I 133 15.64 -46.48 -7.89
CA LEU I 133 16.50 -45.40 -8.36
C LEU I 133 16.88 -44.56 -7.14
N ARG I 134 18.16 -44.22 -7.06
CA ARG I 134 18.61 -43.34 -6.02
C ARG I 134 19.52 -42.28 -6.63
N LEU I 135 19.22 -41.01 -6.37
CA LEU I 135 20.13 -39.94 -6.78
C LEU I 135 21.18 -39.78 -5.69
N GLU I 136 22.44 -40.04 -6.06
CA GLU I 136 23.54 -40.06 -5.10
C GLU I 136 24.24 -38.72 -4.98
N ASP I 137 24.35 -38.00 -6.09
CA ASP I 137 25.10 -36.74 -6.10
C ASP I 137 24.71 -35.88 -7.32
N LEU I 138 24.98 -34.60 -7.20
CA LEU I 138 24.77 -33.64 -8.26
C LEU I 138 26.01 -32.77 -8.36
N ARG I 139 26.46 -32.49 -9.57
CA ARG I 139 27.52 -31.52 -9.75
C ARG I 139 26.86 -30.19 -10.11
N ILE I 140 26.81 -29.26 -9.15
CA ILE I 140 26.28 -27.92 -9.45
C ILE I 140 27.43 -27.02 -9.95
N PRO I 141 27.39 -26.62 -11.22
CA PRO I 141 28.47 -25.83 -11.80
C PRO I 141 28.42 -24.39 -11.32
N PRO I 142 29.57 -23.74 -11.19
CA PRO I 142 29.63 -22.35 -10.76
C PRO I 142 28.65 -21.44 -11.50
N ALA I 143 28.44 -21.64 -12.81
CA ALA I 143 27.55 -20.77 -13.57
C ALA I 143 26.09 -20.86 -13.11
N TYR I 144 25.70 -22.01 -12.56
CA TYR I 144 24.36 -22.16 -12.00
C TYR I 144 24.32 -21.73 -10.54
N VAL I 145 25.33 -22.10 -9.75
CA VAL I 145 25.50 -21.61 -8.39
C VAL I 145 25.35 -20.10 -8.30
N LYS I 146 25.97 -19.37 -9.21
CA LYS I 146 25.95 -17.92 -9.18
C LYS I 146 24.55 -17.30 -9.35
N THR I 147 23.56 -18.10 -9.79
CA THR I 147 22.17 -17.59 -9.95
C THR I 147 21.33 -17.66 -8.68
N PHE I 148 21.94 -18.15 -7.60
CA PHE I 148 21.24 -18.30 -6.33
C PHE I 148 21.73 -17.24 -5.34
N VAL I 149 20.79 -16.70 -4.54
CA VAL I 149 21.18 -15.83 -3.42
C VAL I 149 22.00 -16.63 -2.39
N GLY I 150 21.58 -17.86 -2.10
CA GLY I 150 22.27 -18.75 -1.20
C GLY I 150 21.95 -18.43 0.24
N PRO I 152 21.60 -16.86 3.89
CA PRO I 152 21.46 -15.46 4.32
C PRO I 152 22.78 -14.87 4.83
N HIS I 153 23.56 -15.64 5.60
CA HIS I 153 24.83 -15.20 6.15
C HIS I 153 25.99 -16.17 5.91
N GLY I 154 25.85 -17.42 6.35
CA GLY I 154 26.96 -18.36 6.28
C GLY I 154 27.86 -18.29 7.51
N ILE I 155 28.68 -19.30 7.68
CA ILE I 155 29.45 -19.53 8.89
C ILE I 155 30.24 -18.32 9.42
N GLN I 156 31.05 -17.70 8.55
CA GLN I 156 31.94 -16.61 8.97
C GLN I 156 31.12 -15.42 9.44
N VAL I 157 30.17 -14.97 8.63
CA VAL I 157 29.31 -13.82 8.97
C VAL I 157 28.50 -14.13 10.23
N GLU I 158 27.98 -15.35 10.33
CA GLU I 158 27.28 -15.76 11.55
C GLU I 158 28.11 -15.59 12.83
N ARG I 159 29.34 -16.13 12.82
CA ARG I 159 30.25 -15.99 13.98
C ARG I 159 30.48 -14.52 14.28
N ASP I 160 30.65 -13.72 13.23
CA ASP I 160 30.85 -12.28 13.40
C ASP I 160 29.61 -11.59 13.99
N LYS I 161 28.43 -12.02 13.59
CA LYS I 161 27.18 -11.44 14.13
C LYS I 161 26.91 -11.88 15.56
N LEU I 162 27.42 -13.06 15.93
CA LEU I 162 27.19 -13.57 17.26
C LEU I 162 28.31 -13.13 18.19
N ASN I 163 29.44 -12.73 17.60
CA ASN I 163 30.67 -12.45 18.34
C ASN I 163 31.18 -13.67 19.11
N LYS I 164 31.09 -14.84 18.47
CA LYS I 164 31.48 -16.11 19.09
C LYS I 164 32.58 -16.81 18.29
N TYR I 165 33.70 -17.05 18.94
CA TYR I 165 34.84 -17.67 18.28
C TYR I 165 35.54 -18.72 19.16
N GLY I 166 36.14 -19.71 18.49
CA GLY I 166 37.14 -20.53 19.15
C GLY I 166 36.64 -21.84 19.68
N ARG I 167 35.36 -22.14 19.45
CA ARG I 167 34.76 -23.39 19.93
C ARG I 167 33.46 -23.67 19.19
N GLY I 168 32.97 -24.90 19.28
CA GLY I 168 31.64 -25.23 18.78
C GLY I 168 30.57 -24.41 19.49
N LEU I 169 29.44 -24.19 18.84
CA LEU I 169 28.31 -23.55 19.47
C LEU I 169 27.46 -24.65 20.12
N LEU I 170 26.73 -24.28 21.17
CA LEU I 170 25.92 -25.22 21.94
C LEU I 170 24.46 -24.81 21.96
N GLY I 171 23.61 -25.79 21.64
CA GLY I 171 22.19 -25.59 21.54
C GLY I 171 21.42 -26.70 22.24
N CYS I 172 20.11 -26.71 22.07
CA CYS I 172 19.23 -27.49 22.93
C CYS I 172 17.77 -27.34 22.49
N THR I 173 17.15 -28.45 22.10
CA THR I 173 15.72 -28.47 21.86
C THR I 173 14.95 -28.57 23.17
N ILE I 174 14.04 -27.63 23.40
CA ILE I 174 13.12 -27.72 24.53
C ILE I 174 12.26 -28.99 24.43
N LYS I 175 11.99 -29.62 25.58
CA LYS I 175 11.18 -30.85 25.69
C LYS I 175 10.22 -30.69 26.87
N PRO I 176 9.09 -31.43 26.92
CA PRO I 176 8.64 -32.36 25.88
C PRO I 176 8.43 -31.66 24.56
N LYS I 177 8.46 -32.42 23.46
CA LYS I 177 8.35 -31.87 22.11
C LYS I 177 7.16 -30.92 22.02
N LEU I 178 5.99 -31.42 22.37
CA LEU I 178 4.72 -30.66 22.35
C LEU I 178 4.10 -30.75 23.73
N GLY I 179 3.21 -29.80 24.05
CA GLY I 179 2.45 -29.89 25.29
C GLY I 179 2.79 -28.86 26.34
N LEU I 180 3.88 -28.12 26.15
CA LEU I 180 4.20 -27.02 27.06
C LEU I 180 3.48 -25.74 26.70
N SER I 181 3.13 -24.94 27.70
CA SER I 181 2.53 -23.62 27.46
C SER I 181 3.67 -22.65 27.09
N ALA I 182 3.31 -21.52 26.52
CA ALA I 182 4.26 -20.46 26.17
C ALA I 182 5.07 -20.01 27.39
N LYS I 183 4.41 -19.74 28.49
CA LYS I 183 5.11 -19.33 29.72
C LYS I 183 6.14 -20.38 30.19
N ASN I 184 5.75 -21.66 30.21
CA ASN I 184 6.69 -22.72 30.56
C ASN I 184 7.80 -22.90 29.52
N TYR I 185 7.49 -22.61 28.25
CA TYR I 185 8.52 -22.65 27.20
C TYR I 185 9.63 -21.65 27.54
N GLY I 186 9.24 -20.40 27.78
CA GLY I 186 10.20 -19.36 28.10
C GLY I 186 10.94 -19.61 29.40
N ARG I 187 10.26 -20.19 30.38
CA ARG I 187 10.87 -20.62 31.66
C ARG I 187 12.03 -21.60 31.40
N ALA I 188 11.74 -22.63 30.61
CA ALA I 188 12.73 -23.63 30.24
C ALA I 188 13.89 -23.02 29.47
N VAL I 189 13.57 -22.10 28.55
CA VAL I 189 14.57 -21.44 27.74
C VAL I 189 15.52 -20.64 28.61
N TYR I 190 14.97 -19.76 29.45
CA TYR I 190 15.79 -18.96 30.34
C TYR I 190 16.75 -19.84 31.16
N GLU I 191 16.22 -20.89 31.80
CA GLU I 191 17.04 -21.75 32.66
C GLU I 191 18.15 -22.47 31.86
N CYS I 192 17.84 -22.86 30.61
CA CYS I 192 18.81 -23.45 29.70
C CYS I 192 19.92 -22.45 29.35
N LEU I 193 19.52 -21.32 28.79
CA LEU I 193 20.49 -20.36 28.30
C LEU I 193 21.39 -19.85 29.42
N ARG I 194 20.85 -19.64 30.62
CA ARG I 194 21.63 -19.05 31.72
C ARG I 194 22.76 -19.95 32.25
N GLY I 195 22.69 -21.25 31.96
CA GLY I 195 23.71 -22.19 32.39
C GLY I 195 24.88 -22.36 31.45
N GLY I 196 24.81 -21.75 30.27
CA GLY I 196 25.93 -21.76 29.36
C GLY I 196 25.68 -22.16 27.91
N LEU I 197 24.46 -22.56 27.56
CA LEU I 197 24.13 -22.82 26.16
C LEU I 197 24.07 -21.50 25.38
N ASP I 198 24.52 -21.53 24.13
CA ASP I 198 24.41 -20.37 23.24
C ASP I 198 23.00 -20.23 22.71
N PHE I 199 22.36 -21.36 22.46
CA PHE I 199 21.05 -21.37 21.84
C PHE I 199 20.11 -22.35 22.54
N THR I 200 18.81 -22.07 22.45
CA THR I 200 17.78 -23.11 22.53
C THR I 200 16.97 -23.04 21.24
N ASP I 202 12.79 -24.11 19.29
CA ASP I 202 11.52 -24.77 19.16
C ASP I 202 11.79 -26.13 18.59
N ASP I 203 11.06 -27.13 19.04
CA ASP I 203 11.08 -28.42 18.37
C ASP I 203 10.56 -28.26 16.94
N GLU I 204 11.00 -29.11 16.02
CA GLU I 204 10.64 -28.91 14.61
C GLU I 204 9.13 -28.80 14.45
N ASN I 205 8.37 -29.50 15.30
CA ASN I 205 6.91 -29.58 15.13
C ASN I 205 6.16 -28.60 16.02
N VAL I 206 6.90 -27.75 16.76
CA VAL I 206 6.32 -26.67 17.54
C VAL I 206 6.13 -25.50 16.55
N ASN I 207 4.88 -25.27 16.18
CA ASN I 207 4.54 -24.20 15.24
C ASN I 207 3.56 -23.31 15.98
N SER I 208 2.27 -23.52 15.78
CA SER I 208 1.26 -22.86 16.57
C SER I 208 0.16 -23.87 16.84
N GLN I 209 -0.20 -24.08 18.10
CA GLN I 209 -1.12 -25.17 18.43
C GLN I 209 -2.02 -24.79 19.60
N PRO I 210 -3.13 -25.51 19.81
CA PRO I 210 -4.00 -25.22 20.97
C PRO I 210 -3.29 -25.12 22.34
N PHE I 211 -2.28 -25.94 22.62
CA PHE I 211 -1.57 -25.85 23.90
C PHE I 211 -0.62 -24.65 24.01
N MET I 212 -0.19 -24.11 22.86
CA MET I 212 0.73 -22.98 22.84
C MET I 212 0.66 -22.28 21.50
N ARG I 213 0.08 -21.09 21.46
CA ARG I 213 0.05 -20.30 20.23
C ARG I 213 1.39 -19.62 19.99
N TRP I 214 1.76 -19.44 18.73
CA TRP I 214 3.13 -19.01 18.37
C TRP I 214 3.48 -17.64 18.93
N ARG I 215 2.59 -16.66 18.84
CA ARG I 215 2.95 -15.30 19.24
C ARG I 215 3.15 -15.23 20.75
N ASP I 216 2.30 -15.92 21.51
CA ASP I 216 2.51 -16.04 22.96
C ASP I 216 3.94 -16.57 23.22
N ARG I 217 4.33 -17.62 22.52
CA ARG I 217 5.66 -18.21 22.73
C ARG I 217 6.77 -17.24 22.37
N PHE I 218 6.64 -16.58 21.22
CA PHE I 218 7.68 -15.66 20.72
C PHE I 218 7.97 -14.60 21.77
N LEU I 219 6.92 -14.02 22.35
CA LEU I 219 7.08 -12.96 23.35
C LEU I 219 7.76 -13.47 24.64
N PHE I 220 7.32 -14.61 25.15
CA PHE I 220 7.96 -15.17 26.35
C PHE I 220 9.41 -15.58 26.10
N VAL I 221 9.67 -16.16 24.92
CA VAL I 221 11.02 -16.56 24.56
C VAL I 221 11.95 -15.34 24.47
N ALA I 222 11.47 -14.27 23.87
CA ALA I 222 12.24 -13.01 23.79
C ALA I 222 12.62 -12.52 25.19
N GLU I 223 11.69 -12.55 26.13
CA GLU I 223 12.00 -12.21 27.53
C GLU I 223 13.09 -13.12 28.11
N ALA I 224 13.01 -14.42 27.83
CA ALA I 224 13.97 -15.40 28.35
C ALA I 224 15.37 -15.16 27.79
N ILE I 225 15.47 -14.94 26.48
CA ILE I 225 16.74 -14.61 25.82
C ILE I 225 17.38 -13.40 26.49
N TYR I 226 16.61 -12.34 26.64
CA TYR I 226 17.10 -11.09 27.22
C TYR I 226 17.60 -11.31 28.66
N LYS I 227 16.78 -11.99 29.47
CA LYS I 227 17.17 -12.22 30.86
C LYS I 227 18.46 -13.09 30.97
N ALA I 228 18.57 -14.15 30.15
CA ALA I 228 19.79 -14.97 30.18
C ALA I 228 21.02 -14.23 29.66
N GLN I 229 20.86 -13.40 28.63
CA GLN I 229 21.98 -12.62 28.10
C GLN I 229 22.51 -11.66 29.17
N ALA I 230 21.60 -10.94 29.84
CA ALA I 230 21.97 -9.99 30.88
C ALA I 230 22.61 -10.69 32.10
N GLU I 231 22.13 -11.87 32.44
CA GLU I 231 22.66 -12.59 33.59
C GLU I 231 24.07 -13.16 33.36
N THR I 232 24.30 -13.70 32.16
CA THR I 232 25.55 -14.37 31.84
C THR I 232 26.61 -13.46 31.24
N GLY I 233 26.18 -12.37 30.62
CA GLY I 233 27.08 -11.50 29.86
C GLY I 233 27.51 -12.08 28.51
N GLU I 234 26.84 -13.15 28.06
CA GLU I 234 27.12 -13.75 26.75
C GLU I 234 25.89 -13.61 25.82
N VAL I 235 26.14 -13.40 24.53
CA VAL I 235 25.09 -13.36 23.51
C VAL I 235 24.28 -14.66 23.47
N LYS I 236 22.95 -14.52 23.54
CA LYS I 236 22.04 -15.69 23.55
C LYS I 236 21.08 -15.64 22.37
N GLY I 237 20.55 -16.78 21.99
CA GLY I 237 19.51 -16.83 20.96
C GLY I 237 18.60 -18.03 21.16
N HIS I 238 17.49 -18.07 20.43
CA HIS I 238 16.59 -19.22 20.46
C HIS I 238 15.93 -19.26 19.12
N TYR I 239 16.03 -20.40 18.42
CA TYR I 239 15.50 -20.46 17.07
C TYR I 239 13.98 -20.56 17.14
N LEU I 240 13.31 -19.42 16.90
CA LEU I 240 11.85 -19.41 16.87
C LEU I 240 11.40 -19.93 15.52
N ASN I 241 10.43 -20.84 15.55
CA ASN I 241 10.05 -21.58 14.36
C ASN I 241 9.07 -20.75 13.53
N ALA I 242 9.47 -20.45 12.29
CA ALA I 242 8.59 -19.79 11.33
C ALA I 242 7.81 -20.78 10.45
N THR I 243 8.11 -22.07 10.57
CA THR I 243 7.42 -23.09 9.79
C THR I 243 5.92 -22.94 9.98
N ALA I 244 5.17 -22.96 8.87
CA ALA I 244 3.74 -22.69 8.91
C ALA I 244 2.98 -23.37 7.77
N GLY I 245 1.64 -23.32 7.83
CA GLY I 245 0.81 -23.87 6.78
C GLY I 245 0.82 -23.14 5.45
N THR I 246 1.06 -21.82 5.47
CA THR I 246 1.07 -21.01 4.26
C THR I 246 2.27 -20.05 4.27
N CYS I 247 2.64 -19.54 3.10
CA CYS I 247 3.72 -18.54 3.02
C CYS I 247 3.39 -17.29 3.84
N GLU I 248 2.12 -16.91 3.85
CA GLU I 248 1.72 -15.68 4.55
C GLU I 248 1.90 -15.81 6.07
N GLU I 249 1.49 -16.97 6.62
CA GLU I 249 1.76 -17.27 8.02
C GLU I 249 3.24 -17.36 8.36
N MET I 250 4.02 -18.01 7.49
CA MET I 250 5.45 -18.16 7.71
C MET I 250 6.09 -16.76 7.79
N MET I 251 5.73 -15.87 6.86
CA MET I 251 6.29 -14.51 6.85
C MET I 251 5.86 -13.67 8.06
N LYS I 252 4.59 -13.80 8.46
CA LYS I 252 4.09 -13.13 9.67
C LYS I 252 4.97 -13.46 10.88
N ARG I 253 5.33 -14.74 11.00
CA ARG I 253 6.15 -15.20 12.12
C ARG I 253 7.57 -14.65 12.03
N ALA I 254 8.15 -14.68 10.84
CA ALA I 254 9.49 -14.12 10.63
C ALA I 254 9.53 -12.61 10.95
N VAL I 255 8.52 -11.89 10.47
CA VAL I 255 8.35 -10.47 10.75
C VAL I 255 8.25 -10.16 12.26
N ALA I 257 9.43 -12.13 14.81
CA ALA I 257 10.78 -12.36 15.32
C ALA I 257 11.70 -11.16 15.07
N LYS I 258 11.68 -10.64 13.85
CA LYS I 258 12.49 -9.45 13.54
C LYS I 258 12.10 -8.28 14.45
N GLU I 259 10.80 -8.03 14.59
CA GLU I 259 10.33 -6.93 15.41
C GLU I 259 10.82 -7.07 16.85
N LEU I 260 10.85 -8.29 17.36
CA LEU I 260 11.31 -8.51 18.72
C LEU I 260 12.82 -8.38 18.89
N GLY I 261 13.57 -8.33 17.80
CA GLY I 261 15.01 -8.20 17.88
C GLY I 261 15.74 -9.51 18.21
N VAL I 262 15.05 -10.65 18.14
CA VAL I 262 15.72 -11.94 18.33
C VAL I 262 16.63 -12.26 17.12
N PRO I 263 17.84 -12.76 17.35
CA PRO I 263 18.83 -12.87 16.29
C PRO I 263 18.59 -14.03 15.29
N ILE I 264 17.77 -15.01 15.65
CA ILE I 264 17.71 -16.24 14.84
C ILE I 264 16.32 -16.89 14.82
N ILE I 265 15.93 -17.42 13.65
CA ILE I 265 14.73 -18.20 13.51
C ILE I 265 15.05 -19.53 12.88
N MET I 266 14.07 -20.44 12.85
CA MET I 266 14.26 -21.70 12.16
C MET I 266 13.16 -22.00 11.12
N HIS I 267 13.42 -22.97 10.25
CA HIS I 267 12.47 -23.39 9.23
C HIS I 267 12.70 -24.86 8.92
N ASP I 268 11.62 -25.60 8.72
CA ASP I 268 11.69 -27.01 8.33
C ASP I 268 11.62 -27.07 6.82
N TYR I 269 12.78 -27.10 6.15
CA TYR I 269 12.78 -26.85 4.71
C TYR I 269 12.10 -27.86 3.83
N LEU I 270 12.06 -29.11 4.25
CA LEU I 270 11.42 -30.14 3.43
C LEU I 270 9.91 -30.20 3.64
N THR I 271 9.45 -30.09 4.88
CA THR I 271 8.01 -30.14 5.13
C THR I 271 7.34 -28.83 4.76
N GLY I 272 8.07 -27.72 4.91
CA GLY I 272 7.62 -26.44 4.42
C GLY I 272 7.78 -26.38 2.93
N GLY I 273 8.97 -26.76 2.47
CA GLY I 273 9.20 -26.85 1.02
C GLY I 273 10.17 -25.80 0.50
N PHE I 274 10.81 -26.12 -0.64
CA PHE I 274 11.88 -25.29 -1.21
C PHE I 274 11.41 -23.91 -1.61
N THR I 275 10.17 -23.81 -2.08
CA THR I 275 9.61 -22.53 -2.54
C THR I 275 9.45 -21.58 -1.37
N ALA I 276 8.87 -22.08 -0.28
CA ALA I 276 8.76 -21.30 0.96
C ALA I 276 10.12 -21.05 1.56
N ASN I 277 11.01 -22.06 1.51
CA ASN I 277 12.33 -21.88 2.16
C ASN I 277 13.18 -20.78 1.53
N THR I 278 13.18 -20.72 0.21
CA THR I 278 13.94 -19.73 -0.55
C THR I 278 13.39 -18.33 -0.23
N SER I 279 12.06 -18.19 -0.18
CA SER I 279 11.47 -16.89 0.18
C SER I 279 11.96 -16.47 1.57
N LEU I 280 11.96 -17.42 2.49
CA LEU I 280 12.34 -17.13 3.87
C LEU I 280 13.81 -16.73 3.98
N ALA I 281 14.68 -17.48 3.30
CA ALA I 281 16.10 -17.18 3.23
C ALA I 281 16.38 -15.78 2.69
N ILE I 282 15.65 -15.38 1.65
CA ILE I 282 15.76 -14.05 1.05
C ILE I 282 15.33 -12.98 2.07
N TYR I 283 14.25 -13.27 2.79
CA TYR I 283 13.77 -12.37 3.82
C TYR I 283 14.85 -12.24 4.92
N CYS I 284 15.47 -13.36 5.30
CA CYS I 284 16.49 -13.31 6.36
C CYS I 284 17.75 -12.53 5.92
N ARG I 285 18.18 -12.70 4.69
CA ARG I 285 19.23 -11.87 4.10
C ARG I 285 18.88 -10.38 4.16
N ASP I 286 17.64 -10.06 3.81
CA ASP I 286 17.21 -8.66 3.69
C ASP I 286 17.05 -8.01 5.05
N ASN I 287 16.98 -8.82 6.11
CA ASN I 287 16.70 -8.31 7.44
C ASN I 287 17.70 -8.74 8.53
N GLY I 288 18.82 -9.34 8.11
CA GLY I 288 19.88 -9.72 9.04
C GLY I 288 19.51 -10.81 10.04
N LEU I 289 18.47 -11.59 9.75
CA LEU I 289 18.07 -12.72 10.59
C LEU I 289 18.87 -13.96 10.27
N LEU I 290 19.44 -14.58 11.30
CA LEU I 290 20.06 -15.89 11.14
C LEU I 290 18.96 -16.93 10.91
N LEU I 291 19.25 -17.93 10.10
CA LEU I 291 18.25 -18.92 9.71
C LEU I 291 18.73 -20.36 9.96
N HIS I 292 18.17 -20.98 10.98
CA HIS I 292 18.49 -22.38 11.28
C HIS I 292 17.57 -23.31 10.50
N ILE I 293 18.12 -24.27 9.78
CA ILE I 293 17.31 -25.18 9.01
C ILE I 293 17.25 -26.54 9.65
N HIS I 294 16.02 -26.99 9.92
CA HIS I 294 15.76 -28.35 10.36
C HIS I 294 15.37 -29.26 9.19
N ARG I 295 15.92 -30.46 9.15
CA ARG I 295 15.72 -31.34 7.98
C ARG I 295 14.61 -32.36 8.10
N ALA I 296 13.61 -32.08 8.94
CA ALA I 296 12.45 -32.97 9.14
C ALA I 296 12.00 -33.54 7.79
N MET I 297 11.78 -34.86 7.77
CA MET I 297 11.31 -35.64 6.64
C MET I 297 12.44 -36.18 5.75
N HIS I 298 13.67 -35.71 5.95
CA HIS I 298 14.76 -36.12 5.07
C HIS I 298 14.93 -37.65 5.02
N ALA I 299 14.81 -38.32 6.18
CA ALA I 299 15.04 -39.77 6.24
C ALA I 299 13.97 -40.57 5.48
N VAL I 300 12.80 -39.97 5.24
CA VAL I 300 11.78 -40.59 4.40
C VAL I 300 12.37 -40.79 2.99
N ILE I 301 13.27 -39.88 2.64
CA ILE I 301 13.82 -39.81 1.28
C ILE I 301 15.20 -40.47 1.22
N ASP I 302 15.98 -40.33 2.29
CA ASP I 302 17.41 -40.58 2.18
C ASP I 302 17.99 -41.75 2.97
N ARG I 303 17.15 -42.49 3.68
CA ARG I 303 17.62 -43.63 4.49
C ARG I 303 18.13 -44.83 3.67
N GLN I 304 17.36 -45.26 2.67
CA GLN I 304 17.65 -46.50 2.00
C GLN I 304 18.70 -46.33 0.89
N ARG I 305 19.58 -47.33 0.81
CA ARG I 305 20.69 -47.37 -0.13
C ARG I 305 20.24 -47.51 -1.58
N ASN I 306 19.15 -48.23 -1.81
CA ASN I 306 18.72 -48.56 -3.18
C ASN I 306 17.81 -47.53 -3.84
N HIS I 307 17.15 -46.70 -3.04
CA HIS I 307 16.11 -45.84 -3.56
C HIS I 307 15.96 -44.54 -2.77
N GLY I 308 15.85 -43.44 -3.48
CA GLY I 308 15.57 -42.13 -2.89
C GLY I 308 16.55 -41.08 -3.38
N ILE I 309 16.89 -40.15 -2.50
CA ILE I 309 17.94 -39.16 -2.78
C ILE I 309 18.88 -39.14 -1.57
N HIS I 310 20.18 -39.26 -1.77
CA HIS I 310 21.13 -39.20 -0.65
C HIS I 310 21.09 -37.83 0.04
N PHE I 311 21.27 -37.82 1.37
CA PHE I 311 21.25 -36.55 2.10
C PHE I 311 22.21 -35.50 1.54
N ARG I 312 23.36 -35.93 1.01
CA ARG I 312 24.32 -34.96 0.51
C ARG I 312 23.69 -34.09 -0.58
N VAL I 313 22.79 -34.67 -1.37
CA VAL I 313 22.07 -33.92 -2.41
C VAL I 313 21.05 -32.95 -1.78
N LEU I 314 20.31 -33.41 -0.78
CA LEU I 314 19.37 -32.58 -0.03
C LEU I 314 20.10 -31.45 0.69
N ALA I 315 21.36 -31.71 1.10
CA ALA I 315 22.18 -30.69 1.75
C ALA I 315 22.66 -29.63 0.74
N LYS I 316 23.18 -30.07 -0.41
CA LYS I 316 23.54 -29.13 -1.49
C LYS I 316 22.33 -28.25 -1.88
N ALA I 317 21.17 -28.89 -2.03
CA ALA I 317 19.93 -28.19 -2.37
C ALA I 317 19.58 -27.13 -1.31
N LEU I 318 19.76 -27.48 -0.04
CA LEU I 318 19.52 -26.51 1.03
C LEU I 318 20.51 -25.37 0.97
N ARG I 319 21.77 -25.68 0.66
CA ARG I 319 22.80 -24.65 0.58
C ARG I 319 22.39 -23.62 -0.48
N MET I 320 21.87 -24.12 -1.59
CA MET I 320 21.45 -23.28 -2.73
C MET I 320 20.20 -22.45 -2.39
N SER I 321 19.17 -23.12 -1.86
CA SER I 321 17.93 -22.48 -1.39
C SER I 321 18.19 -21.44 -0.32
N GLY I 322 18.96 -21.81 0.71
CA GLY I 322 19.44 -20.87 1.70
C GLY I 322 19.22 -21.33 3.11
N GLY I 323 20.31 -21.40 3.87
CA GLY I 323 20.24 -21.62 5.31
C GLY I 323 21.56 -21.34 6.00
N ASP I 324 21.52 -20.75 7.18
CA ASP I 324 22.75 -20.55 7.95
C ASP I 324 23.25 -21.77 8.72
N HIS I 325 22.31 -22.60 9.18
CA HIS I 325 22.58 -23.88 9.86
C HIS I 325 21.83 -24.96 9.08
N LEU I 326 22.30 -26.18 9.17
CA LEU I 326 21.55 -27.34 8.69
C LEU I 326 21.95 -28.54 9.56
N HIS I 327 20.98 -29.32 10.03
CA HIS I 327 21.32 -30.52 10.80
C HIS I 327 22.09 -31.49 9.92
N SER I 328 23.10 -32.13 10.52
CA SER I 328 24.07 -32.94 9.81
C SER I 328 24.14 -34.37 10.32
N GLY I 329 23.40 -34.65 11.38
CA GLY I 329 23.55 -35.93 12.07
C GLY I 329 24.63 -35.80 13.13
N THR I 330 24.74 -36.83 13.98
CA THR I 330 25.71 -36.84 15.06
C THR I 330 26.75 -37.97 14.92
N VAL I 331 26.47 -38.91 14.02
CA VAL I 331 27.21 -40.18 13.92
C VAL I 331 26.97 -41.10 15.14
N VAL I 332 27.20 -40.56 16.34
CA VAL I 332 27.17 -41.33 17.57
C VAL I 332 25.82 -41.35 18.32
N GLY I 333 24.87 -40.49 17.96
CA GLY I 333 23.59 -40.38 18.66
C GLY I 333 22.47 -41.30 18.16
N LYS I 334 21.21 -40.93 18.43
CA LYS I 334 20.08 -41.87 18.26
C LYS I 334 19.65 -42.03 16.80
N LEU I 335 20.04 -41.09 15.93
CA LEU I 335 19.65 -41.16 14.53
C LEU I 335 20.87 -41.51 13.66
N GLU I 336 20.60 -42.18 12.54
CA GLU I 336 21.65 -42.72 11.69
C GLU I 336 22.50 -41.66 10.97
N GLY I 337 23.79 -41.94 10.86
CA GLY I 337 24.71 -41.17 10.03
C GLY I 337 26.08 -41.80 10.14
N GLU I 338 26.46 -42.61 9.16
CA GLU I 338 27.79 -43.23 9.15
C GLU I 338 28.89 -42.16 9.03
N ARG I 339 30.00 -42.40 9.73
CA ARG I 339 31.11 -41.44 9.85
C ARG I 339 31.63 -40.88 8.53
N GLU I 340 31.99 -41.74 7.59
CA GLU I 340 32.62 -41.28 6.36
C GLU I 340 31.64 -40.54 5.43
N VAL I 341 30.43 -41.08 5.34
CA VAL I 341 29.34 -40.42 4.64
C VAL I 341 29.17 -38.99 5.18
N THR I 342 29.14 -38.88 6.52
CA THR I 342 28.87 -37.62 7.19
C THR I 342 29.99 -36.61 7.01
N LEU I 343 31.22 -37.06 7.17
CA LEU I 343 32.39 -36.21 6.91
C LEU I 343 32.36 -35.66 5.49
N GLY I 344 31.97 -36.50 4.53
CA GLY I 344 31.82 -36.08 3.15
C GLY I 344 30.82 -34.93 2.96
N PHE I 345 29.60 -35.08 3.45
CA PHE I 345 28.61 -34.01 3.22
C PHE I 345 28.77 -32.80 4.11
N VAL I 346 29.45 -32.99 5.25
CA VAL I 346 29.88 -31.84 6.06
C VAL I 346 30.81 -30.90 5.25
N ASP I 347 31.79 -31.49 4.55
CA ASP I 347 32.67 -30.73 3.67
C ASP I 347 31.87 -30.07 2.55
N LEU I 348 30.90 -30.80 1.98
CA LEU I 348 30.07 -30.22 0.93
C LEU I 348 29.20 -29.05 1.43
N MET I 349 28.84 -29.08 2.71
CA MET I 349 28.04 -28.02 3.32
C MET I 349 28.87 -26.78 3.66
N ARG I 350 30.10 -26.99 4.13
CA ARG I 350 30.91 -25.89 4.71
C ARG I 350 31.93 -25.26 3.76
N ASP I 351 32.53 -26.08 2.92
CA ASP I 351 33.72 -25.68 2.16
C ASP I 351 33.40 -25.02 0.82
N ASP I 352 34.42 -24.38 0.27
CA ASP I 352 34.27 -23.70 -1.01
C ASP I 352 34.52 -24.62 -2.22
N TYR I 353 35.37 -25.61 -2.04
CA TYR I 353 35.82 -26.49 -3.13
C TYR I 353 36.06 -27.89 -2.55
N VAL I 354 35.34 -28.87 -3.07
CA VAL I 354 35.45 -30.24 -2.54
C VAL I 354 35.75 -31.21 -3.67
N GLU I 355 36.94 -31.82 -3.62
CA GLU I 355 37.35 -32.77 -4.68
C GLU I 355 36.57 -34.04 -4.57
N LYS I 356 36.29 -34.64 -5.74
CA LYS I 356 35.72 -35.97 -5.83
C LYS I 356 36.45 -36.93 -4.88
N ASP I 357 35.68 -37.76 -4.16
CA ASP I 357 36.23 -38.70 -3.20
C ASP I 357 35.17 -39.75 -2.91
N ARG I 358 35.23 -40.86 -3.64
CA ARG I 358 34.21 -41.90 -3.52
C ARG I 358 34.20 -42.57 -2.14
N SER I 359 35.35 -42.56 -1.46
CA SER I 359 35.42 -43.15 -0.13
C SER I 359 34.59 -42.36 0.92
N ARG I 360 34.16 -41.15 0.53
CA ARG I 360 33.30 -40.37 1.39
C ARG I 360 31.94 -40.05 0.74
N GLY I 361 31.61 -40.79 -0.32
CA GLY I 361 30.40 -40.59 -1.07
C GLY I 361 30.34 -39.35 -1.95
N ILE I 362 31.47 -38.73 -2.24
CA ILE I 362 31.54 -37.57 -3.11
C ILE I 362 31.84 -38.01 -4.56
N TYR I 363 30.81 -37.99 -5.40
CA TYR I 363 30.89 -38.53 -6.75
C TYR I 363 31.43 -37.52 -7.73
N PHE I 364 31.28 -36.24 -7.41
CA PHE I 364 31.77 -35.16 -8.29
C PHE I 364 32.54 -34.13 -7.49
N THR I 365 33.57 -33.57 -8.11
CA THR I 365 34.21 -32.38 -7.58
C THR I 365 33.18 -31.24 -7.58
N GLN I 366 33.02 -30.57 -6.44
CA GLN I 366 32.06 -29.50 -6.27
C GLN I 366 32.75 -28.18 -5.99
N ASP I 367 32.50 -27.22 -6.85
CA ASP I 367 32.99 -25.85 -6.72
C ASP I 367 31.80 -24.95 -6.39
N TRP I 368 31.80 -24.41 -5.18
CA TRP I 368 30.75 -23.51 -4.73
C TRP I 368 30.96 -22.03 -5.06
N SER I 370 32.42 -19.35 -3.98
CA SER I 370 32.23 -18.41 -2.88
C SER I 370 30.85 -18.31 -2.24
N MET I 371 29.89 -19.13 -2.68
CA MET I 371 28.64 -19.22 -1.93
C MET I 371 28.98 -19.57 -0.46
N PRO I 372 28.39 -18.84 0.49
CA PRO I 372 28.70 -19.06 1.90
C PRO I 372 28.46 -20.51 2.33
N GLY I 373 29.22 -20.94 3.34
CA GLY I 373 29.12 -22.26 3.93
C GLY I 373 28.01 -22.30 4.95
N VAL I 374 27.43 -23.49 5.12
CA VAL I 374 26.33 -23.78 6.03
C VAL I 374 26.91 -24.45 7.27
N MET I 375 26.57 -23.95 8.43
CA MET I 375 26.97 -24.52 9.71
C MET I 375 26.27 -25.88 10.00
N PRO I 376 27.03 -26.95 10.15
CA PRO I 376 26.40 -28.26 10.47
C PRO I 376 25.93 -28.25 11.92
N VAL I 377 24.78 -28.87 12.15
CA VAL I 377 24.26 -28.99 13.50
C VAL I 377 24.11 -30.45 13.88
N ALA I 378 24.82 -30.84 14.94
CA ALA I 378 24.80 -32.22 15.41
C ALA I 378 23.82 -32.25 16.53
N SER I 379 22.76 -33.02 16.37
CA SER I 379 21.69 -33.06 17.36
C SER I 379 21.02 -34.41 17.35
N GLY I 380 20.65 -34.91 18.54
CA GLY I 380 19.77 -36.08 18.63
C GLY I 380 20.38 -37.24 19.42
N GLY I 381 19.98 -37.36 20.67
CA GLY I 381 20.37 -38.48 21.51
C GLY I 381 21.84 -38.41 21.87
N ILE I 382 22.40 -37.20 21.95
CA ILE I 382 23.77 -37.04 22.43
C ILE I 382 23.88 -36.49 23.85
N HIS I 383 24.97 -36.87 24.53
CA HIS I 383 25.22 -36.39 25.90
C HIS I 383 26.69 -36.15 26.14
N VAL I 384 27.04 -35.82 27.40
CA VAL I 384 28.38 -35.36 27.73
C VAL I 384 29.51 -36.31 27.29
N TRP I 385 29.27 -37.63 27.37
CA TRP I 385 30.30 -38.61 26.99
C TRP I 385 30.54 -38.62 25.48
N HIS I 386 29.59 -38.10 24.70
CA HIS I 386 29.80 -37.97 23.24
C HIS I 386 30.69 -36.76 22.87
N MET I 387 30.86 -35.82 23.81
CA MET I 387 31.52 -34.55 23.49
C MET I 387 32.88 -34.69 22.73
N PRO I 388 33.81 -35.52 23.22
CA PRO I 388 35.10 -35.70 22.52
C PRO I 388 34.92 -36.18 21.08
N ALA I 389 34.09 -37.19 20.87
CA ALA I 389 33.84 -37.67 19.52
C ALA I 389 33.22 -36.58 18.62
N LEU I 390 32.28 -35.80 19.17
CA LEU I 390 31.66 -34.71 18.41
C LEU I 390 32.69 -33.64 17.99
N VAL I 391 33.55 -33.21 18.92
CA VAL I 391 34.53 -32.18 18.66
C VAL I 391 35.56 -32.71 17.63
N GLU I 392 35.90 -33.98 17.76
CA GLU I 392 36.78 -34.65 16.81
C GLU I 392 36.19 -34.75 15.39
N ILE I 393 34.92 -35.14 15.28
CA ILE I 393 34.28 -35.28 13.96
C ILE I 393 34.08 -33.92 13.28
N PHE I 394 33.49 -32.97 14.01
CA PHE I 394 33.01 -31.71 13.40
C PHE I 394 33.98 -30.53 13.46
N GLY I 395 34.87 -30.51 14.46
CA GLY I 395 35.71 -29.35 14.69
C GLY I 395 34.90 -28.22 15.30
N ASP I 396 35.41 -27.00 15.21
CA ASP I 396 34.74 -25.86 15.83
C ASP I 396 33.53 -25.35 15.08
N ASP I 397 33.50 -25.53 13.75
CA ASP I 397 32.43 -24.94 12.95
C ASP I 397 31.23 -25.89 12.88
N ALA I 398 30.57 -26.00 14.03
CA ALA I 398 29.39 -26.81 14.18
C ALA I 398 28.62 -26.29 15.37
N CYS I 399 27.35 -26.63 15.43
CA CYS I 399 26.58 -26.39 16.61
C CYS I 399 26.18 -27.75 17.16
N LEU I 400 26.45 -27.98 18.44
CA LEU I 400 26.12 -29.27 19.03
C LEU I 400 24.90 -29.09 19.96
N GLN I 401 23.85 -29.87 19.74
CA GLN I 401 22.59 -29.64 20.47
C GLN I 401 22.23 -30.79 21.40
N PHE I 402 21.87 -30.41 22.63
CA PHE I 402 21.57 -31.36 23.70
C PHE I 402 20.22 -31.00 24.30
N GLY I 403 19.16 -31.65 23.81
CA GLY I 403 17.82 -31.40 24.34
C GLY I 403 17.59 -32.24 25.57
N GLY I 404 17.34 -33.52 25.37
CA GLY I 404 17.33 -34.49 26.44
C GLY I 404 18.58 -34.39 27.27
N GLY I 405 19.73 -34.15 26.63
CA GLY I 405 20.99 -34.04 27.36
C GLY I 405 21.13 -32.82 28.23
N THR I 406 20.11 -31.96 28.23
CA THR I 406 20.08 -30.79 29.12
C THR I 406 18.90 -30.87 30.06
N LEU I 407 17.70 -31.02 29.49
CA LEU I 407 16.47 -31.01 30.26
C LEU I 407 16.28 -32.33 30.98
N GLY I 408 17.17 -33.29 30.67
CA GLY I 408 17.21 -34.57 31.38
C GLY I 408 18.22 -34.65 32.52
N HIS I 409 18.97 -33.56 32.72
CA HIS I 409 19.91 -33.47 33.86
C HIS I 409 19.18 -33.51 35.20
N PRO I 410 19.65 -34.30 36.17
CA PRO I 410 18.92 -34.47 37.44
C PRO I 410 18.75 -33.18 38.25
N TRP I 411 19.55 -32.16 37.95
CA TRP I 411 19.46 -30.92 38.72
C TRP I 411 18.70 -29.80 37.99
N GLY I 412 18.22 -30.09 36.79
CA GLY I 412 17.52 -29.08 36.03
C GLY I 412 18.35 -28.47 34.91
N ASN I 413 17.76 -27.48 34.23
CA ASN I 413 18.30 -26.97 32.97
C ASN I 413 19.62 -26.21 33.09
N ALA I 414 19.73 -25.31 34.06
CA ALA I 414 20.97 -24.52 34.20
C ALA I 414 22.20 -25.37 34.52
N PRO I 415 22.11 -26.27 35.50
CA PRO I 415 23.17 -27.27 35.71
C PRO I 415 23.47 -28.15 34.47
N GLY I 416 22.41 -28.60 33.79
CA GLY I 416 22.50 -29.36 32.55
C GLY I 416 23.31 -28.63 31.49
N ALA I 417 22.99 -27.35 31.29
CA ALA I 417 23.66 -26.51 30.33
C ALA I 417 25.12 -26.36 30.70
N ALA I 418 25.36 -26.08 31.99
CA ALA I 418 26.70 -25.89 32.52
C ALA I 418 27.55 -27.13 32.24
N ALA I 419 26.98 -28.30 32.49
CA ALA I 419 27.68 -29.56 32.27
C ALA I 419 28.13 -29.73 30.82
N ASN I 420 27.21 -29.45 29.90
CA ASN I 420 27.50 -29.45 28.48
C ASN I 420 28.57 -28.43 28.10
N ARG I 421 28.47 -27.21 28.61
CA ARG I 421 29.46 -26.15 28.31
C ARG I 421 30.88 -26.50 28.86
N VAL I 422 30.94 -27.01 30.09
CA VAL I 422 32.21 -27.46 30.66
C VAL I 422 32.84 -28.57 29.81
N ALA I 423 32.02 -29.59 29.48
CA ALA I 423 32.49 -30.68 28.63
C ALA I 423 33.04 -30.16 27.30
N LEU I 424 32.32 -29.23 26.67
CA LEU I 424 32.77 -28.71 25.37
C LEU I 424 34.08 -27.96 25.51
N GLU I 425 34.15 -27.11 26.52
CA GLU I 425 35.35 -26.30 26.75
C GLU I 425 36.54 -27.13 27.14
N ALA I 426 36.33 -28.19 27.92
CA ALA I 426 37.43 -29.08 28.35
C ALA I 426 38.01 -29.80 27.14
N CYS I 427 37.12 -30.31 26.27
CA CYS I 427 37.54 -30.97 25.02
C CYS I 427 38.25 -30.02 24.07
N THR I 428 37.74 -28.80 23.97
CA THR I 428 38.35 -27.79 23.11
C THR I 428 39.76 -27.46 23.56
N GLN I 429 39.89 -27.19 24.86
CA GLN I 429 41.17 -26.88 25.44
C GLN I 429 42.16 -28.01 25.18
N ALA I 430 41.77 -29.24 25.52
CA ALA I 430 42.61 -30.41 25.36
C ALA I 430 43.09 -30.58 23.93
N ARG I 431 42.17 -30.45 22.97
CA ARG I 431 42.54 -30.45 21.55
C ARG I 431 43.59 -29.41 21.23
N ASN I 432 43.33 -28.16 21.64
CA ASN I 432 44.26 -27.06 21.38
C ASN I 432 45.62 -27.34 21.98
N GLU I 433 45.65 -28.11 23.06
CA GLU I 433 46.89 -28.48 23.74
C GLU I 433 47.63 -29.64 23.08
N GLY I 434 47.07 -30.20 21.99
CA GLY I 434 47.70 -31.30 21.29
C GLY I 434 47.24 -32.70 21.67
N ARG I 435 46.29 -32.80 22.60
CA ARG I 435 45.72 -34.10 22.96
C ARG I 435 44.87 -34.68 21.84
N ASP I 436 44.93 -35.99 21.70
CA ASP I 436 44.19 -36.71 20.67
C ASP I 436 42.84 -37.09 21.26
N LEU I 437 41.78 -36.42 20.81
CA LEU I 437 40.45 -36.67 21.38
C LEU I 437 39.89 -38.05 21.03
N ALA I 438 40.26 -38.58 19.87
CA ALA I 438 39.84 -39.94 19.48
C ALA I 438 40.35 -40.98 20.49
N ARG I 439 41.53 -40.73 21.04
CA ARG I 439 42.17 -41.69 21.94
C ARG I 439 42.06 -41.33 23.42
N GLU I 440 42.12 -40.03 23.74
CA GLU I 440 42.16 -39.61 25.14
C GLU I 440 40.87 -38.92 25.59
N GLY I 441 39.82 -39.02 24.78
CA GLY I 441 38.58 -38.32 25.06
C GLY I 441 37.92 -38.70 26.37
N GLY I 442 37.88 -40.01 26.63
CA GLY I 442 37.41 -40.54 27.89
C GLY I 442 38.13 -39.90 29.07
N ASP I 443 39.46 -39.82 29.00
CA ASP I 443 40.26 -39.19 30.06
C ASP I 443 39.93 -37.70 30.26
N VAL I 444 39.74 -36.96 29.15
CA VAL I 444 39.35 -35.55 29.23
C VAL I 444 38.04 -35.40 30.00
N ILE I 445 37.04 -36.21 29.65
CA ILE I 445 35.73 -36.12 30.27
C ILE I 445 35.81 -36.53 31.72
N ARG I 446 36.52 -37.63 32.00
CA ARG I 446 36.68 -38.10 33.37
C ARG I 446 37.29 -37.02 34.27
N SER I 447 38.35 -36.35 33.82
CA SER I 447 38.97 -35.26 34.58
C SER I 447 37.96 -34.15 34.83
N ALA I 448 37.25 -33.77 33.78
CA ALA I 448 36.27 -32.69 33.87
C ALA I 448 35.13 -33.05 34.85
N CYS I 449 34.64 -34.29 34.82
CA CYS I 449 33.65 -34.76 35.81
C CYS I 449 34.11 -34.61 37.25
N LYS I 450 35.38 -34.94 37.52
CA LYS I 450 35.91 -34.84 38.87
C LYS I 450 35.98 -33.40 39.34
N TRP I 451 36.26 -32.50 38.40
CA TRP I 451 36.35 -31.07 38.71
C TRP I 451 34.98 -30.37 38.88
N SER I 452 34.04 -30.64 37.99
CA SER I 452 32.76 -29.92 37.96
C SER I 452 31.61 -30.81 38.47
N PRO I 453 31.00 -30.44 39.61
CA PRO I 453 29.87 -31.22 40.17
C PRO I 453 28.68 -31.30 39.22
N GLU I 454 28.39 -30.22 38.47
CA GLU I 454 27.31 -30.24 37.48
C GLU I 454 27.55 -31.30 36.41
N LEU I 455 28.79 -31.35 35.91
CA LEU I 455 29.15 -32.32 34.89
C LEU I 455 29.14 -33.75 35.45
N ALA I 456 29.70 -33.92 36.65
CA ALA I 456 29.73 -35.21 37.34
C ALA I 456 28.34 -35.85 37.40
N ALA I 457 27.34 -35.05 37.76
CA ALA I 457 25.95 -35.52 37.80
C ALA I 457 25.46 -36.01 36.44
N ALA I 458 25.87 -35.34 35.36
CA ALA I 458 25.57 -35.81 33.99
C ALA I 458 26.35 -37.06 33.63
N CYS I 459 27.63 -37.08 33.99
CA CYS I 459 28.48 -38.23 33.69
C CYS I 459 27.85 -39.51 34.27
N GLU I 460 27.48 -39.45 35.54
CA GLU I 460 26.87 -40.59 36.22
C GLU I 460 25.57 -41.09 35.54
N VAL I 461 24.65 -40.18 35.22
CA VAL I 461 23.32 -40.57 34.74
C VAL I 461 23.34 -41.26 33.38
N TRP I 462 24.24 -40.81 32.49
CA TRP I 462 24.30 -41.28 31.11
C TRP I 462 25.53 -42.13 30.77
N LYS I 463 26.32 -42.46 31.79
CA LYS I 463 27.53 -43.27 31.64
C LYS I 463 27.37 -44.46 30.68
N GLU I 464 26.31 -45.23 30.83
CA GLU I 464 26.21 -46.47 30.07
C GLU I 464 25.55 -46.30 28.68
N ILE I 465 25.12 -45.09 28.36
CA ILE I 465 24.19 -44.90 27.25
C ILE I 465 24.91 -44.72 25.93
N LYS I 466 24.67 -45.65 25.02
CA LYS I 466 25.29 -45.67 23.69
C LYS I 466 24.24 -45.99 22.65
N PHE I 467 24.49 -45.57 21.41
CA PHE I 467 23.61 -45.92 20.28
C PHE I 467 24.47 -46.54 19.18
N GLU I 468 24.41 -47.88 19.12
CA GLU I 468 25.22 -48.66 18.19
C GLU I 468 24.38 -49.74 17.50
N PHE I 469 24.18 -49.55 16.19
CA PHE I 469 23.27 -50.38 15.44
C PHE I 469 23.88 -50.53 14.08
N ASP I 470 23.40 -51.53 13.34
CA ASP I 470 23.84 -51.75 11.97
C ASP I 470 23.37 -50.57 11.09
N THR I 471 24.28 -50.06 10.26
CA THR I 471 23.99 -48.93 9.40
C THR I 471 23.25 -49.33 8.12
N ILE I 472 22.14 -48.64 7.83
CA ILE I 472 21.42 -48.86 6.59
C ILE I 472 22.06 -48.07 5.45
N ASP I 473 22.30 -46.78 5.68
CA ASP I 473 22.83 -45.90 4.64
C ASP I 473 24.36 -46.03 4.52
N LYS I 474 24.80 -47.19 3.98
CA LYS I 474 26.21 -47.50 3.78
C LYS I 474 26.62 -47.07 2.37
N LEU I 475 27.85 -46.62 2.22
CA LEU I 475 28.39 -46.26 0.90
C LEU I 475 28.15 -47.29 -0.20
N MET J 1 56.12 1.21 17.80
CA MET J 1 54.65 1.38 17.59
C MET J 1 54.04 1.88 18.89
N MET J 2 53.41 3.04 18.84
CA MET J 2 52.66 3.53 19.98
C MET J 2 51.16 3.32 19.76
N VAL J 3 50.44 3.04 20.84
CA VAL J 3 49.03 2.70 20.79
C VAL J 3 48.19 3.88 21.23
N TRP J 4 47.28 4.34 20.37
CA TRP J 4 46.43 5.49 20.67
C TRP J 4 45.40 5.10 21.74
N THR J 5 45.42 5.77 22.90
CA THR J 5 44.56 5.31 24.00
C THR J 5 43.06 5.61 23.81
N PRO J 6 42.20 4.60 24.04
CA PRO J 6 40.75 4.78 24.03
C PRO J 6 40.24 5.33 25.35
N VAL J 7 41.12 5.43 26.35
CA VAL J 7 40.70 5.74 27.70
C VAL J 7 40.83 7.23 27.99
N ASN J 8 39.72 7.84 28.43
CA ASN J 8 39.65 9.25 28.79
C ASN J 8 40.44 10.12 27.82
N ASN J 9 40.10 10.01 26.53
CA ASN J 9 40.83 10.70 25.47
C ASN J 9 39.88 11.58 24.63
N LYS J 10 38.88 12.17 25.29
CA LYS J 10 37.89 13.00 24.59
C LYS J 10 38.51 14.22 23.95
N MET J 11 37.96 14.58 22.79
CA MET J 11 38.41 15.71 21.96
C MET J 11 37.28 16.70 21.80
N PHE J 12 37.60 17.91 21.35
CA PHE J 12 36.63 18.99 21.34
C PHE J 12 36.70 19.82 20.09
N GLU J 13 36.79 19.11 18.97
CA GLU J 13 36.80 19.71 17.64
C GLU J 13 38.03 20.59 17.40
N THR J 14 37.92 21.63 16.61
CA THR J 14 39.08 22.35 16.08
C THR J 14 40.16 22.79 17.07
N PHE J 15 41.39 22.30 16.81
CA PHE J 15 42.61 22.55 17.58
C PHE J 15 42.83 21.62 18.78
N SER J 16 41.88 20.71 19.07
CA SER J 16 42.08 19.78 20.20
C SER J 16 43.24 18.81 20.03
N TYR J 17 43.70 18.58 18.80
CA TYR J 17 44.83 17.68 18.61
C TYR J 17 46.18 18.38 18.70
N LEU J 18 46.15 19.69 18.94
CA LEU J 18 47.36 20.51 19.07
C LEU J 18 47.69 20.68 20.56
N PRO J 19 48.88 21.21 20.91
CA PRO J 19 49.14 21.59 22.30
C PRO J 19 48.11 22.63 22.74
N PRO J 20 47.79 22.73 24.03
CA PRO J 20 46.82 23.74 24.51
C PRO J 20 47.23 25.14 24.04
N LEU J 21 46.25 25.95 23.65
CA LEU J 21 46.54 27.26 23.09
C LEU J 21 47.04 28.20 24.17
N THR J 22 48.15 28.86 23.90
CA THR J 22 48.65 29.92 24.78
C THR J 22 47.78 31.18 24.64
N ASP J 23 47.97 32.12 25.56
CA ASP J 23 47.29 33.41 25.47
C ASP J 23 47.61 34.12 24.17
N GLU J 24 48.88 34.06 23.76
CA GLU J 24 49.33 34.62 22.49
C GLU J 24 48.66 33.95 21.28
N GLN J 25 48.51 32.64 21.34
CA GLN J 25 47.83 31.88 20.29
C GLN J 25 46.34 32.20 20.18
N ILE J 26 45.66 32.32 21.32
CA ILE J 26 44.26 32.75 21.34
C ILE J 26 44.15 34.13 20.74
N ALA J 27 45.03 35.05 21.15
CA ALA J 27 45.01 36.42 20.65
C ALA J 27 45.19 36.45 19.13
N ALA J 28 46.06 35.57 18.61
CA ALA J 28 46.29 35.51 17.17
C ALA J 28 45.02 35.06 16.43
N GLN J 29 44.26 34.15 17.03
CA GLN J 29 42.99 33.70 16.45
C GLN J 29 41.99 34.84 16.40
N VAL J 30 41.95 35.64 17.45
CA VAL J 30 41.05 36.79 17.54
C VAL J 30 41.42 37.83 16.49
N ASP J 31 42.72 38.03 16.28
CA ASP J 31 43.20 38.92 15.20
C ASP J 31 42.68 38.44 13.85
N TYR J 32 42.71 37.12 13.64
CA TYR J 32 42.24 36.51 12.41
C TYR J 32 40.75 36.81 12.20
N ILE J 33 39.91 36.65 13.24
CA ILE J 33 38.50 37.05 13.19
C ILE J 33 38.32 38.51 12.74
N VAL J 34 39.01 39.41 13.44
CA VAL J 34 38.91 40.84 13.16
C VAL J 34 39.38 41.16 11.74
N ALA J 35 40.50 40.60 11.32
CA ALA J 35 41.07 40.91 10.00
C ALA J 35 40.08 40.53 8.93
N ASN J 36 39.28 39.50 9.18
CA ASN J 36 38.36 39.00 8.15
C ASN J 36 36.95 39.59 8.23
N GLY J 37 36.70 40.41 9.25
CA GLY J 37 35.41 41.06 9.42
C GLY J 37 34.29 40.15 9.92
N TRP J 38 34.65 39.03 10.54
CA TRP J 38 33.65 38.09 11.05
C TRP J 38 33.09 38.53 12.39
N ILE J 39 31.97 37.95 12.78
CA ILE J 39 31.29 38.30 14.02
C ILE J 39 31.69 37.37 15.17
N PRO J 40 32.41 37.89 16.16
CA PRO J 40 32.82 37.09 17.31
C PRO J 40 31.62 36.77 18.19
N CYS J 41 31.63 35.60 18.81
CA CYS J 41 30.57 35.25 19.78
C CYS J 41 31.13 34.22 20.76
N LEU J 42 30.65 34.29 21.99
CA LEU J 42 31.02 33.30 22.99
C LEU J 42 29.82 32.43 23.32
N GLU J 43 30.09 31.15 23.58
CA GLU J 43 29.08 30.18 23.98
C GLU J 43 29.64 29.32 25.08
N PHE J 44 28.77 28.82 25.94
CA PHE J 44 29.20 28.04 27.07
C PHE J 44 28.21 26.93 27.45
N ALA J 45 28.70 25.95 28.22
CA ALA J 45 27.88 24.80 28.60
C ALA J 45 28.52 24.10 29.79
N GLU J 46 27.67 23.50 30.62
CA GLU J 46 28.12 22.66 31.71
C GLU J 46 28.82 21.39 31.17
N HIS J 47 28.23 20.79 30.15
CA HIS J 47 28.72 19.53 29.60
C HIS J 47 28.90 19.63 28.10
N SER J 48 29.79 18.81 27.55
CA SER J 48 30.00 18.78 26.11
C SER J 48 29.79 17.36 25.59
N ASN J 49 28.69 17.17 24.86
CA ASN J 49 28.39 15.89 24.20
C ASN J 49 28.26 16.07 22.69
N PRO J 50 28.87 15.17 21.93
CA PRO J 50 28.83 15.26 20.46
C PRO J 50 27.40 15.34 19.91
N GLU J 51 26.44 14.69 20.57
CA GLU J 51 25.03 14.70 20.16
C GLU J 51 24.31 16.04 20.38
N GLU J 52 24.86 16.89 21.24
CA GLU J 52 24.21 18.17 21.62
C GLU J 52 24.66 19.35 20.74
N PHE J 53 23.77 19.80 19.87
CA PHE J 53 24.05 20.88 18.92
C PHE J 53 24.25 22.25 19.55
N TYR J 54 23.31 22.68 20.40
CA TYR J 54 23.35 24.05 20.92
C TYR J 54 24.03 24.16 22.28
N TRP J 55 24.83 25.21 22.43
CA TRP J 55 25.25 25.67 23.75
C TRP J 55 24.52 26.97 24.05
N THR J 56 24.78 27.53 25.22
CA THR J 56 24.17 28.77 25.64
C THR J 56 25.01 29.94 25.15
N MET J 57 24.35 30.93 24.57
CA MET J 57 25.02 32.14 24.10
C MET J 57 25.44 33.02 25.30
N TRP J 58 26.69 33.49 25.26
CA TRP J 58 27.09 34.51 26.22
C TRP J 58 26.68 35.85 25.63
N LYS J 59 25.70 36.51 26.24
CA LYS J 59 25.18 37.80 25.77
C LYS J 59 24.66 37.71 24.34
N LEU J 60 25.25 38.50 23.44
CA LEU J 60 24.87 38.48 22.02
C LEU J 60 26.14 38.43 21.19
N PRO J 61 26.05 38.01 19.92
CA PRO J 61 27.20 38.08 19.02
C PRO J 61 27.66 39.53 18.94
N MET J 62 28.97 39.73 18.82
CA MET J 62 29.53 41.07 18.93
C MET J 62 29.50 41.81 17.58
N PHE J 63 28.28 42.13 17.12
CA PHE J 63 28.09 42.76 15.82
C PHE J 63 28.82 44.10 15.76
N GLY J 64 29.52 44.33 14.65
CA GLY J 64 30.28 45.55 14.44
C GLY J 64 31.59 45.62 15.20
N CYS J 65 31.92 44.61 16.01
CA CYS J 65 33.16 44.66 16.77
C CYS J 65 34.40 44.47 15.89
N ARG J 66 35.28 45.47 15.91
CA ARG J 66 36.55 45.43 15.17
C ARG J 66 37.74 45.57 16.12
N ASP J 67 37.48 45.31 17.40
CA ASP J 67 38.47 45.53 18.44
C ASP J 67 38.81 44.21 19.17
N PRO J 68 39.98 43.63 18.87
CA PRO J 68 40.38 42.36 19.50
C PRO J 68 40.40 42.42 21.04
N MET J 69 40.72 43.57 21.61
CA MET J 69 40.79 43.71 23.07
C MET J 69 39.41 43.51 23.69
N GLN J 70 38.38 44.01 23.01
CA GLN J 70 36.98 43.85 23.42
C GLN J 70 36.61 42.37 23.48
N VAL J 71 37.02 41.62 22.45
CA VAL J 71 36.75 40.17 22.41
C VAL J 71 37.45 39.47 23.56
N LEU J 72 38.73 39.78 23.75
CA LEU J 72 39.50 39.17 24.86
C LEU J 72 38.92 39.48 26.24
N ARG J 73 38.39 40.69 26.42
CA ARG J 73 37.72 41.08 27.66
C ARG J 73 36.41 40.28 27.90
N GLU J 74 35.68 39.98 26.83
CA GLU J 74 34.45 39.18 26.97
C GLU J 74 34.76 37.74 27.32
N ILE J 75 35.86 37.22 26.80
CA ILE J 75 36.36 35.90 27.20
C ILE J 75 36.58 35.87 28.71
N VAL J 76 37.30 36.88 29.22
CA VAL J 76 37.56 36.99 30.67
C VAL J 76 36.23 37.09 31.43
N ALA J 77 35.32 37.95 30.97
CA ALA J 77 34.03 38.11 31.66
C ALA J 77 33.20 36.82 31.67
N CYS J 78 33.14 36.12 30.53
CA CYS J 78 32.37 34.87 30.42
C CYS J 78 32.93 33.77 31.32
N THR J 79 34.25 33.57 31.26
CA THR J 79 34.90 32.56 32.10
C THR J 79 34.86 32.88 33.58
N LYS J 80 34.82 34.17 33.92
CA LYS J 80 34.68 34.60 35.31
C LYS J 80 33.28 34.23 35.83
N ALA J 81 32.25 34.48 35.02
CA ALA J 81 30.88 34.17 35.43
C ALA J 81 30.61 32.66 35.46
N PHE J 82 31.31 31.91 34.61
CA PHE J 82 31.15 30.46 34.55
C PHE J 82 32.49 29.74 34.58
N PRO J 83 33.12 29.70 35.77
CA PRO J 83 34.50 29.22 35.88
C PRO J 83 34.62 27.70 35.73
N ASP J 84 33.50 26.99 35.80
CA ASP J 84 33.51 25.53 35.70
C ASP J 84 32.97 25.02 34.35
N ALA J 85 32.58 25.93 33.47
CA ALA J 85 31.93 25.60 32.21
C ALA J 85 32.90 25.39 31.05
N TYR J 86 32.46 24.63 30.06
CA TYR J 86 33.09 24.66 28.76
C TYR J 86 32.76 26.01 28.16
N VAL J 87 33.77 26.66 27.60
CA VAL J 87 33.54 27.94 26.93
C VAL J 87 34.26 27.90 25.60
N ARG J 88 33.57 28.33 24.55
CA ARG J 88 34.18 28.39 23.24
C ARG J 88 34.02 29.75 22.60
N LEU J 89 35.03 30.12 21.82
CA LEU J 89 34.97 31.33 21.00
C LEU J 89 34.62 30.88 19.60
N VAL J 90 33.62 31.53 19.01
CA VAL J 90 33.20 31.23 17.65
C VAL J 90 33.12 32.54 16.89
N ALA J 91 33.02 32.45 15.56
CA ALA J 91 32.80 33.63 14.75
C ALA J 91 31.87 33.28 13.60
N PHE J 92 31.04 34.24 13.22
CA PHE J 92 30.04 34.03 12.18
C PHE J 92 30.37 34.85 10.95
N ASP J 93 30.08 34.30 9.79
CA ASP J 93 30.12 35.02 8.53
C ASP J 93 28.65 35.22 8.13
N ASN J 94 28.19 36.47 8.03
CA ASN J 94 26.78 36.72 7.72
C ASN J 94 26.42 36.63 6.24
N GLN J 95 27.44 36.55 5.39
CA GLN J 95 27.27 36.45 3.93
C GLN J 95 26.92 35.03 3.56
N LYS J 96 27.70 34.09 4.06
CA LYS J 96 27.42 32.67 3.87
C LYS J 96 26.43 32.17 4.93
N GLN J 97 26.14 33.02 5.92
CA GLN J 97 25.35 32.65 7.10
C GLN J 97 25.72 31.30 7.70
N VAL J 98 26.93 31.24 8.24
CA VAL J 98 27.46 30.05 8.87
C VAL J 98 28.57 30.42 9.83
N GLN J 99 28.79 29.56 10.80
CA GLN J 99 29.91 29.70 11.70
C GLN J 99 31.17 29.38 10.94
N ILE J 100 32.19 30.21 11.09
CA ILE J 100 33.34 30.12 10.21
C ILE J 100 34.61 29.71 10.96
N MET J 101 34.55 29.82 12.29
CA MET J 101 35.62 29.34 13.15
C MET J 101 35.05 29.03 14.54
N GLY J 102 35.81 28.27 15.31
CA GLY J 102 35.41 27.96 16.67
C GLY J 102 36.38 27.02 17.35
N PHE J 103 36.64 27.28 18.63
CA PHE J 103 37.51 26.45 19.44
C PHE J 103 37.26 26.74 20.91
N LEU J 104 37.63 25.77 21.76
CA LEU J 104 37.49 25.89 23.20
C LEU J 104 38.47 26.88 23.77
N VAL J 105 38.01 27.72 24.70
CA VAL J 105 38.92 28.57 25.47
C VAL J 105 38.90 28.23 26.98
N GLN J 106 38.00 27.35 27.39
CA GLN J 106 37.97 26.84 28.77
C GLN J 106 37.29 25.48 28.83
N ARG J 107 37.78 24.61 29.70
CA ARG J 107 37.11 23.36 30.06
C ARG J 107 36.95 23.33 31.58
N PRO J 108 36.02 22.52 32.11
CA PRO J 108 35.90 22.36 33.56
C PRO J 108 37.21 21.81 34.13
N LYS J 109 37.58 22.23 35.34
CA LYS J 109 38.79 21.72 35.98
C LYS J 109 38.56 20.33 36.53
N THR J 110 37.30 20.01 36.87
CA THR J 110 36.92 18.70 37.43
C THR J 110 36.92 17.57 36.39
N ALA J 111 37.08 17.97 35.13
CA ALA J 111 37.15 17.06 34.00
C ALA J 111 38.47 16.29 33.96
N ARG J 112 38.34 14.97 33.94
CA ARG J 112 39.50 14.07 33.77
C ARG J 112 39.24 13.11 32.60
N ASP J 113 38.37 13.53 31.69
CA ASP J 113 37.97 12.68 30.55
C ASP J 113 38.79 12.91 29.26
N PHE J 114 39.83 13.75 29.35
CA PHE J 114 40.77 13.98 28.24
C PHE J 114 42.23 13.83 28.72
N GLN J 115 43.13 13.60 27.77
CA GLN J 115 44.56 13.38 28.05
C GLN J 115 45.41 14.60 27.66
N PRO J 116 46.46 14.89 28.44
CA PRO J 116 47.54 15.76 27.98
C PRO J 116 48.18 15.18 26.71
N ALA J 117 48.74 16.03 25.86
CA ALA J 117 49.27 15.62 24.55
C ALA J 117 50.21 14.40 24.55
N ASN J 118 51.14 14.35 25.50
CA ASN J 118 52.12 13.25 25.58
C ASN J 118 51.61 11.95 26.23
N LYS J 119 50.32 11.94 26.62
CA LYS J 119 49.67 10.77 27.21
C LYS J 119 48.57 10.19 26.30
N ARG J 120 48.50 10.66 25.05
CA ARG J 120 47.49 10.20 24.09
C ARG J 120 47.79 8.84 23.47
N SER J 121 49.06 8.45 23.50
CA SER J 121 49.50 7.13 23.04
C SER J 121 50.45 6.46 24.06
N VAL J 122 50.43 5.14 24.10
CA VAL J 122 51.20 4.37 25.09
C VAL J 122 52.09 3.30 24.45
N THR K 7 -60.62 22.30 -17.81
CA THR K 7 -60.21 22.61 -16.40
C THR K 7 -59.05 23.62 -16.37
N LYS K 8 -59.06 24.46 -15.34
CA LYS K 8 -58.15 25.60 -15.21
C LYS K 8 -56.69 25.21 -14.89
N ALA K 9 -55.75 25.70 -15.71
CA ALA K 9 -54.32 25.47 -15.52
C ALA K 9 -53.78 26.13 -14.23
N GLY K 10 -53.04 25.33 -13.45
CA GLY K 10 -52.29 25.83 -12.32
C GLY K 10 -50.97 26.45 -12.77
N ALA K 11 -50.07 26.70 -11.82
CA ALA K 11 -48.77 27.32 -12.09
C ALA K 11 -47.92 26.54 -13.11
N GLY K 12 -47.64 27.18 -14.25
CA GLY K 12 -46.88 26.57 -15.31
C GLY K 12 -45.54 27.25 -15.54
N PHE K 13 -44.81 26.77 -16.56
CA PHE K 13 -43.54 27.39 -16.93
C PHE K 13 -43.80 28.61 -17.81
N LYS K 14 -43.27 29.76 -17.39
CA LYS K 14 -43.38 30.97 -18.22
C LYS K 14 -41.99 31.52 -18.43
N ALA K 15 -41.53 31.47 -19.67
CA ALA K 15 -40.18 31.91 -19.99
C ALA K 15 -40.04 33.42 -19.82
N GLY K 16 -38.85 33.87 -19.41
CA GLY K 16 -38.59 35.28 -19.33
C GLY K 16 -38.11 35.73 -17.98
N VAL K 17 -37.70 36.99 -17.92
CA VAL K 17 -37.21 37.62 -16.73
C VAL K 17 -38.33 38.24 -15.91
N LYS K 18 -38.30 37.98 -14.61
CA LYS K 18 -39.17 38.66 -13.65
C LYS K 18 -38.29 39.08 -12.46
N ASP K 19 -38.85 39.87 -11.56
CA ASP K 19 -38.13 40.37 -10.40
C ASP K 19 -37.81 39.22 -9.46
N TYR K 20 -36.61 39.24 -8.87
CA TYR K 20 -36.26 38.21 -7.88
C TYR K 20 -37.21 38.26 -6.69
N ARG K 21 -37.65 39.46 -6.31
CA ARG K 21 -38.46 39.65 -5.11
C ARG K 21 -39.77 38.84 -5.12
N LEU K 22 -40.27 38.54 -6.32
CA LEU K 22 -41.49 37.74 -6.48
C LEU K 22 -41.38 36.33 -5.89
N THR K 23 -40.16 35.81 -5.80
CA THR K 23 -39.94 34.46 -5.29
C THR K 23 -39.09 34.50 -3.99
N TYR K 24 -38.18 35.46 -3.89
CA TYR K 24 -37.06 35.39 -2.93
C TYR K 24 -37.12 36.44 -1.79
N TYR K 25 -38.07 37.36 -1.87
CA TYR K 25 -38.36 38.21 -0.72
C TYR K 25 -39.61 37.68 0.01
N THR K 26 -39.39 37.13 1.21
CA THR K 26 -40.47 36.55 2.00
C THR K 26 -40.47 37.12 3.42
N PRO K 27 -40.95 38.36 3.59
CA PRO K 27 -40.88 39.04 4.89
C PRO K 27 -41.72 38.40 6.01
N ASP K 28 -42.60 37.47 5.68
CA ASP K 28 -43.42 36.78 6.69
C ASP K 28 -42.90 35.37 7.01
N TYR K 29 -41.75 35.01 6.42
CA TYR K 29 -41.13 33.72 6.71
C TYR K 29 -40.71 33.60 8.20
N VAL K 30 -41.07 32.49 8.81
CA VAL K 30 -40.65 32.19 10.17
C VAL K 30 -39.41 31.28 10.03
N VAL K 31 -38.26 31.75 10.51
CA VAL K 31 -37.04 30.96 10.34
C VAL K 31 -37.11 29.64 11.14
N ARG K 32 -36.57 28.60 10.55
CA ARG K 32 -36.50 27.29 11.19
C ARG K 32 -35.19 27.18 11.97
N ASP K 33 -35.18 26.35 13.00
CA ASP K 33 -34.01 26.27 13.88
C ASP K 33 -32.84 25.54 13.20
N THR K 34 -33.09 24.92 12.05
CA THR K 34 -32.01 24.28 11.27
C THR K 34 -31.51 25.16 10.11
N ASP K 35 -32.13 26.33 9.92
CA ASP K 35 -31.72 27.21 8.82
C ASP K 35 -30.36 27.82 9.12
N ILE K 36 -29.55 28.01 8.10
CA ILE K 36 -28.34 28.83 8.22
C ILE K 36 -28.81 30.26 7.92
N LEU K 37 -28.55 31.21 8.82
CA LEU K 37 -28.90 32.61 8.61
C LEU K 37 -27.69 33.47 8.27
N ALA K 38 -27.88 34.44 7.38
CA ALA K 38 -26.80 35.37 7.02
C ALA K 38 -27.28 36.81 7.18
N ALA K 39 -26.43 37.67 7.73
CA ALA K 39 -26.68 39.10 7.77
C ALA K 39 -25.74 39.79 6.80
N PHE K 40 -26.28 40.32 5.71
CA PHE K 40 -25.49 41.03 4.69
C PHE K 40 -25.71 42.54 4.84
N ARG K 41 -24.60 43.28 4.94
CA ARG K 41 -24.65 44.72 4.83
C ARG K 41 -24.57 45.08 3.34
N MET K 42 -25.71 45.53 2.81
CA MET K 42 -25.94 45.62 1.38
C MET K 42 -26.13 47.11 0.91
N THR K 43 -25.41 47.49 -0.16
CA THR K 43 -25.50 48.83 -0.74
C THR K 43 -25.97 48.71 -2.19
N PRO K 44 -27.27 48.93 -2.41
CA PRO K 44 -27.84 48.77 -3.76
C PRO K 44 -27.43 49.90 -4.67
N GLN K 45 -27.44 49.62 -5.97
CA GLN K 45 -27.24 50.64 -6.99
C GLN K 45 -28.48 51.54 -6.96
N PRO K 46 -28.36 52.80 -7.41
CA PRO K 46 -29.52 53.68 -7.53
C PRO K 46 -30.61 53.01 -8.37
N GLY K 47 -31.85 53.09 -7.90
CA GLY K 47 -32.98 52.58 -8.67
C GLY K 47 -33.29 51.11 -8.43
N VAL K 48 -32.42 50.43 -7.68
CA VAL K 48 -32.68 49.07 -7.29
C VAL K 48 -33.30 49.08 -5.88
N PRO K 49 -34.58 48.73 -5.76
CA PRO K 49 -35.22 48.70 -4.45
C PRO K 49 -34.50 47.69 -3.54
N PRO K 50 -34.35 48.03 -2.25
CA PRO K 50 -33.65 47.14 -1.30
C PRO K 50 -34.24 45.73 -1.26
N GLU K 51 -35.56 45.62 -1.41
CA GLU K 51 -36.23 44.33 -1.42
C GLU K 51 -35.77 43.48 -2.61
N GLU K 52 -35.57 44.12 -3.76
CA GLU K 52 -35.13 43.43 -4.96
C GLU K 52 -33.65 43.04 -4.83
N CYS K 53 -32.87 43.92 -4.23
CA CYS K 53 -31.46 43.67 -3.97
C CYS K 53 -31.27 42.50 -2.99
N GLY K 54 -32.01 42.50 -1.89
CA GLY K 54 -31.96 41.42 -0.92
C GLY K 54 -32.41 40.09 -1.50
N ALA K 55 -33.45 40.15 -2.33
CA ALA K 55 -33.96 38.99 -3.04
C ALA K 55 -32.92 38.44 -4.02
N ALA K 56 -32.20 39.35 -4.68
CA ALA K 56 -31.23 38.95 -5.69
C ALA K 56 -30.09 38.20 -5.01
N VAL K 57 -29.61 38.75 -3.91
CA VAL K 57 -28.64 38.10 -3.05
C VAL K 57 -29.12 36.71 -2.57
N ALA K 58 -30.34 36.63 -2.01
CA ALA K 58 -30.88 35.34 -1.59
C ALA K 58 -30.98 34.34 -2.75
N ALA K 59 -31.47 34.80 -3.90
CA ALA K 59 -31.67 33.93 -5.07
C ALA K 59 -30.34 33.36 -5.59
N GLU K 60 -29.38 34.23 -5.81
CA GLU K 60 -28.17 33.88 -6.50
C GLU K 60 -27.13 33.27 -5.56
N SER K 61 -27.48 33.10 -4.29
CA SER K 61 -26.67 32.32 -3.36
C SER K 61 -27.38 31.03 -2.96
N SER K 62 -28.49 30.71 -3.63
CA SER K 62 -29.26 29.51 -3.31
C SER K 62 -29.75 28.67 -4.53
N THR K 63 -30.83 29.09 -5.18
CA THR K 63 -31.43 28.30 -6.27
C THR K 63 -31.65 29.06 -7.57
N GLY K 64 -31.54 30.39 -7.55
CA GLY K 64 -32.04 31.14 -8.69
C GLY K 64 -30.99 31.70 -9.64
N THR K 65 -31.42 31.95 -10.86
CA THR K 65 -30.59 32.69 -11.80
C THR K 65 -31.41 33.86 -12.40
N TRP K 66 -30.86 34.51 -13.43
CA TRP K 66 -31.35 35.81 -13.93
C TRP K 66 -32.66 35.76 -14.72
N THR K 67 -33.05 34.57 -15.19
CA THR K 67 -34.30 34.40 -15.93
C THR K 67 -34.97 33.10 -15.45
N THR K 68 -36.26 32.93 -15.72
CA THR K 68 -37.03 31.80 -15.19
C THR K 68 -36.69 30.50 -15.91
N VAL K 69 -36.42 29.45 -15.15
CA VAL K 69 -36.05 28.16 -15.76
C VAL K 69 -37.16 27.12 -15.52
N TRP K 70 -37.42 26.31 -16.53
CA TRP K 70 -38.51 25.33 -16.45
C TRP K 70 -38.25 24.22 -15.43
N THR K 71 -36.98 23.92 -15.17
CA THR K 71 -36.59 22.84 -14.24
C THR K 71 -37.02 23.03 -12.79
N ASP K 72 -37.29 24.27 -12.37
CA ASP K 72 -37.87 24.53 -11.03
C ASP K 72 -39.05 23.62 -10.75
N GLY K 73 -39.88 23.39 -11.78
CA GLY K 73 -41.07 22.58 -11.63
C GLY K 73 -40.84 21.10 -11.30
N LEU K 74 -39.66 20.59 -11.60
CA LEU K 74 -39.34 19.19 -11.28
C LEU K 74 -39.07 18.99 -9.80
N THR K 75 -38.74 20.10 -9.12
CA THR K 75 -38.44 20.03 -7.70
C THR K 75 -39.40 20.96 -6.94
N SER K 76 -39.08 21.30 -5.70
CA SER K 76 -39.89 22.20 -4.91
C SER K 76 -39.06 23.39 -4.47
N LEU K 77 -39.25 24.52 -5.15
CA LEU K 77 -38.49 25.72 -4.84
C LEU K 77 -38.73 26.22 -3.43
N ASP K 78 -39.96 26.07 -2.95
CA ASP K 78 -40.31 26.39 -1.55
C ASP K 78 -39.39 25.69 -0.56
N ARG K 79 -39.08 24.43 -0.86
CA ARG K 79 -38.24 23.63 0.03
C ARG K 79 -36.78 24.07 0.03
N TYR K 80 -36.28 24.51 -1.12
CA TYR K 80 -34.85 24.73 -1.25
C TYR K 80 -34.39 26.20 -1.29
N LYS K 81 -35.28 27.11 -1.68
CA LYS K 81 -34.86 28.49 -1.93
C LYS K 81 -34.29 29.20 -0.69
N GLY K 82 -33.28 30.02 -0.92
CA GLY K 82 -32.86 31.00 0.07
C GLY K 82 -33.94 32.04 0.17
N ARG K 83 -34.09 32.65 1.35
CA ARG K 83 -35.18 33.59 1.59
C ARG K 83 -34.68 34.85 2.26
N CYS K 84 -34.85 36.01 1.62
CA CYS K 84 -34.60 37.26 2.30
C CYS K 84 -35.84 37.52 3.15
N TYR K 85 -35.71 37.40 4.46
CA TYR K 85 -36.89 37.42 5.34
C TYR K 85 -37.01 38.70 6.16
N ASP K 86 -36.01 39.57 6.08
CA ASP K 86 -36.04 40.82 6.80
C ASP K 86 -34.97 41.75 6.24
N ILE K 87 -35.30 43.04 6.19
CA ILE K 87 -34.37 44.10 5.80
C ILE K 87 -34.51 45.27 6.78
N GLU K 88 -33.42 45.63 7.45
CA GLU K 88 -33.41 46.83 8.28
C GLU K 88 -32.46 47.88 7.71
N PRO K 89 -32.88 49.15 7.70
CA PRO K 89 -31.96 50.25 7.34
C PRO K 89 -30.83 50.34 8.36
N VAL K 90 -29.66 50.77 7.91
CA VAL K 90 -28.53 50.98 8.80
C VAL K 90 -28.55 52.43 9.34
N PRO K 91 -28.55 52.59 10.67
CA PRO K 91 -28.53 53.93 11.28
C PRO K 91 -27.32 54.73 10.79
N GLY K 92 -27.58 55.92 10.27
CA GLY K 92 -26.50 56.82 9.87
C GLY K 92 -26.10 56.64 8.42
N GLU K 93 -26.87 55.81 7.70
CA GLU K 93 -26.60 55.54 6.29
C GLU K 93 -27.88 55.68 5.48
N ASP K 94 -27.78 56.40 4.36
CA ASP K 94 -28.91 56.59 3.47
C ASP K 94 -29.10 55.46 2.44
N ASN K 95 -28.03 54.70 2.19
CA ASN K 95 -28.09 53.63 1.19
C ASN K 95 -27.46 52.28 1.63
N GLN K 96 -27.50 52.00 2.93
CA GLN K 96 -27.01 50.73 3.44
C GLN K 96 -28.14 50.07 4.20
N TYR K 97 -28.29 48.76 3.99
CA TYR K 97 -29.31 47.96 4.66
C TYR K 97 -28.67 46.67 5.15
N ILE K 98 -29.20 46.11 6.25
CA ILE K 98 -28.87 44.74 6.64
C ILE K 98 -29.97 43.87 6.09
N ALA K 99 -29.62 43.03 5.11
CA ALA K 99 -30.53 42.04 4.56
C ALA K 99 -30.27 40.70 5.23
N TYR K 100 -31.35 40.12 5.77
CA TYR K 100 -31.28 38.84 6.46
C TYR K 100 -31.78 37.76 5.54
N VAL K 101 -30.96 36.71 5.37
CA VAL K 101 -31.26 35.61 4.44
C VAL K 101 -31.23 34.28 5.18
N ALA K 102 -32.24 33.46 4.96
CA ALA K 102 -32.30 32.14 5.58
C ALA K 102 -32.06 31.08 4.51
N TYR K 103 -31.22 30.10 4.84
CA TYR K 103 -30.86 29.03 3.91
C TYR K 103 -31.25 27.67 4.51
N ILE K 105 -31.09 23.91 5.59
CA ILE K 105 -29.93 23.06 5.85
C ILE K 105 -29.59 22.10 4.69
N ASP K 106 -30.60 21.70 3.92
CA ASP K 106 -30.41 20.85 2.76
C ASP K 106 -29.49 21.39 1.68
N LEU K 107 -29.28 22.71 1.66
CA LEU K 107 -28.44 23.34 0.65
C LEU K 107 -26.95 23.05 0.84
N PHE K 108 -26.58 22.55 2.02
CA PHE K 108 -25.17 22.53 2.40
C PHE K 108 -24.58 21.15 2.47
N GLU K 109 -23.35 21.01 1.95
CA GLU K 109 -22.63 19.76 2.18
C GLU K 109 -22.18 19.66 3.65
N GLU K 110 -22.47 18.52 4.28
CA GLU K 110 -22.08 18.20 5.64
C GLU K 110 -20.59 18.32 5.84
N GLY K 111 -20.16 19.06 6.86
CA GLY K 111 -18.74 19.14 7.19
C GLY K 111 -17.86 19.99 6.28
N SER K 112 -18.46 20.73 5.35
CA SER K 112 -17.70 21.48 4.34
C SER K 112 -17.85 23.00 4.45
N VAL K 113 -16.90 23.65 5.13
CA VAL K 113 -16.87 25.12 5.15
C VAL K 113 -16.77 25.64 3.70
N THR K 114 -15.94 24.97 2.89
CA THR K 114 -15.79 25.34 1.49
C THR K 114 -17.15 25.48 0.79
N ASN K 115 -18.00 24.48 0.97
CA ASN K 115 -19.34 24.50 0.38
C ASN K 115 -20.19 25.63 0.91
N MET K 116 -20.17 25.82 2.22
CA MET K 116 -20.99 26.88 2.82
C MET K 116 -20.60 28.28 2.27
N PHE K 117 -19.31 28.58 2.21
CA PHE K 117 -18.83 29.84 1.60
C PHE K 117 -19.18 29.97 0.10
N THR K 118 -19.08 28.86 -0.63
CA THR K 118 -19.39 28.87 -2.05
C THR K 118 -20.82 29.35 -2.35
N SER K 119 -21.79 28.87 -1.59
CA SER K 119 -23.15 29.37 -1.75
C SER K 119 -23.23 30.83 -1.29
N ILE K 120 -22.91 31.08 -0.03
CA ILE K 120 -23.25 32.36 0.59
C ILE K 120 -22.41 33.53 0.08
N VAL K 121 -21.14 33.29 -0.27
CA VAL K 121 -20.29 34.37 -0.73
C VAL K 121 -19.69 34.14 -2.12
N GLY K 122 -20.27 33.20 -2.86
CA GLY K 122 -19.69 32.71 -4.12
C GLY K 122 -19.72 33.71 -5.26
N ASN K 123 -20.92 34.16 -5.60
CA ASN K 123 -21.14 35.00 -6.76
C ASN K 123 -21.74 36.39 -6.42
N VAL K 124 -22.48 36.49 -5.32
CA VAL K 124 -23.33 37.68 -5.10
C VAL K 124 -22.59 38.99 -4.93
N PHE K 125 -21.33 38.96 -4.50
CA PHE K 125 -20.57 40.18 -4.24
C PHE K 125 -20.17 40.91 -5.52
N GLY K 126 -20.32 40.25 -6.66
CA GLY K 126 -19.97 40.82 -7.95
C GLY K 126 -21.13 41.27 -8.82
N PHE K 127 -22.36 41.11 -8.31
CA PHE K 127 -23.55 41.58 -9.04
C PHE K 127 -23.50 43.07 -9.35
N LYS K 128 -23.74 43.40 -10.61
CA LYS K 128 -23.73 44.81 -11.06
C LYS K 128 -24.76 45.62 -10.28
N ALA K 129 -25.86 44.98 -9.90
CA ALA K 129 -27.02 45.64 -9.24
C ALA K 129 -26.72 46.11 -7.82
N LEU K 130 -25.58 45.72 -7.28
CA LEU K 130 -25.14 46.29 -6.01
C LEU K 130 -23.77 46.94 -6.11
N ARG K 131 -23.50 47.87 -5.20
CA ARG K 131 -22.29 48.69 -5.20
C ARG K 131 -21.29 48.13 -4.21
N ALA K 132 -21.82 47.52 -3.15
CA ALA K 132 -21.03 46.99 -2.07
C ALA K 132 -21.85 45.94 -1.34
N LEU K 133 -21.16 44.91 -0.84
CA LEU K 133 -21.79 43.87 -0.03
C LEU K 133 -20.80 43.42 1.04
N ARG K 134 -21.25 43.31 2.27
CA ARG K 134 -20.43 42.77 3.33
C ARG K 134 -21.21 41.71 4.11
N LEU K 135 -20.63 40.52 4.25
CA LEU K 135 -21.23 39.53 5.13
C LEU K 135 -20.77 39.78 6.55
N GLU K 136 -21.73 40.14 7.41
CA GLU K 136 -21.43 40.52 8.78
C GLU K 136 -21.46 39.36 9.77
N ASP K 137 -22.34 38.39 9.56
CA ASP K 137 -22.51 37.32 10.53
C ASP K 137 -23.25 36.17 9.87
N LEU K 138 -23.12 35.01 10.49
CA LEU K 138 -23.80 33.79 10.08
C LEU K 138 -24.34 33.09 11.33
N ARG K 139 -25.57 32.63 11.27
CA ARG K 139 -26.08 31.79 12.36
C ARG K 139 -25.91 30.35 11.92
N ILE K 140 -24.91 29.66 12.49
CA ILE K 140 -24.70 28.24 12.22
C ILE K 140 -25.52 27.42 13.21
N PRO K 141 -26.58 26.74 12.73
CA PRO K 141 -27.48 25.99 13.63
C PRO K 141 -26.79 24.72 14.14
N PRO K 142 -27.09 24.29 15.36
CA PRO K 142 -26.54 23.04 15.91
C PRO K 142 -26.60 21.86 14.94
N ALA K 143 -27.67 21.71 14.18
CA ALA K 143 -27.79 20.58 13.26
C ALA K 143 -26.73 20.57 12.14
N TYR K 144 -26.26 21.75 11.75
CA TYR K 144 -25.16 21.85 10.80
C TYR K 144 -23.80 21.77 11.51
N VAL K 145 -23.69 22.43 12.66
CA VAL K 145 -22.47 22.37 13.50
C VAL K 145 -22.06 20.93 13.75
N LYS K 146 -23.06 20.09 14.04
CA LYS K 146 -22.81 18.69 14.40
C LYS K 146 -22.19 17.85 13.27
N THR K 147 -22.24 18.33 12.01
CA THR K 147 -21.65 17.62 10.88
C THR K 147 -20.16 17.88 10.71
N PHE K 148 -19.59 18.73 11.56
CA PHE K 148 -18.18 19.06 11.49
C PHE K 148 -17.36 18.35 12.55
N VAL K 149 -16.15 17.90 12.19
CA VAL K 149 -15.20 17.39 13.19
C VAL K 149 -14.80 18.51 14.15
N GLY K 150 -14.56 19.70 13.61
CA GLY K 150 -14.23 20.84 14.44
C GLY K 150 -12.77 20.84 14.83
N PRO K 152 -9.18 20.21 16.44
CA PRO K 152 -8.53 18.96 16.83
C PRO K 152 -8.65 18.69 18.35
N HIS K 153 -8.49 19.73 19.16
CA HIS K 153 -8.53 19.60 20.62
C HIS K 153 -9.41 20.67 21.31
N GLY K 154 -9.13 21.94 21.05
CA GLY K 154 -9.82 22.99 21.78
C GLY K 154 -9.18 23.33 23.10
N ILE K 155 -9.57 24.46 23.67
CA ILE K 155 -8.90 25.07 24.82
C ILE K 155 -8.65 24.16 26.03
N GLN K 156 -9.69 23.49 26.51
CA GLN K 156 -9.56 22.68 27.74
C GLN K 156 -8.56 21.53 27.51
N VAL K 157 -8.77 20.78 26.42
CA VAL K 157 -7.93 19.63 26.07
C VAL K 157 -6.49 20.11 25.87
N GLU K 158 -6.33 21.26 25.18
CA GLU K 158 -5.00 21.81 24.94
C GLU K 158 -4.26 22.07 26.26
N ARG K 159 -4.93 22.76 27.19
CA ARG K 159 -4.33 23.02 28.51
C ARG K 159 -3.95 21.72 29.19
N ASP K 160 -4.82 20.71 29.08
CA ASP K 160 -4.56 19.40 29.67
C ASP K 160 -3.36 18.72 29.01
N LYS K 161 -3.24 18.87 27.69
CA LYS K 161 -2.12 18.31 26.95
C LYS K 161 -0.78 18.99 27.25
N LEU K 162 -0.83 20.29 27.53
CA LEU K 162 0.37 21.07 27.82
C LEU K 162 0.70 21.03 29.30
N ASN K 163 -0.29 20.64 30.12
CA ASN K 163 -0.20 20.73 31.57
C ASN K 163 0.05 22.17 32.07
N LYS K 164 -0.65 23.12 31.44
CA LYS K 164 -0.48 24.54 31.71
C LYS K 164 -1.78 25.19 32.13
N TYR K 165 -1.77 25.77 33.32
CA TYR K 165 -2.96 26.33 33.92
C TYR K 165 -2.69 27.65 34.67
N GLY K 166 -3.66 28.56 34.64
CA GLY K 166 -3.69 29.62 35.61
C GLY K 166 -3.18 30.94 35.08
N ARG K 167 -2.87 30.99 33.78
CA ARG K 167 -2.34 32.21 33.17
C ARG K 167 -2.42 32.11 31.67
N GLY K 168 -2.34 33.24 30.99
CA GLY K 168 -2.17 33.26 29.55
C GLY K 168 -0.92 32.49 29.12
N LEU K 169 -0.94 31.97 27.90
CA LEU K 169 0.24 31.34 27.33
C LEU K 169 1.07 32.41 26.64
N LEU K 170 2.38 32.18 26.54
CA LEU K 170 3.26 33.15 25.90
C LEU K 170 4.01 32.58 24.71
N GLY K 171 3.95 33.31 23.61
CA GLY K 171 4.58 32.89 22.37
C GLY K 171 5.38 34.01 21.77
N CYS K 172 5.87 33.79 20.56
CA CYS K 172 6.89 34.66 19.97
C CYS K 172 7.22 34.21 18.56
N THR K 173 7.00 35.08 17.57
CA THR K 173 7.45 34.79 16.21
C THR K 173 8.93 35.10 16.04
N ILE K 174 9.68 34.13 15.54
CA ILE K 174 11.10 34.36 15.24
C ILE K 174 11.23 35.44 14.15
N LYS K 175 12.27 36.26 14.27
CA LYS K 175 12.56 37.36 13.33
C LYS K 175 14.07 37.35 13.02
N PRO K 176 14.53 37.89 11.88
CA PRO K 176 13.69 38.49 10.83
C PRO K 176 12.71 37.47 10.23
N LYS K 177 11.64 37.97 9.60
CA LYS K 177 10.60 37.08 9.05
C LYS K 177 11.21 35.96 8.20
N LEU K 178 12.02 36.37 7.23
CA LEU K 178 12.68 35.49 6.28
C LEU K 178 14.16 35.81 6.33
N GLY K 179 15.01 34.88 5.89
CA GLY K 179 16.44 35.17 5.75
C GLY K 179 17.35 34.45 6.74
N LEU K 180 16.77 33.80 7.75
CA LEU K 180 17.59 33.03 8.70
C LEU K 180 17.76 31.60 8.21
N SER K 181 18.94 31.03 8.47
CA SER K 181 19.21 29.62 8.23
C SER K 181 18.49 28.76 9.29
N ALA K 182 18.34 27.47 8.98
CA ALA K 182 17.76 26.49 9.90
C ALA K 182 18.47 26.47 11.25
N LYS K 183 19.80 26.43 11.23
CA LYS K 183 20.60 26.43 12.48
C LYS K 183 20.37 27.71 13.31
N ASN K 184 20.38 28.87 12.65
CA ASN K 184 20.08 30.11 13.35
C ASN K 184 18.65 30.20 13.86
N TYR K 185 17.71 29.59 13.13
CA TYR K 185 16.33 29.48 13.60
C TYR K 185 16.26 28.72 14.92
N GLY K 186 16.91 27.55 14.99
CA GLY K 186 16.92 26.75 16.20
C GLY K 186 17.62 27.46 17.35
N ARG K 187 18.71 28.18 17.01
CA ARG K 187 19.46 28.94 17.98
C ARG K 187 18.53 29.99 18.64
N ALA K 188 17.82 30.75 17.83
CA ALA K 188 16.90 31.78 18.31
C ALA K 188 15.76 31.18 19.14
N VAL K 189 15.23 30.05 18.68
CA VAL K 189 14.15 29.35 19.37
C VAL K 189 14.60 28.89 20.77
N TYR K 190 15.75 28.25 20.85
CA TYR K 190 16.24 27.77 22.14
C TYR K 190 16.38 28.92 23.16
N GLU K 191 17.03 30.01 22.73
CA GLU K 191 17.25 31.16 23.59
C GLU K 191 15.92 31.80 24.01
N CYS K 192 14.94 31.87 23.09
CA CYS K 192 13.62 32.38 23.43
C CYS K 192 12.92 31.51 24.48
N LEU K 193 12.79 30.22 24.21
CA LEU K 193 12.03 29.29 25.08
C LEU K 193 12.66 29.15 26.46
N ARG K 194 14.00 29.19 26.51
CA ARG K 194 14.71 28.97 27.78
C ARG K 194 14.50 30.12 28.78
N GLY K 195 14.04 31.29 28.30
CA GLY K 195 13.83 32.46 29.15
C GLY K 195 12.43 32.54 29.73
N GLY K 196 11.55 31.63 29.33
CA GLY K 196 10.22 31.58 29.92
C GLY K 196 9.00 31.63 29.02
N LEU K 197 9.20 31.73 27.70
CA LEU K 197 8.10 31.65 26.73
C LEU K 197 7.67 30.18 26.66
N ASP K 198 6.37 29.96 26.52
CA ASP K 198 5.83 28.61 26.31
C ASP K 198 6.07 28.13 24.88
N PHE K 199 5.99 29.06 23.93
CA PHE K 199 6.04 28.75 22.52
C PHE K 199 6.90 29.76 21.77
N THR K 200 7.48 29.30 20.67
CA THR K 200 7.87 30.17 19.58
C THR K 200 7.15 29.67 18.32
N ASP K 202 7.24 29.59 13.62
CA ASP K 202 7.64 30.01 12.30
C ASP K 202 6.78 31.23 11.95
N ASP K 203 7.38 32.20 11.26
CA ASP K 203 6.58 33.26 10.67
C ASP K 203 5.62 32.67 9.65
N GLU K 204 4.48 33.33 9.44
CA GLU K 204 3.44 32.78 8.56
C GLU K 204 3.99 32.42 7.19
N ASN K 205 5.00 33.17 6.74
CA ASN K 205 5.57 33.00 5.40
C ASN K 205 6.84 32.16 5.33
N VAL K 206 7.29 31.71 6.50
CA VAL K 206 8.36 30.70 6.61
C VAL K 206 7.76 29.32 6.29
N ASN K 207 8.04 28.82 5.09
CA ASN K 207 7.52 27.52 4.66
C ASN K 207 8.76 26.68 4.32
N SER K 208 9.14 26.64 3.04
CA SER K 208 10.43 26.10 2.65
C SER K 208 10.98 27.03 1.58
N GLN K 209 12.23 27.46 1.73
CA GLN K 209 12.79 28.44 0.78
C GLN K 209 14.29 28.22 0.60
N PRO K 210 14.89 28.80 -0.43
CA PRO K 210 16.35 28.67 -0.63
C PRO K 210 17.23 28.97 0.61
N PHE K 211 16.91 30.00 1.40
CA PHE K 211 17.69 30.32 2.60
C PHE K 211 17.52 29.32 3.75
N MET K 212 16.44 28.57 3.77
CA MET K 212 16.14 27.61 4.83
C MET K 212 15.08 26.62 4.36
N ARG K 213 15.52 25.39 4.09
CA ARG K 213 14.60 24.31 3.75
C ARG K 213 13.83 23.79 4.99
N TRP K 214 12.58 23.39 4.80
CA TRP K 214 11.71 23.09 5.95
C TRP K 214 12.23 21.96 6.86
N ARG K 215 12.71 20.87 6.27
CA ARG K 215 13.07 19.71 7.09
C ARG K 215 14.30 20.03 7.94
N ASP K 216 15.25 20.78 7.39
CA ASP K 216 16.41 21.26 8.13
C ASP K 216 15.93 22.05 9.33
N ARG K 217 14.98 22.94 9.10
CA ARG K 217 14.43 23.73 10.19
C ARG K 217 13.77 22.85 11.26
N PHE K 218 12.91 21.94 10.82
CA PHE K 218 12.14 21.08 11.72
C PHE K 218 13.06 20.37 12.66
N LEU K 219 14.17 19.84 12.14
CA LEU K 219 15.11 19.07 12.96
C LEU K 219 15.84 19.96 13.99
N PHE K 220 16.28 21.14 13.59
CA PHE K 220 16.96 22.05 14.52
C PHE K 220 16.00 22.60 15.57
N VAL K 221 14.79 22.91 15.17
CA VAL K 221 13.79 23.40 16.13
C VAL K 221 13.46 22.32 17.16
N ALA K 222 13.32 21.07 16.70
CA ALA K 222 13.09 19.97 17.64
C ALA K 222 14.20 19.86 18.69
N GLU K 223 15.46 20.03 18.28
CA GLU K 223 16.57 20.06 19.22
C GLU K 223 16.44 21.21 20.22
N ALA K 224 16.12 22.42 19.71
CA ALA K 224 15.92 23.59 20.56
C ALA K 224 14.78 23.40 21.58
N ILE K 225 13.63 22.87 21.15
CA ILE K 225 12.50 22.63 22.06
C ILE K 225 12.96 21.74 23.24
N TYR K 226 13.67 20.68 22.88
CA TYR K 226 14.10 19.64 23.81
C TYR K 226 15.07 20.21 24.82
N LYS K 227 16.04 20.96 24.33
CA LYS K 227 17.03 21.57 25.19
C LYS K 227 16.37 22.58 26.14
N ALA K 228 15.46 23.41 25.63
CA ALA K 228 14.85 24.42 26.51
C ALA K 228 13.92 23.77 27.55
N GLN K 229 13.20 22.74 27.13
CA GLN K 229 12.37 21.99 28.07
C GLN K 229 13.19 21.40 29.22
N ALA K 230 14.31 20.77 28.88
CA ALA K 230 15.18 20.16 29.90
C ALA K 230 15.82 21.21 30.82
N GLU K 231 16.22 22.34 30.25
CA GLU K 231 16.85 23.40 31.03
C GLU K 231 15.87 24.06 32.02
N THR K 232 14.65 24.37 31.59
CA THR K 232 13.70 25.13 32.41
C THR K 232 12.83 24.25 33.29
N GLY K 233 12.64 23.00 32.88
CA GLY K 233 11.70 22.11 33.54
C GLY K 233 10.24 22.39 33.22
N GLU K 234 9.99 23.18 32.18
CA GLU K 234 8.61 23.47 31.73
C GLU K 234 8.41 22.95 30.31
N VAL K 235 7.19 22.52 30.02
CA VAL K 235 6.80 22.05 28.68
C VAL K 235 6.93 23.18 27.65
N LYS K 236 7.67 22.91 26.57
CA LYS K 236 7.86 23.89 25.48
C LYS K 236 7.34 23.38 24.16
N GLY K 237 7.06 24.30 23.24
CA GLY K 237 6.65 23.95 21.90
C GLY K 237 7.05 25.04 20.91
N HIS K 238 7.00 24.72 19.62
CA HIS K 238 7.27 25.71 18.60
C HIS K 238 6.38 25.36 17.43
N TYR K 239 5.55 26.31 16.97
CA TYR K 239 4.61 25.97 15.89
C TYR K 239 5.34 25.86 14.57
N LEU K 240 5.63 24.61 14.18
CA LEU K 240 6.25 24.34 12.89
C LEU K 240 5.21 24.48 11.77
N ASN K 241 5.55 25.27 10.76
CA ASN K 241 4.61 25.63 9.69
C ASN K 241 4.45 24.48 8.70
N ALA K 242 3.23 23.95 8.61
CA ALA K 242 2.90 22.95 7.58
C ALA K 242 2.36 23.58 6.28
N THR K 243 2.15 24.90 6.27
CA THR K 243 1.60 25.58 5.08
C THR K 243 2.49 25.28 3.88
N ALA K 244 1.88 24.86 2.78
CA ALA K 244 2.64 24.43 1.62
C ALA K 244 1.89 24.68 0.30
N GLY K 245 2.56 24.44 -0.82
CA GLY K 245 1.96 24.63 -2.13
C GLY K 245 0.87 23.63 -2.50
N THR K 246 0.94 22.42 -1.94
CA THR K 246 0.03 21.33 -2.28
C THR K 246 -0.35 20.58 -1.02
N CYS K 247 -1.46 19.84 -1.07
CA CYS K 247 -1.89 19.03 0.08
C CYS K 247 -0.84 18.00 0.45
N GLU K 248 -0.21 17.40 -0.54
CA GLU K 248 0.78 16.35 -0.32
C GLU K 248 1.98 16.90 0.43
N GLU K 249 2.46 18.08 0.04
CA GLU K 249 3.57 18.73 0.75
C GLU K 249 3.16 19.10 2.17
N MET K 250 1.96 19.67 2.33
CA MET K 250 1.44 20.01 3.65
C MET K 250 1.43 18.79 4.58
N MET K 251 0.94 17.66 4.06
CA MET K 251 0.85 16.43 4.85
C MET K 251 2.23 15.89 5.22
N LYS K 252 3.16 15.93 4.28
CA LYS K 252 4.52 15.49 4.50
C LYS K 252 5.08 16.23 5.72
N ARG K 253 4.81 17.52 5.78
CA ARG K 253 5.36 18.37 6.84
C ARG K 253 4.76 18.02 8.20
N ALA K 254 3.45 17.82 8.23
CA ALA K 254 2.75 17.46 9.45
C ALA K 254 3.24 16.07 9.94
N VAL K 255 3.42 15.14 9.00
CA VAL K 255 3.91 13.78 9.32
C VAL K 255 5.32 13.85 9.95
N ALA K 257 6.68 16.51 11.61
CA ALA K 257 6.48 17.06 12.96
C ALA K 257 5.99 16.00 13.97
N LYS K 258 5.03 15.17 13.56
CA LYS K 258 4.55 14.05 14.38
C LYS K 258 5.69 13.07 14.72
N GLU K 259 6.49 12.70 13.71
CA GLU K 259 7.59 11.78 13.91
C GLU K 259 8.61 12.35 14.91
N LEU K 260 8.87 13.64 14.83
CA LEU K 260 9.76 14.29 15.77
C LEU K 260 9.19 14.44 17.20
N GLY K 261 7.89 14.20 17.38
CA GLY K 261 7.27 14.30 18.69
C GLY K 261 7.06 15.73 19.17
N VAL K 262 7.17 16.72 18.27
CA VAL K 262 6.86 18.10 18.63
C VAL K 262 5.33 18.24 18.82
N PRO K 263 4.92 18.96 19.87
CA PRO K 263 3.50 18.96 20.26
C PRO K 263 2.57 19.80 19.38
N ILE K 264 3.10 20.71 18.57
CA ILE K 264 2.25 21.68 17.89
C ILE K 264 2.78 22.10 16.50
N ILE K 265 1.85 22.26 15.55
CA ILE K 265 2.18 22.82 14.24
C ILE K 265 1.26 24.01 13.91
N MET K 266 1.54 24.71 12.83
CA MET K 266 0.65 25.80 12.43
C MET K 266 0.25 25.65 10.97
N HIS K 267 -0.80 26.37 10.57
CA HIS K 267 -1.28 26.39 9.18
C HIS K 267 -1.86 27.75 8.89
N ASP K 268 -1.63 28.28 7.69
CA ASP K 268 -2.24 29.56 7.28
C ASP K 268 -3.53 29.23 6.55
N TYR K 269 -4.65 29.27 7.26
CA TYR K 269 -5.88 28.69 6.72
C TYR K 269 -6.49 29.35 5.50
N LEU K 270 -6.28 30.65 5.34
CA LEU K 270 -6.84 31.35 4.21
C LEU K 270 -5.95 31.27 2.96
N THR K 271 -4.64 31.36 3.13
CA THR K 271 -3.75 31.24 1.98
C THR K 271 -3.58 29.79 1.54
N GLY K 272 -3.58 28.87 2.50
CA GLY K 272 -3.65 27.45 2.19
C GLY K 272 -5.04 27.08 1.68
N GLY K 273 -6.07 27.52 2.42
CA GLY K 273 -7.44 27.29 1.99
C GLY K 273 -8.18 26.34 2.91
N PHE K 274 -9.50 26.45 2.93
CA PHE K 274 -10.38 25.67 3.80
C PHE K 274 -10.31 24.15 3.52
N THR K 275 -10.19 23.77 2.25
CA THR K 275 -10.12 22.34 1.91
C THR K 275 -8.88 21.70 2.53
N ALA K 276 -7.71 22.34 2.33
CA ALA K 276 -6.48 21.86 2.93
C ALA K 276 -6.53 21.95 4.46
N ASN K 277 -7.10 23.04 4.98
CA ASN K 277 -7.15 23.23 6.43
C ASN K 277 -7.98 22.16 7.15
N THR K 278 -9.10 21.80 6.56
CA THR K 278 -9.93 20.78 7.14
C THR K 278 -9.20 19.43 7.16
N SER K 279 -8.51 19.08 6.07
CA SER K 279 -7.72 17.86 6.02
C SER K 279 -6.71 17.87 7.15
N LEU K 280 -6.02 19.00 7.30
CA LEU K 280 -4.97 19.10 8.30
C LEU K 280 -5.51 18.97 9.72
N ALA K 281 -6.63 19.66 10.00
CA ALA K 281 -7.27 19.56 11.30
C ALA K 281 -7.65 18.10 11.63
N ILE K 282 -8.17 17.38 10.65
CA ILE K 282 -8.55 15.98 10.85
C ILE K 282 -7.31 15.13 11.15
N TYR K 283 -6.20 15.41 10.44
CA TYR K 283 -4.94 14.72 10.69
C TYR K 283 -4.45 15.04 12.10
N CYS K 284 -4.59 16.30 12.53
CA CYS K 284 -4.17 16.67 13.85
C CYS K 284 -5.00 15.98 14.95
N ARG K 285 -6.31 15.88 14.74
CA ARG K 285 -7.18 15.12 15.63
C ARG K 285 -6.73 13.66 15.70
N ASP K 286 -6.48 13.07 14.54
CA ASP K 286 -6.11 11.65 14.45
C ASP K 286 -4.74 11.33 15.05
N ASN K 287 -3.92 12.35 15.25
CA ASN K 287 -2.54 12.14 15.70
C ASN K 287 -2.14 12.93 16.95
N GLY K 288 -3.10 13.60 17.58
CA GLY K 288 -2.85 14.31 18.82
C GLY K 288 -1.98 15.55 18.71
N LEU K 289 -1.88 16.11 17.50
CA LEU K 289 -1.11 17.31 17.26
C LEU K 289 -1.97 18.57 17.54
N LEU K 290 -1.43 19.49 18.35
CA LEU K 290 -2.06 20.81 18.45
C LEU K 290 -1.89 21.58 17.16
N LEU K 291 -2.87 22.40 16.82
CA LEU K 291 -2.88 23.08 15.54
C LEU K 291 -3.13 24.57 15.70
N HIS K 292 -2.08 25.37 15.45
CA HIS K 292 -2.18 26.82 15.57
C HIS K 292 -2.54 27.42 14.21
N ILE K 293 -3.56 28.27 14.18
CA ILE K 293 -4.01 28.80 12.89
C ILE K 293 -3.65 30.27 12.76
N HIS K 294 -2.90 30.57 11.70
CA HIS K 294 -2.57 31.94 11.34
C HIS K 294 -3.58 32.45 10.33
N ARG K 295 -4.01 33.71 10.46
CA ARG K 295 -5.08 34.22 9.61
C ARG K 295 -4.58 35.10 8.46
N ALA K 296 -3.34 34.87 8.02
CA ALA K 296 -2.79 35.59 6.87
C ALA K 296 -3.81 35.77 5.77
N MET K 297 -3.91 37.00 5.24
CA MET K 297 -4.81 37.40 4.15
C MET K 297 -6.20 37.87 4.63
N HIS K 298 -6.55 37.61 5.88
CA HIS K 298 -7.89 37.98 6.38
C HIS K 298 -8.23 39.47 6.16
N ALA K 299 -7.27 40.36 6.38
CA ALA K 299 -7.54 41.81 6.26
C ALA K 299 -7.81 42.26 4.81
N VAL K 300 -7.35 41.47 3.84
CA VAL K 300 -7.75 41.68 2.44
C VAL K 300 -9.28 41.64 2.32
N ILE K 301 -9.89 40.80 3.16
CA ILE K 301 -11.30 40.46 3.11
C ILE K 301 -12.12 41.25 4.14
N ASP K 302 -11.50 41.51 5.29
CA ASP K 302 -12.27 41.93 6.44
C ASP K 302 -12.03 43.34 7.00
N ARG K 303 -11.14 44.09 6.36
CA ARG K 303 -10.82 45.44 6.84
C ARG K 303 -11.96 46.46 6.66
N GLN K 304 -12.57 46.50 5.48
CA GLN K 304 -13.49 47.59 5.14
C GLN K 304 -14.91 47.34 5.61
N ARG K 305 -15.50 48.40 6.14
CA ARG K 305 -16.84 48.37 6.69
C ARG K 305 -17.94 48.08 5.66
N ASN K 306 -17.75 48.55 4.43
CA ASN K 306 -18.78 48.49 3.39
C ASN K 306 -18.77 47.22 2.54
N HIS K 307 -17.65 46.53 2.49
CA HIS K 307 -17.49 45.41 1.56
C HIS K 307 -16.56 44.36 2.12
N GLY K 308 -16.95 43.10 1.95
CA GLY K 308 -16.12 41.94 2.28
C GLY K 308 -16.83 40.95 3.21
N ILE K 309 -16.08 40.36 4.13
CA ILE K 309 -16.63 39.47 5.14
C ILE K 309 -16.01 39.87 6.46
N HIS K 310 -16.83 40.11 7.48
CA HIS K 310 -16.27 40.50 8.77
C HIS K 310 -15.46 39.33 9.34
N PHE K 311 -14.38 39.65 10.06
CA PHE K 311 -13.56 38.61 10.66
C PHE K 311 -14.36 37.60 11.51
N ARG K 312 -15.41 38.06 12.18
CA ARG K 312 -16.14 37.15 13.05
C ARG K 312 -16.68 35.96 12.26
N VAL K 313 -16.99 36.17 10.99
CA VAL K 313 -17.47 35.09 10.14
C VAL K 313 -16.29 34.18 9.71
N LEU K 314 -15.15 34.80 9.42
CA LEU K 314 -13.95 34.03 9.12
C LEU K 314 -13.49 33.22 10.34
N ALA K 315 -13.81 33.71 11.54
CA ALA K 315 -13.45 33.01 12.76
C ALA K 315 -14.40 31.82 12.99
N LYS K 316 -15.69 32.04 12.77
CA LYS K 316 -16.66 30.94 12.90
C LYS K 316 -16.30 29.84 11.90
N ALA K 317 -15.95 30.25 10.68
CA ALA K 317 -15.56 29.31 9.63
C ALA K 317 -14.34 28.49 10.04
N LEU K 318 -13.35 29.15 10.64
CA LEU K 318 -12.16 28.45 11.13
C LEU K 318 -12.51 27.46 12.25
N ARG K 319 -13.38 27.90 13.15
CA ARG K 319 -13.80 27.04 14.24
C ARG K 319 -14.40 25.75 13.68
N MET K 320 -15.23 25.87 12.66
CA MET K 320 -15.86 24.73 11.99
C MET K 320 -14.85 23.86 11.23
N SER K 321 -14.00 24.49 10.41
CA SER K 321 -12.96 23.78 9.67
C SER K 321 -11.96 23.09 10.59
N GLY K 322 -11.51 23.78 11.63
CA GLY K 322 -10.75 23.18 12.70
C GLY K 322 -9.48 23.95 13.00
N GLY K 323 -9.32 24.37 14.25
CA GLY K 323 -8.07 24.94 14.72
C GLY K 323 -8.07 25.04 16.23
N ASP K 324 -6.93 24.72 16.85
CA ASP K 324 -6.77 24.87 18.29
C ASP K 324 -6.52 26.31 18.77
N HIS K 325 -5.75 27.08 17.98
CA HIS K 325 -5.53 28.51 18.17
C HIS K 325 -6.01 29.25 16.93
N LEU K 326 -6.37 30.52 17.09
CA LEU K 326 -6.58 31.41 15.96
C LEU K 326 -6.21 32.80 16.39
N HIS K 327 -5.42 33.50 15.57
CA HIS K 327 -5.10 34.90 15.87
C HIS K 327 -6.37 35.74 15.97
N SER K 328 -6.42 36.63 16.95
CA SER K 328 -7.60 37.41 17.28
C SER K 328 -7.37 38.91 17.21
N GLY K 329 -6.15 39.31 16.90
CA GLY K 329 -5.77 40.71 17.04
C GLY K 329 -5.38 41.02 18.46
N THR K 330 -4.84 42.22 18.68
CA THR K 330 -4.38 42.64 20.01
C THR K 330 -5.17 43.81 20.57
N VAL K 331 -5.92 44.50 19.72
CA VAL K 331 -6.54 45.78 20.07
C VAL K 331 -5.53 46.93 20.17
N VAL K 332 -4.49 46.73 20.97
CA VAL K 332 -3.53 47.77 21.29
C VAL K 332 -2.23 47.75 20.45
N GLY K 333 -2.03 46.71 19.64
CA GLY K 333 -0.80 46.56 18.85
C GLY K 333 -0.83 47.23 17.47
N LYS K 334 0.02 46.76 16.56
CA LYS K 334 0.28 47.41 15.30
C LYS K 334 -0.81 47.13 14.23
N LEU K 335 -1.62 46.09 14.45
CA LEU K 335 -2.68 45.77 13.50
C LEU K 335 -4.06 46.12 14.08
N GLU K 336 -5.01 46.42 13.20
CA GLU K 336 -6.31 46.90 13.64
C GLU K 336 -7.18 45.85 14.33
N GLY K 337 -7.89 46.29 15.36
CA GLY K 337 -8.91 45.49 16.00
C GLY K 337 -9.57 46.31 17.10
N GLU K 338 -10.74 46.88 16.83
CA GLU K 338 -11.49 47.62 17.84
C GLU K 338 -11.94 46.71 18.98
N ARG K 339 -11.92 47.27 20.18
CA ARG K 339 -12.15 46.55 21.42
C ARG K 339 -13.47 45.76 21.45
N GLU K 340 -14.59 46.43 21.19
CA GLU K 340 -15.89 45.79 21.31
C GLU K 340 -16.11 44.72 20.22
N VAL K 341 -15.70 45.05 19.00
CA VAL K 341 -15.70 44.11 17.89
C VAL K 341 -14.90 42.84 18.30
N THR K 342 -13.74 43.04 18.91
CA THR K 342 -12.83 41.97 19.26
C THR K 342 -13.37 41.10 20.38
N LEU K 343 -13.89 41.74 21.44
CA LEU K 343 -14.51 41.00 22.55
C LEU K 343 -15.65 40.10 22.05
N GLY K 344 -16.40 40.61 21.07
CA GLY K 344 -17.48 39.88 20.47
C GLY K 344 -17.05 38.60 19.80
N PHE K 345 -16.10 38.69 18.87
CA PHE K 345 -15.69 37.48 18.17
C PHE K 345 -14.78 36.56 18.99
N VAL K 346 -14.17 37.09 20.05
CA VAL K 346 -13.46 36.24 21.02
C VAL K 346 -14.45 35.30 21.71
N ASP K 347 -15.57 35.85 22.16
CA ASP K 347 -16.64 35.03 22.72
C ASP K 347 -17.14 33.98 21.69
N LEU K 348 -17.33 34.40 20.44
CA LEU K 348 -17.76 33.48 19.39
C LEU K 348 -16.70 32.40 19.11
N MET K 349 -15.43 32.68 19.39
CA MET K 349 -14.37 31.69 19.19
C MET K 349 -14.28 30.68 20.34
N ARG K 350 -14.53 31.13 21.57
CA ARG K 350 -14.21 30.37 22.77
C ARG K 350 -15.40 29.68 23.40
N ASP K 351 -16.56 30.33 23.31
CA ASP K 351 -17.68 29.97 24.16
C ASP K 351 -18.61 28.97 23.48
N ASP K 352 -19.47 28.38 24.29
CA ASP K 352 -20.41 27.40 23.80
C ASP K 352 -21.71 28.01 23.28
N TYR K 353 -22.12 29.12 23.92
CA TYR K 353 -23.41 29.76 23.63
C TYR K 353 -23.23 31.27 23.75
N VAL K 354 -23.48 31.99 22.67
CA VAL K 354 -23.29 33.45 22.62
C VAL K 354 -24.56 34.16 22.14
N GLU K 355 -25.19 34.91 23.05
CA GLU K 355 -26.43 35.64 22.74
C GLU K 355 -26.15 36.77 21.80
N LYS K 356 -27.13 37.03 20.94
CA LYS K 356 -27.16 38.21 20.09
C LYS K 356 -26.78 39.46 20.91
N ASP K 357 -25.92 40.30 20.35
CA ASP K 357 -25.47 41.52 21.00
C ASP K 357 -24.89 42.47 19.95
N ARG K 358 -25.76 43.32 19.41
CA ARG K 358 -25.33 44.23 18.35
C ARG K 358 -24.22 45.20 18.74
N SER K 359 -24.13 45.54 20.01
CA SER K 359 -23.08 46.45 20.50
C SER K 359 -21.68 45.81 20.46
N ARG K 360 -21.64 44.49 20.26
CA ARG K 360 -20.40 43.78 20.03
C ARG K 360 -20.29 43.15 18.63
N GLY K 361 -21.20 43.53 17.74
CA GLY K 361 -21.24 43.03 16.38
C GLY K 361 -21.83 41.63 16.22
N ILE K 362 -22.49 41.14 17.25
CA ILE K 362 -23.06 39.79 17.21
C ILE K 362 -24.51 39.91 16.75
N TYR K 363 -24.76 39.52 15.50
CA TYR K 363 -26.06 39.71 14.85
C TYR K 363 -27.04 38.58 15.15
N PHE K 364 -26.50 37.40 15.46
CA PHE K 364 -27.32 36.24 15.79
C PHE K 364 -26.83 35.58 17.05
N THR K 365 -27.77 35.04 17.83
CA THR K 365 -27.43 34.13 18.89
C THR K 365 -26.77 32.87 18.26
N GLN K 366 -25.60 32.49 18.78
CA GLN K 366 -24.83 31.37 18.23
C GLN K 366 -24.71 30.27 19.27
N ASP K 367 -25.26 29.11 18.92
CA ASP K 367 -25.15 27.90 19.75
C ASP K 367 -24.15 26.96 19.09
N TRP K 368 -23.03 26.72 19.76
CA TRP K 368 -22.00 25.83 19.22
C TRP K 368 -22.19 24.33 19.58
N SER K 370 -21.49 22.25 21.94
CA SER K 370 -20.29 21.57 22.49
C SER K 370 -19.09 21.42 21.56
N MET K 371 -19.15 21.96 20.35
CA MET K 371 -17.95 22.02 19.53
C MET K 371 -16.86 22.79 20.34
N PRO K 372 -15.64 22.25 20.42
CA PRO K 372 -14.58 22.84 21.25
C PRO K 372 -14.30 24.31 20.91
N GLY K 373 -13.91 25.08 21.92
CA GLY K 373 -13.51 26.45 21.71
C GLY K 373 -12.08 26.59 21.19
N VAL K 374 -11.86 27.66 20.42
CA VAL K 374 -10.58 27.99 19.83
C VAL K 374 -9.86 29.04 20.67
N MET K 375 -8.61 28.78 21.02
CA MET K 375 -7.77 29.72 21.78
C MET K 375 -7.41 30.98 20.99
N PRO K 376 -7.82 32.17 21.43
CA PRO K 376 -7.41 33.39 20.74
C PRO K 376 -5.95 33.69 20.93
N VAL K 377 -5.31 34.17 19.87
CA VAL K 377 -3.89 34.51 19.92
C VAL K 377 -3.68 35.99 19.62
N ALA K 378 -3.18 36.73 20.62
CA ALA K 378 -2.97 38.16 20.50
C ALA K 378 -1.50 38.34 20.12
N SER K 379 -1.28 38.89 18.93
CA SER K 379 0.06 38.99 18.41
C SER K 379 0.18 40.18 17.48
N GLY K 380 1.32 40.87 17.53
CA GLY K 380 1.62 41.89 16.54
C GLY K 380 1.84 43.28 17.12
N GLY K 381 3.10 43.66 17.24
CA GLY K 381 3.47 44.97 17.74
C GLY K 381 3.14 45.21 19.20
N ILE K 382 3.13 44.16 20.02
CA ILE K 382 2.90 44.34 21.45
C ILE K 382 4.16 44.16 22.28
N HIS K 383 4.20 44.83 23.42
CA HIS K 383 5.37 44.74 24.31
C HIS K 383 4.95 44.78 25.78
N VAL K 384 5.93 44.74 26.68
CA VAL K 384 5.63 44.63 28.10
C VAL K 384 4.60 45.62 28.67
N TRP K 385 4.61 46.88 28.22
CA TRP K 385 3.64 47.87 28.71
C TRP K 385 2.19 47.54 28.34
N HIS K 386 1.99 46.75 27.28
CA HIS K 386 0.67 46.31 26.85
C HIS K 386 0.11 45.17 27.71
N MET K 387 0.97 44.50 28.47
CA MET K 387 0.60 43.30 29.22
C MET K 387 -0.68 43.44 30.07
N PRO K 388 -0.81 44.48 30.91
CA PRO K 388 -2.04 44.64 31.70
C PRO K 388 -3.28 44.72 30.79
N ALA K 389 -3.24 45.53 29.74
CA ALA K 389 -4.40 45.64 28.84
C ALA K 389 -4.74 44.29 28.18
N LEU K 390 -3.71 43.54 27.79
CA LEU K 390 -3.91 42.24 27.15
C LEU K 390 -4.59 41.25 28.11
N VAL K 391 -4.10 41.18 29.34
CA VAL K 391 -4.65 40.29 30.34
C VAL K 391 -6.09 40.71 30.66
N GLU K 392 -6.34 42.01 30.75
CA GLU K 392 -7.69 42.53 30.98
C GLU K 392 -8.66 42.19 29.83
N ILE K 393 -8.24 42.35 28.57
CA ILE K 393 -9.13 42.08 27.42
C ILE K 393 -9.41 40.58 27.28
N PHE K 394 -8.36 39.78 27.26
CA PHE K 394 -8.47 38.36 26.91
C PHE K 394 -8.74 37.40 28.09
N GLY K 395 -8.28 37.76 29.30
CA GLY K 395 -8.27 36.81 30.41
C GLY K 395 -7.19 35.76 30.21
N ASP K 396 -7.27 34.65 30.94
CA ASP K 396 -6.23 33.62 30.85
C ASP K 396 -6.27 32.78 29.59
N ASP K 397 -7.45 32.60 28.98
CA ASP K 397 -7.56 31.69 27.84
C ASP K 397 -7.18 32.42 26.54
N ALA K 398 -5.90 32.69 26.43
CA ALA K 398 -5.34 33.31 25.25
C ALA K 398 -3.87 32.95 25.22
N CYS K 399 -3.29 33.07 24.03
CA CYS K 399 -1.85 33.08 23.91
C CYS K 399 -1.41 34.49 23.47
N LEU K 400 -0.42 35.05 24.17
CA LEU K 400 0.07 36.38 23.88
C LEU K 400 1.47 36.26 23.28
N GLN K 401 1.65 36.80 22.08
CA GLN K 401 2.90 36.57 21.33
C GLN K 401 3.69 37.86 21.14
N PHE K 402 4.99 37.77 21.44
CA PHE K 402 5.92 38.88 21.40
C PHE K 402 7.12 38.44 20.57
N GLY K 403 7.13 38.80 19.28
CA GLY K 403 8.24 38.49 18.41
C GLY K 403 9.28 39.59 18.55
N GLY K 404 9.03 40.74 17.91
CA GLY K 404 9.84 41.92 18.13
C GLY K 404 9.98 42.20 19.61
N GLY K 405 8.91 41.98 20.39
CA GLY K 405 8.95 42.21 21.83
C GLY K 405 9.85 41.26 22.63
N THR K 406 10.47 40.30 21.94
CA THR K 406 11.42 39.39 22.57
C THR K 406 12.77 39.52 21.91
N LEU K 407 12.79 39.35 20.58
CA LEU K 407 14.04 39.38 19.81
C LEU K 407 14.55 40.81 19.65
N GLY K 408 13.75 41.78 20.09
CA GLY K 408 14.16 43.18 20.14
C GLY K 408 14.66 43.66 21.48
N HIS K 409 14.66 42.79 22.49
CA HIS K 409 15.23 43.10 23.80
C HIS K 409 16.74 43.34 23.72
N PRO K 410 17.24 44.40 24.38
CA PRO K 410 18.65 44.79 24.24
C PRO K 410 19.64 43.72 24.71
N TRP K 411 19.21 42.79 25.56
CA TRP K 411 20.10 41.75 26.08
C TRP K 411 19.94 40.39 25.38
N GLY K 412 19.09 40.32 24.36
CA GLY K 412 18.90 39.07 23.62
C GLY K 412 17.65 38.35 24.04
N ASN K 413 17.46 37.14 23.51
CA ASN K 413 16.17 36.43 23.56
C ASN K 413 15.74 35.92 24.93
N ALA K 414 16.65 35.27 25.64
CA ALA K 414 16.36 34.75 26.97
C ALA K 414 15.94 35.85 27.98
N PRO K 415 16.70 36.93 28.10
CA PRO K 415 16.25 38.10 28.90
C PRO K 415 14.91 38.67 28.38
N GLY K 416 14.77 38.78 27.04
CA GLY K 416 13.52 39.20 26.44
C GLY K 416 12.30 38.37 26.84
N ALA K 417 12.50 37.05 26.83
CA ALA K 417 11.45 36.10 27.22
C ALA K 417 11.13 36.28 28.68
N ALA K 418 12.18 36.36 29.51
CA ALA K 418 12.01 36.51 30.95
C ALA K 418 11.20 37.77 31.28
N ALA K 419 11.51 38.86 30.60
CA ALA K 419 10.80 40.14 30.82
C ALA K 419 9.30 39.95 30.54
N ASN K 420 9.00 39.28 29.43
CA ASN K 420 7.61 39.04 29.06
C ASN K 420 6.93 38.13 30.07
N ARG K 421 7.62 37.07 30.50
CA ARG K 421 7.06 36.11 31.45
C ARG K 421 6.82 36.71 32.84
N VAL K 422 7.80 37.48 33.34
CA VAL K 422 7.62 38.28 34.58
C VAL K 422 6.43 39.23 34.50
N ALA K 423 6.37 40.04 33.43
CA ALA K 423 5.26 40.95 33.22
C ALA K 423 3.91 40.23 33.25
N LEU K 424 3.80 39.09 32.56
CA LEU K 424 2.55 38.34 32.53
C LEU K 424 2.17 37.82 33.90
N GLU K 425 3.13 37.20 34.59
CA GLU K 425 2.92 36.69 35.92
C GLU K 425 2.54 37.77 36.94
N ALA K 426 3.20 38.93 36.88
CA ALA K 426 2.89 40.04 37.80
C ALA K 426 1.47 40.54 37.58
N CYS K 427 1.09 40.70 36.31
CA CYS K 427 -0.29 41.09 35.97
C CYS K 427 -1.30 40.05 36.45
N THR K 428 -0.97 38.79 36.27
CA THR K 428 -1.88 37.71 36.63
C THR K 428 -2.09 37.67 38.13
N GLN K 429 -0.99 37.77 38.88
CA GLN K 429 -1.05 37.80 40.34
C GLN K 429 -1.90 38.99 40.81
N ALA K 430 -1.59 40.17 40.26
CA ALA K 430 -2.28 41.40 40.66
C ALA K 430 -3.79 41.27 40.43
N ARG K 431 -4.18 40.79 39.24
CA ARG K 431 -5.58 40.51 38.95
C ARG K 431 -6.23 39.56 39.97
N ASN K 432 -5.57 38.44 40.26
CA ASN K 432 -6.06 37.46 41.24
C ASN K 432 -6.21 38.09 42.62
N GLU K 433 -5.40 39.10 42.91
CA GLU K 433 -5.44 39.77 44.20
C GLU K 433 -6.55 40.84 44.31
N GLY K 434 -7.24 41.08 43.19
CA GLY K 434 -8.36 42.02 43.16
C GLY K 434 -8.02 43.36 42.52
N ARG K 435 -6.78 43.52 42.08
CA ARG K 435 -6.38 44.78 41.44
C ARG K 435 -7.05 44.97 40.09
N ASP K 436 -7.41 46.21 39.80
CA ASP K 436 -8.07 46.56 38.56
C ASP K 436 -7.01 46.88 37.52
N LEU K 437 -6.76 45.94 36.60
CA LEU K 437 -5.73 46.12 35.60
C LEU K 437 -6.01 47.29 34.62
N ALA K 438 -7.27 47.52 34.32
CA ALA K 438 -7.63 48.67 33.49
C ALA K 438 -7.14 49.99 34.09
N ARG K 439 -7.21 50.10 35.42
CA ARG K 439 -6.83 51.32 36.12
C ARG K 439 -5.40 51.36 36.70
N GLU K 440 -4.94 50.24 37.27
CA GLU K 440 -3.67 50.18 38.01
C GLU K 440 -2.59 49.41 37.23
N GLY K 441 -2.87 49.08 35.96
CA GLY K 441 -1.98 48.27 35.14
C GLY K 441 -0.56 48.81 35.03
N GLY K 442 -0.43 50.11 34.74
CA GLY K 442 0.85 50.80 34.76
C GLY K 442 1.61 50.63 36.07
N ASP K 443 0.91 50.72 37.21
CA ASP K 443 1.55 50.54 38.52
C ASP K 443 2.12 49.13 38.65
N VAL K 444 1.38 48.13 38.17
CA VAL K 444 1.84 46.74 38.26
C VAL K 444 3.12 46.57 37.46
N ILE K 445 3.14 47.10 36.25
CA ILE K 445 4.33 47.01 35.42
C ILE K 445 5.49 47.78 36.03
N ARG K 446 5.22 49.02 36.48
CA ARG K 446 6.28 49.81 37.11
C ARG K 446 6.92 49.11 38.30
N SER K 447 6.11 48.52 39.18
CA SER K 447 6.63 47.73 40.31
C SER K 447 7.51 46.58 39.83
N ALA K 448 7.01 45.86 38.84
CA ALA K 448 7.73 44.70 38.32
C ALA K 448 9.06 45.13 37.66
N CYS K 449 9.07 46.24 36.91
CA CYS K 449 10.31 46.79 36.32
C CYS K 449 11.38 47.05 37.37
N LYS K 450 10.97 47.58 38.52
CA LYS K 450 11.91 47.90 39.61
C LYS K 450 12.52 46.66 40.22
N TRP K 451 11.75 45.58 40.22
CA TRP K 451 12.18 44.31 40.78
C TRP K 451 13.07 43.47 39.81
N SER K 452 12.69 43.40 38.54
CA SER K 452 13.38 42.53 37.59
C SER K 452 14.22 43.35 36.59
N PRO K 453 15.54 43.17 36.62
CA PRO K 453 16.44 43.89 35.70
C PRO K 453 16.16 43.55 34.24
N GLU K 454 15.82 42.29 33.93
CA GLU K 454 15.41 41.92 32.56
C GLU K 454 14.19 42.72 32.07
N LEU K 455 13.20 42.83 32.94
CA LEU K 455 11.98 43.57 32.59
C LEU K 455 12.27 45.06 32.48
N ALA K 456 13.05 45.59 33.43
CA ALA K 456 13.42 47.00 33.46
C ALA K 456 14.00 47.41 32.11
N ALA K 457 14.92 46.62 31.57
CA ALA K 457 15.51 46.91 30.26
C ALA K 457 14.49 46.98 29.13
N ALA K 458 13.48 46.11 29.17
CA ALA K 458 12.36 46.15 28.22
C ALA K 458 11.47 47.38 28.46
N CYS K 459 11.14 47.64 29.72
CA CYS K 459 10.35 48.82 30.07
C CYS K 459 10.96 50.09 29.49
N GLU K 460 12.27 50.27 29.67
CA GLU K 460 12.97 51.46 29.17
C GLU K 460 12.93 51.61 27.65
N VAL K 461 13.18 50.51 26.93
CA VAL K 461 13.31 50.59 25.48
C VAL K 461 12.02 50.93 24.75
N TRP K 462 10.92 50.39 25.25
CA TRP K 462 9.62 50.56 24.60
C TRP K 462 8.66 51.47 25.35
N LYS K 463 9.14 52.15 26.39
CA LYS K 463 8.31 53.06 27.19
C LYS K 463 7.36 53.97 26.39
N GLU K 464 7.87 54.60 25.33
CA GLU K 464 7.03 55.59 24.60
C GLU K 464 6.12 55.00 23.50
N ILE K 465 6.22 53.69 23.28
CA ILE K 465 5.72 53.11 22.04
C ILE K 465 4.26 52.69 22.11
N LYS K 466 3.45 53.35 21.28
CA LYS K 466 2.02 53.12 21.23
C LYS K 466 1.56 53.04 19.77
N PHE K 467 0.43 52.37 19.55
CA PHE K 467 -0.19 52.31 18.22
C PHE K 467 -1.63 52.77 18.37
N GLU K 468 -1.87 54.03 18.02
CA GLU K 468 -3.19 54.66 18.15
C GLU K 468 -3.54 55.40 16.88
N PHE K 469 -4.52 54.87 16.17
CA PHE K 469 -4.91 55.38 14.87
C PHE K 469 -6.44 55.29 14.80
N ASP K 470 -7.01 56.02 13.85
CA ASP K 470 -8.44 55.95 13.58
C ASP K 470 -8.80 54.54 13.07
N THR K 471 -9.88 53.98 13.60
CA THR K 471 -10.31 52.63 13.24
C THR K 471 -11.13 52.60 11.95
N ILE K 472 -10.73 51.73 11.01
CA ILE K 472 -11.52 51.49 9.80
C ILE K 472 -12.72 50.58 10.10
N ASP K 473 -12.45 49.41 10.68
CA ASP K 473 -13.49 48.41 10.92
C ASP K 473 -14.29 48.76 12.18
N LYS K 474 -15.14 49.78 12.06
CA LYS K 474 -16.04 50.21 13.15
C LYS K 474 -17.39 49.55 12.99
N LEU K 475 -18.04 49.25 14.12
CA LEU K 475 -19.38 48.68 14.12
C LEU K 475 -20.40 49.37 13.20
N MET L 1 21.37 -31.74 44.89
CA MET L 1 21.05 -30.74 43.82
C MET L 1 21.70 -29.39 44.15
N MET L 2 22.57 -28.92 43.28
CA MET L 2 23.19 -27.61 43.48
C MET L 2 22.53 -26.63 42.54
N VAL L 3 22.38 -25.39 43.02
CA VAL L 3 21.69 -24.35 42.26
C VAL L 3 22.71 -23.40 41.60
N TRP L 4 22.62 -23.26 40.29
CA TRP L 4 23.50 -22.35 39.56
C TRP L 4 23.16 -20.91 39.91
N THR L 5 24.12 -20.17 40.47
CA THR L 5 23.79 -18.83 40.93
C THR L 5 23.59 -17.83 39.79
N PRO L 6 22.51 -17.03 39.86
CA PRO L 6 22.29 -15.91 38.94
C PRO L 6 23.06 -14.64 39.32
N VAL L 7 23.68 -14.64 40.50
CA VAL L 7 24.24 -13.41 41.10
C VAL L 7 25.73 -13.32 40.81
N ASN L 8 26.13 -12.18 40.22
CA ASN L 8 27.51 -11.91 39.87
C ASN L 8 28.23 -13.13 39.33
N ASN L 9 27.68 -13.67 38.25
CA ASN L 9 28.17 -14.88 37.62
C ASN L 9 28.43 -14.67 36.13
N LYS L 10 28.92 -13.48 35.78
CA LYS L 10 29.22 -13.15 34.39
C LYS L 10 30.31 -14.06 33.82
N MET L 11 30.20 -14.33 32.51
CA MET L 11 31.13 -15.19 31.78
C MET L 11 31.66 -14.40 30.59
N PHE L 12 32.71 -14.89 29.95
CA PHE L 12 33.41 -14.12 28.93
C PHE L 12 33.85 -15.02 27.79
N GLU L 13 32.90 -15.79 27.29
CA GLU L 13 33.08 -16.67 26.14
C GLU L 13 34.15 -17.75 26.35
N THR L 14 34.89 -18.11 25.29
CA THR L 14 35.65 -19.35 25.31
C THR L 14 36.62 -19.55 26.51
N PHE L 15 36.43 -20.66 27.20
CA PHE L 15 37.23 -21.10 28.37
C PHE L 15 36.77 -20.53 29.73
N SER L 16 35.76 -19.65 29.72
CA SER L 16 35.30 -19.07 30.98
C SER L 16 34.65 -20.07 31.93
N TYR L 17 34.31 -21.25 31.45
CA TYR L 17 33.67 -22.22 32.33
C TYR L 17 34.69 -23.18 32.91
N LEU L 18 35.96 -23.00 32.50
CA LEU L 18 37.06 -23.82 33.01
C LEU L 18 37.78 -23.10 34.14
N PRO L 19 38.67 -23.79 34.87
CA PRO L 19 39.49 -23.10 35.86
C PRO L 19 40.29 -21.98 35.16
N PRO L 20 40.68 -20.94 35.86
CA PRO L 20 41.49 -19.87 35.24
C PRO L 20 42.74 -20.43 34.56
N LEU L 21 43.07 -19.92 33.39
CA LEU L 21 44.22 -20.42 32.66
C LEU L 21 45.55 -20.10 33.36
N THR L 22 46.37 -21.14 33.57
CA THR L 22 47.74 -20.93 34.06
C THR L 22 48.60 -20.35 32.93
N ASP L 23 49.78 -19.85 33.30
CA ASP L 23 50.77 -19.37 32.34
C ASP L 23 51.12 -20.45 31.30
N GLU L 24 51.27 -21.68 31.78
CA GLU L 24 51.56 -22.83 30.91
C GLU L 24 50.40 -23.14 29.92
N GLN L 25 49.17 -23.00 30.39
CA GLN L 25 47.99 -23.20 29.57
C GLN L 25 47.85 -22.11 28.50
N ILE L 26 48.09 -20.85 28.88
CA ILE L 26 48.13 -19.74 27.91
C ILE L 26 49.21 -20.00 26.87
N ALA L 27 50.39 -20.40 27.31
CA ALA L 27 51.49 -20.68 26.40
C ALA L 27 51.14 -21.81 25.43
N ALA L 28 50.39 -22.81 25.91
CA ALA L 28 49.95 -23.92 25.05
C ALA L 28 48.98 -23.44 23.95
N GLN L 29 48.10 -22.51 24.30
CA GLN L 29 47.20 -21.90 23.32
C GLN L 29 47.97 -21.13 22.24
N VAL L 30 49.01 -20.41 22.67
CA VAL L 30 49.85 -19.63 21.76
C VAL L 30 50.62 -20.57 20.81
N ASP L 31 51.08 -21.71 21.34
CA ASP L 31 51.70 -22.74 20.49
C ASP L 31 50.73 -23.21 19.43
N TYR L 32 49.47 -23.33 19.81
CA TYR L 32 48.45 -23.80 18.90
C TYR L 32 48.22 -22.79 17.74
N ILE L 33 48.15 -21.49 18.07
CA ILE L 33 48.13 -20.44 17.06
C ILE L 33 49.29 -20.56 16.07
N VAL L 34 50.51 -20.66 16.59
CA VAL L 34 51.72 -20.73 15.78
C VAL L 34 51.75 -22.00 14.90
N ALA L 35 51.41 -23.16 15.48
CA ALA L 35 51.42 -24.43 14.74
C ALA L 35 50.45 -24.40 13.57
N ASN L 36 49.39 -23.61 13.71
CA ASN L 36 48.39 -23.53 12.65
C ASN L 36 48.58 -22.37 11.66
N GLY L 37 49.60 -21.55 11.89
CA GLY L 37 49.90 -20.42 11.01
C GLY L 37 48.88 -19.28 11.08
N TRP L 38 48.13 -19.18 12.18
CA TRP L 38 47.14 -18.11 12.32
C TRP L 38 47.79 -16.83 12.79
N ILE L 39 47.07 -15.72 12.64
CA ILE L 39 47.59 -14.40 12.96
C ILE L 39 47.16 -14.00 14.36
N PRO L 40 48.12 -13.91 15.29
CA PRO L 40 47.85 -13.48 16.67
C PRO L 40 47.51 -11.99 16.72
N CYS L 41 46.62 -11.60 17.64
CA CYS L 41 46.32 -10.18 17.85
C CYS L 41 45.79 -9.99 19.25
N LEU L 42 46.09 -8.83 19.83
CA LEU L 42 45.57 -8.53 21.16
C LEU L 42 44.54 -7.41 21.06
N GLU L 43 43.49 -7.51 21.87
CA GLU L 43 42.48 -6.47 21.95
C GLU L 43 42.16 -6.18 23.40
N PHE L 44 41.74 -4.95 23.70
CA PHE L 44 41.47 -4.58 25.06
C PHE L 44 40.31 -3.60 25.18
N ALA L 45 39.76 -3.52 26.39
CA ALA L 45 38.62 -2.66 26.65
C ALA L 45 38.50 -2.41 28.16
N GLU L 46 37.96 -1.24 28.49
CA GLU L 46 37.60 -0.88 29.86
C GLU L 46 36.47 -1.78 30.41
N HIS L 47 35.46 -2.00 29.58
CA HIS L 47 34.27 -2.77 29.96
C HIS L 47 33.97 -3.86 28.95
N SER L 48 33.32 -4.92 29.43
CA SER L 48 32.91 -6.01 28.55
C SER L 48 31.39 -6.20 28.63
N ASN L 49 30.73 -5.84 27.55
CA ASN L 49 29.28 -6.05 27.41
C ASN L 49 28.99 -6.92 26.21
N PRO L 50 28.07 -7.89 26.37
CA PRO L 50 27.71 -8.80 25.27
C PRO L 50 27.21 -8.06 24.03
N GLU L 51 26.58 -6.89 24.20
CA GLU L 51 26.09 -6.06 23.07
C GLU L 51 27.19 -5.37 22.27
N GLU L 52 28.38 -5.22 22.86
CA GLU L 52 29.48 -4.45 22.24
C GLU L 52 30.44 -5.33 21.41
N PHE L 53 30.35 -5.19 20.09
CA PHE L 53 31.12 -6.03 19.15
C PHE L 53 32.62 -5.76 19.16
N TYR L 54 33.03 -4.51 19.04
CA TYR L 54 34.45 -4.18 18.87
C TYR L 54 35.14 -3.79 20.16
N TRP L 55 36.37 -4.26 20.33
CA TRP L 55 37.26 -3.74 21.35
C TRP L 55 38.35 -2.95 20.62
N THR L 56 39.29 -2.42 21.39
CA THR L 56 40.38 -1.65 20.83
C THR L 56 41.54 -2.60 20.52
N MET L 57 42.12 -2.44 19.33
CA MET L 57 43.25 -3.22 18.90
C MET L 57 44.52 -2.78 19.61
N TRP L 58 45.27 -3.74 20.16
CA TRP L 58 46.60 -3.43 20.65
C TRP L 58 47.55 -3.47 19.45
N LYS L 59 48.09 -2.31 19.08
CA LYS L 59 48.99 -2.18 17.92
C LYS L 59 48.35 -2.73 16.65
N LEU L 60 48.96 -3.74 16.03
CA LEU L 60 48.44 -4.34 14.82
C LEU L 60 48.46 -5.85 14.97
N PRO L 61 47.67 -6.58 14.17
CA PRO L 61 47.76 -8.04 14.17
C PRO L 61 49.20 -8.42 13.82
N MET L 62 49.68 -9.48 14.44
CA MET L 62 51.09 -9.83 14.29
C MET L 62 51.35 -10.67 13.04
N PHE L 63 51.20 -10.03 11.86
CA PHE L 63 51.34 -10.70 10.57
C PHE L 63 52.73 -11.30 10.42
N GLY L 64 52.79 -12.54 9.97
CA GLY L 64 54.05 -13.22 9.78
C GLY L 64 54.72 -13.73 11.04
N CYS L 65 54.14 -13.49 12.21
CA CYS L 65 54.75 -13.94 13.46
C CYS L 65 54.66 -15.46 13.60
N ARG L 66 55.81 -16.10 13.74
CA ARG L 66 55.91 -17.54 13.98
C ARG L 66 56.64 -17.85 15.30
N ASP L 67 56.71 -16.85 16.17
CA ASP L 67 57.48 -16.95 17.40
C ASP L 67 56.56 -16.74 18.62
N PRO L 68 56.25 -17.82 19.34
CA PRO L 68 55.37 -17.75 20.52
C PRO L 68 55.86 -16.79 21.59
N MET L 69 57.18 -16.66 21.75
CA MET L 69 57.76 -15.76 22.75
C MET L 69 57.41 -14.31 22.45
N GLN L 70 57.37 -13.98 21.16
CA GLN L 70 56.97 -12.66 20.70
C GLN L 70 55.54 -12.36 21.14
N VAL L 71 54.64 -13.32 20.92
CA VAL L 71 53.23 -13.17 21.34
C VAL L 71 53.10 -12.98 22.84
N LEU L 72 53.83 -13.79 23.61
CA LEU L 72 53.82 -13.67 25.07
C LEU L 72 54.35 -12.35 25.58
N ARG L 73 55.39 -11.83 24.92
CA ARG L 73 55.92 -10.51 25.27
C ARG L 73 54.90 -9.41 25.00
N GLU L 74 54.12 -9.53 23.93
CA GLU L 74 53.09 -8.50 23.65
C GLU L 74 51.95 -8.55 24.67
N ILE L 75 51.58 -9.76 25.13
CA ILE L 75 50.64 -9.87 26.24
C ILE L 75 51.12 -9.05 27.45
N VAL L 76 52.39 -9.23 27.82
CA VAL L 76 53.00 -8.50 28.94
C VAL L 76 52.96 -6.98 28.68
N ALA L 77 53.41 -6.56 27.49
CA ALA L 77 53.38 -5.14 27.14
C ALA L 77 51.96 -4.52 27.14
N CYS L 78 50.97 -5.24 26.58
CA CYS L 78 49.60 -4.76 26.56
C CYS L 78 49.03 -4.60 27.97
N THR L 79 49.15 -5.65 28.77
CA THR L 79 48.64 -5.63 30.14
C THR L 79 49.36 -4.62 31.02
N LYS L 80 50.65 -4.39 30.75
CA LYS L 80 51.41 -3.36 31.46
C LYS L 80 50.88 -1.96 31.15
N ALA L 81 50.57 -1.70 29.88
CA ALA L 81 50.01 -0.40 29.50
C ALA L 81 48.57 -0.21 29.99
N PHE L 82 47.80 -1.28 30.03
CA PHE L 82 46.41 -1.21 30.50
C PHE L 82 46.14 -2.24 31.59
N PRO L 83 46.63 -1.98 32.81
CA PRO L 83 46.58 -2.98 33.89
C PRO L 83 45.17 -3.17 34.48
N ASP L 84 44.23 -2.26 34.17
CA ASP L 84 42.85 -2.38 34.65
C ASP L 84 41.86 -2.77 33.57
N ALA L 85 42.35 -3.08 32.38
CA ALA L 85 41.48 -3.43 31.26
C ALA L 85 41.17 -4.94 31.11
N TYR L 86 40.08 -5.23 30.39
CA TYR L 86 39.91 -6.56 29.83
C TYR L 86 40.88 -6.65 28.70
N VAL L 87 41.58 -7.78 28.59
CA VAL L 87 42.52 -8.00 27.48
C VAL L 87 42.29 -9.40 26.99
N ARG L 88 42.10 -9.54 25.69
CA ARG L 88 41.99 -10.87 25.13
C ARG L 88 43.04 -11.14 24.07
N LEU L 89 43.46 -12.41 24.01
CA LEU L 89 44.24 -12.88 22.89
C LEU L 89 43.33 -13.48 21.82
N VAL L 90 43.47 -13.03 20.58
CA VAL L 90 42.69 -13.62 19.47
C VAL L 90 43.63 -14.08 18.38
N ALA L 91 43.10 -14.81 17.40
CA ALA L 91 43.88 -15.18 16.22
C ALA L 91 42.97 -15.20 15.00
N PHE L 92 43.51 -14.74 13.89
CA PHE L 92 42.76 -14.67 12.64
C PHE L 92 43.26 -15.70 11.65
N ASP L 93 42.33 -16.20 10.84
CA ASP L 93 42.62 -17.04 9.69
C ASP L 93 42.29 -16.18 8.46
N ASN L 94 43.30 -15.84 7.66
CA ASN L 94 43.07 -14.95 6.52
C ASN L 94 42.48 -15.66 5.28
N GLN L 95 42.42 -16.98 5.30
CA GLN L 95 41.83 -17.80 4.21
C GLN L 95 40.32 -17.81 4.31
N LYS L 96 39.81 -18.15 5.49
CA LYS L 96 38.38 -18.04 5.74
C LYS L 96 37.99 -16.60 6.12
N GLN L 97 38.98 -15.74 6.39
CA GLN L 97 38.77 -14.37 6.85
C GLN L 97 37.81 -14.28 8.03
N VAL L 98 38.22 -14.92 9.12
CA VAL L 98 37.45 -14.93 10.36
C VAL L 98 38.39 -15.14 11.55
N GLN L 99 37.95 -14.67 12.71
CA GLN L 99 38.64 -14.96 13.94
C GLN L 99 38.44 -16.43 14.27
N ILE L 100 39.53 -17.13 14.57
CA ILE L 100 39.51 -18.56 14.65
C ILE L 100 39.71 -19.04 16.09
N MET L 101 40.13 -18.13 16.98
CA MET L 101 40.26 -18.41 18.41
C MET L 101 40.26 -17.10 19.21
N GLY L 102 40.05 -17.20 20.51
CA GLY L 102 40.02 -16.04 21.36
C GLY L 102 39.63 -16.35 22.78
N PHE L 103 40.34 -15.74 23.74
CA PHE L 103 40.03 -15.90 25.15
C PHE L 103 40.67 -14.77 25.93
N LEU L 104 40.07 -14.48 27.08
CA LEU L 104 40.57 -13.47 28.01
C LEU L 104 41.91 -13.86 28.62
N VAL L 105 42.82 -12.90 28.69
CA VAL L 105 44.08 -13.06 29.41
C VAL L 105 44.20 -12.11 30.59
N GLN L 106 43.28 -11.15 30.69
CA GLN L 106 43.21 -10.26 31.85
C GLN L 106 41.80 -9.70 32.05
N ARG L 107 41.40 -9.57 33.31
CA ARG L 107 40.20 -8.84 33.67
C ARG L 107 40.58 -7.72 34.64
N PRO L 108 39.75 -6.68 34.81
CA PRO L 108 40.01 -5.66 35.83
C PRO L 108 40.00 -6.30 37.21
N LYS L 109 40.84 -5.78 38.12
CA LYS L 109 40.92 -6.30 39.49
C LYS L 109 39.73 -5.83 40.31
N THR L 110 39.18 -4.67 39.93
CA THR L 110 38.04 -4.06 40.64
C THR L 110 36.71 -4.78 40.35
N ALA L 111 36.76 -5.72 39.40
CA ALA L 111 35.58 -6.49 38.98
C ALA L 111 35.19 -7.54 40.04
N ARG L 112 33.94 -7.47 40.48
CA ARG L 112 33.37 -8.48 41.39
C ARG L 112 32.07 -9.03 40.81
N ASP L 113 31.92 -8.92 39.49
CA ASP L 113 30.72 -9.37 38.77
C ASP L 113 30.78 -10.83 38.26
N PHE L 114 31.85 -11.57 38.61
CA PHE L 114 32.01 -12.98 38.27
C PHE L 114 32.39 -13.80 39.51
N GLN L 115 32.14 -15.12 39.44
CA GLN L 115 32.42 -16.04 40.55
C GLN L 115 33.65 -16.92 40.29
N PRO L 116 34.41 -17.23 41.35
CA PRO L 116 35.36 -18.34 41.30
C PRO L 116 34.63 -19.65 41.02
N ALA L 117 35.31 -20.60 40.37
CA ALA L 117 34.70 -21.86 39.92
C ALA L 117 33.82 -22.58 40.96
N ASN L 118 34.32 -22.67 42.20
CA ASN L 118 33.59 -23.41 43.26
C ASN L 118 32.45 -22.62 43.93
N LYS L 119 32.21 -21.40 43.44
CA LYS L 119 31.14 -20.56 43.98
C LYS L 119 30.03 -20.34 42.93
N ARG L 120 30.10 -21.07 41.82
CA ARG L 120 29.14 -20.91 40.74
C ARG L 120 27.77 -21.55 41.04
N SER L 121 27.76 -22.49 41.98
CA SER L 121 26.54 -23.15 42.41
C SER L 121 26.48 -23.27 43.93
N VAL L 122 25.27 -23.25 44.47
CA VAL L 122 25.05 -23.21 45.91
C VAL L 122 24.10 -24.32 46.40
N THR M 7 0.71 38.94 -54.99
CA THR M 7 0.28 37.68 -54.30
C THR M 7 1.19 36.46 -54.62
N LYS M 8 2.50 36.67 -54.43
CA LYS M 8 3.54 35.63 -54.56
C LYS M 8 3.51 34.64 -53.39
N ALA M 9 4.10 33.47 -53.59
CA ALA M 9 4.27 32.52 -52.49
C ALA M 9 5.42 32.93 -51.54
N GLY M 10 5.17 32.82 -50.23
CA GLY M 10 6.23 32.95 -49.23
C GLY M 10 7.04 31.65 -49.09
N ALA M 11 7.82 31.53 -48.02
CA ALA M 11 8.66 30.33 -47.78
C ALA M 11 7.83 29.04 -47.64
N GLY M 12 8.10 28.10 -48.55
CA GLY M 12 7.39 26.83 -48.60
C GLY M 12 8.30 25.65 -48.30
N PHE M 13 7.76 24.44 -48.44
CA PHE M 13 8.54 23.24 -48.19
C PHE M 13 9.31 22.90 -49.45
N LYS M 14 10.62 22.83 -49.33
CA LYS M 14 11.44 22.38 -50.43
C LYS M 14 12.25 21.16 -49.96
N ALA M 15 11.94 19.98 -50.51
CA ALA M 15 12.65 18.76 -50.16
C ALA M 15 14.13 18.81 -50.57
N GLY M 16 14.97 18.14 -49.76
CA GLY M 16 16.36 17.93 -50.10
C GLY M 16 17.32 18.51 -49.10
N VAL M 17 18.60 18.25 -49.30
CA VAL M 17 19.67 18.66 -48.41
C VAL M 17 20.16 20.07 -48.75
N LYS M 18 20.34 20.88 -47.71
CA LYS M 18 21.01 22.16 -47.83
C LYS M 18 21.96 22.25 -46.62
N ASP M 19 22.81 23.26 -46.61
CA ASP M 19 23.79 23.44 -45.54
C ASP M 19 23.09 23.79 -44.23
N TYR M 20 23.61 23.25 -43.13
CA TYR M 20 23.09 23.58 -41.80
C TYR M 20 23.24 25.07 -41.51
N ARG M 21 24.32 25.67 -42.02
CA ARG M 21 24.63 27.07 -41.72
C ARG M 21 23.53 28.05 -42.17
N LEU M 22 22.72 27.64 -43.14
CA LEU M 22 21.66 28.50 -43.68
C LEU M 22 20.57 28.77 -42.65
N THR M 23 20.45 27.88 -41.67
CA THR M 23 19.43 28.01 -40.64
C THR M 23 20.06 28.17 -39.25
N TYR M 24 21.21 27.54 -39.03
CA TYR M 24 21.76 27.35 -37.66
C TYR M 24 23.02 28.12 -37.31
N TYR M 25 23.57 28.85 -38.28
CA TYR M 25 24.66 29.77 -37.95
C TYR M 25 24.08 31.17 -37.95
N THR M 26 23.97 31.76 -36.77
CA THR M 26 23.42 33.10 -36.60
C THR M 26 24.37 34.02 -35.81
N PRO M 27 25.42 34.51 -36.46
CA PRO M 27 26.47 35.31 -35.78
C PRO M 27 26.00 36.68 -35.24
N ASP M 28 24.78 37.11 -35.59
CA ASP M 28 24.24 38.37 -35.06
C ASP M 28 23.22 38.17 -33.94
N TYR M 29 22.99 36.92 -33.56
CA TYR M 29 22.05 36.60 -32.51
C TYR M 29 22.47 37.17 -31.16
N VAL M 30 21.54 37.88 -30.51
CA VAL M 30 21.76 38.39 -29.16
C VAL M 30 21.21 37.36 -28.19
N VAL M 31 22.08 36.80 -27.35
CA VAL M 31 21.63 35.71 -26.48
C VAL M 31 20.65 36.22 -25.43
N ARG M 32 19.68 35.38 -25.09
CA ARG M 32 18.71 35.74 -24.07
C ARG M 32 19.22 35.28 -22.70
N ASP M 33 18.76 35.95 -21.66
CA ASP M 33 19.13 35.62 -20.30
C ASP M 33 18.59 34.26 -19.83
N THR M 34 17.64 33.69 -20.56
CA THR M 34 17.15 32.35 -20.25
C THR M 34 17.70 31.23 -21.14
N ASP M 35 18.55 31.58 -22.11
CA ASP M 35 19.19 30.56 -22.96
C ASP M 35 20.19 29.71 -22.21
N ILE M 36 20.27 28.44 -22.56
CA ILE M 36 21.38 27.62 -22.11
C ILE M 36 22.49 27.83 -23.13
N LEU M 37 23.69 28.18 -22.68
CA LEU M 37 24.80 28.35 -23.64
C LEU M 37 25.81 27.22 -23.54
N ALA M 38 26.37 26.81 -24.67
CA ALA M 38 27.40 25.77 -24.65
C ALA M 38 28.65 26.28 -25.37
N ALA M 39 29.81 25.92 -24.85
CA ALA M 39 31.08 26.20 -25.53
C ALA M 39 31.69 24.88 -25.95
N PHE M 40 31.68 24.62 -27.24
CA PHE M 40 32.26 23.40 -27.81
C PHE M 40 33.64 23.67 -28.42
N ARG M 41 34.65 22.92 -27.97
CA ARG M 41 35.92 22.87 -28.68
C ARG M 41 35.79 21.87 -29.85
N MET M 42 35.84 22.38 -31.06
CA MET M 42 35.41 21.67 -32.23
C MET M 42 36.57 21.53 -33.22
N THR M 43 36.80 20.29 -33.70
CA THR M 43 37.83 20.01 -34.73
C THR M 43 37.17 19.45 -36.01
N PRO M 44 36.99 20.31 -37.02
CA PRO M 44 36.30 19.89 -38.25
C PRO M 44 37.16 18.98 -39.11
N GLN M 45 36.50 18.17 -39.93
CA GLN M 45 37.17 17.39 -40.94
C GLN M 45 37.67 18.38 -42.01
N PRO M 46 38.74 18.02 -42.74
CA PRO M 46 39.21 18.85 -43.87
C PRO M 46 38.04 19.16 -44.82
N GLY M 47 37.92 20.42 -45.23
CA GLY M 47 36.92 20.77 -46.22
C GLY M 47 35.57 21.15 -45.63
N VAL M 48 35.42 20.97 -44.33
CA VAL M 48 34.19 21.36 -43.64
C VAL M 48 34.43 22.72 -42.98
N PRO M 49 33.80 23.76 -43.51
CA PRO M 49 33.99 25.11 -42.95
C PRO M 49 33.56 25.13 -41.48
N PRO M 50 34.29 25.83 -40.61
CA PRO M 50 33.95 25.91 -39.19
C PRO M 50 32.50 26.37 -38.95
N GLU M 51 32.00 27.28 -39.78
CA GLU M 51 30.62 27.76 -39.64
C GLU M 51 29.59 26.65 -39.92
N GLU M 52 29.90 25.77 -40.87
CA GLU M 52 29.04 24.66 -41.19
C GLU M 52 29.12 23.59 -40.10
N CYS M 53 30.33 23.34 -39.60
CA CYS M 53 30.56 22.45 -38.45
C CYS M 53 29.83 22.90 -37.17
N GLY M 54 29.99 24.18 -36.78
CA GLY M 54 29.27 24.73 -35.65
C GLY M 54 27.76 24.69 -35.84
N ALA M 55 27.31 24.93 -37.08
CA ALA M 55 25.89 24.93 -37.39
C ALA M 55 25.32 23.50 -37.31
N ALA M 56 26.11 22.53 -37.76
CA ALA M 56 25.72 21.13 -37.68
C ALA M 56 25.56 20.70 -36.21
N VAL M 57 26.50 21.11 -35.36
CA VAL M 57 26.45 20.79 -33.93
C VAL M 57 25.20 21.43 -33.31
N ALA M 58 24.95 22.72 -33.61
CA ALA M 58 23.76 23.40 -33.09
C ALA M 58 22.45 22.74 -33.58
N ALA M 59 22.40 22.39 -34.86
CA ALA M 59 21.22 21.79 -35.45
C ALA M 59 20.88 20.43 -34.84
N GLU M 60 21.86 19.54 -34.79
CA GLU M 60 21.64 18.15 -34.43
C GLU M 60 21.64 17.93 -32.91
N SER M 61 21.81 19.00 -32.16
CA SER M 61 21.59 19.00 -30.71
C SER M 61 20.33 19.81 -30.35
N SER M 62 19.54 20.21 -31.34
CA SER M 62 18.33 20.97 -31.06
C SER M 62 17.07 20.57 -31.88
N THR M 63 16.98 20.97 -33.14
CA THR M 63 15.77 20.73 -33.95
C THR M 63 16.01 20.09 -35.32
N GLY M 64 17.27 20.02 -35.75
CA GLY M 64 17.52 19.71 -37.16
C GLY M 64 17.96 18.30 -37.44
N THR M 65 17.71 17.86 -38.65
CA THR M 65 18.35 16.66 -39.16
C THR M 65 19.04 16.92 -40.52
N TRP M 66 19.44 15.85 -41.21
CA TRP M 66 20.37 15.94 -42.33
C TRP M 66 19.76 16.43 -43.65
N THR M 67 18.43 16.42 -43.73
CA THR M 67 17.71 16.89 -44.91
C THR M 67 16.51 17.69 -44.44
N THR M 68 15.92 18.48 -45.33
CA THR M 68 14.83 19.38 -44.94
C THR M 68 13.54 18.62 -44.71
N VAL M 69 12.85 18.91 -43.60
CA VAL M 69 11.59 18.26 -43.26
C VAL M 69 10.42 19.24 -43.32
N TRP M 70 9.30 18.78 -43.87
CA TRP M 70 8.14 19.63 -44.07
C TRP M 70 7.50 20.08 -42.77
N THR M 71 7.65 19.27 -41.71
CA THR M 71 6.99 19.53 -40.43
C THR M 71 7.48 20.78 -39.72
N ASP M 72 8.66 21.31 -40.09
CA ASP M 72 9.12 22.59 -39.54
C ASP M 72 8.06 23.67 -39.67
N GLY M 73 7.31 23.60 -40.77
CA GLY M 73 6.32 24.63 -41.08
C GLY M 73 5.17 24.65 -40.10
N LEU M 74 4.87 23.54 -39.43
CA LEU M 74 3.78 23.49 -38.46
C LEU M 74 4.13 24.23 -37.17
N THR M 75 5.41 24.44 -36.92
CA THR M 75 5.87 25.09 -35.70
C THR M 75 6.72 26.30 -36.09
N SER M 76 7.49 26.85 -35.14
CA SER M 76 8.32 28.01 -35.42
C SER M 76 9.77 27.67 -35.12
N LEU M 77 10.53 27.35 -36.16
CA LEU M 77 11.94 27.01 -35.98
C LEU M 77 12.72 28.14 -35.31
N ASP M 78 12.43 29.39 -35.65
CA ASP M 78 13.08 30.54 -35.01
C ASP M 78 12.97 30.47 -33.49
N ARG M 79 11.78 30.08 -33.01
CA ARG M 79 11.54 29.94 -31.59
C ARG M 79 12.35 28.83 -30.92
N TYR M 80 12.58 27.72 -31.62
CA TYR M 80 13.10 26.53 -30.96
C TYR M 80 14.52 26.15 -31.33
N LYS M 81 14.99 26.59 -32.50
CA LYS M 81 16.32 26.15 -32.97
C LYS M 81 17.49 26.53 -32.06
N GLY M 82 18.46 25.63 -31.97
CA GLY M 82 19.72 25.95 -31.34
C GLY M 82 20.47 26.83 -32.32
N ARG M 83 21.33 27.69 -31.81
CA ARG M 83 21.99 28.70 -32.65
C ARG M 83 23.48 28.78 -32.36
N CYS M 84 24.29 28.51 -33.38
CA CYS M 84 25.70 28.78 -33.27
C CYS M 84 25.87 30.27 -33.51
N TYR M 85 26.19 31.01 -32.44
CA TYR M 85 26.14 32.47 -32.52
C TYR M 85 27.51 33.15 -32.53
N ASP M 86 28.56 32.34 -32.36
CA ASP M 86 29.92 32.83 -32.34
C ASP M 86 30.91 31.68 -32.49
N ILE M 87 31.97 31.94 -33.23
CA ILE M 87 33.06 30.99 -33.38
C ILE M 87 34.38 31.71 -33.23
N GLU M 88 35.23 31.24 -32.33
CA GLU M 88 36.57 31.82 -32.20
C GLU M 88 37.61 30.74 -32.46
N PRO M 89 38.66 31.08 -33.19
CA PRO M 89 39.80 30.17 -33.36
C PRO M 89 40.52 29.98 -32.02
N VAL M 90 41.11 28.81 -31.83
CA VAL M 90 41.82 28.51 -30.60
C VAL M 90 43.29 28.85 -30.81
N PRO M 91 43.85 29.70 -29.92
CA PRO M 91 45.26 30.10 -30.01
C PRO M 91 46.17 28.87 -29.96
N GLY M 92 47.06 28.77 -30.93
CA GLY M 92 48.02 27.68 -30.96
C GLY M 92 47.54 26.45 -31.70
N GLU M 93 46.36 26.56 -32.33
CA GLU M 93 45.78 25.45 -33.08
C GLU M 93 45.35 25.93 -34.46
N ASP M 94 45.66 25.13 -35.47
CA ASP M 94 45.28 25.47 -36.85
C ASP M 94 43.88 24.97 -37.22
N ASN M 95 43.40 23.94 -36.51
CA ASN M 95 42.11 23.32 -36.81
C ASN M 95 41.17 23.10 -35.58
N GLN M 96 41.33 23.92 -34.55
CA GLN M 96 40.42 23.91 -33.41
C GLN M 96 39.71 25.24 -33.28
N TYR M 97 38.42 25.18 -32.98
CA TYR M 97 37.60 26.38 -32.79
C TYR M 97 36.72 26.21 -31.57
N ILE M 98 36.41 27.30 -30.90
CA ILE M 98 35.36 27.28 -29.89
C ILE M 98 34.10 27.76 -30.58
N ALA M 99 33.14 26.85 -30.71
CA ALA M 99 31.82 27.19 -31.23
C ALA M 99 30.84 27.40 -30.07
N TYR M 100 30.16 28.53 -30.07
CA TYR M 100 29.24 28.90 -29.03
C TYR M 100 27.83 28.67 -29.54
N VAL M 101 27.06 27.89 -28.80
CA VAL M 101 25.68 27.53 -29.18
C VAL M 101 24.72 27.95 -28.07
N ALA M 102 23.65 28.63 -28.47
CA ALA M 102 22.58 29.06 -27.58
C ALA M 102 21.33 28.19 -27.77
N TYR M 103 20.80 27.64 -26.67
CA TYR M 103 19.61 26.80 -26.71
C TYR M 103 18.46 27.49 -25.95
N ILE M 105 15.29 27.96 -23.61
CA ILE M 105 14.92 27.23 -22.39
C ILE M 105 13.81 26.20 -22.61
N ASP M 106 12.93 26.46 -23.58
CA ASP M 106 11.86 25.56 -23.97
C ASP M 106 12.32 24.18 -24.43
N LEU M 107 13.55 24.07 -24.87
CA LEU M 107 14.07 22.77 -25.33
C LEU M 107 14.24 21.74 -24.22
N PHE M 108 14.25 22.19 -22.96
CA PHE M 108 14.71 21.35 -21.86
C PHE M 108 13.61 20.93 -20.90
N GLU M 109 13.65 19.66 -20.49
CA GLU M 109 12.75 19.21 -19.42
C GLU M 109 13.23 19.78 -18.09
N GLU M 110 12.32 20.43 -17.37
CA GLU M 110 12.56 21.02 -16.06
C GLU M 110 13.12 19.97 -15.09
N GLY M 111 14.18 20.33 -14.36
CA GLY M 111 14.75 19.46 -13.34
C GLY M 111 15.51 18.21 -13.79
N SER M 112 15.72 18.06 -15.10
CA SER M 112 16.30 16.83 -15.70
C SER M 112 17.68 17.06 -16.33
N VAL M 113 18.75 16.79 -15.57
CA VAL M 113 20.11 16.77 -16.12
C VAL M 113 20.21 15.78 -17.29
N THR M 114 19.59 14.62 -17.12
CA THR M 114 19.52 13.63 -18.18
C THR M 114 19.07 14.24 -19.53
N ASN M 115 17.95 14.96 -19.52
CA ASN M 115 17.46 15.58 -20.73
C ASN M 115 18.41 16.64 -21.31
N MET M 116 19.00 17.46 -20.45
CA MET M 116 19.94 18.47 -20.90
C MET M 116 21.14 17.84 -21.63
N PHE M 117 21.73 16.82 -21.02
CA PHE M 117 22.83 16.09 -21.64
C PHE M 117 22.40 15.41 -22.94
N THR M 118 21.21 14.86 -22.97
CA THR M 118 20.71 14.19 -24.16
C THR M 118 20.66 15.07 -25.38
N SER M 119 20.19 16.31 -25.23
CA SER M 119 20.26 17.27 -26.34
C SER M 119 21.71 17.65 -26.65
N ILE M 120 22.42 18.18 -25.65
CA ILE M 120 23.68 18.89 -25.90
C ILE M 120 24.82 17.94 -26.27
N VAL M 121 24.84 16.74 -25.72
CA VAL M 121 25.93 15.80 -25.97
C VAL M 121 25.47 14.44 -26.49
N GLY M 122 24.23 14.38 -26.97
CA GLY M 122 23.61 13.11 -27.34
C GLY M 122 24.16 12.44 -28.56
N ASN M 123 24.14 13.17 -29.68
CA ASN M 123 24.52 12.62 -30.98
C ASN M 123 25.72 13.30 -31.63
N VAL M 124 25.92 14.59 -31.32
CA VAL M 124 26.85 15.39 -32.14
C VAL M 124 28.32 14.93 -32.14
N PHE M 125 28.76 14.26 -31.08
CA PHE M 125 30.16 13.85 -30.93
C PHE M 125 30.55 12.74 -31.91
N GLY M 126 29.56 12.10 -32.53
CA GLY M 126 29.80 11.04 -33.49
C GLY M 126 29.66 11.41 -34.96
N PHE M 127 29.31 12.65 -35.25
CA PHE M 127 29.21 13.10 -36.63
C PHE M 127 30.50 12.91 -37.41
N LYS M 128 30.38 12.28 -38.58
CA LYS M 128 31.52 12.04 -39.46
C LYS M 128 32.22 13.34 -39.85
N ALA M 129 31.44 14.42 -39.95
CA ALA M 129 31.96 15.71 -40.42
C ALA M 129 32.90 16.38 -39.39
N LEU M 130 33.01 15.82 -38.20
CA LEU M 130 34.03 16.34 -37.28
C LEU M 130 34.98 15.23 -36.82
N ARG M 131 36.17 15.65 -36.42
CA ARG M 131 37.24 14.74 -36.04
C ARG M 131 37.29 14.57 -34.54
N ALA M 132 36.89 15.63 -33.85
CA ALA M 132 36.90 15.65 -32.39
C ALA M 132 35.97 16.78 -31.93
N LEU M 133 35.38 16.59 -30.76
CA LEU M 133 34.48 17.57 -30.16
C LEU M 133 34.61 17.46 -28.64
N ARG M 134 34.70 18.61 -27.98
CA ARG M 134 34.78 18.64 -26.52
C ARG M 134 33.87 19.71 -25.97
N LEU M 135 32.95 19.34 -25.09
CA LEU M 135 32.13 20.34 -24.42
C LEU M 135 32.90 20.92 -23.23
N GLU M 136 33.26 22.20 -23.34
CA GLU M 136 34.10 22.87 -22.36
C GLU M 136 33.33 23.48 -21.20
N ASP M 137 32.15 24.01 -21.46
CA ASP M 137 31.41 24.74 -20.44
C ASP M 137 29.97 24.89 -20.87
N LEU M 138 29.12 25.15 -19.89
CA LEU M 138 27.71 25.42 -20.11
C LEU M 138 27.30 26.60 -19.26
N ARG M 139 26.49 27.50 -19.81
CA ARG M 139 25.91 28.56 -19.01
C ARG M 139 24.48 28.13 -18.63
N ILE M 140 24.31 27.72 -17.37
CA ILE M 140 22.99 27.36 -16.87
C ILE M 140 22.30 28.63 -16.31
N PRO M 141 21.24 29.09 -16.99
CA PRO M 141 20.59 30.35 -16.58
C PRO M 141 19.78 30.12 -15.32
N PRO M 142 19.66 31.14 -14.46
CA PRO M 142 18.84 31.05 -13.25
C PRO M 142 17.44 30.47 -13.46
N ALA M 143 16.79 30.79 -14.58
CA ALA M 143 15.43 30.30 -14.83
C ALA M 143 15.39 28.80 -15.02
N TYR M 144 16.49 28.20 -15.48
CA TYR M 144 16.57 26.75 -15.57
C TYR M 144 17.05 26.16 -14.23
N VAL M 145 18.03 26.82 -13.60
CA VAL M 145 18.57 26.36 -12.32
C VAL M 145 17.43 26.16 -11.34
N LYS M 146 16.48 27.10 -11.39
CA LYS M 146 15.37 27.13 -10.46
C LYS M 146 14.42 25.91 -10.59
N THR M 147 14.53 25.14 -11.67
CA THR M 147 13.66 23.97 -11.86
C THR M 147 14.24 22.73 -11.21
N PHE M 148 15.41 22.87 -10.57
CA PHE M 148 16.06 21.72 -9.94
C PHE M 148 16.00 21.79 -8.42
N VAL M 149 15.72 20.64 -7.80
CA VAL M 149 15.83 20.51 -6.36
C VAL M 149 17.26 20.83 -5.91
N GLY M 150 18.26 20.31 -6.62
CA GLY M 150 19.63 20.61 -6.29
C GLY M 150 20.15 19.74 -5.17
N PRO M 152 21.02 18.00 -1.68
CA PRO M 152 20.15 17.71 -0.53
C PRO M 152 20.34 18.75 0.59
N HIS M 153 21.58 19.19 0.82
CA HIS M 153 21.87 20.13 1.91
C HIS M 153 22.81 21.25 1.51
N GLY M 154 23.97 20.91 0.98
CA GLY M 154 24.94 21.94 0.63
C GLY M 154 25.83 22.30 1.80
N ILE M 155 26.92 23.03 1.51
CA ILE M 155 28.03 23.20 2.47
C ILE M 155 27.63 23.75 3.85
N GLN M 156 26.87 24.86 3.87
CA GLN M 156 26.51 25.53 5.14
C GLN M 156 25.65 24.59 5.99
N VAL M 157 24.59 24.05 5.37
CA VAL M 157 23.69 23.13 6.08
C VAL M 157 24.44 21.89 6.56
N GLU M 158 25.33 21.37 5.72
CA GLU M 158 26.13 20.22 6.16
C GLU M 158 26.96 20.51 7.43
N ARG M 159 27.67 21.63 7.42
CA ARG M 159 28.48 21.97 8.59
C ARG M 159 27.60 22.12 9.83
N ASP M 160 26.40 22.67 9.65
CA ASP M 160 25.45 22.83 10.73
C ASP M 160 24.96 21.47 11.21
N LYS M 161 24.78 20.54 10.30
CA LYS M 161 24.30 19.18 10.69
C LYS M 161 25.38 18.35 11.36
N LEU M 162 26.63 18.63 11.01
CA LEU M 162 27.75 17.91 11.61
C LEU M 162 28.25 18.63 12.85
N ASN M 163 27.85 19.89 13.01
CA ASN M 163 28.38 20.74 14.07
C ASN M 163 29.92 20.87 13.98
N LYS M 164 30.41 21.03 12.75
CA LYS M 164 31.84 21.08 12.48
C LYS M 164 32.24 22.37 11.78
N TYR M 165 33.11 23.14 12.43
CA TYR M 165 33.49 24.45 11.93
C TYR M 165 34.98 24.76 12.09
N GLY M 166 35.51 25.55 11.17
CA GLY M 166 36.80 26.18 11.38
C GLY M 166 37.98 25.47 10.77
N ARG M 167 37.74 24.40 10.03
CA ARG M 167 38.81 23.64 9.40
C ARG M 167 38.24 22.73 8.31
N GLY M 168 39.10 22.24 7.44
CA GLY M 168 38.70 21.22 6.49
C GLY M 168 38.22 19.97 7.23
N LEU M 169 37.37 19.21 6.57
CA LEU M 169 36.96 17.90 7.09
C LEU M 169 37.97 16.84 6.66
N LEU M 170 38.05 15.74 7.40
CA LEU M 170 39.02 14.70 7.10
C LEU M 170 38.32 13.36 6.91
N GLY M 171 38.64 12.70 5.81
CA GLY M 171 38.07 11.39 5.49
C GLY M 171 39.14 10.40 5.08
N CYS M 172 38.69 9.24 4.57
CA CYS M 172 39.57 8.10 4.41
C CYS M 172 38.82 6.92 3.77
N THR M 173 39.30 6.48 2.61
CA THR M 173 38.75 5.25 2.01
C THR M 173 39.39 4.04 2.64
N ILE M 174 38.57 3.12 3.14
CA ILE M 174 39.05 1.84 3.63
C ILE M 174 39.73 1.06 2.49
N LYS M 175 40.79 0.33 2.84
CA LYS M 175 41.60 -0.45 1.91
C LYS M 175 41.90 -1.79 2.59
N PRO M 176 42.18 -2.87 1.83
CA PRO M 176 42.19 -2.88 0.36
C PRO M 176 40.83 -2.57 -0.25
N LYS M 177 40.80 -2.15 -1.52
CA LYS M 177 39.55 -1.68 -2.14
C LYS M 177 38.44 -2.71 -1.95
N LEU M 178 38.74 -3.95 -2.34
CA LEU M 178 37.82 -5.07 -2.25
C LEU M 178 38.53 -6.19 -1.49
N GLY M 179 37.76 -7.13 -0.95
CA GLY M 179 38.32 -8.33 -0.34
C GLY M 179 38.19 -8.41 1.18
N LEU M 180 37.73 -7.33 1.81
CA LEU M 180 37.56 -7.35 3.27
C LEU M 180 36.16 -7.82 3.64
N SER M 181 36.05 -8.55 4.74
CA SER M 181 34.76 -8.93 5.29
C SER M 181 34.06 -7.71 5.95
N ALA M 182 32.74 -7.80 6.14
CA ALA M 182 31.98 -6.75 6.85
C ALA M 182 32.56 -6.48 8.24
N LYS M 183 32.87 -7.54 8.99
CA LYS M 183 33.42 -7.39 10.33
C LYS M 183 34.75 -6.66 10.29
N ASN M 184 35.63 -7.05 9.35
CA ASN M 184 36.92 -6.33 9.21
C ASN M 184 36.77 -4.93 8.70
N TYR M 185 35.75 -4.68 7.90
CA TYR M 185 35.47 -3.33 7.43
C TYR M 185 35.15 -2.41 8.62
N GLY M 186 34.25 -2.88 9.48
CA GLY M 186 33.87 -2.09 10.65
C GLY M 186 35.02 -1.91 11.63
N ARG M 187 35.86 -2.94 11.75
CA ARG M 187 37.07 -2.89 12.58
C ARG M 187 38.00 -1.74 12.13
N ALA M 188 38.30 -1.73 10.83
CA ALA M 188 39.12 -0.69 10.22
C ALA M 188 38.50 0.69 10.38
N VAL M 189 37.17 0.77 10.21
CA VAL M 189 36.44 2.03 10.30
C VAL M 189 36.54 2.61 11.72
N TYR M 190 36.28 1.77 12.73
CA TYR M 190 36.39 2.21 14.11
C TYR M 190 37.78 2.76 14.45
N GLU M 191 38.81 2.02 14.05
CA GLU M 191 40.19 2.40 14.35
C GLU M 191 40.56 3.69 13.64
N CYS M 192 40.06 3.85 12.42
CA CYS M 192 40.25 5.11 11.67
C CYS M 192 39.60 6.30 12.36
N LEU M 193 38.30 6.17 12.64
CA LEU M 193 37.54 7.30 13.16
C LEU M 193 38.01 7.71 14.55
N ARG M 194 38.42 6.73 15.36
CA ARG M 194 38.80 7.00 16.75
C ARG M 194 40.10 7.81 16.89
N GLY M 195 40.91 7.84 15.83
CA GLY M 195 42.16 8.59 15.83
C GLY M 195 42.05 10.03 15.37
N GLY M 196 40.87 10.44 14.89
CA GLY M 196 40.65 11.84 14.60
C GLY M 196 40.08 12.21 13.25
N LEU M 197 39.83 11.22 12.41
CA LEU M 197 39.15 11.44 11.14
C LEU M 197 37.66 11.72 11.39
N ASP M 198 37.10 12.64 10.62
CA ASP M 198 35.66 12.89 10.68
C ASP M 198 34.84 11.80 9.98
N PHE M 199 35.41 11.28 8.89
CA PHE M 199 34.72 10.32 8.02
C PHE M 199 35.63 9.18 7.59
N THR M 200 35.03 8.03 7.34
CA THR M 200 35.61 7.03 6.45
C THR M 200 34.58 6.79 5.36
N ASP M 202 33.11 3.67 2.15
CA ASP M 202 33.23 2.56 1.22
C ASP M 202 34.01 3.03 -0.02
N ASP M 203 34.86 2.14 -0.55
CA ASP M 203 35.46 2.40 -1.83
C ASP M 203 34.36 2.45 -2.87
N GLU M 204 34.57 3.23 -3.92
CA GLU M 204 33.54 3.43 -4.93
C GLU M 204 32.96 2.12 -5.45
N ASN M 205 33.81 1.10 -5.55
CA ASN M 205 33.38 -0.20 -6.07
C ASN M 205 32.92 -1.20 -5.01
N VAL M 206 32.94 -0.79 -3.75
CA VAL M 206 32.38 -1.60 -2.67
C VAL M 206 30.86 -1.38 -2.69
N ASN M 207 30.12 -2.36 -3.20
CA ASN M 207 28.68 -2.29 -3.25
C ASN M 207 28.15 -3.46 -2.42
N SER M 208 27.82 -4.57 -3.09
CA SER M 208 27.52 -5.81 -2.40
C SER M 208 28.18 -6.95 -3.21
N GLN M 209 28.97 -7.80 -2.56
CA GLN M 209 29.79 -8.78 -3.28
C GLN M 209 29.95 -10.07 -2.44
N PRO M 210 30.34 -11.17 -3.07
CA PRO M 210 30.50 -12.43 -2.33
C PRO M 210 31.36 -12.33 -1.08
N PHE M 211 32.43 -11.50 -1.08
CA PHE M 211 33.31 -11.35 0.10
C PHE M 211 32.68 -10.50 1.23
N MET M 212 31.68 -9.68 0.87
CA MET M 212 31.05 -8.77 1.84
C MET M 212 29.72 -8.30 1.28
N ARG M 213 28.63 -8.75 1.91
CA ARG M 213 27.29 -8.31 1.54
C ARG M 213 27.00 -6.95 2.18
N TRP M 214 26.26 -6.10 1.48
CA TRP M 214 26.09 -4.71 1.88
C TRP M 214 25.46 -4.56 3.24
N ARG M 215 24.40 -5.32 3.52
CA ARG M 215 23.68 -5.10 4.78
C ARG M 215 24.55 -5.51 5.99
N ASP M 216 25.33 -6.58 5.84
CA ASP M 216 26.29 -6.97 6.88
C ASP M 216 27.25 -5.83 7.15
N ARG M 217 27.75 -5.22 6.07
CA ARG M 217 28.65 -4.09 6.22
C ARG M 217 27.98 -2.92 6.94
N PHE M 218 26.80 -2.55 6.47
CA PHE M 218 26.08 -1.39 7.02
C PHE M 218 25.94 -1.53 8.53
N LEU M 219 25.58 -2.73 9.00
CA LEU M 219 25.38 -2.95 10.43
C LEU M 219 26.68 -2.79 11.21
N PHE M 220 27.75 -3.38 10.69
CA PHE M 220 29.04 -3.33 11.40
C PHE M 220 29.59 -1.92 11.39
N VAL M 221 29.38 -1.20 10.29
CA VAL M 221 29.90 0.16 10.17
C VAL M 221 29.16 1.08 11.12
N ALA M 222 27.84 0.91 11.22
CA ALA M 222 27.06 1.65 12.19
C ALA M 222 27.59 1.43 13.63
N GLU M 223 27.91 0.20 14.00
CA GLU M 223 28.53 -0.05 15.31
C GLU M 223 29.82 0.73 15.46
N ALA M 224 30.66 0.71 14.41
CA ALA M 224 31.94 1.38 14.45
C ALA M 224 31.84 2.90 14.58
N ILE M 225 30.95 3.51 13.80
CA ILE M 225 30.65 4.93 13.92
C ILE M 225 30.29 5.31 15.37
N TYR M 226 29.37 4.54 15.96
CA TYR M 226 28.84 4.81 17.29
C TYR M 226 29.93 4.70 18.36
N LYS M 227 30.74 3.64 18.28
CA LYS M 227 31.84 3.44 19.21
C LYS M 227 32.88 4.57 19.11
N ALA M 228 33.28 4.94 17.90
CA ALA M 228 34.28 6.02 17.73
C ALA M 228 33.75 7.38 18.17
N GLN M 229 32.47 7.64 17.88
CA GLN M 229 31.84 8.88 18.35
C GLN M 229 31.82 8.95 19.87
N ALA M 230 31.44 7.85 20.53
CA ALA M 230 31.41 7.84 21.99
C ALA M 230 32.82 7.97 22.62
N GLU M 231 33.80 7.33 22.00
CA GLU M 231 35.18 7.37 22.52
C GLU M 231 35.83 8.77 22.40
N THR M 232 35.63 9.42 21.26
CA THR M 232 36.33 10.68 20.96
C THR M 232 35.57 11.92 21.43
N GLY M 233 34.24 11.81 21.54
CA GLY M 233 33.39 12.96 21.81
C GLY M 233 33.15 13.86 20.60
N GLU M 234 33.48 13.37 19.40
CA GLU M 234 33.26 14.14 18.15
C GLU M 234 32.35 13.37 17.21
N VAL M 235 31.51 14.13 16.49
CA VAL M 235 30.57 13.54 15.54
C VAL M 235 31.33 12.80 14.45
N LYS M 236 30.95 11.55 14.21
CA LYS M 236 31.60 10.73 13.19
C LYS M 236 30.60 10.29 12.10
N GLY M 237 31.12 9.98 10.92
CA GLY M 237 30.31 9.38 9.88
C GLY M 237 31.11 8.42 9.02
N HIS M 238 30.42 7.67 8.18
CA HIS M 238 31.06 6.80 7.19
C HIS M 238 30.15 6.71 5.98
N TYR M 239 30.65 7.06 4.79
CA TYR M 239 29.76 7.11 3.63
C TYR M 239 29.45 5.68 3.17
N LEU M 240 28.28 5.21 3.53
CA LEU M 240 27.85 3.88 3.12
C LEU M 240 27.34 3.96 1.69
N ASN M 241 27.83 3.05 0.84
CA ASN M 241 27.60 3.13 -0.60
C ASN M 241 26.21 2.64 -0.97
N ALA M 242 25.39 3.50 -1.54
CA ALA M 242 24.09 3.07 -2.07
C ALA M 242 24.15 2.70 -3.55
N THR M 243 25.30 2.92 -4.19
CA THR M 243 25.45 2.52 -5.60
C THR M 243 25.00 1.07 -5.81
N ALA M 244 24.13 0.83 -6.78
CA ALA M 244 23.59 -0.51 -7.01
C ALA M 244 23.27 -0.75 -8.49
N GLY M 245 22.91 -1.99 -8.81
CA GLY M 245 22.54 -2.35 -10.16
C GLY M 245 21.18 -1.85 -10.65
N THR M 246 20.23 -1.60 -9.73
CA THR M 246 18.90 -1.08 -10.06
C THR M 246 18.49 0.02 -9.09
N CYS M 247 17.50 0.82 -9.47
CA CYS M 247 17.00 1.89 -8.59
C CYS M 247 16.44 1.35 -7.31
N GLU M 248 15.80 0.18 -7.40
CA GLU M 248 15.14 -0.44 -6.26
C GLU M 248 16.18 -0.89 -5.23
N GLU M 249 17.29 -1.48 -5.69
CA GLU M 249 18.36 -1.86 -4.79
C GLU M 249 19.02 -0.65 -4.15
N MET M 250 19.21 0.39 -4.95
CA MET M 250 19.86 1.62 -4.48
C MET M 250 19.04 2.22 -3.37
N MET M 251 17.72 2.32 -3.58
CA MET M 251 16.80 2.89 -2.57
C MET M 251 16.74 2.04 -1.31
N LYS M 252 16.78 0.73 -1.47
CA LYS M 252 16.79 -0.21 -0.33
C LYS M 252 17.97 0.11 0.57
N ARG M 253 19.11 0.37 -0.05
CA ARG M 253 20.35 0.64 0.68
C ARG M 253 20.27 1.97 1.42
N ALA M 254 19.78 3.01 0.73
CA ALA M 254 19.56 4.31 1.36
C ALA M 254 18.58 4.23 2.55
N VAL M 255 17.49 3.48 2.37
CA VAL M 255 16.49 3.30 3.42
C VAL M 255 17.13 2.63 4.65
N ALA M 257 20.35 2.67 5.54
CA ALA M 257 21.23 3.67 6.18
C ALA M 257 20.45 4.66 7.05
N LYS M 258 19.31 5.14 6.52
CA LYS M 258 18.42 6.02 7.28
C LYS M 258 17.94 5.33 8.56
N GLU M 259 17.47 4.07 8.45
CA GLU M 259 16.98 3.33 9.61
C GLU M 259 18.06 3.19 10.68
N LEU M 260 19.31 3.01 10.25
CA LEU M 260 20.43 2.94 11.18
C LEU M 260 20.81 4.27 11.81
N GLY M 261 20.28 5.37 11.27
CA GLY M 261 20.60 6.70 11.77
C GLY M 261 22.02 7.18 11.44
N VAL M 262 22.66 6.56 10.44
CA VAL M 262 23.97 7.02 10.01
C VAL M 262 23.78 8.33 9.21
N PRO M 263 24.63 9.31 9.44
CA PRO M 263 24.39 10.65 8.89
C PRO M 263 24.66 10.81 7.41
N ILE M 264 25.36 9.87 6.78
CA ILE M 264 25.83 10.11 5.41
C ILE M 264 25.94 8.85 4.57
N ILE M 265 25.54 8.95 3.30
CA ILE M 265 25.76 7.88 2.33
C ILE M 265 26.53 8.43 1.14
N MET M 266 26.93 7.53 0.23
CA MET M 266 27.55 7.93 -1.04
C MET M 266 26.90 7.28 -2.25
N HIS M 267 27.15 7.90 -3.41
CA HIS M 267 26.64 7.38 -4.69
C HIS M 267 27.65 7.67 -5.78
N ASP M 268 27.81 6.74 -6.73
CA ASP M 268 28.69 6.94 -7.87
C ASP M 268 27.81 7.48 -9.02
N TYR M 269 27.78 8.79 -9.20
CA TYR M 269 26.75 9.37 -10.05
C TYR M 269 26.83 9.04 -11.52
N LEU M 270 28.04 8.83 -12.04
CA LEU M 270 28.20 8.55 -13.44
C LEU M 270 28.02 7.06 -13.79
N THR M 271 28.54 6.16 -12.97
CA THR M 271 28.29 4.73 -13.22
C THR M 271 26.88 4.30 -12.82
N GLY M 272 26.31 4.94 -11.80
CA GLY M 272 24.89 4.73 -11.50
C GLY M 272 24.02 5.48 -12.51
N GLY M 273 24.36 6.75 -12.73
CA GLY M 273 23.70 7.56 -13.73
C GLY M 273 22.87 8.67 -13.12
N PHE M 274 22.61 9.69 -13.94
CA PHE M 274 21.92 10.89 -13.51
C PHE M 274 20.50 10.66 -13.04
N THR M 275 19.80 9.75 -13.71
CA THR M 275 18.40 9.45 -13.36
C THR M 275 18.33 8.84 -11.97
N ALA M 276 19.16 7.83 -11.69
CA ALA M 276 19.27 7.28 -10.34
C ALA M 276 19.78 8.32 -9.34
N ASN M 277 20.78 9.10 -9.72
CA ASN M 277 21.34 10.07 -8.82
C ASN M 277 20.36 11.14 -8.35
N THR M 278 19.58 11.67 -9.29
CA THR M 278 18.58 12.66 -8.96
C THR M 278 17.54 12.08 -7.98
N SER M 279 17.08 10.85 -8.24
CA SER M 279 16.15 10.17 -7.32
C SER M 279 16.76 10.09 -5.94
N LEU M 280 18.03 9.69 -5.87
CA LEU M 280 18.69 9.51 -4.58
C LEU M 280 18.86 10.81 -3.80
N ALA M 281 19.28 11.85 -4.50
CA ALA M 281 19.40 13.19 -3.96
C ALA M 281 18.08 13.68 -3.35
N ILE M 282 16.98 13.46 -4.06
CA ILE M 282 15.64 13.85 -3.58
C ILE M 282 15.31 13.05 -2.32
N TYR M 283 15.58 11.76 -2.33
CA TYR M 283 15.37 10.93 -1.14
C TYR M 283 16.22 11.49 0.06
N CYS M 284 17.48 11.81 -0.19
CA CYS M 284 18.35 12.40 0.84
C CYS M 284 17.82 13.75 1.40
N ARG M 285 17.27 14.60 0.53
CA ARG M 285 16.64 15.85 0.96
C ARG M 285 15.43 15.54 1.86
N ASP M 286 14.62 14.57 1.42
CA ASP M 286 13.37 14.23 2.09
C ASP M 286 13.62 13.52 3.42
N ASN M 287 14.84 13.05 3.65
CA ASN M 287 15.17 12.28 4.86
C ASN M 287 16.38 12.78 5.66
N GLY M 288 16.94 13.93 5.28
CA GLY M 288 18.01 14.53 6.04
C GLY M 288 19.34 13.80 5.96
N LEU M 289 19.52 12.98 4.92
CA LEU M 289 20.76 12.25 4.71
C LEU M 289 21.78 13.08 3.94
N LEU M 290 22.99 13.15 4.44
CA LEU M 290 24.06 13.78 3.68
C LEU M 290 24.47 12.84 2.54
N LEU M 291 24.82 13.43 1.40
CA LEU M 291 25.07 12.65 0.19
C LEU M 291 26.43 12.93 -0.42
N HIS M 292 27.33 11.98 -0.29
CA HIS M 292 28.66 12.11 -0.86
C HIS M 292 28.71 11.56 -2.29
N ILE M 293 29.18 12.38 -3.23
CA ILE M 293 29.21 11.90 -4.60
C ILE M 293 30.61 11.49 -5.08
N HIS M 294 30.75 10.25 -5.53
CA HIS M 294 32.00 9.79 -6.15
C HIS M 294 31.90 9.91 -7.66
N ARG M 295 32.96 10.36 -8.30
CA ARG M 295 32.91 10.67 -9.72
C ARG M 295 33.54 9.58 -10.59
N ALA M 296 33.57 8.34 -10.09
CA ALA M 296 33.97 7.18 -10.89
C ALA M 296 33.53 7.28 -12.35
N MET M 297 34.47 7.00 -13.25
CA MET M 297 34.28 7.06 -14.72
C MET M 297 34.47 8.45 -15.35
N HIS M 298 34.60 9.50 -14.55
CA HIS M 298 34.69 10.86 -15.12
C HIS M 298 35.88 10.99 -16.07
N ALA M 299 37.03 10.40 -15.72
CA ALA M 299 38.24 10.55 -16.56
C ALA M 299 38.16 9.84 -17.91
N VAL M 300 37.25 8.87 -18.02
CA VAL M 300 36.93 8.28 -19.33
C VAL M 300 36.45 9.38 -20.30
N ILE M 301 35.74 10.35 -19.72
CA ILE M 301 35.04 11.41 -20.47
C ILE M 301 35.86 12.66 -20.53
N ASP M 302 36.57 12.97 -19.45
CA ASP M 302 37.08 14.32 -19.25
C ASP M 302 38.60 14.52 -19.31
N ARG M 303 39.36 13.45 -19.51
CA ARG M 303 40.81 13.53 -19.51
C ARG M 303 41.41 14.30 -20.68
N GLN M 304 40.93 14.02 -21.90
CA GLN M 304 41.61 14.52 -23.11
C GLN M 304 41.13 15.90 -23.51
N ARG M 305 42.10 16.71 -23.91
CA ARG M 305 41.88 18.10 -24.27
C ARG M 305 41.02 18.27 -25.51
N ASN M 306 41.15 17.35 -26.46
CA ASN M 306 40.51 17.50 -27.77
C ASN M 306 39.09 16.92 -27.87
N HIS M 307 38.74 16.02 -26.96
CA HIS M 307 37.48 15.32 -27.10
C HIS M 307 36.91 14.89 -25.77
N GLY M 308 35.59 15.06 -25.61
CA GLY M 308 34.87 14.63 -24.42
C GLY M 308 34.06 15.76 -23.78
N ILE M 309 33.97 15.71 -22.45
CA ILE M 309 33.33 16.78 -21.70
C ILE M 309 34.28 17.19 -20.58
N HIS M 310 34.56 18.49 -20.44
CA HIS M 310 35.42 18.89 -19.33
C HIS M 310 34.76 18.60 -17.97
N PHE M 311 35.57 18.25 -16.97
CA PHE M 311 35.03 17.96 -15.65
C PHE M 311 34.16 19.09 -15.09
N ARG M 312 34.48 20.35 -15.40
CA ARG M 312 33.68 21.45 -14.86
C ARG M 312 32.20 21.34 -15.26
N VAL M 313 31.94 20.81 -16.46
CA VAL M 313 30.56 20.58 -16.92
C VAL M 313 29.95 19.40 -16.14
N LEU M 314 30.72 18.32 -15.98
CA LEU M 314 30.27 17.18 -15.17
C LEU M 314 29.99 17.58 -13.72
N ALA M 315 30.73 18.58 -13.23
CA ALA M 315 30.54 19.11 -11.89
C ALA M 315 29.27 19.95 -11.79
N LYS M 316 29.07 20.85 -12.76
CA LYS M 316 27.83 21.64 -12.81
C LYS M 316 26.61 20.70 -12.87
N ALA M 317 26.70 19.68 -13.71
CA ALA M 317 25.61 18.70 -13.85
C ALA M 317 25.32 17.99 -12.52
N LEU M 318 26.37 17.57 -11.81
CA LEU M 318 26.18 17.01 -10.46
C LEU M 318 25.54 18.00 -9.50
N ARG M 319 25.97 19.27 -9.53
CA ARG M 319 25.39 20.25 -8.64
C ARG M 319 23.88 20.33 -8.86
N MET M 320 23.46 20.29 -10.12
CA MET M 320 22.06 20.33 -10.50
C MET M 320 21.29 19.05 -10.10
N SER M 321 21.85 17.89 -10.44
CA SER M 321 21.26 16.60 -10.10
C SER M 321 21.15 16.42 -8.59
N GLY M 322 22.25 16.74 -7.89
CA GLY M 322 22.22 16.86 -6.44
C GLY M 322 23.34 16.07 -5.77
N GLY M 323 24.14 16.74 -4.94
CA GLY M 323 25.16 16.10 -4.13
C GLY M 323 25.68 17.08 -3.08
N ASP M 324 25.92 16.58 -1.86
CA ASP M 324 26.52 17.40 -0.80
C ASP M 324 28.05 17.52 -0.90
N HIS M 325 28.68 16.43 -1.35
CA HIS M 325 30.11 16.38 -1.63
C HIS M 325 30.30 15.99 -3.09
N LEU M 326 31.40 16.42 -3.68
CA LEU M 326 31.81 15.85 -4.97
C LEU M 326 33.32 15.87 -5.02
N HIS M 327 33.93 14.78 -5.49
CA HIS M 327 35.38 14.73 -5.58
C HIS M 327 35.85 15.79 -6.60
N SER M 328 36.93 16.48 -6.27
CA SER M 328 37.44 17.62 -7.04
C SER M 328 38.87 17.41 -7.55
N GLY M 329 39.48 16.31 -7.17
CA GLY M 329 40.89 16.11 -7.43
C GLY M 329 41.72 16.69 -6.30
N THR M 330 43.03 16.45 -6.33
CA THR M 330 43.91 16.95 -5.27
C THR M 330 44.92 17.96 -5.79
N VAL M 331 45.11 18.00 -7.12
CA VAL M 331 46.23 18.70 -7.76
C VAL M 331 47.57 17.99 -7.56
N VAL M 332 47.92 17.72 -6.30
CA VAL M 332 49.23 17.18 -5.93
C VAL M 332 49.31 15.65 -5.76
N GLY M 333 48.18 14.96 -5.83
CA GLY M 333 48.15 13.52 -5.61
C GLY M 333 48.33 12.64 -6.84
N LYS M 334 47.85 11.39 -6.78
CA LYS M 334 48.11 10.39 -7.80
C LYS M 334 47.28 10.56 -9.07
N LEU M 335 46.18 11.33 -9.00
CA LEU M 335 45.32 11.51 -10.18
C LEU M 335 45.41 12.94 -10.67
N GLU M 336 45.17 13.13 -11.97
CA GLU M 336 45.43 14.41 -12.62
C GLU M 336 44.45 15.50 -12.20
N GLY M 337 44.95 16.74 -12.16
CA GLY M 337 44.13 17.91 -11.94
C GLY M 337 45.02 19.13 -11.83
N GLU M 338 45.12 19.89 -12.91
CA GLU M 338 45.96 21.09 -12.93
C GLU M 338 45.37 22.16 -12.02
N ARG M 339 46.26 22.91 -11.36
CA ARG M 339 45.89 23.91 -10.37
C ARG M 339 44.79 24.92 -10.78
N GLU M 340 45.01 25.62 -11.89
CA GLU M 340 44.11 26.69 -12.29
C GLU M 340 42.75 26.13 -12.75
N VAL M 341 42.80 25.05 -13.53
CA VAL M 341 41.61 24.31 -13.93
C VAL M 341 40.79 23.95 -12.69
N THR M 342 41.46 23.44 -11.65
CA THR M 342 40.82 22.94 -10.44
C THR M 342 40.21 24.08 -9.61
N LEU M 343 40.98 25.15 -9.45
CA LEU M 343 40.50 26.31 -8.72
C LEU M 343 39.22 26.85 -9.39
N GLY M 344 39.20 26.80 -10.72
CA GLY M 344 38.05 27.27 -11.49
C GLY M 344 36.78 26.48 -11.23
N PHE M 345 36.84 25.16 -11.31
CA PHE M 345 35.64 24.37 -11.10
C PHE M 345 35.26 24.21 -9.62
N VAL M 346 36.25 24.38 -8.73
CA VAL M 346 35.98 24.43 -7.32
C VAL M 346 35.07 25.61 -7.02
N ASP M 347 35.38 26.78 -7.61
CA ASP M 347 34.48 27.96 -7.49
C ASP M 347 33.10 27.66 -8.07
N LEU M 348 33.06 27.03 -9.24
CA LEU M 348 31.80 26.66 -9.87
C LEU M 348 30.96 25.68 -9.00
N MET M 349 31.63 24.87 -8.20
CA MET M 349 30.96 23.92 -7.31
C MET M 349 30.43 24.55 -6.05
N ARG M 350 31.16 25.51 -5.47
CA ARG M 350 30.87 26.04 -4.14
C ARG M 350 30.09 27.35 -4.13
N ASP M 351 30.40 28.23 -5.09
CA ASP M 351 30.01 29.64 -5.00
C ASP M 351 28.64 29.87 -5.63
N ASP M 352 28.10 31.04 -5.32
CA ASP M 352 26.81 31.43 -5.85
C ASP M 352 26.88 32.12 -7.20
N TYR M 353 27.99 32.80 -7.46
CA TYR M 353 28.15 33.62 -8.65
C TYR M 353 29.61 33.60 -9.08
N VAL M 354 29.86 33.11 -10.30
CA VAL M 354 31.24 32.97 -10.76
C VAL M 354 31.40 33.69 -12.09
N GLU M 355 32.23 34.71 -12.10
CA GLU M 355 32.47 35.49 -13.32
C GLU M 355 33.32 34.68 -14.32
N LYS M 356 33.03 34.89 -15.59
CA LYS M 356 33.85 34.40 -16.69
C LYS M 356 35.33 34.67 -16.39
N ASP M 357 36.14 33.64 -16.58
CA ASP M 357 37.58 33.75 -16.37
C ASP M 357 38.31 32.66 -17.16
N ARG M 358 38.75 33.01 -18.37
CA ARG M 358 39.34 32.03 -19.27
C ARG M 358 40.64 31.44 -18.76
N SER M 359 41.37 32.20 -17.95
CA SER M 359 42.60 31.70 -17.33
C SER M 359 42.33 30.60 -16.31
N ARG M 360 41.07 30.41 -15.92
CA ARG M 360 40.69 29.29 -15.06
C ARG M 360 39.72 28.33 -15.73
N GLY M 361 39.57 28.47 -17.04
CA GLY M 361 38.71 27.60 -17.82
C GLY M 361 37.23 27.93 -17.68
N ILE M 362 36.89 29.08 -17.11
CA ILE M 362 35.51 29.47 -16.97
C ILE M 362 35.07 30.30 -18.18
N TYR M 363 34.31 29.67 -19.09
CA TYR M 363 33.95 30.26 -20.38
C TYR M 363 32.73 31.17 -20.29
N PHE M 364 31.91 30.95 -19.26
CA PHE M 364 30.72 31.77 -19.03
C PHE M 364 30.63 32.19 -17.57
N THR M 365 30.10 33.38 -17.36
CA THR M 365 29.67 33.81 -16.03
C THR M 365 28.50 32.89 -15.60
N GLN M 366 28.63 32.27 -14.43
CA GLN M 366 27.62 31.33 -13.93
C GLN M 366 26.92 31.89 -12.69
N ASP M 367 25.60 32.00 -12.78
CA ASP M 367 24.78 32.49 -11.67
C ASP M 367 23.99 31.29 -11.14
N TRP M 368 24.29 30.86 -9.92
CA TRP M 368 23.58 29.71 -9.36
C TRP M 368 22.27 30.05 -8.62
N SER M 370 21.27 31.03 -5.73
CA SER M 370 21.12 30.44 -4.38
C SER M 370 21.01 28.93 -4.26
N MET M 371 21.16 28.18 -5.35
CA MET M 371 21.29 26.73 -5.26
C MET M 371 22.51 26.43 -4.36
N PRO M 372 22.36 25.54 -3.39
CA PRO M 372 23.44 25.23 -2.44
C PRO M 372 24.74 24.82 -3.10
N GLY M 373 25.84 25.16 -2.44
CA GLY M 373 27.17 24.79 -2.89
C GLY M 373 27.52 23.37 -2.51
N VAL M 374 28.39 22.76 -3.32
CA VAL M 374 28.81 21.38 -3.15
C VAL M 374 30.21 21.35 -2.59
N MET M 375 30.40 20.65 -1.47
CA MET M 375 31.70 20.47 -0.82
C MET M 375 32.69 19.69 -1.69
N PRO M 376 33.83 20.29 -2.07
CA PRO M 376 34.86 19.55 -2.83
C PRO M 376 35.58 18.55 -1.96
N VAL M 377 35.89 17.38 -2.52
CA VAL M 377 36.60 16.37 -1.77
C VAL M 377 37.89 16.07 -2.50
N ALA M 378 39.00 16.32 -1.81
CA ALA M 378 40.33 16.07 -2.37
C ALA M 378 40.75 14.72 -1.86
N SER M 379 40.95 13.80 -2.78
CA SER M 379 41.23 12.43 -2.42
C SER M 379 42.10 11.79 -3.49
N GLY M 380 43.04 10.95 -3.05
CA GLY M 380 43.82 10.11 -3.98
C GLY M 380 45.33 10.31 -3.99
N GLY M 381 46.03 9.41 -3.31
CA GLY M 381 47.48 9.46 -3.22
C GLY M 381 48.04 10.65 -2.48
N ILE M 382 47.32 11.16 -1.48
CA ILE M 382 47.87 12.25 -0.67
C ILE M 382 48.28 11.81 0.72
N HIS M 383 49.24 12.52 1.27
CA HIS M 383 49.73 12.20 2.61
C HIS M 383 50.07 13.48 3.38
N VAL M 384 50.61 13.31 4.58
CA VAL M 384 50.81 14.46 5.49
C VAL M 384 51.61 15.62 4.87
N TRP M 385 52.63 15.31 4.09
CA TRP M 385 53.44 16.39 3.46
C TRP M 385 52.67 17.28 2.48
N HIS M 386 51.54 16.76 1.93
CA HIS M 386 50.66 17.50 1.04
C HIS M 386 49.74 18.47 1.79
N MET M 387 49.60 18.27 3.09
CA MET M 387 48.60 19.02 3.87
C MET M 387 48.62 20.56 3.67
N PRO M 388 49.80 21.19 3.77
CA PRO M 388 49.86 22.64 3.56
C PRO M 388 49.37 23.04 2.16
N ALA M 389 49.76 22.29 1.13
CA ALA M 389 49.31 22.60 -0.22
C ALA M 389 47.79 22.45 -0.35
N LEU M 390 47.25 21.39 0.25
CA LEU M 390 45.81 21.13 0.21
C LEU M 390 45.00 22.26 0.92
N VAL M 391 45.43 22.64 2.11
CA VAL M 391 44.79 23.74 2.86
C VAL M 391 44.88 25.06 2.06
N GLU M 392 46.04 25.29 1.45
CA GLU M 392 46.25 26.47 0.62
C GLU M 392 45.34 26.51 -0.63
N ILE M 393 45.23 25.39 -1.33
CA ILE M 393 44.40 25.29 -2.54
C ILE M 393 42.90 25.42 -2.22
N PHE M 394 42.42 24.59 -1.28
CA PHE M 394 40.98 24.43 -1.04
C PHE M 394 40.37 25.38 0.02
N GLY M 395 41.18 25.80 0.99
CA GLY M 395 40.65 26.51 2.15
C GLY M 395 39.92 25.51 3.06
N ASP M 396 39.08 26.03 3.95
CA ASP M 396 38.37 25.18 4.92
C ASP M 396 37.22 24.39 4.33
N ASP M 397 36.58 24.89 3.27
CA ASP M 397 35.38 24.23 2.76
C ASP M 397 35.71 23.12 1.78
N ALA M 398 36.27 22.05 2.34
CA ALA M 398 36.67 20.87 1.57
C ALA M 398 36.77 19.71 2.54
N CYS M 399 36.68 18.51 2.00
CA CYS M 399 37.03 17.35 2.78
C CYS M 399 38.29 16.76 2.16
N LEU M 400 39.27 16.46 3.00
CA LEU M 400 40.52 15.89 2.53
C LEU M 400 40.58 14.45 2.96
N GLN M 401 40.76 13.54 2.01
CA GLN M 401 40.69 12.10 2.31
C GLN M 401 42.02 11.41 2.15
N PHE M 402 42.35 10.60 3.16
CA PHE M 402 43.59 9.86 3.21
C PHE M 402 43.29 8.39 3.45
N GLY M 403 43.23 7.61 2.38
CA GLY M 403 43.01 6.16 2.51
C GLY M 403 44.31 5.44 2.80
N GLY M 404 45.12 5.22 1.76
CA GLY M 404 46.49 4.75 1.94
C GLY M 404 47.25 5.60 2.97
N GLY M 405 47.05 6.92 2.93
CA GLY M 405 47.66 7.81 3.91
C GLY M 405 47.24 7.63 5.36
N THR M 406 46.30 6.72 5.61
CA THR M 406 45.90 6.35 6.97
C THR M 406 46.17 4.89 7.25
N LEU M 407 45.63 4.04 6.40
CA LEU M 407 45.76 2.59 6.56
C LEU M 407 47.16 2.10 6.16
N GLY M 408 47.98 3.03 5.65
CA GLY M 408 49.37 2.76 5.34
C GLY M 408 50.36 3.21 6.41
N HIS M 409 49.84 3.81 7.50
CA HIS M 409 50.67 4.28 8.61
C HIS M 409 51.28 3.08 9.33
N PRO M 410 52.58 3.12 9.65
CA PRO M 410 53.26 1.95 10.24
C PRO M 410 52.67 1.49 11.59
N TRP M 411 51.96 2.39 12.27
CA TRP M 411 51.40 1.99 13.55
C TRP M 411 49.91 1.64 13.50
N GLY M 412 49.33 1.63 12.30
CA GLY M 412 47.92 1.29 12.17
C GLY M 412 47.03 2.51 12.06
N ASN M 413 45.71 2.27 12.08
CA ASN M 413 44.72 3.27 11.66
C ASN M 413 44.55 4.47 12.58
N ALA M 414 44.49 4.22 13.88
CA ALA M 414 44.28 5.31 14.84
C ALA M 414 45.46 6.30 14.87
N PRO M 415 46.71 5.81 14.96
CA PRO M 415 47.89 6.67 14.81
C PRO M 415 47.94 7.40 13.45
N GLY M 416 47.56 6.70 12.37
CA GLY M 416 47.46 7.28 11.04
C GLY M 416 46.47 8.42 10.98
N ALA M 417 45.30 8.21 11.56
CA ALA M 417 44.26 9.25 11.61
C ALA M 417 44.77 10.42 12.43
N ALA M 418 45.43 10.12 13.55
CA ALA M 418 45.93 11.17 14.45
C ALA M 418 46.96 12.06 13.75
N ALA M 419 47.85 11.42 12.98
CA ALA M 419 48.87 12.11 12.21
C ALA M 419 48.23 13.10 11.23
N ASN M 420 47.24 12.61 10.46
CA ASN M 420 46.51 13.48 9.52
C ASN M 420 45.78 14.63 10.24
N ARG M 421 45.11 14.34 11.35
CA ARG M 421 44.36 15.35 12.08
C ARG M 421 45.29 16.44 12.69
N VAL M 422 46.42 16.02 13.28
CA VAL M 422 47.46 16.95 13.77
C VAL M 422 48.02 17.83 12.62
N ALA M 423 48.38 17.19 11.51
CA ALA M 423 48.87 17.94 10.33
C ALA M 423 47.84 18.99 9.86
N LEU M 424 46.58 18.59 9.72
CA LEU M 424 45.54 19.54 9.30
C LEU M 424 45.39 20.71 10.29
N GLU M 425 45.29 20.38 11.57
CA GLU M 425 45.12 21.39 12.60
C GLU M 425 46.33 22.35 12.70
N ALA M 426 47.56 21.85 12.54
CA ALA M 426 48.76 22.69 12.57
C ALA M 426 48.77 23.65 11.39
N CYS M 427 48.45 23.14 10.21
CA CYS M 427 48.35 24.00 9.02
C CYS M 427 47.26 25.06 9.16
N THR M 428 46.13 24.66 9.75
CA THR M 428 45.00 25.55 9.93
C THR M 428 45.35 26.70 10.87
N GLN M 429 45.95 26.33 12.00
CA GLN M 429 46.43 27.27 12.99
C GLN M 429 47.44 28.21 12.37
N ALA M 430 48.44 27.66 11.70
CA ALA M 430 49.47 28.47 11.08
C ALA M 430 48.89 29.50 10.09
N ARG M 431 47.99 29.05 9.21
CA ARG M 431 47.29 29.94 8.30
C ARG M 431 46.57 31.08 9.04
N ASN M 432 45.78 30.73 10.06
CA ASN M 432 45.04 31.72 10.85
C ASN M 432 45.96 32.75 11.48
N GLU M 433 47.18 32.34 11.78
CA GLU M 433 48.19 33.19 12.41
C GLU M 433 48.90 34.10 11.41
N GLY M 434 48.56 33.96 10.12
CA GLY M 434 49.15 34.77 9.07
C GLY M 434 50.31 34.13 8.30
N ARG M 435 50.64 32.87 8.62
CA ARG M 435 51.71 32.20 7.92
C ARG M 435 51.32 31.84 6.50
N ASP M 436 52.28 31.97 5.59
CA ASP M 436 52.08 31.70 4.19
C ASP M 436 52.36 30.22 3.94
N LEU M 437 51.31 29.42 3.75
CA LEU M 437 51.43 27.99 3.60
C LEU M 437 52.13 27.57 2.30
N ALA M 438 51.91 28.34 1.24
CA ALA M 438 52.61 28.08 -0.01
C ALA M 438 54.13 28.13 0.19
N ARG M 439 54.61 29.04 1.03
CA ARG M 439 56.05 29.20 1.26
C ARG M 439 56.62 28.48 2.49
N GLU M 440 55.85 28.44 3.58
CA GLU M 440 56.37 28.00 4.89
C GLU M 440 55.70 26.66 5.31
N GLY M 441 54.95 26.05 4.38
CA GLY M 441 54.24 24.80 4.64
C GLY M 441 55.11 23.69 5.17
N GLY M 442 56.26 23.47 4.52
CA GLY M 442 57.24 22.51 4.98
C GLY M 442 57.66 22.75 6.43
N ASP M 443 57.88 24.02 6.80
CA ASP M 443 58.26 24.36 8.18
C ASP M 443 57.16 23.99 9.18
N VAL M 444 55.91 24.27 8.82
CA VAL M 444 54.76 23.91 9.66
C VAL M 444 54.71 22.41 9.90
N ILE M 445 54.86 21.62 8.85
CA ILE M 445 54.87 20.15 8.99
C ILE M 445 56.09 19.65 9.78
N ARG M 446 57.27 20.18 9.48
CA ARG M 446 58.47 19.77 10.20
C ARG M 446 58.35 20.01 11.71
N SER M 447 57.85 21.17 12.12
CA SER M 447 57.61 21.47 13.53
C SER M 447 56.60 20.48 14.15
N ALA M 448 55.52 20.23 13.41
CA ALA M 448 54.48 19.34 13.88
C ALA M 448 55.04 17.91 14.02
N CYS M 449 55.85 17.45 13.07
CA CYS M 449 56.50 16.13 13.17
C CYS M 449 57.33 15.96 14.43
N LYS M 450 58.05 17.01 14.80
CA LYS M 450 58.92 16.97 15.99
C LYS M 450 58.11 16.89 17.26
N TRP M 451 56.92 17.46 17.24
CA TRP M 451 56.05 17.47 18.40
C TRP M 451 55.24 16.18 18.57
N SER M 452 54.69 15.65 17.47
CA SER M 452 53.78 14.50 17.54
C SER M 452 54.43 13.23 17.00
N PRO M 453 54.68 12.25 17.87
CA PRO M 453 55.28 10.98 17.45
C PRO M 453 54.46 10.25 16.37
N GLU M 454 53.13 10.34 16.42
CA GLU M 454 52.29 9.72 15.37
C GLU M 454 52.55 10.37 14.02
N LEU M 455 52.59 11.69 14.00
CA LEU M 455 52.85 12.41 12.78
C LEU M 455 54.26 12.14 12.28
N ALA M 456 55.24 12.15 13.18
CA ALA M 456 56.63 11.87 12.85
C ALA M 456 56.78 10.57 12.06
N ALA M 457 56.12 9.52 12.52
CA ALA M 457 56.17 8.23 11.84
C ALA M 457 55.64 8.31 10.42
N ALA M 458 54.56 9.06 10.22
CA ALA M 458 54.02 9.33 8.88
C ALA M 458 54.97 10.19 8.03
N CYS M 459 55.53 11.24 8.64
CA CYS M 459 56.52 12.09 7.97
C CYS M 459 57.68 11.29 7.39
N GLU M 460 58.24 10.39 8.19
CA GLU M 460 59.35 9.56 7.77
C GLU M 460 59.02 8.61 6.60
N VAL M 461 57.90 7.89 6.68
CA VAL M 461 57.58 6.89 5.66
C VAL M 461 57.34 7.47 4.28
N TRP M 462 56.67 8.62 4.24
CA TRP M 462 56.26 9.24 2.98
C TRP M 462 57.09 10.46 2.53
N LYS M 463 58.12 10.79 3.30
CA LYS M 463 58.98 11.92 3.02
C LYS M 463 59.32 12.12 1.52
N GLU M 464 59.74 11.06 0.84
CA GLU M 464 60.19 11.22 -0.55
C GLU M 464 59.09 11.21 -1.64
N ILE M 465 57.85 10.98 -1.22
CA ILE M 465 56.79 10.59 -2.17
C ILE M 465 56.08 11.79 -2.79
N LYS M 466 56.19 11.89 -4.11
CA LYS M 466 55.59 12.97 -4.87
C LYS M 466 54.94 12.37 -6.11
N PHE M 467 54.01 13.13 -6.71
CA PHE M 467 53.38 12.73 -7.97
C PHE M 467 53.45 13.95 -8.89
N GLU M 468 54.45 13.94 -9.77
CA GLU M 468 54.71 15.02 -10.69
C GLU M 468 54.86 14.47 -12.10
N PHE M 469 53.90 14.78 -12.96
CA PHE M 469 53.88 14.27 -14.32
C PHE M 469 53.38 15.38 -15.23
N ASP M 470 53.68 15.28 -16.52
CA ASP M 470 53.12 16.17 -17.53
C ASP M 470 51.57 16.08 -17.50
N THR M 471 50.94 17.25 -17.47
CA THR M 471 49.47 17.35 -17.50
C THR M 471 48.86 17.15 -18.91
N ILE M 472 47.90 16.23 -19.02
CA ILE M 472 47.14 16.08 -20.26
C ILE M 472 46.03 17.16 -20.36
N ASP M 473 45.16 17.25 -19.34
CA ASP M 473 44.07 18.23 -19.35
C ASP M 473 44.55 19.67 -19.06
N LYS M 474 45.20 20.26 -20.05
CA LYS M 474 45.71 21.63 -19.98
C LYS M 474 44.70 22.58 -20.60
N LEU M 475 44.62 23.79 -20.07
CA LEU M 475 43.72 24.83 -20.60
C LEU M 475 43.78 25.04 -22.13
N MET N 1 24.38 44.35 30.09
CA MET N 1 23.76 43.07 29.62
C MET N 1 23.96 41.99 30.64
N MET N 2 22.87 41.48 31.19
CA MET N 2 22.96 40.34 32.09
C MET N 2 22.63 39.05 31.33
N VAL N 3 23.25 37.94 31.72
CA VAL N 3 23.08 36.67 31.05
C VAL N 3 22.19 35.75 31.88
N TRP N 4 21.07 35.31 31.30
CA TRP N 4 20.16 34.39 31.97
C TRP N 4 20.83 33.03 32.17
N THR N 5 21.02 32.61 33.41
CA THR N 5 21.75 31.36 33.64
C THR N 5 21.00 30.07 33.26
N PRO N 6 21.69 29.18 32.53
CA PRO N 6 21.14 27.84 32.21
C PRO N 6 21.31 26.84 33.34
N VAL N 7 22.06 27.21 34.37
CA VAL N 7 22.47 26.30 35.44
C VAL N 7 21.55 26.36 36.64
N ASN N 8 21.03 25.18 37.02
CA ASN N 8 20.11 25.04 38.16
C ASN N 8 19.09 26.16 38.23
N ASN N 9 18.32 26.31 37.16
CA ASN N 9 17.39 27.41 37.05
C ASN N 9 16.00 26.89 36.68
N LYS N 10 15.65 25.74 37.23
CA LYS N 10 14.33 25.14 36.96
C LYS N 10 13.17 26.01 37.48
N MET N 11 12.07 25.95 36.75
CA MET N 11 10.86 26.73 36.99
C MET N 11 9.70 25.77 37.16
N PHE N 12 8.60 26.25 37.72
CA PHE N 12 7.50 25.38 38.08
C PHE N 12 6.16 25.98 37.73
N GLU N 13 6.08 26.48 36.50
CA GLU N 13 4.85 27.06 35.96
C GLU N 13 4.40 28.30 36.74
N THR N 14 3.08 28.53 36.83
CA THR N 14 2.53 29.85 37.22
C THR N 14 3.10 30.45 38.51
N PHE N 15 3.64 31.66 38.37
CA PHE N 15 4.19 32.49 39.45
C PHE N 15 5.65 32.20 39.79
N SER N 16 6.26 31.18 39.19
CA SER N 16 7.66 30.94 39.53
C SER N 16 8.68 31.96 39.01
N TYR N 17 8.27 32.92 38.19
CA TYR N 17 9.18 34.00 37.80
C TYR N 17 9.03 35.20 38.71
N LEU N 18 8.15 35.09 39.72
CA LEU N 18 7.92 36.17 40.67
C LEU N 18 8.71 35.87 41.94
N PRO N 19 8.83 36.82 42.87
CA PRO N 19 9.40 36.52 44.18
C PRO N 19 8.54 35.42 44.82
N PRO N 20 9.13 34.63 45.71
CA PRO N 20 8.37 33.58 46.42
C PRO N 20 7.13 34.17 47.09
N LEU N 21 6.02 33.45 47.04
CA LEU N 21 4.77 33.96 47.59
C LEU N 21 4.80 34.00 49.12
N THR N 22 4.44 35.15 49.67
CA THR N 22 4.25 35.28 51.11
C THR N 22 2.96 34.57 51.54
N ASP N 23 2.82 34.36 52.84
CA ASP N 23 1.59 33.82 53.41
C ASP N 23 0.37 34.65 53.02
N GLU N 24 0.52 35.97 53.09
CA GLU N 24 -0.53 36.90 52.68
C GLU N 24 -0.90 36.74 51.19
N GLN N 25 0.12 36.57 50.34
CA GLN N 25 -0.07 36.37 48.90
C GLN N 25 -0.78 35.04 48.57
N ILE N 26 -0.38 33.97 49.27
CA ILE N 26 -1.09 32.69 49.13
C ILE N 26 -2.54 32.84 49.58
N ALA N 27 -2.75 33.51 50.72
CA ALA N 27 -4.10 33.75 51.23
C ALA N 27 -4.97 34.55 50.25
N ALA N 28 -4.37 35.53 49.56
CA ALA N 28 -5.08 36.29 48.53
C ALA N 28 -5.48 35.41 47.34
N GLN N 29 -4.60 34.50 46.92
CA GLN N 29 -4.95 33.53 45.85
C GLN N 29 -6.13 32.64 46.25
N VAL N 30 -6.14 32.22 47.52
CA VAL N 30 -7.22 31.37 48.07
C VAL N 30 -8.54 32.15 48.06
N ASP N 31 -8.47 33.43 48.46
CA ASP N 31 -9.64 34.32 48.37
C ASP N 31 -10.19 34.36 46.95
N TYR N 32 -9.28 34.42 45.95
CA TYR N 32 -9.66 34.44 44.54
C TYR N 32 -10.42 33.18 44.14
N ILE N 33 -9.94 32.01 44.57
CA ILE N 33 -10.65 30.75 44.36
C ILE N 33 -12.08 30.80 44.90
N VAL N 34 -12.20 31.16 46.17
CA VAL N 34 -13.49 31.26 46.86
C VAL N 34 -14.45 32.28 46.22
N ALA N 35 -13.96 33.49 45.91
CA ALA N 35 -14.77 34.52 45.26
C ALA N 35 -15.35 34.07 43.93
N ASN N 36 -14.64 33.18 43.23
CA ASN N 36 -15.09 32.73 41.92
C ASN N 36 -15.87 31.40 41.93
N GLY N 37 -16.04 30.80 43.11
CA GLY N 37 -16.78 29.57 43.25
C GLY N 37 -16.09 28.31 42.71
N TRP N 38 -14.76 28.36 42.57
CA TRP N 38 -14.01 27.23 42.03
C TRP N 38 -13.71 26.19 43.11
N ILE N 39 -13.38 24.98 42.69
CA ILE N 39 -13.09 23.88 43.58
C ILE N 39 -11.61 23.76 43.90
N PRO N 40 -11.25 24.04 45.16
CA PRO N 40 -9.85 23.94 45.58
C PRO N 40 -9.42 22.48 45.68
N CYS N 41 -8.16 22.20 45.39
CA CYS N 41 -7.63 20.85 45.55
C CYS N 41 -6.13 20.94 45.74
N LEU N 42 -5.59 20.03 46.54
CA LEU N 42 -4.14 19.94 46.71
C LEU N 42 -3.59 18.69 46.06
N GLU N 43 -2.42 18.81 45.47
CA GLU N 43 -1.71 17.70 44.85
C GLU N 43 -0.26 17.74 45.28
N PHE N 44 0.37 16.56 45.32
CA PHE N 44 1.75 16.49 45.74
C PHE N 44 2.54 15.41 45.00
N ALA N 45 3.85 15.51 45.07
CA ALA N 45 4.76 14.59 44.40
C ALA N 45 6.14 14.71 45.00
N GLU N 46 6.87 13.59 44.98
CA GLU N 46 8.29 13.53 45.32
C GLU N 46 9.16 14.36 44.36
N HIS N 47 8.88 14.25 43.07
CA HIS N 47 9.66 14.89 42.02
C HIS N 47 8.76 15.65 41.08
N SER N 48 9.32 16.66 40.44
CA SER N 48 8.59 17.43 39.44
C SER N 48 9.33 17.43 38.11
N ASN N 49 8.75 16.74 37.13
CA ASN N 49 9.27 16.67 35.77
C ASN N 49 8.22 17.18 34.78
N PRO N 50 8.63 18.01 33.82
CA PRO N 50 7.72 18.53 32.80
C PRO N 50 6.96 17.44 32.02
N GLU N 51 7.58 16.28 31.83
CA GLU N 51 6.96 15.17 31.10
C GLU N 51 5.87 14.47 31.91
N GLU N 52 5.84 14.68 33.23
CA GLU N 52 4.91 13.94 34.12
C GLU N 52 3.61 14.71 34.35
N PHE N 53 2.52 14.25 33.76
CA PHE N 53 1.22 14.91 33.85
C PHE N 53 0.55 14.87 35.25
N TYR N 54 0.47 13.70 35.86
CA TYR N 54 -0.29 13.55 37.09
C TYR N 54 0.58 13.62 38.34
N TRP N 55 0.09 14.31 39.35
CA TRP N 55 0.61 14.17 40.70
C TRP N 55 -0.42 13.38 41.54
N THR N 56 -0.13 13.21 42.83
CA THR N 56 -1.01 12.48 43.74
C THR N 56 -1.95 13.45 44.41
N MET N 57 -3.23 13.11 44.41
CA MET N 57 -4.27 13.95 45.02
C MET N 57 -4.18 13.89 46.54
N TRP N 58 -4.18 15.04 47.18
CA TRP N 58 -4.31 15.07 48.63
C TRP N 58 -5.80 14.98 48.94
N LYS N 59 -6.22 13.84 49.50
CA LYS N 59 -7.62 13.60 49.85
C LYS N 59 -8.51 13.69 48.63
N LEU N 60 -9.51 14.58 48.65
CA LEU N 60 -10.39 14.81 47.52
C LEU N 60 -10.49 16.31 47.24
N PRO N 61 -10.92 16.69 46.04
CA PRO N 61 -11.19 18.10 45.77
C PRO N 61 -12.21 18.59 46.78
N MET N 62 -12.07 19.85 47.21
CA MET N 62 -12.91 20.35 48.30
C MET N 62 -14.22 20.88 47.76
N PHE N 63 -15.08 19.97 47.29
CA PHE N 63 -16.38 20.34 46.70
C PHE N 63 -17.23 21.08 47.72
N GLY N 64 -17.84 22.18 47.29
CA GLY N 64 -18.70 22.96 48.14
C GLY N 64 -17.98 23.85 49.16
N CYS N 65 -16.65 23.85 49.16
CA CYS N 65 -15.90 24.64 50.12
C CYS N 65 -15.92 26.12 49.76
N ARG N 66 -16.43 26.95 50.67
CA ARG N 66 -16.51 28.39 50.50
C ARG N 66 -15.74 29.10 51.60
N ASP N 67 -14.87 28.38 52.28
CA ASP N 67 -14.20 28.87 53.46
C ASP N 67 -12.68 28.83 53.25
N PRO N 68 -12.06 29.99 53.02
CA PRO N 68 -10.62 30.07 52.78
C PRO N 68 -9.78 29.47 53.92
N MET N 69 -10.27 29.56 55.15
CA MET N 69 -9.53 29.04 56.30
C MET N 69 -9.38 27.52 56.20
N GLN N 70 -10.44 26.88 55.69
CA GLN N 70 -10.46 25.44 55.46
C GLN N 70 -9.39 25.03 54.46
N VAL N 71 -9.27 25.79 53.37
CA VAL N 71 -8.24 25.55 52.35
C VAL N 71 -6.83 25.72 52.93
N LEU N 72 -6.60 26.79 53.69
CA LEU N 72 -5.33 27.04 54.32
C LEU N 72 -4.97 25.94 55.33
N ARG N 73 -5.94 25.47 56.10
CA ARG N 73 -5.71 24.34 57.00
C ARG N 73 -5.31 23.04 56.28
N GLU N 74 -5.85 22.81 55.07
CA GLU N 74 -5.47 21.62 54.32
C GLU N 74 -4.06 21.74 53.76
N ILE N 75 -3.68 22.94 53.33
CA ILE N 75 -2.29 23.19 52.97
C ILE N 75 -1.34 22.79 54.12
N VAL N 76 -1.67 23.23 55.33
CA VAL N 76 -0.86 22.89 56.52
C VAL N 76 -0.82 21.37 56.74
N ALA N 77 -1.98 20.73 56.65
CA ALA N 77 -2.08 19.29 56.85
C ALA N 77 -1.31 18.50 55.77
N CYS N 78 -1.44 18.92 54.51
CA CYS N 78 -0.75 18.24 53.42
C CYS N 78 0.77 18.35 53.56
N THR N 79 1.27 19.57 53.79
CA THR N 79 2.70 19.80 53.90
C THR N 79 3.29 19.15 55.17
N LYS N 80 2.47 19.03 56.21
CA LYS N 80 2.88 18.34 57.42
C LYS N 80 3.10 16.85 57.14
N ALA N 81 2.17 16.25 56.41
CA ALA N 81 2.27 14.82 56.12
C ALA N 81 3.39 14.54 55.11
N PHE N 82 3.67 15.49 54.21
CA PHE N 82 4.71 15.33 53.19
C PHE N 82 5.65 16.54 53.17
N PRO N 83 6.52 16.64 54.18
CA PRO N 83 7.34 17.85 54.35
C PRO N 83 8.46 17.96 53.33
N ASP N 84 8.75 16.89 52.58
CA ASP N 84 9.80 16.90 51.56
C ASP N 84 9.28 16.91 50.13
N ALA N 85 7.96 16.99 49.98
CA ALA N 85 7.33 16.90 48.65
C ALA N 85 7.12 18.25 47.98
N TYR N 86 7.01 18.24 46.65
CA TYR N 86 6.39 19.35 45.95
C TYR N 86 4.94 19.29 46.32
N VAL N 87 4.34 20.44 46.66
CA VAL N 87 2.90 20.53 46.93
C VAL N 87 2.35 21.73 46.16
N ARG N 88 1.26 21.53 45.43
CA ARG N 88 0.64 22.62 44.71
C ARG N 88 -0.82 22.77 45.07
N LEU N 89 -1.27 24.02 45.09
CA LEU N 89 -2.67 24.30 45.25
C LEU N 89 -3.25 24.55 43.86
N VAL N 90 -4.35 23.88 43.56
CA VAL N 90 -5.03 24.05 42.27
C VAL N 90 -6.51 24.31 42.53
N ALA N 91 -7.22 24.73 41.49
CA ALA N 91 -8.65 24.91 41.56
C ALA N 91 -9.27 24.51 40.21
N PHE N 92 -10.44 23.90 40.30
CA PHE N 92 -11.17 23.38 39.15
C PHE N 92 -12.45 24.17 38.91
N ASP N 93 -12.78 24.32 37.64
CA ASP N 93 -14.03 24.90 37.18
C ASP N 93 -14.82 23.73 36.58
N ASN N 94 -15.97 23.40 37.17
CA ASN N 94 -16.72 22.24 36.71
C ASN N 94 -17.62 22.51 35.49
N GLN N 95 -17.82 23.79 35.15
CA GLN N 95 -18.58 24.19 33.97
C GLN N 95 -17.76 24.01 32.70
N LYS N 96 -16.54 24.52 32.72
CA LYS N 96 -15.62 24.29 31.61
C LYS N 96 -14.88 22.94 31.77
N GLN N 97 -15.01 22.33 32.95
CA GLN N 97 -14.29 21.09 33.31
C GLN N 97 -12.81 21.17 32.98
N VAL N 98 -12.14 22.09 33.67
CA VAL N 98 -10.71 22.27 33.51
C VAL N 98 -10.15 22.88 34.78
N GLN N 99 -8.87 22.61 35.04
CA GLN N 99 -8.14 23.33 36.09
C GLN N 99 -8.01 24.79 35.67
N ILE N 100 -8.32 25.69 36.59
CA ILE N 100 -8.44 27.10 36.27
C ILE N 100 -7.37 27.95 36.94
N MET N 101 -6.73 27.38 37.95
CA MET N 101 -5.54 28.00 38.56
C MET N 101 -4.64 26.93 39.17
N GLY N 102 -3.42 27.32 39.52
CA GLY N 102 -2.49 26.38 40.12
C GLY N 102 -1.11 26.94 40.30
N PHE N 103 -0.52 26.71 41.47
CA PHE N 103 0.83 27.16 41.79
C PHE N 103 1.38 26.37 42.96
N LEU N 104 2.71 26.31 43.04
CA LEU N 104 3.44 25.62 44.10
C LEU N 104 3.27 26.32 45.45
N VAL N 105 3.02 25.55 46.49
CA VAL N 105 3.06 26.06 47.86
C VAL N 105 4.21 25.49 48.67
N GLN N 106 4.87 24.45 48.14
CA GLN N 106 6.04 23.84 48.78
C GLN N 106 6.92 23.13 47.77
N ARG N 107 8.23 23.23 47.98
CA ARG N 107 9.22 22.43 47.26
C ARG N 107 10.02 21.64 48.30
N PRO N 108 10.73 20.58 47.89
CA PRO N 108 11.65 19.89 48.80
C PRO N 108 12.76 20.86 49.27
N LYS N 109 13.20 20.70 50.51
CA LYS N 109 14.31 21.50 51.02
C LYS N 109 15.66 21.10 50.42
N THR N 110 15.79 19.82 50.07
CA THR N 110 17.02 19.23 49.52
C THR N 110 17.28 19.64 48.06
N ALA N 111 16.32 20.37 47.49
CA ALA N 111 16.38 20.81 46.11
C ALA N 111 17.32 22.01 45.97
N ARG N 112 18.30 21.87 45.08
CA ARG N 112 19.19 22.97 44.73
C ARG N 112 19.21 23.19 43.21
N ASP N 113 18.13 22.76 42.56
CA ASP N 113 18.01 22.82 41.09
C ASP N 113 17.31 24.10 40.58
N PHE N 114 17.02 25.03 41.47
CA PHE N 114 16.45 26.33 41.10
C PHE N 114 17.23 27.47 41.76
N GLN N 115 17.10 28.67 41.20
CA GLN N 115 17.80 29.86 41.69
C GLN N 115 16.86 30.82 42.45
N PRO N 116 17.38 31.49 43.48
CA PRO N 116 16.73 32.68 44.03
C PRO N 116 16.62 33.77 42.94
N ALA N 117 15.61 34.64 43.04
CA ALA N 117 15.33 35.65 42.01
C ALA N 117 16.54 36.47 41.51
N ASN N 118 17.39 36.92 42.44
CA ASN N 118 18.53 37.77 42.10
C ASN N 118 19.78 37.00 41.57
N LYS N 119 19.64 35.69 41.45
CA LYS N 119 20.72 34.84 40.94
C LYS N 119 20.35 34.21 39.59
N ARG N 120 19.25 34.66 39.00
CA ARG N 120 18.79 34.10 37.73
C ARG N 120 19.59 34.58 36.52
N SER N 121 20.26 35.73 36.67
CA SER N 121 21.13 36.28 35.63
C SER N 121 22.45 36.75 36.21
N VAL N 122 23.50 36.69 35.39
CA VAL N 122 24.87 36.96 35.84
C VAL N 122 25.57 38.00 34.96
N THR O 7 40.17 50.69 14.89
CA THR O 7 39.38 49.66 15.63
C THR O 7 38.00 50.17 16.13
N LYS O 8 37.51 51.26 15.55
CA LYS O 8 36.20 51.84 15.88
C LYS O 8 35.04 50.94 15.39
N ALA O 9 33.99 50.82 16.20
CA ALA O 9 32.89 49.89 15.92
C ALA O 9 32.08 50.18 14.64
N GLY O 10 31.69 49.11 13.93
CA GLY O 10 30.77 49.19 12.79
C GLY O 10 29.32 49.14 13.24
N ALA O 11 28.37 49.06 12.29
CA ALA O 11 26.94 49.00 12.62
C ALA O 11 26.65 47.78 13.50
N GLY O 12 26.24 48.06 14.73
CA GLY O 12 25.92 47.03 15.69
C GLY O 12 24.43 46.91 15.95
N PHE O 13 24.07 46.16 16.99
CA PHE O 13 22.69 46.02 17.36
C PHE O 13 22.27 47.17 18.28
N LYS O 14 21.27 47.93 17.86
CA LYS O 14 20.66 48.95 18.69
C LYS O 14 19.18 48.66 18.91
N ALA O 15 18.81 48.32 20.14
CA ALA O 15 17.43 47.98 20.47
C ALA O 15 16.51 49.21 20.35
N GLY O 16 15.27 48.97 19.91
CA GLY O 16 14.28 50.01 19.86
C GLY O 16 13.63 50.20 18.51
N VAL O 17 12.59 51.03 18.48
CA VAL O 17 11.84 51.30 17.28
C VAL O 17 12.51 52.43 16.47
N LYS O 18 12.58 52.25 15.16
CA LYS O 18 12.97 53.31 14.24
C LYS O 18 12.02 53.22 13.05
N ASP O 19 12.07 54.21 12.16
CA ASP O 19 11.23 54.24 10.98
C ASP O 19 11.58 53.11 10.01
N TYR O 20 10.55 52.48 9.45
CA TYR O 20 10.72 51.46 8.42
C TYR O 20 11.47 52.00 7.19
N ARG O 21 11.23 53.28 6.87
CA ARG O 21 11.85 53.89 5.69
C ARG O 21 13.38 53.87 5.71
N LEU O 22 13.97 53.89 6.90
CA LEU O 22 15.44 53.83 7.05
C LEU O 22 16.07 52.57 6.43
N THR O 23 15.29 51.52 6.31
CA THR O 23 15.80 50.26 5.79
C THR O 23 15.07 49.87 4.51
N TYR O 24 13.79 50.22 4.41
CA TYR O 24 12.88 49.61 3.43
C TYR O 24 12.37 50.52 2.31
N TYR O 25 12.74 51.78 2.37
CA TYR O 25 12.49 52.68 1.25
C TYR O 25 13.80 52.91 0.54
N THR O 26 13.92 52.38 -0.69
CA THR O 26 15.14 52.45 -1.47
C THR O 26 14.82 52.93 -2.89
N PRO O 27 14.57 54.24 -3.05
CA PRO O 27 14.12 54.80 -4.34
C PRO O 27 15.20 54.72 -5.46
N ASP O 28 16.44 54.38 -5.10
CA ASP O 28 17.49 54.25 -6.12
C ASP O 28 17.76 52.81 -6.52
N TYR O 29 16.99 51.88 -5.94
CA TYR O 29 17.18 50.46 -6.23
C TYR O 29 16.87 50.13 -7.69
N VAL O 30 17.79 49.41 -8.33
CA VAL O 30 17.58 48.90 -9.68
C VAL O 30 17.03 47.48 -9.57
N VAL O 31 15.80 47.27 -10.03
CA VAL O 31 15.16 45.97 -9.88
C VAL O 31 15.88 44.89 -10.70
N ARG O 32 15.94 43.69 -10.14
CA ARG O 32 16.58 42.57 -10.80
C ARG O 32 15.54 41.82 -11.62
N ASP O 33 15.98 41.19 -12.69
CA ASP O 33 15.04 40.47 -13.54
C ASP O 33 14.41 39.23 -12.86
N THR O 34 14.93 38.83 -11.69
CA THR O 34 14.35 37.69 -10.96
C THR O 34 13.48 38.15 -9.78
N ASP O 35 13.39 39.47 -9.55
CA ASP O 35 12.57 39.99 -8.45
C ASP O 35 11.11 39.81 -8.77
N ILE O 36 10.32 39.53 -7.75
CA ILE O 36 8.86 39.59 -7.85
C ILE O 36 8.53 41.04 -7.51
N LEU O 37 7.75 41.68 -8.35
CA LEU O 37 7.37 43.08 -8.14
C LEU O 37 5.91 43.17 -7.79
N ALA O 38 5.57 44.06 -6.88
CA ALA O 38 4.17 44.31 -6.53
C ALA O 38 3.81 45.77 -6.70
N ALA O 39 2.59 46.04 -7.15
CA ALA O 39 2.08 47.40 -7.20
C ALA O 39 0.89 47.47 -6.26
N PHE O 40 1.08 48.20 -5.17
CA PHE O 40 0.05 48.40 -4.15
C PHE O 40 -0.59 49.79 -4.28
N ARG O 41 -1.91 49.82 -4.36
CA ARG O 41 -2.65 51.07 -4.20
C ARG O 41 -2.85 51.31 -2.71
N MET O 42 -2.12 52.29 -2.19
CA MET O 42 -2.00 52.49 -0.76
C MET O 42 -2.61 53.80 -0.29
N THR O 43 -3.44 53.74 0.77
CA THR O 43 -4.06 54.92 1.42
C THR O 43 -3.58 55.07 2.85
N PRO O 44 -2.60 55.95 3.08
CA PRO O 44 -2.02 56.13 4.42
C PRO O 44 -2.97 56.83 5.37
N GLN O 45 -2.83 56.55 6.67
CA GLN O 45 -3.52 57.33 7.70
C GLN O 45 -2.94 58.74 7.67
N PRO O 46 -3.70 59.75 8.11
CA PRO O 46 -3.18 61.13 8.26
C PRO O 46 -1.93 61.14 9.12
N GLY O 47 -0.91 61.87 8.68
CA GLY O 47 0.32 61.96 9.46
C GLY O 47 1.35 60.88 9.16
N VAL O 48 1.00 59.89 8.31
CA VAL O 48 1.94 58.84 7.95
C VAL O 48 2.47 59.15 6.55
N PRO O 49 3.74 59.53 6.45
CA PRO O 49 4.33 59.84 5.13
C PRO O 49 4.20 58.65 4.18
N PRO O 50 3.87 58.88 2.93
CA PRO O 50 3.75 57.78 1.96
C PRO O 50 5.02 56.90 1.92
N GLU O 51 6.19 57.50 2.16
CA GLU O 51 7.45 56.77 2.09
C GLU O 51 7.54 55.78 3.25
N GLU O 52 7.04 56.21 4.41
CA GLU O 52 7.01 55.36 5.59
C GLU O 52 5.98 54.25 5.44
N CYS O 53 4.83 54.58 4.85
CA CYS O 53 3.75 53.65 4.58
C CYS O 53 4.20 52.58 3.58
N GLY O 54 4.80 53.03 2.46
CA GLY O 54 5.36 52.12 1.48
C GLY O 54 6.42 51.17 2.06
N ALA O 55 7.25 51.73 2.94
CA ALA O 55 8.33 51.02 3.58
C ALA O 55 7.80 49.99 4.61
N ALA O 56 6.70 50.34 5.26
CA ALA O 56 6.09 49.45 6.25
C ALA O 56 5.51 48.25 5.54
N VAL O 57 4.83 48.49 4.40
CA VAL O 57 4.29 47.45 3.55
C VAL O 57 5.41 46.51 3.05
N ALA O 58 6.50 47.09 2.55
CA ALA O 58 7.64 46.29 2.07
C ALA O 58 8.26 45.47 3.21
N ALA O 59 8.42 46.11 4.37
CA ALA O 59 9.06 45.46 5.52
C ALA O 59 8.26 44.26 6.03
N GLU O 60 6.96 44.48 6.26
CA GLU O 60 6.14 43.52 6.97
C GLU O 60 5.56 42.46 6.01
N SER O 61 5.90 42.59 4.72
CA SER O 61 5.66 41.52 3.75
C SER O 61 6.97 40.81 3.35
N SER O 62 8.06 41.09 4.07
CA SER O 62 9.33 40.45 3.72
C SER O 62 10.18 40.00 4.92
N THR O 63 10.90 40.92 5.57
CA THR O 63 11.85 40.55 6.64
C THR O 63 11.64 41.27 7.96
N GLY O 64 10.85 42.33 7.95
CA GLY O 64 10.84 43.27 9.07
C GLY O 64 9.69 43.13 10.06
N THR O 65 9.93 43.61 11.27
CA THR O 65 8.86 43.77 12.23
C THR O 65 8.96 45.15 12.89
N TRP O 66 8.19 45.38 13.94
CA TRP O 66 7.87 46.75 14.43
C TRP O 66 9.01 47.40 15.22
N THR O 67 10.01 46.60 15.60
CA THR O 67 11.14 47.08 16.38
C THR O 67 12.39 46.34 15.86
N THR O 68 13.57 46.87 16.18
CA THR O 68 14.82 46.31 15.67
C THR O 68 15.18 45.00 16.36
N VAL O 69 15.52 43.99 15.57
CA VAL O 69 15.90 42.69 16.12
C VAL O 69 17.37 42.42 15.88
N TRP O 70 18.02 41.80 16.85
CA TRP O 70 19.48 41.59 16.78
C TRP O 70 19.84 40.53 15.75
N THR O 71 18.92 39.59 15.49
CA THR O 71 19.16 38.49 14.56
C THR O 71 19.45 38.91 13.12
N ASP O 72 19.02 40.11 12.72
CA ASP O 72 19.36 40.63 11.36
C ASP O 72 20.84 40.48 11.07
N GLY O 73 21.66 40.70 12.10
CA GLY O 73 23.10 40.67 11.98
C GLY O 73 23.66 39.31 11.58
N LEU O 74 22.92 38.23 11.87
CA LEU O 74 23.39 36.89 11.55
C LEU O 74 23.28 36.61 10.05
N THR O 75 22.45 37.38 9.37
CA THR O 75 22.19 37.18 7.97
C THR O 75 22.51 38.49 7.24
N SER O 76 22.02 38.64 6.01
CA SER O 76 22.23 39.84 5.21
C SER O 76 20.87 40.42 4.82
N LEU O 77 20.44 41.43 5.54
CA LEU O 77 19.17 42.07 5.23
C LEU O 77 19.12 42.65 3.81
N ASP O 78 20.25 43.18 3.33
CA ASP O 78 20.36 43.66 1.96
C ASP O 78 19.94 42.62 0.95
N ARG O 79 20.37 41.37 1.18
CA ARG O 79 20.08 40.27 0.27
C ARG O 79 18.60 39.89 0.29
N TYR O 80 17.97 39.97 1.47
CA TYR O 80 16.63 39.39 1.60
C TYR O 80 15.48 40.39 1.66
N LYS O 81 15.75 41.62 2.09
CA LYS O 81 14.64 42.58 2.34
C LYS O 81 13.80 42.89 1.10
N GLY O 82 12.49 43.05 1.31
CA GLY O 82 11.61 43.67 0.33
C GLY O 82 11.96 45.16 0.25
N ARG O 83 11.76 45.76 -0.91
CA ARG O 83 12.21 47.14 -1.12
C ARG O 83 11.12 47.96 -1.78
N CYS O 84 10.60 48.96 -1.08
CA CYS O 84 9.75 49.91 -1.76
C CYS O 84 10.69 50.81 -2.59
N TYR O 85 10.62 50.66 -3.92
CA TYR O 85 11.59 51.31 -4.82
C TYR O 85 11.03 52.48 -5.64
N ASP O 86 9.74 52.71 -5.54
CA ASP O 86 9.11 53.80 -6.25
C ASP O 86 7.71 54.03 -5.69
N ILE O 87 7.33 55.30 -5.58
CA ILE O 87 5.99 55.69 -5.18
C ILE O 87 5.47 56.77 -6.13
N GLU O 88 4.34 56.53 -6.77
CA GLU O 88 3.68 57.55 -7.59
C GLU O 88 2.32 57.94 -7.00
N PRO O 89 2.02 59.23 -6.97
CA PRO O 89 0.67 59.67 -6.61
C PRO O 89 -0.35 59.17 -7.64
N VAL O 90 -1.59 58.98 -7.20
CA VAL O 90 -2.64 58.51 -8.10
C VAL O 90 -3.39 59.74 -8.59
N PRO O 91 -3.47 59.90 -9.93
CA PRO O 91 -4.22 61.03 -10.54
C PRO O 91 -5.67 61.06 -10.06
N GLY O 92 -6.11 62.20 -9.54
CA GLY O 92 -7.47 62.37 -9.10
C GLY O 92 -7.70 61.99 -7.65
N GLU O 93 -6.62 61.68 -6.95
CA GLU O 93 -6.69 61.31 -5.54
C GLU O 93 -5.68 62.10 -4.72
N ASP O 94 -6.12 62.62 -3.56
CA ASP O 94 -5.24 63.38 -2.69
C ASP O 94 -4.48 62.52 -1.68
N ASN O 95 -4.99 61.31 -1.43
CA ASN O 95 -4.38 60.40 -0.44
C ASN O 95 -4.25 58.93 -0.92
N GLN O 96 -4.10 58.73 -2.22
CA GLN O 96 -3.80 57.41 -2.76
C GLN O 96 -2.49 57.44 -3.50
N TYR O 97 -1.69 56.41 -3.30
CA TYR O 97 -0.39 56.27 -3.98
C TYR O 97 -0.23 54.84 -4.50
N ILE O 98 0.50 54.69 -5.60
CA ILE O 98 0.96 53.37 -6.01
C ILE O 98 2.36 53.19 -5.47
N ALA O 99 2.50 52.25 -4.55
CA ALA O 99 3.81 51.90 -4.00
C ALA O 99 4.32 50.61 -4.67
N TYR O 100 5.53 50.68 -5.22
CA TYR O 100 6.12 49.58 -5.92
C TYR O 100 7.10 48.91 -5.00
N VAL O 101 6.95 47.60 -4.83
CA VAL O 101 7.80 46.81 -3.94
C VAL O 101 8.44 45.68 -4.74
N ALA O 102 9.74 45.49 -4.54
CA ALA O 102 10.48 44.41 -5.14
C ALA O 102 10.84 43.36 -4.07
N TYR O 103 10.59 42.10 -4.38
CA TYR O 103 10.93 41.00 -3.48
C TYR O 103 11.96 40.09 -4.12
N ILE O 105 13.83 36.81 -5.26
CA ILE O 105 13.29 35.47 -5.53
C ILE O 105 13.49 34.46 -4.38
N ASP O 106 14.55 34.65 -3.57
CA ASP O 106 14.84 33.73 -2.45
C ASP O 106 13.77 33.74 -1.36
N LEU O 107 12.92 34.75 -1.38
CA LEU O 107 11.89 34.85 -0.35
C LEU O 107 10.77 33.83 -0.55
N PHE O 108 10.69 33.26 -1.75
CA PHE O 108 9.52 32.45 -2.10
C PHE O 108 9.76 30.97 -2.21
N GLU O 109 8.79 30.18 -1.70
CA GLU O 109 8.82 28.77 -1.97
C GLU O 109 8.48 28.48 -3.43
N GLU O 110 9.30 27.64 -4.05
CA GLU O 110 9.16 27.24 -5.44
C GLU O 110 7.81 26.55 -5.64
N GLY O 111 7.05 26.95 -6.65
CA GLY O 111 5.84 26.21 -7.01
C GLY O 111 4.64 26.45 -6.11
N SER O 112 4.75 27.36 -5.14
CA SER O 112 3.71 27.62 -4.13
C SER O 112 3.07 29.01 -4.22
N VAL O 113 1.90 29.10 -4.86
CA VAL O 113 1.12 30.33 -4.86
C VAL O 113 0.76 30.68 -3.43
N THR O 114 0.37 29.66 -2.64
CA THR O 114 0.09 29.88 -1.23
C THR O 114 1.18 30.73 -0.54
N ASN O 115 2.44 30.33 -0.73
CA ASN O 115 3.52 31.04 -0.08
C ASN O 115 3.70 32.47 -0.57
N MET O 116 3.55 32.68 -1.88
CA MET O 116 3.69 33.98 -2.47
C MET O 116 2.65 34.94 -1.89
N PHE O 117 1.39 34.48 -1.81
CA PHE O 117 0.30 35.29 -1.23
C PHE O 117 0.56 35.56 0.25
N THR O 118 1.08 34.56 0.96
CA THR O 118 1.30 34.70 2.39
C THR O 118 2.24 35.86 2.73
N SER O 119 3.33 35.99 1.99
CA SER O 119 4.22 37.13 2.13
C SER O 119 3.54 38.42 1.70
N ILE O 120 3.10 38.47 0.43
CA ILE O 120 2.73 39.73 -0.19
C ILE O 120 1.41 40.31 0.34
N VAL O 121 0.46 39.44 0.72
CA VAL O 121 -0.85 39.90 1.18
C VAL O 121 -1.24 39.36 2.56
N GLY O 122 -0.25 38.81 3.26
CA GLY O 122 -0.50 38.11 4.51
C GLY O 122 -0.95 38.98 5.67
N ASN O 123 -0.14 39.98 6.02
CA ASN O 123 -0.41 40.82 7.18
C ASN O 123 -0.65 42.28 6.87
N VAL O 124 -0.07 42.78 5.77
CA VAL O 124 0.03 44.25 5.57
C VAL O 124 -1.29 45.02 5.44
N PHE O 125 -2.35 44.34 5.01
CA PHE O 125 -3.65 44.98 4.75
C PHE O 125 -4.39 45.35 6.03
N GLY O 126 -3.94 44.80 7.16
CA GLY O 126 -4.53 45.12 8.46
C GLY O 126 -3.74 46.09 9.33
N PHE O 127 -2.62 46.62 8.82
CA PHE O 127 -1.85 47.62 9.57
C PHE O 127 -2.66 48.86 9.91
N LYS O 128 -2.64 49.23 11.20
CA LYS O 128 -3.37 50.42 11.65
C LYS O 128 -2.93 51.67 10.87
N ALA O 129 -1.67 51.70 10.44
CA ALA O 129 -1.05 52.89 9.86
C ALA O 129 -1.56 53.16 8.44
N LEU O 130 -2.27 52.20 7.87
CA LEU O 130 -2.98 52.50 6.61
C LEU O 130 -4.50 52.37 6.71
N ARG O 131 -5.21 53.03 5.78
CA ARG O 131 -6.66 53.06 5.82
C ARG O 131 -7.22 52.08 4.82
N ALA O 132 -6.43 51.81 3.79
CA ALA O 132 -6.85 50.93 2.72
C ALA O 132 -5.62 50.50 1.95
N LEU O 133 -5.69 49.31 1.40
CA LEU O 133 -4.61 48.77 0.59
C LEU O 133 -5.21 47.86 -0.47
N ARG O 134 -4.74 48.02 -1.69
CA ARG O 134 -5.19 47.13 -2.76
C ARG O 134 -3.99 46.69 -3.58
N LEU O 135 -3.85 45.37 -3.77
CA LEU O 135 -2.79 44.88 -4.63
C LEU O 135 -3.32 44.85 -6.04
N GLU O 136 -2.68 45.65 -6.90
CA GLU O 136 -3.15 45.87 -8.26
C GLU O 136 -2.54 44.88 -9.25
N ASP O 137 -1.28 44.55 -9.06
CA ASP O 137 -0.57 43.75 -10.03
C ASP O 137 0.67 43.12 -9.41
N LEU O 138 1.13 42.03 -10.02
CA LEU O 138 2.39 41.39 -9.65
C LEU O 138 3.20 41.11 -10.89
N ARG O 139 4.49 41.36 -10.83
CA ARG O 139 5.38 40.93 -11.91
C ARG O 139 5.98 39.60 -11.51
N ILE O 140 5.51 38.52 -12.12
CA ILE O 140 6.08 37.20 -11.85
C ILE O 140 7.21 36.96 -12.85
N PRO O 141 8.46 36.90 -12.38
CA PRO O 141 9.60 36.75 -13.28
C PRO O 141 9.68 35.33 -13.84
N PRO O 142 10.19 35.15 -15.05
CA PRO O 142 10.37 33.81 -15.63
C PRO O 142 11.05 32.81 -14.68
N ALA O 143 12.02 33.24 -13.89
CA ALA O 143 12.75 32.30 -13.04
C ALA O 143 11.84 31.74 -11.93
N TYR O 144 10.81 32.49 -11.54
CA TYR O 144 9.85 31.97 -10.57
C TYR O 144 8.74 31.17 -11.29
N VAL O 145 8.26 31.70 -12.42
CA VAL O 145 7.26 31.01 -13.24
C VAL O 145 7.72 29.57 -13.52
N LYS O 146 9.01 29.41 -13.83
CA LYS O 146 9.52 28.08 -14.19
C LYS O 146 9.42 27.05 -13.06
N THR O 147 9.19 27.50 -11.82
CA THR O 147 9.09 26.58 -10.68
C THR O 147 7.69 25.96 -10.53
N PHE O 148 6.75 26.35 -11.40
CA PHE O 148 5.37 25.91 -11.27
C PHE O 148 5.01 24.91 -12.40
N VAL O 149 4.23 23.89 -12.04
CA VAL O 149 3.72 22.97 -13.04
C VAL O 149 2.79 23.76 -13.99
N GLY O 150 1.96 24.63 -13.43
CA GLY O 150 1.08 25.47 -14.22
C GLY O 150 -0.16 24.71 -14.61
N PRO O 152 -2.87 22.25 -16.28
CA PRO O 152 -2.76 20.85 -16.69
C PRO O 152 -2.57 20.69 -18.21
N HIS O 153 -3.28 21.50 -19.00
CA HIS O 153 -3.16 21.44 -20.46
C HIS O 153 -2.95 22.77 -21.15
N GLY O 154 -3.83 23.72 -20.91
CA GLY O 154 -3.78 25.00 -21.59
C GLY O 154 -4.56 24.98 -22.89
N ILE O 155 -4.80 26.16 -23.45
CA ILE O 155 -5.72 26.36 -24.55
C ILE O 155 -5.49 25.45 -25.76
N GLN O 156 -4.26 25.45 -26.28
CA GLN O 156 -3.96 24.69 -27.49
C GLN O 156 -4.12 23.20 -27.26
N VAL O 157 -3.55 22.68 -26.18
CA VAL O 157 -3.70 21.28 -25.85
C VAL O 157 -5.18 20.89 -25.65
N GLU O 158 -5.94 21.76 -24.98
CA GLU O 158 -7.34 21.50 -24.75
C GLU O 158 -8.12 21.37 -26.08
N ARG O 159 -7.88 22.30 -27.01
CA ARG O 159 -8.52 22.25 -28.32
C ARG O 159 -8.17 20.95 -29.02
N ASP O 160 -6.90 20.56 -28.94
CA ASP O 160 -6.47 19.29 -29.53
C ASP O 160 -7.12 18.08 -28.85
N LYS O 161 -7.31 18.14 -27.54
CA LYS O 161 -7.93 17.04 -26.83
C LYS O 161 -9.43 16.97 -27.11
N LEU O 162 -10.04 18.11 -27.41
CA LEU O 162 -11.49 18.11 -27.67
C LEU O 162 -11.77 17.94 -29.17
N ASN O 163 -10.73 18.14 -29.98
CA ASN O 163 -10.86 18.17 -31.43
C ASN O 163 -11.85 19.28 -31.85
N LYS O 164 -11.74 20.44 -31.20
CA LYS O 164 -12.64 21.58 -31.47
C LYS O 164 -11.85 22.80 -31.91
N TYR O 165 -12.21 23.33 -33.07
CA TYR O 165 -11.49 24.45 -33.65
C TYR O 165 -12.42 25.42 -34.40
N GLY O 166 -12.04 26.69 -34.39
CA GLY O 166 -12.57 27.65 -35.34
C GLY O 166 -13.71 28.49 -34.80
N ARG O 167 -14.02 28.32 -33.52
CA ARG O 167 -15.10 29.08 -32.90
C ARG O 167 -14.98 29.02 -31.37
N GLY O 168 -15.68 29.92 -30.69
CA GLY O 168 -15.81 29.84 -29.24
C GLY O 168 -16.46 28.53 -28.83
N LEU O 169 -16.12 28.05 -27.64
CA LEU O 169 -16.77 26.89 -27.06
C LEU O 169 -18.04 27.35 -26.34
N LEU O 170 -19.03 26.46 -26.25
CA LEU O 170 -20.30 26.83 -25.61
C LEU O 170 -20.60 25.93 -24.45
N GLY O 171 -20.93 26.56 -23.32
CA GLY O 171 -21.29 25.85 -22.10
C GLY O 171 -22.57 26.37 -21.47
N CYS O 172 -22.86 25.92 -20.25
CA CYS O 172 -24.17 26.11 -19.65
C CYS O 172 -24.25 25.54 -18.23
N THR O 173 -24.49 26.39 -17.24
CA THR O 173 -24.73 25.90 -15.90
C THR O 173 -26.16 25.37 -15.74
N ILE O 174 -26.29 24.14 -15.25
CA ILE O 174 -27.61 23.58 -14.92
C ILE O 174 -28.29 24.40 -13.81
N LYS O 175 -29.60 24.56 -13.91
CA LYS O 175 -30.41 25.32 -12.97
C LYS O 175 -31.65 24.51 -12.66
N PRO O 176 -32.32 24.72 -11.52
CA PRO O 176 -31.92 25.67 -10.48
C PRO O 176 -30.54 25.31 -9.89
N LYS O 177 -29.88 26.29 -9.27
CA LYS O 177 -28.55 26.06 -8.71
C LYS O 177 -28.53 24.77 -7.89
N LEU O 178 -29.43 24.71 -6.90
CA LEU O 178 -29.50 23.57 -5.98
C LEU O 178 -30.92 23.06 -5.98
N GLY O 179 -31.13 21.80 -5.57
CA GLY O 179 -32.46 21.26 -5.43
C GLY O 179 -32.88 20.22 -6.46
N LEU O 180 -32.07 20.01 -7.49
CA LEU O 180 -32.34 18.93 -8.45
C LEU O 180 -31.75 17.60 -8.01
N SER O 181 -32.45 16.51 -8.32
CA SER O 181 -31.95 15.16 -8.04
C SER O 181 -30.88 14.80 -9.09
N ALA O 182 -30.09 13.76 -8.82
CA ALA O 182 -29.07 13.28 -9.78
C ALA O 182 -29.70 12.90 -11.11
N LYS O 183 -30.79 12.16 -11.08
CA LYS O 183 -31.46 11.75 -12.31
C LYS O 183 -31.94 12.97 -13.12
N ASN O 184 -32.52 13.96 -12.45
CA ASN O 184 -32.95 15.16 -13.17
C ASN O 184 -31.79 16.00 -13.66
N TYR O 185 -30.66 15.93 -12.94
CA TYR O 185 -29.45 16.63 -13.37
C TYR O 185 -28.98 16.09 -14.73
N GLY O 186 -28.88 14.76 -14.83
CA GLY O 186 -28.47 14.11 -16.05
C GLY O 186 -29.47 14.32 -17.19
N ARG O 187 -30.75 14.32 -16.86
CA ARG O 187 -31.83 14.64 -17.81
C ARG O 187 -31.62 15.99 -18.46
N ALA O 188 -31.46 17.02 -17.63
CA ALA O 188 -31.18 18.37 -18.07
C ALA O 188 -29.89 18.45 -18.88
N VAL O 189 -28.84 17.79 -18.41
CA VAL O 189 -27.55 17.74 -19.12
C VAL O 189 -27.71 17.17 -20.53
N TYR O 190 -28.34 16.00 -20.66
CA TYR O 190 -28.49 15.37 -21.95
C TYR O 190 -29.23 16.28 -22.94
N GLU O 191 -30.34 16.85 -22.50
CA GLU O 191 -31.15 17.73 -23.36
C GLU O 191 -30.39 19.00 -23.76
N CYS O 192 -29.59 19.56 -22.85
CA CYS O 192 -28.71 20.68 -23.16
C CYS O 192 -27.64 20.33 -24.23
N LEU O 193 -26.85 19.30 -23.94
CA LEU O 193 -25.75 18.90 -24.81
C LEU O 193 -26.23 18.46 -26.20
N ARG O 194 -27.39 17.80 -26.27
CA ARG O 194 -27.85 17.28 -27.56
C ARG O 194 -28.27 18.39 -28.52
N GLY O 195 -28.48 19.60 -28.01
CA GLY O 195 -28.94 20.72 -28.83
C GLY O 195 -27.82 21.56 -29.44
N GLY O 196 -26.58 21.25 -29.08
CA GLY O 196 -25.44 21.94 -29.67
C GLY O 196 -24.44 22.59 -28.73
N LEU O 197 -24.66 22.50 -27.43
CA LEU O 197 -23.64 22.99 -26.45
C LEU O 197 -22.49 21.99 -26.39
N ASP O 198 -21.26 22.49 -26.23
CA ASP O 198 -20.10 21.61 -26.09
C ASP O 198 -20.04 21.07 -24.65
N PHE O 199 -20.40 21.93 -23.70
CA PHE O 199 -20.30 21.62 -22.27
C PHE O 199 -21.58 21.97 -21.52
N THR O 200 -21.81 21.29 -20.40
CA THR O 200 -22.65 21.80 -19.30
C THR O 200 -21.78 21.71 -18.06
N ASP O 202 -21.77 21.48 -13.37
CA ASP O 202 -22.33 21.65 -12.03
C ASP O 202 -22.28 23.13 -11.66
N ASP O 203 -23.26 23.62 -10.93
CA ASP O 203 -23.12 24.96 -10.38
C ASP O 203 -21.96 24.94 -9.38
N GLU O 204 -21.31 26.09 -9.20
CA GLU O 204 -20.20 26.17 -8.27
C GLU O 204 -20.53 25.53 -6.91
N ASN O 205 -21.76 25.74 -6.42
CA ASN O 205 -22.12 25.22 -5.09
C ASN O 205 -22.76 23.82 -5.09
N VAL O 206 -22.83 23.18 -6.25
CA VAL O 206 -23.29 21.78 -6.35
C VAL O 206 -22.04 20.94 -6.03
N ASN O 207 -22.02 20.35 -4.83
CA ASN O 207 -20.90 19.51 -4.46
C ASN O 207 -21.49 18.13 -4.15
N SER O 208 -21.80 17.86 -2.89
CA SER O 208 -22.59 16.69 -2.52
C SER O 208 -23.56 17.11 -1.43
N GLN O 209 -24.86 16.86 -1.60
CA GLN O 209 -25.86 17.42 -0.67
C GLN O 209 -27.03 16.45 -0.48
N PRO O 210 -27.86 16.65 0.54
CA PRO O 210 -29.02 15.76 0.77
C PRO O 210 -29.95 15.55 -0.44
N PHE O 211 -30.19 16.60 -1.22
CA PHE O 211 -31.03 16.48 -2.44
C PHE O 211 -30.35 15.74 -3.59
N MET O 212 -29.01 15.67 -3.57
CA MET O 212 -28.25 15.02 -4.66
C MET O 212 -26.83 14.73 -4.21
N ARG O 213 -26.52 13.45 -4.03
CA ARG O 213 -25.19 13.02 -3.63
C ARG O 213 -24.29 13.00 -4.86
N TRP O 214 -23.02 13.34 -4.67
CA TRP O 214 -22.11 13.52 -5.81
C TRP O 214 -21.96 12.30 -6.73
N ARG O 215 -21.78 11.11 -6.16
CA ARG O 215 -21.51 9.95 -7.01
C ARG O 215 -22.74 9.56 -7.85
N ASP O 216 -23.93 9.66 -7.29
CA ASP O 216 -25.17 9.50 -8.05
C ASP O 216 -25.17 10.44 -9.27
N ARG O 217 -24.84 11.70 -9.04
CA ARG O 217 -24.78 12.70 -10.12
C ARG O 217 -23.74 12.34 -11.17
N PHE O 218 -22.54 11.98 -10.73
CA PHE O 218 -21.44 11.74 -11.64
C PHE O 218 -21.88 10.63 -12.61
N LEU O 219 -22.55 9.59 -12.09
CA LEU O 219 -22.94 8.45 -12.91
C LEU O 219 -24.02 8.83 -13.91
N PHE O 220 -25.02 9.58 -13.47
CA PHE O 220 -26.07 10.02 -14.37
C PHE O 220 -25.53 10.97 -15.43
N VAL O 221 -24.64 11.86 -15.01
CA VAL O 221 -24.07 12.83 -15.94
C VAL O 221 -23.24 12.12 -17.02
N ALA O 222 -22.40 11.17 -16.61
CA ALA O 222 -21.65 10.36 -17.58
C ALA O 222 -22.55 9.71 -18.64
N GLU O 223 -23.71 9.18 -18.22
CA GLU O 223 -24.68 8.60 -19.16
C GLU O 223 -25.19 9.67 -20.12
N ALA O 224 -25.46 10.87 -19.58
CA ALA O 224 -25.97 11.97 -20.41
C ALA O 224 -24.91 12.45 -21.45
N ILE O 225 -23.66 12.57 -21.01
CA ILE O 225 -22.57 12.96 -21.91
C ILE O 225 -22.50 11.98 -23.07
N TYR O 226 -22.53 10.69 -22.73
CA TYR O 226 -22.39 9.62 -23.71
C TYR O 226 -23.54 9.60 -24.72
N LYS O 227 -24.78 9.65 -24.23
CA LYS O 227 -25.94 9.71 -25.10
C LYS O 227 -25.91 10.92 -26.03
N ALA O 228 -25.61 12.12 -25.51
CA ALA O 228 -25.56 13.32 -26.35
C ALA O 228 -24.45 13.28 -27.40
N GLN O 229 -23.29 12.76 -27.02
CA GLN O 229 -22.18 12.62 -27.95
C GLN O 229 -22.52 11.65 -29.08
N ALA O 230 -23.17 10.52 -28.74
CA ALA O 230 -23.57 9.55 -29.76
C ALA O 230 -24.65 10.11 -30.71
N GLU O 231 -25.59 10.89 -30.17
CA GLU O 231 -26.69 11.47 -30.95
C GLU O 231 -26.23 12.57 -31.91
N THR O 232 -25.35 13.45 -31.44
CA THR O 232 -24.95 14.61 -32.22
C THR O 232 -23.74 14.35 -33.09
N GLY O 233 -22.93 13.37 -32.73
CA GLY O 233 -21.67 13.14 -33.45
C GLY O 233 -20.57 14.13 -33.08
N GLU O 234 -20.79 14.94 -32.03
CA GLU O 234 -19.78 15.90 -31.57
C GLU O 234 -19.32 15.59 -30.13
N VAL O 235 -18.07 15.88 -29.85
CA VAL O 235 -17.48 15.63 -28.54
C VAL O 235 -18.16 16.51 -27.48
N LYS O 236 -18.62 15.85 -26.41
CA LYS O 236 -19.33 16.55 -25.32
C LYS O 236 -18.58 16.41 -24.01
N GLY O 237 -18.84 17.33 -23.10
CA GLY O 237 -18.33 17.20 -21.75
C GLY O 237 -19.26 17.85 -20.75
N HIS O 238 -19.03 17.59 -19.47
CA HIS O 238 -19.76 18.27 -18.41
C HIS O 238 -18.81 18.46 -17.26
N TYR O 239 -18.61 19.70 -16.79
CA TYR O 239 -17.65 19.89 -15.68
C TYR O 239 -18.20 19.35 -14.36
N LEU O 240 -17.77 18.14 -13.99
CA LEU O 240 -18.17 17.57 -12.69
C LEU O 240 -17.34 18.22 -11.58
N ASN O 241 -18.03 18.68 -10.54
CA ASN O 241 -17.41 19.47 -9.51
C ASN O 241 -16.64 18.59 -8.50
N ALA O 242 -15.33 18.79 -8.42
CA ALA O 242 -14.52 18.11 -7.40
C ALA O 242 -14.37 18.91 -6.10
N THR O 243 -14.91 20.12 -6.07
CA THR O 243 -14.86 20.97 -4.88
C THR O 243 -15.45 20.20 -3.69
N ALA O 244 -14.70 20.18 -2.59
CA ALA O 244 -15.09 19.39 -1.43
C ALA O 244 -14.61 20.01 -0.11
N GLY O 245 -15.05 19.45 1.01
CA GLY O 245 -14.59 19.92 2.32
C GLY O 245 -13.16 19.57 2.71
N THR O 246 -12.62 18.46 2.18
CA THR O 246 -11.24 18.03 2.46
C THR O 246 -10.54 17.61 1.18
N CYS O 247 -9.19 17.61 1.21
CA CYS O 247 -8.39 17.18 0.05
C CYS O 247 -8.74 15.76 -0.35
N GLU O 248 -9.01 14.92 0.66
CA GLU O 248 -9.27 13.50 0.41
C GLU O 248 -10.59 13.31 -0.35
N GLU O 249 -11.60 14.08 0.01
CA GLU O 249 -12.87 14.02 -0.69
C GLU O 249 -12.72 14.59 -2.11
N MET O 250 -12.05 15.73 -2.22
CA MET O 250 -11.73 16.30 -3.52
C MET O 250 -11.10 15.28 -4.48
N MET O 251 -10.05 14.60 -4.02
CA MET O 251 -9.36 13.60 -4.83
C MET O 251 -10.25 12.42 -5.18
N LYS O 252 -11.05 11.97 -4.22
CA LYS O 252 -12.00 10.87 -4.46
C LYS O 252 -12.89 11.20 -5.65
N ARG O 253 -13.34 12.45 -5.71
CA ARG O 253 -14.25 12.89 -6.76
C ARG O 253 -13.57 12.94 -8.11
N ALA O 254 -12.36 13.50 -8.12
CA ALA O 254 -11.53 13.51 -9.35
C ALA O 254 -11.25 12.10 -9.87
N VAL O 255 -10.88 11.19 -8.96
CA VAL O 255 -10.60 9.79 -9.30
C VAL O 255 -11.83 9.14 -9.94
N ALA O 257 -14.31 10.68 -11.52
CA ALA O 257 -14.48 11.28 -12.86
C ALA O 257 -13.53 10.64 -13.89
N LYS O 258 -12.28 10.42 -13.48
CA LYS O 258 -11.32 9.76 -14.31
C LYS O 258 -11.78 8.34 -14.69
N GLU O 259 -12.25 7.58 -13.69
CA GLU O 259 -12.70 6.22 -13.93
C GLU O 259 -13.87 6.18 -14.91
N LEU O 260 -14.74 7.18 -14.84
CA LEU O 260 -15.85 7.26 -15.77
C LEU O 260 -15.44 7.69 -17.19
N GLY O 261 -14.22 8.18 -17.36
CA GLY O 261 -13.75 8.61 -18.67
C GLY O 261 -14.32 9.96 -19.10
N VAL O 262 -14.95 10.70 -18.20
CA VAL O 262 -15.41 12.04 -18.55
C VAL O 262 -14.17 12.96 -18.77
N PRO O 263 -14.21 13.82 -19.77
CA PRO O 263 -13.01 14.58 -20.16
C PRO O 263 -12.70 15.79 -19.26
N ILE O 264 -13.63 16.24 -18.43
CA ILE O 264 -13.41 17.50 -17.70
C ILE O 264 -14.07 17.55 -16.33
N ILE O 265 -13.38 18.18 -15.38
CA ILE O 265 -13.92 18.45 -14.04
C ILE O 265 -13.76 19.91 -13.72
N MET O 266 -14.31 20.33 -12.59
CA MET O 266 -14.15 21.71 -12.17
C MET O 266 -13.79 21.81 -10.69
N HIS O 267 -13.26 22.96 -10.30
CA HIS O 267 -12.87 23.22 -8.93
C HIS O 267 -13.05 24.69 -8.64
N ASP O 268 -13.53 25.00 -7.43
CA ASP O 268 -13.67 26.39 -6.98
C ASP O 268 -12.38 26.78 -6.27
N TYR O 269 -11.46 27.42 -6.97
CA TYR O 269 -10.11 27.57 -6.41
C TYR O 269 -9.96 28.43 -5.20
N LEU O 270 -10.83 29.42 -5.02
CA LEU O 270 -10.69 30.30 -3.88
C LEU O 270 -11.40 29.77 -2.64
N THR O 271 -12.56 29.14 -2.81
CA THR O 271 -13.25 28.59 -1.65
C THR O 271 -12.65 27.27 -1.25
N GLY O 272 -12.07 26.56 -2.22
CA GLY O 272 -11.35 25.32 -1.91
C GLY O 272 -9.95 25.68 -1.46
N GLY O 273 -9.32 26.61 -2.19
CA GLY O 273 -8.05 27.15 -1.74
C GLY O 273 -6.91 26.70 -2.61
N PHE O 274 -5.86 27.53 -2.64
CA PHE O 274 -4.70 27.32 -3.51
C PHE O 274 -3.98 25.98 -3.27
N THR O 275 -3.92 25.56 -2.02
CA THR O 275 -3.18 24.34 -1.69
C THR O 275 -3.89 23.13 -2.32
N ALA O 276 -5.21 23.06 -2.16
CA ALA O 276 -6.05 22.03 -2.81
C ALA O 276 -6.01 22.18 -4.32
N ASN O 277 -6.10 23.42 -4.79
CA ASN O 277 -6.15 23.63 -6.22
C ASN O 277 -4.89 23.14 -6.93
N THR O 278 -3.75 23.43 -6.34
CA THR O 278 -2.48 23.01 -6.93
C THR O 278 -2.40 21.47 -7.00
N SER O 279 -2.77 20.81 -5.91
CA SER O 279 -2.86 19.35 -5.88
C SER O 279 -3.71 18.81 -7.00
N LEU O 280 -4.89 19.38 -7.17
CA LEU O 280 -5.85 18.95 -8.16
C LEU O 280 -5.32 19.15 -9.58
N ALA O 281 -4.70 20.30 -9.82
CA ALA O 281 -4.14 20.60 -11.13
C ALA O 281 -3.08 19.56 -11.52
N ILE O 282 -2.23 19.21 -10.55
CA ILE O 282 -1.18 18.22 -10.72
C ILE O 282 -1.81 16.85 -11.03
N TYR O 283 -2.88 16.50 -10.31
CA TYR O 283 -3.59 15.28 -10.58
C TYR O 283 -4.16 15.26 -12.02
N CYS O 284 -4.69 16.41 -12.44
CA CYS O 284 -5.29 16.55 -13.75
C CYS O 284 -4.20 16.45 -14.85
N ARG O 285 -3.03 17.04 -14.60
CA ARG O 285 -1.89 16.85 -15.50
C ARG O 285 -1.52 15.38 -15.62
N ASP O 286 -1.50 14.67 -14.49
CA ASP O 286 -0.97 13.30 -14.46
C ASP O 286 -1.97 12.32 -15.03
N ASN O 287 -3.20 12.74 -15.21
CA ASN O 287 -4.26 11.86 -15.67
C ASN O 287 -5.04 12.37 -16.88
N GLY O 288 -4.59 13.48 -17.46
CA GLY O 288 -5.19 13.95 -18.71
C GLY O 288 -6.59 14.51 -18.60
N LEU O 289 -6.95 14.92 -17.38
CA LEU O 289 -8.24 15.55 -17.12
C LEU O 289 -8.17 17.05 -17.36
N LEU O 290 -9.11 17.57 -18.13
CA LEU O 290 -9.25 19.02 -18.26
C LEU O 290 -9.80 19.60 -16.96
N LEU O 291 -9.35 20.79 -16.62
CA LEU O 291 -9.73 21.37 -15.35
C LEU O 291 -10.35 22.75 -15.49
N HIS O 292 -11.65 22.84 -15.23
CA HIS O 292 -12.36 24.13 -15.29
C HIS O 292 -12.32 24.81 -13.95
N ILE O 293 -11.89 26.07 -13.91
CA ILE O 293 -11.79 26.78 -12.64
C ILE O 293 -12.89 27.83 -12.47
N HIS O 294 -13.70 27.64 -11.44
CA HIS O 294 -14.68 28.62 -11.01
C HIS O 294 -14.09 29.58 -9.98
N ARG O 295 -14.37 30.88 -10.13
CA ARG O 295 -13.73 31.88 -9.26
C ARG O 295 -14.61 32.37 -8.08
N ALA O 296 -15.59 31.55 -7.68
CA ALA O 296 -16.38 31.81 -6.46
C ALA O 296 -15.60 32.50 -5.38
N MET O 297 -16.17 33.60 -4.84
CA MET O 297 -15.61 34.40 -3.76
C MET O 297 -14.66 35.49 -4.22
N HIS O 298 -14.26 35.49 -5.49
CA HIS O 298 -13.34 36.53 -5.97
C HIS O 298 -13.83 37.96 -5.69
N ALA O 299 -15.12 38.21 -5.88
CA ALA O 299 -15.63 39.58 -5.76
C ALA O 299 -15.60 40.08 -4.34
N VAL O 300 -15.55 39.16 -3.37
CA VAL O 300 -15.36 39.52 -1.97
C VAL O 300 -14.04 40.29 -1.82
N ILE O 301 -13.09 39.89 -2.64
CA ILE O 301 -11.70 40.37 -2.60
C ILE O 301 -11.44 41.53 -3.59
N ASP O 302 -12.08 41.44 -4.76
CA ASP O 302 -11.63 42.22 -5.92
C ASP O 302 -12.58 43.31 -6.46
N ARG O 303 -13.74 43.48 -5.83
CA ARG O 303 -14.74 44.43 -6.29
C ARG O 303 -14.34 45.90 -6.09
N GLN O 304 -13.85 46.25 -4.89
CA GLN O 304 -13.63 47.64 -4.55
C GLN O 304 -12.28 48.18 -5.00
N ARG O 305 -12.32 49.41 -5.51
CA ARG O 305 -11.16 50.08 -6.07
C ARG O 305 -10.06 50.38 -5.03
N ASN O 306 -10.47 50.64 -3.78
CA ASN O 306 -9.54 51.14 -2.77
C ASN O 306 -8.91 50.05 -1.94
N HIS O 307 -9.51 48.86 -1.95
CA HIS O 307 -9.07 47.83 -1.02
C HIS O 307 -9.31 46.43 -1.52
N GLY O 308 -8.28 45.59 -1.40
CA GLY O 308 -8.36 44.17 -1.75
C GLY O 308 -7.26 43.74 -2.69
N ILE O 309 -7.60 42.87 -3.64
CA ILE O 309 -6.64 42.40 -4.66
C ILE O 309 -7.40 42.40 -5.97
N HIS O 310 -6.88 43.10 -6.98
CA HIS O 310 -7.53 43.11 -8.29
C HIS O 310 -7.61 41.69 -8.88
N PHE O 311 -8.67 41.41 -9.63
CA PHE O 311 -8.84 40.11 -10.26
C PHE O 311 -7.66 39.66 -11.15
N ARG O 312 -7.00 40.61 -11.81
CA ARG O 312 -5.87 40.26 -12.63
C ARG O 312 -4.80 39.51 -11.84
N VAL O 313 -4.60 39.88 -10.57
CA VAL O 313 -3.65 39.16 -9.69
C VAL O 313 -4.18 37.76 -9.30
N LEU O 314 -5.46 37.68 -8.99
CA LEU O 314 -6.09 36.39 -8.70
C LEU O 314 -6.04 35.50 -9.93
N ALA O 315 -6.02 36.10 -11.13
CA ALA O 315 -6.01 35.34 -12.36
C ALA O 315 -4.60 34.81 -12.64
N LYS O 316 -3.59 35.66 -12.44
CA LYS O 316 -2.19 35.26 -12.53
C LYS O 316 -1.90 34.12 -11.54
N ALA O 317 -2.40 34.28 -10.31
CA ALA O 317 -2.22 33.26 -9.28
C ALA O 317 -2.86 31.92 -9.72
N LEU O 318 -4.02 31.99 -10.35
CA LEU O 318 -4.66 30.77 -10.84
C LEU O 318 -3.86 30.11 -11.95
N ARG O 319 -3.36 30.94 -12.86
CA ARG O 319 -2.54 30.44 -13.95
C ARG O 319 -1.36 29.65 -13.40
N MET O 320 -0.75 30.16 -12.33
CA MET O 320 0.41 29.53 -11.73
C MET O 320 0.04 28.23 -11.00
N SER O 321 -0.97 28.31 -10.14
CA SER O 321 -1.51 27.16 -9.43
C SER O 321 -1.99 26.07 -10.38
N GLY O 322 -2.68 26.47 -11.44
CA GLY O 322 -3.09 25.54 -12.49
C GLY O 322 -4.57 25.55 -12.78
N GLY O 323 -4.94 25.90 -14.00
CA GLY O 323 -6.30 25.66 -14.48
C GLY O 323 -6.39 25.74 -15.99
N ASP O 324 -7.24 24.91 -16.60
CA ASP O 324 -7.42 24.98 -18.07
C ASP O 324 -8.38 26.07 -18.51
N HIS O 325 -9.43 26.29 -17.73
CA HIS O 325 -10.37 27.40 -17.91
C HIS O 325 -10.36 28.25 -16.64
N LEU O 326 -10.70 29.52 -16.75
CA LEU O 326 -10.97 30.38 -15.60
C LEU O 326 -12.02 31.39 -16.00
N HIS O 327 -13.07 31.56 -15.20
CA HIS O 327 -14.08 32.57 -15.51
C HIS O 327 -13.45 33.96 -15.57
N SER O 328 -13.89 34.75 -16.55
CA SER O 328 -13.28 36.04 -16.86
C SER O 328 -14.27 37.20 -16.75
N GLY O 329 -15.53 36.90 -16.46
CA GLY O 329 -16.57 37.92 -16.60
C GLY O 329 -17.09 38.00 -18.05
N THR O 330 -18.14 38.76 -18.26
CA THR O 330 -18.78 38.84 -19.56
C THR O 330 -18.74 40.25 -20.13
N VAL O 331 -18.46 41.22 -19.26
CA VAL O 331 -18.62 42.66 -19.54
C VAL O 331 -20.10 43.07 -19.61
N VAL O 332 -20.86 42.39 -20.46
CA VAL O 332 -22.26 42.76 -20.76
C VAL O 332 -23.33 42.04 -19.91
N GLY O 333 -22.96 41.04 -19.12
CA GLY O 333 -23.93 40.27 -18.33
C GLY O 333 -24.22 40.81 -16.94
N LYS O 334 -24.76 39.94 -16.08
CA LYS O 334 -25.28 40.35 -14.76
C LYS O 334 -24.19 40.68 -13.71
N LEU O 335 -22.95 40.24 -13.95
CA LEU O 335 -21.88 40.52 -13.01
C LEU O 335 -20.87 41.50 -13.58
N GLU O 336 -20.22 42.25 -12.70
CA GLU O 336 -19.40 43.36 -13.11
C GLU O 336 -18.12 42.95 -13.79
N GLY O 337 -17.70 43.76 -14.76
CA GLY O 337 -16.43 43.60 -15.44
C GLY O 337 -16.30 44.63 -16.53
N GLU O 338 -15.60 45.72 -16.25
CA GLU O 338 -15.39 46.78 -17.24
C GLU O 338 -14.53 46.29 -18.42
N ARG O 339 -14.86 46.79 -19.60
CA ARG O 339 -14.30 46.33 -20.85
C ARG O 339 -12.76 46.30 -20.88
N GLU O 340 -12.14 47.43 -20.56
CA GLU O 340 -10.70 47.58 -20.74
C GLU O 340 -9.95 46.76 -19.68
N VAL O 341 -10.45 46.81 -18.45
CA VAL O 341 -9.96 45.99 -17.36
C VAL O 341 -9.96 44.52 -17.77
N THR O 342 -11.08 44.09 -18.37
CA THR O 342 -11.27 42.68 -18.73
C THR O 342 -10.35 42.26 -19.86
N LEU O 343 -10.25 43.11 -20.90
CA LEU O 343 -9.36 42.83 -22.03
C LEU O 343 -7.92 42.66 -21.57
N GLY O 344 -7.52 43.45 -20.57
CA GLY O 344 -6.20 43.38 -19.99
C GLY O 344 -5.91 42.04 -19.33
N PHE O 345 -6.78 41.61 -18.40
CA PHE O 345 -6.52 40.34 -17.72
C PHE O 345 -6.78 39.11 -18.57
N VAL O 346 -7.63 39.25 -19.58
CA VAL O 346 -7.78 38.15 -20.56
C VAL O 346 -6.43 37.93 -21.29
N ASP O 347 -5.76 39.00 -21.70
CA ASP O 347 -4.42 38.87 -22.28
C ASP O 347 -3.44 38.24 -21.27
N LEU O 348 -3.50 38.69 -20.02
CA LEU O 348 -2.64 38.14 -18.98
C LEU O 348 -2.91 36.64 -18.77
N MET O 349 -4.14 36.20 -19.03
CA MET O 349 -4.52 34.80 -18.85
C MET O 349 -4.10 33.91 -20.01
N ARG O 350 -4.17 34.44 -21.23
CA ARG O 350 -4.00 33.61 -22.44
C ARG O 350 -2.62 33.70 -23.04
N ASP O 351 -2.00 34.88 -22.97
CA ASP O 351 -0.84 35.18 -23.82
C ASP O 351 0.47 34.80 -23.15
N ASP O 352 1.52 34.77 -23.96
CA ASP O 352 2.85 34.41 -23.46
C ASP O 352 3.60 35.62 -22.92
N TYR O 353 3.38 36.78 -23.51
CA TYR O 353 4.14 37.97 -23.20
C TYR O 353 3.21 39.18 -23.30
N VAL O 354 3.02 39.90 -22.21
CA VAL O 354 2.09 41.02 -22.20
C VAL O 354 2.79 42.28 -21.71
N GLU O 355 2.90 43.27 -22.60
CA GLU O 355 3.57 44.52 -22.30
C GLU O 355 2.77 45.36 -21.32
N LYS O 356 3.47 46.10 -20.49
CA LYS O 356 2.86 47.06 -19.59
C LYS O 356 1.89 47.94 -20.40
N ASP O 357 0.71 48.21 -19.82
CA ASP O 357 -0.31 49.02 -20.46
C ASP O 357 -1.28 49.50 -19.40
N ARG O 358 -1.03 50.67 -18.84
CA ARG O 358 -1.86 51.18 -17.74
C ARG O 358 -3.31 51.45 -18.14
N SER O 359 -3.57 51.67 -19.43
CA SER O 359 -4.92 51.92 -19.90
C SER O 359 -5.77 50.64 -19.87
N ARG O 360 -5.11 49.49 -19.65
CA ARG O 360 -5.85 48.24 -19.45
C ARG O 360 -5.56 47.63 -18.07
N GLY O 361 -5.01 48.45 -17.18
CA GLY O 361 -4.68 48.02 -15.82
C GLY O 361 -3.47 47.08 -15.69
N ILE O 362 -2.65 47.01 -16.72
CA ILE O 362 -1.43 46.21 -16.69
C ILE O 362 -0.26 47.08 -16.23
N TYR O 363 0.14 46.90 -14.96
CA TYR O 363 1.18 47.71 -14.34
C TYR O 363 2.58 47.25 -14.68
N PHE O 364 2.73 45.97 -15.01
CA PHE O 364 4.05 45.43 -15.31
C PHE O 364 3.99 44.62 -16.56
N THR O 365 5.08 44.65 -17.32
CA THR O 365 5.24 43.73 -18.43
C THR O 365 5.34 42.33 -17.80
N GLN O 366 4.59 41.36 -18.32
CA GLN O 366 4.56 40.01 -17.78
C GLN O 366 5.02 39.01 -18.83
N ASP O 367 6.07 38.28 -18.50
CA ASP O 367 6.61 37.24 -19.37
C ASP O 367 6.27 35.88 -18.74
N TRP O 368 5.45 35.09 -19.43
CA TRP O 368 5.03 33.78 -18.92
C TRP O 368 5.97 32.64 -19.27
N SER O 370 6.48 30.58 -21.70
CA SER O 370 5.82 29.38 -22.27
C SER O 370 4.92 28.57 -21.33
N MET O 371 4.63 29.08 -20.14
CA MET O 371 3.58 28.48 -19.32
C MET O 371 2.25 28.56 -20.12
N PRO O 372 1.50 27.45 -20.17
CA PRO O 372 0.29 27.40 -21.02
C PRO O 372 -0.71 28.49 -20.64
N GLY O 373 -1.52 28.90 -21.62
CA GLY O 373 -2.53 29.92 -21.43
C GLY O 373 -3.80 29.29 -20.91
N VAL O 374 -4.56 30.08 -20.17
CA VAL O 374 -5.81 29.67 -19.55
C VAL O 374 -6.99 30.18 -20.37
N MET O 375 -7.93 29.28 -20.70
CA MET O 375 -9.13 29.65 -21.47
C MET O 375 -10.10 30.53 -20.65
N PRO O 376 -10.40 31.75 -21.09
CA PRO O 376 -11.37 32.57 -20.37
C PRO O 376 -12.76 32.06 -20.59
N VAL O 377 -13.56 32.06 -19.51
CA VAL O 377 -14.95 31.64 -19.61
C VAL O 377 -15.89 32.79 -19.27
N ALA O 378 -16.68 33.19 -20.27
CA ALA O 378 -17.61 34.29 -20.08
C ALA O 378 -18.95 33.67 -19.70
N SER O 379 -19.43 34.04 -18.52
CA SER O 379 -20.63 33.40 -17.99
C SER O 379 -21.38 34.35 -17.06
N GLY O 380 -22.70 34.27 -17.08
CA GLY O 380 -23.52 34.97 -16.10
C GLY O 380 -24.44 36.04 -16.68
N GLY O 381 -25.71 35.70 -16.82
CA GLY O 381 -26.71 36.64 -17.31
C GLY O 381 -26.52 37.06 -18.74
N ILE O 382 -25.97 36.17 -19.56
CA ILE O 382 -25.91 36.46 -20.99
C ILE O 382 -26.93 35.64 -21.79
N HIS O 383 -27.37 36.21 -22.91
CA HIS O 383 -28.28 35.54 -23.83
C HIS O 383 -27.91 35.83 -25.30
N VAL O 384 -28.69 35.30 -26.25
CA VAL O 384 -28.38 35.38 -27.67
C VAL O 384 -28.02 36.79 -28.20
N TRP O 385 -28.67 37.84 -27.68
CA TRP O 385 -28.42 39.20 -28.17
C TRP O 385 -27.03 39.70 -27.82
N HIS O 386 -26.40 39.09 -26.80
CA HIS O 386 -25.04 39.44 -26.37
C HIS O 386 -23.98 38.75 -27.22
N MET O 387 -24.38 37.77 -28.04
CA MET O 387 -23.43 36.93 -28.75
C MET O 387 -22.41 37.73 -29.60
N PRO O 388 -22.86 38.70 -30.42
CA PRO O 388 -21.91 39.51 -31.20
C PRO O 388 -20.90 40.22 -30.31
N ALA O 389 -21.34 40.86 -29.22
CA ALA O 389 -20.42 41.55 -28.30
C ALA O 389 -19.41 40.57 -27.66
N LEU O 390 -19.89 39.39 -27.29
CA LEU O 390 -19.02 38.37 -26.68
C LEU O 390 -17.95 37.89 -27.66
N VAL O 391 -18.32 37.61 -28.91
CA VAL O 391 -17.36 37.15 -29.90
C VAL O 391 -16.36 38.28 -30.19
N GLU O 392 -16.85 39.51 -30.25
CA GLU O 392 -16.01 40.65 -30.48
C GLU O 392 -14.97 40.89 -29.35
N ILE O 393 -15.41 40.78 -28.10
CA ILE O 393 -14.52 40.98 -26.95
C ILE O 393 -13.49 39.83 -26.86
N PHE O 394 -13.97 38.59 -26.87
CA PHE O 394 -13.14 37.45 -26.50
C PHE O 394 -12.42 36.78 -27.66
N GLY O 395 -13.01 36.83 -28.85
CA GLY O 395 -12.50 36.06 -29.98
C GLY O 395 -12.84 34.60 -29.80
N ASP O 396 -12.14 33.72 -30.52
CA ASP O 396 -12.47 32.30 -30.51
C ASP O 396 -12.02 31.57 -29.25
N ASP O 397 -10.94 32.04 -28.63
CA ASP O 397 -10.34 31.33 -27.50
C ASP O 397 -11.02 31.72 -26.21
N ALA O 398 -12.28 31.29 -26.09
CA ALA O 398 -13.08 31.52 -24.93
C ALA O 398 -14.17 30.45 -24.91
N CYS O 399 -14.74 30.24 -23.73
CA CYS O 399 -15.95 29.47 -23.61
C CYS O 399 -17.07 30.43 -23.16
N LEU O 400 -18.19 30.43 -23.88
CA LEU O 400 -19.30 31.30 -23.51
C LEU O 400 -20.40 30.43 -22.90
N GLN O 401 -20.82 30.79 -21.69
CA GLN O 401 -21.77 29.93 -20.98
C GLN O 401 -23.13 30.55 -20.80
N PHE O 402 -24.16 29.78 -21.13
CA PHE O 402 -25.55 30.24 -21.02
C PHE O 402 -26.34 29.22 -20.20
N GLY O 403 -26.55 29.51 -18.92
CA GLY O 403 -27.34 28.65 -18.05
C GLY O 403 -28.82 29.00 -18.15
N GLY O 404 -29.20 30.11 -17.50
CA GLY O 404 -30.51 30.67 -17.74
C GLY O 404 -30.79 30.88 -19.22
N GLY O 405 -29.76 31.24 -19.96
CA GLY O 405 -29.92 31.47 -21.41
C GLY O 405 -30.18 30.21 -22.23
N THR O 406 -30.16 29.06 -21.56
CA THR O 406 -30.52 27.79 -22.20
C THR O 406 -31.76 27.18 -21.55
N LEU O 407 -31.68 26.94 -20.23
CA LEU O 407 -32.75 26.32 -19.47
C LEU O 407 -33.93 27.27 -19.25
N GLY O 408 -33.79 28.51 -19.70
CA GLY O 408 -34.86 29.49 -19.71
C GLY O 408 -35.53 29.68 -21.06
N HIS O 409 -35.07 28.97 -22.08
CA HIS O 409 -35.71 28.94 -23.39
C HIS O 409 -37.13 28.37 -23.30
N PRO O 410 -38.11 29.02 -23.91
CA PRO O 410 -39.51 28.59 -23.78
C PRO O 410 -39.79 27.18 -24.32
N TRP O 411 -38.92 26.64 -25.17
CA TRP O 411 -39.17 25.30 -25.71
C TRP O 411 -38.33 24.21 -25.04
N GLY O 412 -37.53 24.58 -24.03
CA GLY O 412 -36.69 23.64 -23.30
C GLY O 412 -35.23 23.67 -23.71
N ASN O 413 -34.44 22.74 -23.17
CA ASN O 413 -32.98 22.78 -23.24
C ASN O 413 -32.35 22.56 -24.63
N ALA O 414 -32.84 21.58 -25.37
CA ALA O 414 -32.31 21.33 -26.71
C ALA O 414 -32.51 22.52 -27.68
N PRO O 415 -33.73 23.06 -27.77
CA PRO O 415 -33.97 24.28 -28.55
C PRO O 415 -33.12 25.45 -28.04
N GLY O 416 -33.02 25.58 -26.72
CA GLY O 416 -32.19 26.60 -26.10
C GLY O 416 -30.72 26.51 -26.49
N ALA O 417 -30.18 25.29 -26.44
CA ALA O 417 -28.81 25.04 -26.87
C ALA O 417 -28.64 25.38 -28.36
N ALA O 418 -29.60 24.93 -29.17
CA ALA O 418 -29.52 25.13 -30.61
C ALA O 418 -29.52 26.62 -30.96
N ALA O 419 -30.35 27.40 -30.26
CA ALA O 419 -30.41 28.83 -30.43
C ALA O 419 -29.05 29.47 -30.15
N ASN O 420 -28.45 29.07 -29.03
CA ASN O 420 -27.14 29.60 -28.69
C ASN O 420 -26.05 29.21 -29.73
N ARG O 421 -26.08 27.96 -30.17
CA ARG O 421 -25.10 27.45 -31.11
C ARG O 421 -25.23 28.12 -32.49
N VAL O 422 -26.47 28.27 -32.98
CA VAL O 422 -26.76 29.03 -34.22
C VAL O 422 -26.24 30.46 -34.09
N ALA O 423 -26.60 31.14 -33.00
CA ALA O 423 -26.15 32.52 -32.79
C ALA O 423 -24.63 32.61 -32.83
N LEU O 424 -23.95 31.72 -32.12
CA LEU O 424 -22.50 31.73 -32.12
C LEU O 424 -21.92 31.51 -33.52
N GLU O 425 -22.45 30.51 -34.22
CA GLU O 425 -21.94 30.18 -35.55
C GLU O 425 -22.18 31.30 -36.58
N ALA O 426 -23.31 31.97 -36.47
CA ALA O 426 -23.66 33.06 -37.39
C ALA O 426 -22.73 34.25 -37.16
N CYS O 427 -22.51 34.60 -35.89
CA CYS O 427 -21.52 35.65 -35.55
C CYS O 427 -20.11 35.31 -36.04
N THR O 428 -19.75 34.04 -35.92
CA THR O 428 -18.39 33.61 -36.25
C THR O 428 -18.18 33.71 -37.74
N GLN O 429 -19.16 33.19 -38.49
CA GLN O 429 -19.18 33.28 -39.95
C GLN O 429 -19.11 34.74 -40.40
N ALA O 430 -19.96 35.58 -39.84
CA ALA O 430 -20.02 36.98 -40.20
C ALA O 430 -18.67 37.65 -39.99
N ARG O 431 -18.06 37.45 -38.82
CA ARG O 431 -16.73 37.98 -38.54
C ARG O 431 -15.71 37.52 -39.57
N ASN O 432 -15.67 36.21 -39.84
CA ASN O 432 -14.74 35.64 -40.82
C ASN O 432 -14.94 36.25 -42.23
N GLU O 433 -16.16 36.70 -42.52
CA GLU O 433 -16.50 37.30 -43.80
C GLU O 433 -16.11 38.78 -43.88
N GLY O 434 -15.60 39.32 -42.77
CA GLY O 434 -15.18 40.71 -42.71
C GLY O 434 -16.18 41.67 -42.11
N ARG O 435 -17.31 41.18 -41.65
CA ARG O 435 -18.30 42.05 -41.01
C ARG O 435 -17.81 42.53 -39.66
N ASP O 436 -18.16 43.75 -39.32
CA ASP O 436 -17.78 44.36 -38.04
C ASP O 436 -18.86 44.07 -37.00
N LEU O 437 -18.57 43.18 -36.06
CA LEU O 437 -19.58 42.73 -35.08
C LEU O 437 -19.98 43.83 -34.12
N ALA O 438 -19.03 44.71 -33.79
CA ALA O 438 -19.32 45.86 -32.94
C ALA O 438 -20.42 46.71 -33.56
N ARG O 439 -20.43 46.83 -34.89
CA ARG O 439 -21.40 47.69 -35.56
C ARG O 439 -22.60 46.97 -36.18
N GLU O 440 -22.40 45.76 -36.68
CA GLU O 440 -23.42 45.05 -37.43
C GLU O 440 -23.94 43.83 -36.68
N GLY O 441 -23.59 43.71 -35.41
CA GLY O 441 -23.96 42.54 -34.64
C GLY O 441 -25.46 42.32 -34.54
N GLY O 442 -26.19 43.39 -34.28
CA GLY O 442 -27.64 43.38 -34.29
C GLY O 442 -28.22 42.79 -35.56
N ASP O 443 -27.72 43.26 -36.71
CA ASP O 443 -28.13 42.72 -38.02
C ASP O 443 -27.84 41.22 -38.17
N VAL O 444 -26.67 40.78 -37.71
CA VAL O 444 -26.33 39.35 -37.76
C VAL O 444 -27.31 38.52 -36.97
N ILE O 445 -27.63 38.96 -35.75
CA ILE O 445 -28.58 38.24 -34.92
C ILE O 445 -29.98 38.29 -35.52
N ARG O 446 -30.43 39.47 -35.94
CA ARG O 446 -31.75 39.58 -36.58
C ARG O 446 -31.93 38.64 -37.79
N SER O 447 -30.92 38.55 -38.66
CA SER O 447 -30.97 37.63 -39.79
C SER O 447 -31.07 36.18 -39.33
N ALA O 448 -30.26 35.84 -38.32
CA ALA O 448 -30.22 34.50 -37.79
C ALA O 448 -31.58 34.12 -37.15
N CYS O 449 -32.18 35.04 -36.38
CA CYS O 449 -33.54 34.82 -35.83
C CYS O 449 -34.59 34.50 -36.89
N LYS O 450 -34.55 35.22 -38.01
CA LYS O 450 -35.53 35.01 -39.11
C LYS O 450 -35.36 33.64 -39.73
N TRP O 451 -34.12 33.17 -39.78
CA TRP O 451 -33.83 31.86 -40.34
C TRP O 451 -34.15 30.68 -39.38
N SER O 452 -33.78 30.80 -38.10
CA SER O 452 -33.89 29.66 -37.17
C SER O 452 -35.03 29.87 -36.16
N PRO O 453 -36.06 29.01 -36.20
CA PRO O 453 -37.20 29.15 -35.29
C PRO O 453 -36.79 29.01 -33.82
N GLU O 454 -35.80 28.15 -33.54
CA GLU O 454 -35.29 28.00 -32.16
C GLU O 454 -34.69 29.31 -31.67
N LEU O 455 -33.85 29.91 -32.50
CA LEU O 455 -33.23 31.19 -32.16
C LEU O 455 -34.26 32.34 -32.05
N ALA O 456 -35.21 32.38 -32.99
CA ALA O 456 -36.27 33.37 -32.97
C ALA O 456 -37.01 33.41 -31.63
N ALA O 457 -37.33 32.23 -31.08
CA ALA O 457 -38.03 32.15 -29.81
C ALA O 457 -37.17 32.74 -28.69
N ALA O 458 -35.86 32.54 -28.76
CA ALA O 458 -34.94 33.13 -27.77
C ALA O 458 -34.85 34.64 -27.96
N CYS O 459 -34.75 35.06 -29.22
CA CYS O 459 -34.65 36.46 -29.54
C CYS O 459 -35.83 37.22 -28.93
N GLU O 460 -37.04 36.69 -29.12
CA GLU O 460 -38.26 37.34 -28.62
C GLU O 460 -38.30 37.46 -27.10
N VAL O 461 -37.94 36.38 -26.40
CA VAL O 461 -38.08 36.37 -24.93
C VAL O 461 -37.15 37.36 -24.25
N TRP O 462 -35.94 37.48 -24.76
CA TRP O 462 -34.91 38.26 -24.08
C TRP O 462 -34.54 39.57 -24.79
N LYS O 463 -35.33 39.91 -25.80
CA LYS O 463 -35.11 41.13 -26.59
C LYS O 463 -34.78 42.38 -25.78
N GLU O 464 -35.53 42.64 -24.72
CA GLU O 464 -35.33 43.90 -23.97
C GLU O 464 -34.26 43.86 -22.85
N ILE O 465 -33.67 42.68 -22.65
CA ILE O 465 -32.93 42.41 -21.41
C ILE O 465 -31.48 42.82 -21.50
N LYS O 466 -31.11 43.78 -20.65
CA LYS O 466 -29.78 44.38 -20.64
C LYS O 466 -29.33 44.50 -19.19
N PHE O 467 -28.02 44.54 -18.99
CA PHE O 467 -27.45 44.80 -17.66
C PHE O 467 -26.46 45.96 -17.74
N GLU O 468 -26.94 47.14 -17.37
CA GLU O 468 -26.15 48.37 -17.50
C GLU O 468 -26.22 49.16 -16.20
N PHE O 469 -25.10 49.19 -15.48
CA PHE O 469 -25.03 49.83 -14.17
C PHE O 469 -23.71 50.58 -14.10
N ASP O 470 -23.60 51.48 -13.13
CA ASP O 470 -22.35 52.17 -12.85
C ASP O 470 -21.31 51.14 -12.37
N THR O 471 -20.09 51.26 -12.90
CA THR O 471 -19.00 50.34 -12.57
C THR O 471 -18.28 50.73 -11.27
N ILE O 472 -18.17 49.77 -10.36
CA ILE O 472 -17.36 49.99 -9.15
C ILE O 472 -15.86 49.84 -9.41
N ASP O 473 -15.48 48.72 -10.02
CA ASP O 473 -14.06 48.43 -10.28
C ASP O 473 -13.55 49.16 -11.53
N LYS O 474 -13.34 50.47 -11.40
CA LYS O 474 -12.85 51.31 -12.49
C LYS O 474 -11.35 51.48 -12.37
N LEU O 475 -10.67 51.61 -13.50
CA LEU O 475 -9.21 51.81 -13.51
C LEU O 475 -8.71 52.92 -12.57
N MET P 1 -44.20 25.31 -29.67
CA MET P 1 -43.01 24.55 -29.16
C MET P 1 -42.58 23.52 -30.20
N MET P 2 -41.39 23.66 -30.75
CA MET P 2 -40.85 22.67 -31.67
C MET P 2 -39.87 21.76 -30.96
N VAL P 3 -39.85 20.48 -31.33
CA VAL P 3 -39.04 19.49 -30.67
C VAL P 3 -37.79 19.19 -31.52
N TRP P 4 -36.61 19.31 -30.92
CA TRP P 4 -35.36 19.05 -31.63
C TRP P 4 -35.19 17.54 -31.83
N THR P 5 -35.08 17.09 -33.08
CA THR P 5 -35.13 15.66 -33.33
C THR P 5 -33.82 14.96 -32.96
N PRO P 6 -33.92 13.85 -32.21
CA PRO P 6 -32.75 13.00 -31.92
C PRO P 6 -32.41 12.07 -33.09
N VAL P 7 -33.27 12.03 -34.10
CA VAL P 7 -33.16 11.03 -35.15
C VAL P 7 -32.36 11.55 -36.36
N ASN P 8 -31.35 10.78 -36.75
CA ASN P 8 -30.46 11.12 -37.88
C ASN P 8 -30.16 12.61 -37.95
N ASN P 9 -29.64 13.17 -36.86
CA ASN P 9 -29.42 14.61 -36.75
C ASN P 9 -27.94 14.91 -36.43
N LYS P 10 -27.03 14.13 -37.02
CA LYS P 10 -25.60 14.28 -36.73
C LYS P 10 -25.07 15.62 -37.20
N MET P 11 -24.09 16.15 -36.46
CA MET P 11 -23.47 17.45 -36.75
C MET P 11 -21.97 17.23 -36.90
N PHE P 12 -21.27 18.23 -37.41
CA PHE P 12 -19.89 18.04 -37.83
C PHE P 12 -19.07 19.28 -37.50
N GLU P 13 -19.24 19.76 -36.27
CA GLU P 13 -18.51 20.90 -35.71
C GLU P 13 -18.78 22.21 -36.47
N THR P 14 -17.79 23.09 -36.55
CA THR P 14 -18.01 24.48 -36.91
C THR P 14 -18.78 24.72 -38.22
N PHE P 15 -19.87 25.48 -38.07
CA PHE P 15 -20.79 25.86 -39.14
C PHE P 15 -21.88 24.85 -39.48
N SER P 16 -21.92 23.68 -38.81
CA SER P 16 -22.96 22.69 -39.11
C SER P 16 -24.37 23.10 -38.68
N TYR P 17 -24.50 24.14 -37.85
CA TYR P 17 -25.83 24.57 -37.42
C TYR P 17 -26.35 25.68 -38.33
N LEU P 18 -25.54 26.07 -39.31
CA LEU P 18 -25.94 27.08 -40.28
C LEU P 18 -26.48 26.41 -41.56
N PRO P 19 -27.08 27.18 -42.48
CA PRO P 19 -27.43 26.61 -43.79
C PRO P 19 -26.15 26.14 -44.47
N PRO P 20 -26.21 25.15 -45.34
CA PRO P 20 -25.01 24.66 -46.03
C PRO P 20 -24.28 25.82 -46.71
N LEU P 21 -22.96 25.79 -46.68
CA LEU P 21 -22.15 26.86 -47.23
C LEU P 21 -22.20 26.89 -48.75
N THR P 22 -22.51 28.07 -49.30
CA THR P 22 -22.44 28.27 -50.75
C THR P 22 -20.99 28.36 -51.19
N ASP P 23 -20.76 28.23 -52.50
CA ASP P 23 -19.42 28.43 -53.09
C ASP P 23 -18.83 29.78 -52.68
N GLU P 24 -19.67 30.81 -52.65
CA GLU P 24 -19.24 32.16 -52.29
C GLU P 24 -18.84 32.24 -50.79
N GLN P 25 -19.60 31.54 -49.95
CA GLN P 25 -19.31 31.44 -48.53
C GLN P 25 -18.03 30.68 -48.23
N ILE P 26 -17.80 29.57 -48.93
CA ILE P 26 -16.53 28.86 -48.82
C ILE P 26 -15.39 29.77 -49.26
N ALA P 27 -15.56 30.45 -50.40
CA ALA P 27 -14.52 31.35 -50.89
C ALA P 27 -14.18 32.44 -49.88
N ALA P 28 -15.20 32.96 -49.20
CA ALA P 28 -14.99 33.99 -48.18
C ALA P 28 -14.18 33.44 -46.98
N GLN P 29 -14.43 32.18 -46.61
CA GLN P 29 -13.64 31.56 -45.55
C GLN P 29 -12.17 31.39 -45.94
N VAL P 30 -11.94 31.03 -47.21
CA VAL P 30 -10.58 30.91 -47.75
C VAL P 30 -9.87 32.27 -47.74
N ASP P 31 -10.60 33.33 -48.11
CA ASP P 31 -10.05 34.70 -48.07
C ASP P 31 -9.61 35.05 -46.63
N TYR P 32 -10.40 34.61 -45.66
CA TYR P 32 -10.08 34.82 -44.25
C TYR P 32 -8.75 34.14 -43.88
N ILE P 33 -8.55 32.89 -44.32
CA ILE P 33 -7.30 32.18 -44.08
C ILE P 33 -6.13 32.98 -44.64
N VAL P 34 -6.23 33.36 -45.91
CA VAL P 34 -5.17 34.09 -46.60
C VAL P 34 -4.89 35.45 -45.96
N ALA P 35 -5.94 36.20 -45.61
CA ALA P 35 -5.75 37.50 -44.99
C ALA P 35 -5.02 37.41 -43.65
N ASN P 36 -5.15 36.27 -42.98
CA ASN P 36 -4.53 36.12 -41.66
C ASN P 36 -3.18 35.39 -41.69
N GLY P 37 -2.78 34.95 -42.87
CA GLY P 37 -1.49 34.31 -43.04
C GLY P 37 -1.43 32.87 -42.55
N TRP P 38 -2.58 32.22 -42.38
CA TRP P 38 -2.61 30.88 -41.80
C TRP P 38 -2.32 29.84 -42.89
N ILE P 39 -1.97 28.62 -42.46
CA ILE P 39 -1.63 27.57 -43.39
C ILE P 39 -2.84 26.71 -43.71
N PRO P 40 -3.30 26.74 -44.97
CA PRO P 40 -4.41 25.92 -45.39
C PRO P 40 -4.01 24.44 -45.47
N CYS P 41 -4.95 23.55 -45.20
CA CYS P 41 -4.70 22.12 -45.38
C CYS P 41 -6.02 21.42 -45.59
N LEU P 42 -6.01 20.34 -46.36
CA LEU P 42 -7.20 19.55 -46.54
C LEU P 42 -7.03 18.18 -45.90
N GLU P 43 -8.12 17.67 -45.33
CA GLU P 43 -8.13 16.34 -44.71
C GLU P 43 -9.41 15.62 -45.14
N PHE P 44 -9.35 14.30 -45.18
CA PHE P 44 -10.49 13.52 -45.60
C PHE P 44 -10.56 12.20 -44.87
N ALA P 45 -11.77 11.62 -44.88
CA ALA P 45 -12.04 10.33 -44.23
C ALA P 45 -13.27 9.66 -44.81
N GLU P 46 -13.27 8.34 -44.81
CA GLU P 46 -14.43 7.56 -45.18
C GLU P 46 -15.60 7.80 -44.20
N HIS P 47 -15.29 7.80 -42.90
CA HIS P 47 -16.28 7.97 -41.82
C HIS P 47 -15.92 9.10 -40.87
N SER P 48 -16.94 9.65 -40.21
CA SER P 48 -16.71 10.69 -39.24
C SER P 48 -17.30 10.26 -37.90
N ASN P 49 -16.44 9.97 -36.94
CA ASN P 49 -16.86 9.67 -35.58
C ASN P 49 -16.23 10.62 -34.57
N PRO P 50 -17.03 11.12 -33.62
CA PRO P 50 -16.52 12.06 -32.60
C PRO P 50 -15.30 11.54 -31.82
N GLU P 51 -15.20 10.22 -31.63
CA GLU P 51 -14.07 9.59 -30.94
C GLU P 51 -12.78 9.56 -31.76
N GLU P 52 -12.87 9.76 -33.07
CA GLU P 52 -11.69 9.62 -33.96
C GLU P 52 -11.00 10.94 -34.21
N PHE P 53 -9.81 11.11 -33.63
CA PHE P 53 -9.08 12.37 -33.69
C PHE P 53 -8.50 12.71 -35.08
N TYR P 54 -7.78 11.78 -35.69
CA TYR P 54 -7.09 12.05 -36.94
C TYR P 54 -7.89 11.66 -38.20
N TRP P 55 -7.85 12.53 -39.21
CA TRP P 55 -8.23 12.13 -40.56
C TRP P 55 -6.96 11.98 -41.38
N THR P 56 -7.11 11.71 -42.69
CA THR P 56 -5.99 11.54 -43.59
C THR P 56 -5.72 12.88 -44.25
N MET P 57 -4.44 13.25 -44.29
CA MET P 57 -3.99 14.49 -44.89
C MET P 57 -4.08 14.36 -46.41
N TRP P 58 -4.65 15.38 -47.05
CA TRP P 58 -4.56 15.47 -48.50
C TRP P 58 -3.25 16.17 -48.81
N LYS P 59 -2.31 15.44 -49.40
CA LYS P 59 -0.99 15.97 -49.75
C LYS P 59 -0.26 16.50 -48.52
N LEU P 60 0.11 17.79 -48.55
CA LEU P 60 0.76 18.46 -47.43
C LEU P 60 0.07 19.79 -47.14
N PRO P 61 0.24 20.34 -45.93
CA PRO P 61 -0.28 21.67 -45.65
C PRO P 61 0.34 22.63 -46.63
N MET P 62 -0.42 23.66 -47.03
CA MET P 62 0.01 24.52 -48.13
C MET P 62 0.89 25.67 -47.65
N PHE P 63 2.08 25.31 -47.18
CA PHE P 63 2.99 26.28 -46.56
C PHE P 63 3.34 27.34 -47.59
N GLY P 64 3.34 28.60 -47.15
CA GLY P 64 3.63 29.73 -48.02
C GLY P 64 2.53 30.13 -49.00
N CYS P 65 1.42 29.40 -49.01
CA CYS P 65 0.33 29.71 -49.92
C CYS P 65 -0.38 31.02 -49.52
N ARG P 66 -0.41 31.97 -50.45
CA ARG P 66 -1.10 33.25 -50.28
C ARG P 66 -2.13 33.47 -51.41
N ASP P 67 -2.51 32.38 -52.07
CA ASP P 67 -3.37 32.45 -53.24
C ASP P 67 -4.66 31.63 -53.01
N PRO P 68 -5.78 32.31 -52.76
CA PRO P 68 -7.06 31.63 -52.52
C PRO P 68 -7.49 30.69 -53.64
N MET P 69 -7.14 31.02 -54.89
CA MET P 69 -7.48 30.18 -56.06
C MET P 69 -6.79 28.81 -55.98
N GLN P 70 -5.57 28.81 -55.46
CA GLN P 70 -4.80 27.59 -55.27
C GLN P 70 -5.51 26.69 -54.26
N VAL P 71 -5.97 27.27 -53.16
CA VAL P 71 -6.71 26.54 -52.14
C VAL P 71 -7.99 25.95 -52.73
N LEU P 72 -8.74 26.77 -53.47
CA LEU P 72 -9.98 26.29 -54.09
C LEU P 72 -9.73 25.16 -55.09
N ARG P 73 -8.63 25.23 -55.83
CA ARG P 73 -8.28 24.16 -56.78
C ARG P 73 -7.96 22.84 -56.08
N GLU P 74 -7.31 22.92 -54.91
CA GLU P 74 -7.04 21.71 -54.14
C GLU P 74 -8.30 21.10 -53.59
N ILE P 75 -9.24 21.93 -53.14
CA ILE P 75 -10.55 21.40 -52.73
C ILE P 75 -11.18 20.58 -53.85
N VAL P 76 -11.18 21.12 -55.07
CA VAL P 76 -11.69 20.41 -56.25
C VAL P 76 -10.95 19.09 -56.47
N ALA P 77 -9.62 19.12 -56.41
CA ALA P 77 -8.79 17.93 -56.67
C ALA P 77 -9.00 16.86 -55.58
N CYS P 78 -9.05 17.29 -54.33
CA CYS P 78 -9.29 16.36 -53.23
C CYS P 78 -10.65 15.68 -53.37
N THR P 79 -11.70 16.48 -53.59
CA THR P 79 -13.07 15.92 -53.70
C THR P 79 -13.26 15.07 -54.96
N LYS P 80 -12.51 15.39 -56.03
CA LYS P 80 -12.53 14.58 -57.25
C LYS P 80 -11.90 13.20 -56.99
N ALA P 81 -10.76 13.17 -56.29
CA ALA P 81 -10.13 11.88 -55.96
C ALA P 81 -10.93 11.04 -54.96
N PHE P 82 -11.65 11.71 -54.05
CA PHE P 82 -12.43 11.00 -53.04
C PHE P 82 -13.84 11.54 -52.99
N PRO P 83 -14.66 11.20 -53.99
CA PRO P 83 -15.98 11.82 -54.16
C PRO P 83 -17.00 11.32 -53.11
N ASP P 84 -16.70 10.23 -52.43
CA ASP P 84 -17.59 9.70 -51.39
C ASP P 84 -17.14 10.00 -49.94
N ALA P 85 -16.04 10.72 -49.78
CA ALA P 85 -15.45 10.96 -48.46
C ALA P 85 -15.95 12.22 -47.77
N TYR P 86 -15.82 12.26 -46.46
CA TYR P 86 -15.88 13.53 -45.75
C TYR P 86 -14.59 14.26 -46.10
N VAL P 87 -14.69 15.54 -46.43
CA VAL P 87 -13.53 16.36 -46.68
C VAL P 87 -13.69 17.66 -45.91
N ARG P 88 -12.65 18.06 -45.19
CA ARG P 88 -12.68 19.33 -44.49
C ARG P 88 -11.49 20.22 -44.86
N LEU P 89 -11.77 21.51 -44.86
CA LEU P 89 -10.74 22.51 -45.01
C LEU P 89 -10.36 23.00 -43.60
N VAL P 90 -9.07 22.97 -43.30
CA VAL P 90 -8.57 23.46 -42.01
C VAL P 90 -7.47 24.47 -42.27
N ALA P 91 -7.10 25.22 -41.24
CA ALA P 91 -5.97 26.11 -41.36
C ALA P 91 -5.18 26.06 -40.06
N PHE P 92 -3.84 26.18 -40.15
CA PHE P 92 -2.95 26.12 -38.99
C PHE P 92 -2.29 27.45 -38.75
N ASP P 93 -2.09 27.76 -37.47
CA ASP P 93 -1.33 28.92 -37.02
C ASP P 93 -0.05 28.32 -36.45
N ASN P 94 1.09 28.61 -37.05
CA ASN P 94 2.37 28.03 -36.59
C ASN P 94 3.01 28.72 -35.37
N GLN P 95 2.47 29.89 -35.00
CA GLN P 95 2.95 30.65 -33.82
C GLN P 95 2.35 30.06 -32.53
N LYS P 96 1.05 29.82 -32.55
CA LYS P 96 0.41 29.17 -31.43
C LYS P 96 0.49 27.63 -31.58
N GLN P 97 0.90 27.18 -32.77
CA GLN P 97 0.92 25.76 -33.16
C GLN P 97 -0.37 25.03 -32.81
N VAL P 98 -1.41 25.41 -33.52
CA VAL P 98 -2.74 24.87 -33.32
C VAL P 98 -3.57 25.15 -34.56
N GLN P 99 -4.51 24.25 -34.86
CA GLN P 99 -5.52 24.47 -35.90
C GLN P 99 -6.43 25.62 -35.47
N ILE P 100 -6.61 26.57 -36.38
CA ILE P 100 -7.23 27.82 -36.02
C ILE P 100 -8.59 27.96 -36.68
N MET P 101 -8.87 27.11 -37.66
CA MET P 101 -10.19 27.05 -38.30
C MET P 101 -10.42 25.70 -38.93
N GLY P 102 -11.68 25.36 -39.19
CA GLY P 102 -11.99 24.14 -39.90
C GLY P 102 -13.47 23.90 -40.06
N PHE P 103 -13.85 23.38 -41.22
CA PHE P 103 -15.24 23.07 -41.52
C PHE P 103 -15.32 22.08 -42.69
N LEU P 104 -16.41 21.34 -42.74
CA LEU P 104 -16.66 20.41 -43.83
C LEU P 104 -16.88 21.10 -45.16
N VAL P 105 -16.30 20.57 -46.23
CA VAL P 105 -16.61 21.01 -47.60
C VAL P 105 -17.22 19.89 -48.45
N GLN P 106 -17.27 18.68 -47.91
CA GLN P 106 -17.96 17.56 -48.57
C GLN P 106 -18.37 16.50 -47.54
N ARG P 107 -19.54 15.91 -47.74
CA ARG P 107 -19.96 14.71 -47.00
C ARG P 107 -20.26 13.62 -48.03
N PRO P 108 -20.30 12.34 -47.63
CA PRO P 108 -20.75 11.27 -48.53
C PRO P 108 -22.19 11.53 -48.97
N LYS P 109 -22.51 11.18 -50.21
CA LYS P 109 -23.88 11.31 -50.70
C LYS P 109 -24.78 10.22 -50.12
N THR P 110 -24.19 9.06 -49.81
CA THR P 110 -24.90 7.89 -49.28
C THR P 110 -25.33 8.07 -47.81
N ALA P 111 -24.85 9.16 -47.21
CA ALA P 111 -25.16 9.54 -45.84
C ALA P 111 -26.59 10.09 -45.69
N ARG P 112 -27.35 9.45 -44.81
CA ARG P 112 -28.69 9.92 -44.45
C ARG P 112 -28.80 10.08 -42.92
N ASP P 113 -27.65 10.27 -42.27
CA ASP P 113 -27.57 10.39 -40.81
C ASP P 113 -27.63 11.84 -40.29
N PHE P 114 -27.87 12.80 -41.18
CA PHE P 114 -28.07 14.20 -40.81
C PHE P 114 -29.33 14.78 -41.46
N GLN P 115 -29.85 15.89 -40.90
CA GLN P 115 -31.08 16.52 -41.38
C GLN P 115 -30.80 17.83 -42.12
N PRO P 116 -31.59 18.12 -43.15
CA PRO P 116 -31.68 19.50 -43.68
C PRO P 116 -32.15 20.48 -42.58
N ALA P 117 -31.73 21.74 -42.68
CA ALA P 117 -32.00 22.76 -41.65
C ALA P 117 -33.44 22.84 -41.14
N ASN P 118 -34.41 22.80 -42.07
CA ASN P 118 -35.84 22.88 -41.71
C ASN P 118 -36.48 21.58 -41.18
N LYS P 119 -35.69 20.52 -41.08
CA LYS P 119 -36.16 19.24 -40.57
C LYS P 119 -35.50 18.86 -39.25
N ARG P 120 -34.77 19.81 -38.65
CA ARG P 120 -34.09 19.58 -37.38
C ARG P 120 -35.02 19.57 -36.16
N SER P 121 -36.18 20.21 -36.31
CA SER P 121 -37.21 20.22 -35.26
C SER P 121 -38.60 19.91 -35.83
N VAL P 122 -39.45 19.33 -34.99
CA VAL P 122 -40.77 18.84 -35.41
C VAL P 122 -41.90 19.36 -34.52
#